data_2WRF
#
_entry.id   2WRF
#
_cell.length_a   134.173
_cell.length_b   113.278
_cell.length_c   184.668
_cell.angle_alpha   90.00
_cell.angle_beta   92.20
_cell.angle_gamma   90.00
#
_symmetry.space_group_name_H-M   'P 1 21 1'
#
loop_
_entity.id
_entity.type
_entity.pdbx_description
1 polymer HEMAGGLUTININ
2 branched 'N-acetyl-alpha-neuraminic acid-(2-6)-beta-D-galactopyranose'
3 non-polymer 'N-acetyl-alpha-neuraminic acid'
#
_entity_poly.entity_id   1
_entity_poly.type   'polypeptide(L)'
_entity_poly.pdbx_seq_one_letter_code
;MAIIYLILLFTAVRGDQICVGYHSNNSTEKVDTILERNVTVTHAQDILEKTHNGKLCKLNGIPPLELGDCSIAGWLLGNP
ECDRLLTVPEWSYIMEKENPRNGLCYPGSFNDYEELKHLISSVTHFEKVKILPKDRWTQHTTTGGSQGCAVFDNPSFFRN
MVWLTKKGSNYPVAKGSYNNTSGEQMLIIWGVHHPNDETEQRTLYQNVGAYVSVGTSTLNKRSLPEIATRPEVNGQGGRM
EFSWTILDIWDTINFESTGNLIAPEYGFKISKRGSSGIMKTEGTLENCETKCQTPLGAINTTLPFHNIHPLTIGECPKYV
KSERLVLATGLRNVPQIESRGLFGAIAGFIEGGWQGMVDGWYGYHHSNDQGSGYAADKESTQKAFDGITNKVNSVIEKMN
TQFEAVGKEFSNLEKRLENLNKKMEDGFLDVWTYNAELLVLMENEMTLDFHDSNVKNLYDKVRMQLRDNVKELGNGCFEF
YHKCDDECMNSVKNGTYDYSKYEEESK
;
_entity_poly.pdbx_strand_id   A,B,C,D,E,F,G,H,I
#
loop_
_chem_comp.id
_chem_comp.type
_chem_comp.name
_chem_comp.formula
GAL D-saccharide, beta linking beta-D-galactopyranose 'C6 H12 O6'
SIA D-saccharide, alpha linking 'N-acetyl-alpha-neuraminic acid' 'C11 H19 N O9'
#
# COMPACT_ATOMS: atom_id res chain seq x y z
N ILE A 18 -37.59 -57.48 50.72
CA ILE A 18 -38.01 -56.67 49.59
C ILE A 18 -36.85 -55.82 49.03
N CYS A 19 -36.79 -55.71 47.70
CA CYS A 19 -35.74 -54.94 47.04
C CYS A 19 -36.29 -53.91 46.05
N VAL A 20 -35.83 -52.67 46.16
CA VAL A 20 -36.17 -51.68 45.16
C VAL A 20 -35.10 -51.72 44.07
N GLY A 21 -35.51 -51.53 42.83
CA GLY A 21 -34.60 -51.59 41.70
C GLY A 21 -35.20 -51.02 40.45
N TYR A 22 -34.42 -50.97 39.37
CA TYR A 22 -34.84 -50.25 38.17
C TYR A 22 -34.69 -51.01 36.85
N HIS A 23 -34.94 -50.33 35.74
CA HIS A 23 -34.92 -50.98 34.44
C HIS A 23 -33.60 -50.80 33.69
N SER A 24 -33.27 -51.83 32.94
CA SER A 24 -32.18 -51.81 32.00
C SER A 24 -32.69 -52.66 30.84
N ASN A 25 -32.34 -52.30 29.61
CA ASN A 25 -32.74 -53.04 28.40
C ASN A 25 -31.67 -53.02 27.33
N ASN A 26 -31.92 -53.73 26.23
CA ASN A 26 -30.94 -53.89 25.15
C ASN A 26 -30.82 -52.63 24.29
N SER A 27 -30.80 -51.48 24.96
CA SER A 27 -30.90 -50.18 24.28
C SER A 27 -29.57 -49.64 23.78
N THR A 28 -29.65 -48.79 22.75
CA THR A 28 -28.45 -48.14 22.20
C THR A 28 -28.59 -46.62 22.14
N GLU A 29 -29.78 -46.12 21.81
CA GLU A 29 -29.93 -44.68 21.62
C GLU A 29 -29.09 -43.93 22.65
N LYS A 30 -28.17 -43.12 22.16
CA LYS A 30 -27.04 -42.66 22.97
C LYS A 30 -26.94 -41.14 23.02
N VAL A 31 -27.51 -40.53 24.04
CA VAL A 31 -27.44 -39.07 24.19
C VAL A 31 -26.14 -38.55 24.84
N ASP A 32 -25.94 -37.24 24.80
CA ASP A 32 -24.81 -36.60 25.47
C ASP A 32 -25.39 -35.72 26.57
N THR A 33 -24.65 -35.56 27.67
CA THR A 33 -25.10 -34.71 28.77
C THR A 33 -24.03 -33.69 29.01
N ILE A 34 -24.28 -32.72 29.88
CA ILE A 34 -23.27 -31.68 30.04
C ILE A 34 -22.16 -32.08 31.00
N LEU A 35 -22.25 -33.32 31.51
CA LEU A 35 -21.21 -33.86 32.38
C LEU A 35 -20.47 -35.01 31.73
N GLU A 36 -21.24 -35.87 31.06
CA GLU A 36 -20.70 -37.10 30.52
C GLU A 36 -21.39 -37.45 29.22
N ARG A 37 -20.59 -37.79 28.21
CA ARG A 37 -21.08 -37.94 26.85
C ARG A 37 -21.33 -39.39 26.45
N ASN A 38 -22.04 -39.56 25.34
CA ASN A 38 -22.31 -40.88 24.77
C ASN A 38 -23.00 -41.80 25.76
N VAL A 39 -23.76 -41.23 26.69
CA VAL A 39 -24.49 -42.01 27.68
C VAL A 39 -25.49 -42.96 27.01
N THR A 40 -25.38 -44.25 27.30
CA THR A 40 -26.17 -45.28 26.64
C THR A 40 -27.58 -45.42 27.24
N VAL A 41 -28.27 -44.29 27.41
CA VAL A 41 -29.62 -44.25 27.98
C VAL A 41 -30.54 -45.40 27.51
N THR A 42 -31.66 -45.61 28.20
CA THR A 42 -32.57 -46.71 27.88
C THR A 42 -33.62 -46.32 26.84
N HIS A 43 -33.84 -45.03 26.71
CA HIS A 43 -34.85 -44.48 25.80
C HIS A 43 -34.47 -43.05 25.45
N ALA A 44 -34.83 -42.62 24.25
CA ALA A 44 -34.59 -41.23 23.85
C ALA A 44 -35.56 -40.79 22.78
N GLN A 45 -35.90 -39.52 22.80
CA GLN A 45 -36.58 -38.95 21.66
C GLN A 45 -35.63 -37.95 20.98
N ASP A 46 -35.78 -37.78 19.66
CA ASP A 46 -35.00 -36.79 18.91
C ASP A 46 -35.86 -35.56 18.62
N ILE A 47 -35.31 -34.38 18.87
CA ILE A 47 -36.07 -33.16 18.72
C ILE A 47 -35.85 -32.49 17.38
N LEU A 48 -34.75 -32.86 16.71
CA LEU A 48 -34.35 -32.24 15.43
C LEU A 48 -34.99 -32.89 14.20
N GLU A 49 -35.93 -32.19 13.58
CA GLU A 49 -36.55 -32.64 12.33
C GLU A 49 -35.50 -32.70 11.24
N LYS A 50 -35.65 -33.66 10.32
CA LYS A 50 -34.55 -33.98 9.43
C LYS A 50 -35.01 -34.66 8.13
N THR A 51 -36.27 -34.43 7.74
CA THR A 51 -36.82 -35.15 6.59
C THR A 51 -37.73 -34.30 5.69
N HIS A 52 -37.54 -34.38 4.38
CA HIS A 52 -38.24 -33.51 3.43
C HIS A 52 -38.88 -34.28 2.26
N ASN A 53 -40.13 -33.95 1.95
CA ASN A 53 -40.91 -34.56 0.86
C ASN A 53 -40.14 -34.86 -0.43
N GLY A 54 -38.97 -34.24 -0.61
CA GLY A 54 -38.22 -34.31 -1.86
C GLY A 54 -39.02 -33.64 -2.96
N LYS A 55 -40.20 -33.14 -2.58
CA LYS A 55 -41.17 -32.61 -3.51
C LYS A 55 -41.32 -31.12 -3.32
N LEU A 56 -42.01 -30.52 -4.27
CA LEU A 56 -42.28 -29.09 -4.24
C LEU A 56 -43.79 -28.91 -4.29
N CYS A 57 -44.38 -28.49 -3.18
CA CYS A 57 -45.81 -28.50 -3.07
C CYS A 57 -46.41 -27.12 -3.01
N LYS A 58 -47.70 -27.09 -2.66
CA LYS A 58 -48.40 -25.85 -2.47
C LYS A 58 -48.24 -25.41 -1.04
N LEU A 59 -48.00 -24.13 -0.82
CA LEU A 59 -48.06 -23.64 0.54
C LEU A 59 -49.54 -23.64 0.86
N ASN A 60 -49.86 -23.60 2.15
CA ASN A 60 -51.23 -23.66 2.65
C ASN A 60 -52.31 -23.35 1.63
N GLY A 61 -52.78 -24.38 0.94
CA GLY A 61 -53.90 -24.25 0.01
C GLY A 61 -53.58 -23.96 -1.46
N ILE A 62 -52.95 -22.82 -1.72
CA ILE A 62 -52.69 -22.32 -3.07
C ILE A 62 -51.37 -22.88 -3.59
N PRO A 63 -51.13 -22.79 -4.92
CA PRO A 63 -49.86 -23.27 -5.47
C PRO A 63 -48.96 -22.08 -5.72
N PRO A 64 -47.68 -22.34 -5.99
CA PRO A 64 -46.80 -21.22 -6.32
C PRO A 64 -47.06 -20.84 -7.76
N LEU A 65 -46.36 -19.81 -8.24
CA LEU A 65 -46.25 -19.52 -9.66
C LEU A 65 -45.01 -20.25 -10.13
N GLU A 66 -45.06 -20.80 -11.33
CA GLU A 66 -43.88 -21.40 -11.92
C GLU A 66 -43.39 -20.58 -13.11
N LEU A 67 -42.10 -20.31 -13.15
CA LEU A 67 -41.57 -19.52 -14.24
C LEU A 67 -40.51 -20.34 -14.95
N GLY A 68 -40.78 -21.64 -15.09
CA GLY A 68 -39.83 -22.56 -15.68
C GLY A 68 -38.45 -21.95 -15.79
N ASP A 69 -38.03 -21.67 -17.02
CA ASP A 69 -36.91 -20.75 -17.23
C ASP A 69 -37.36 -19.49 -17.96
N CYS A 70 -38.30 -18.78 -17.36
CA CYS A 70 -38.51 -17.37 -17.63
C CYS A 70 -38.07 -16.61 -16.40
N SER A 71 -38.33 -15.31 -16.35
CA SER A 71 -38.02 -14.52 -15.17
C SER A 71 -39.22 -13.65 -14.86
N ILE A 72 -39.25 -13.02 -13.71
CA ILE A 72 -40.40 -12.20 -13.39
C ILE A 72 -40.53 -11.15 -14.46
N ALA A 73 -39.41 -10.51 -14.81
CA ALA A 73 -39.45 -9.43 -15.79
C ALA A 73 -39.90 -9.96 -17.15
N GLY A 74 -39.26 -11.05 -17.59
CA GLY A 74 -39.60 -11.66 -18.86
C GLY A 74 -41.07 -12.06 -18.94
N TRP A 75 -41.55 -12.73 -17.90
CA TRP A 75 -42.90 -13.26 -17.91
C TRP A 75 -43.88 -12.09 -18.08
N LEU A 76 -43.65 -11.04 -17.31
CA LEU A 76 -44.53 -9.88 -17.25
C LEU A 76 -44.56 -9.06 -18.52
N LEU A 77 -43.41 -8.99 -19.19
CA LEU A 77 -43.21 -8.17 -20.39
C LEU A 77 -43.85 -8.83 -21.59
N GLY A 78 -43.53 -10.10 -21.79
CA GLY A 78 -44.03 -10.85 -22.91
C GLY A 78 -42.87 -11.31 -23.74
N ASN A 79 -41.76 -11.64 -23.08
CA ASN A 79 -40.66 -12.25 -23.81
C ASN A 79 -41.36 -13.40 -24.50
N PRO A 80 -41.12 -13.55 -25.80
CA PRO A 80 -41.87 -14.54 -26.58
C PRO A 80 -41.52 -15.99 -26.26
N GLU A 81 -40.68 -16.21 -25.25
CA GLU A 81 -40.41 -17.55 -24.74
C GLU A 81 -41.20 -17.75 -23.45
N CYS A 82 -41.69 -16.63 -22.91
CA CYS A 82 -42.55 -16.66 -21.75
C CYS A 82 -43.98 -16.75 -22.24
N ASP A 83 -44.16 -17.34 -23.41
CA ASP A 83 -45.49 -17.57 -23.97
C ASP A 83 -46.00 -18.96 -23.60
N ARG A 84 -45.12 -19.78 -23.04
CA ARG A 84 -45.41 -21.19 -22.76
C ARG A 84 -45.50 -21.43 -21.26
N LEU A 85 -46.51 -20.83 -20.61
CA LEU A 85 -46.50 -20.71 -19.14
C LEU A 85 -47.89 -20.52 -18.51
N LEU A 86 -48.11 -21.20 -17.38
CA LEU A 86 -49.39 -21.14 -16.68
C LEU A 86 -49.46 -19.94 -15.73
N THR A 87 -50.31 -18.97 -16.05
CA THR A 87 -50.49 -17.80 -15.18
C THR A 87 -51.69 -17.95 -14.24
N VAL A 88 -51.57 -18.90 -13.32
CA VAL A 88 -52.57 -19.18 -12.29
C VAL A 88 -53.14 -17.89 -11.69
N PRO A 89 -54.44 -17.89 -11.38
CA PRO A 89 -55.15 -16.69 -10.90
C PRO A 89 -54.51 -16.07 -9.70
N GLU A 90 -53.85 -16.88 -8.86
CA GLU A 90 -53.42 -16.48 -7.53
C GLU A 90 -52.37 -17.42 -6.96
N TRP A 91 -51.44 -16.93 -6.13
CA TRP A 91 -50.37 -17.80 -5.62
C TRP A 91 -49.77 -17.55 -4.22
N SER A 92 -49.34 -18.67 -3.61
CA SER A 92 -48.61 -18.76 -2.34
C SER A 92 -47.23 -18.13 -2.40
N TYR A 93 -46.43 -18.57 -3.36
CA TYR A 93 -45.08 -18.05 -3.53
C TYR A 93 -44.68 -18.17 -4.99
N ILE A 94 -43.43 -17.83 -5.31
CA ILE A 94 -42.91 -17.86 -6.67
C ILE A 94 -41.73 -18.84 -6.82
N MET A 95 -41.80 -19.73 -7.81
CA MET A 95 -40.60 -20.49 -8.14
C MET A 95 -39.97 -20.11 -9.50
N GLU A 96 -38.77 -19.56 -9.41
CA GLU A 96 -38.06 -19.04 -10.55
C GLU A 96 -36.67 -19.68 -10.49
N LYS A 97 -36.11 -20.02 -11.65
CA LYS A 97 -34.83 -20.72 -11.63
C LYS A 97 -33.81 -19.81 -11.01
N GLU A 98 -32.62 -20.34 -10.72
CA GLU A 98 -31.59 -19.53 -10.09
C GLU A 98 -31.51 -18.19 -10.80
N ASN A 99 -30.80 -18.19 -11.93
CA ASN A 99 -30.87 -17.12 -12.91
C ASN A 99 -31.46 -17.64 -14.22
N PRO A 100 -32.74 -17.35 -14.48
CA PRO A 100 -33.50 -17.80 -15.65
C PRO A 100 -32.72 -17.70 -16.97
N ARG A 101 -33.25 -18.30 -18.03
CA ARG A 101 -32.64 -18.16 -19.35
C ARG A 101 -33.20 -16.91 -20.00
N ASN A 102 -34.52 -16.93 -20.14
CA ASN A 102 -35.31 -15.94 -20.86
C ASN A 102 -35.82 -14.71 -20.11
N GLY A 103 -35.08 -13.60 -20.18
CA GLY A 103 -35.48 -12.37 -19.53
C GLY A 103 -35.92 -11.30 -20.51
N LEU A 104 -35.40 -10.09 -20.32
CA LEU A 104 -35.58 -9.06 -21.35
C LEU A 104 -34.64 -9.28 -22.57
N CYS A 105 -35.23 -9.66 -23.70
CA CYS A 105 -34.48 -9.97 -24.90
C CYS A 105 -33.74 -8.75 -25.42
N TYR A 106 -34.48 -7.70 -25.80
CA TYR A 106 -33.79 -6.45 -26.03
C TYR A 106 -33.20 -6.17 -24.69
N PRO A 107 -31.90 -5.90 -24.67
CA PRO A 107 -31.13 -5.55 -23.49
C PRO A 107 -31.72 -4.32 -22.79
N GLY A 108 -31.47 -4.19 -21.51
CA GLY A 108 -31.94 -3.02 -20.80
C GLY A 108 -32.00 -3.28 -19.31
N SER A 109 -32.53 -2.33 -18.57
CA SER A 109 -32.68 -2.51 -17.14
C SER A 109 -34.12 -2.46 -16.64
N PHE A 110 -34.38 -3.15 -15.54
CA PHE A 110 -35.65 -2.98 -14.88
C PHE A 110 -35.39 -2.11 -13.66
N ASN A 111 -36.29 -1.18 -13.37
CA ASN A 111 -36.09 -0.30 -12.22
C ASN A 111 -36.88 -0.73 -11.03
N ASP A 112 -36.19 -0.77 -9.89
CA ASP A 112 -36.78 -1.29 -8.65
C ASP A 112 -37.26 -2.70 -8.89
N TYR A 113 -36.47 -3.49 -9.60
CA TYR A 113 -36.90 -4.83 -9.96
C TYR A 113 -37.18 -5.63 -8.71
N GLU A 114 -36.20 -5.69 -7.81
CA GLU A 114 -36.28 -6.48 -6.58
C GLU A 114 -37.49 -6.10 -5.75
N GLU A 115 -37.75 -4.80 -5.66
CA GLU A 115 -38.95 -4.30 -5.03
C GLU A 115 -40.25 -4.88 -5.64
N LEU A 116 -40.43 -4.67 -6.94
CA LEU A 116 -41.61 -5.19 -7.64
C LEU A 116 -41.61 -6.68 -7.53
N LYS A 117 -40.43 -7.24 -7.55
CA LYS A 117 -40.28 -8.67 -7.58
C LYS A 117 -40.78 -9.15 -6.21
N HIS A 118 -40.52 -8.37 -5.16
CA HIS A 118 -41.00 -8.74 -3.81
C HIS A 118 -42.50 -8.63 -3.64
N LEU A 119 -43.12 -7.73 -4.39
CA LEU A 119 -44.56 -7.45 -4.23
C LEU A 119 -45.46 -8.42 -5.01
N ILE A 120 -45.00 -8.91 -6.15
CA ILE A 120 -45.77 -9.90 -6.88
C ILE A 120 -45.35 -11.27 -6.37
N SER A 121 -44.81 -11.25 -5.15
CA SER A 121 -44.38 -12.43 -4.39
C SER A 121 -45.47 -13.45 -4.12
N SER A 122 -46.63 -12.92 -3.75
CA SER A 122 -47.84 -13.73 -3.61
C SER A 122 -49.05 -12.82 -3.74
N VAL A 123 -50.12 -13.37 -4.30
CA VAL A 123 -51.26 -12.55 -4.71
C VAL A 123 -52.59 -13.33 -4.63
N THR A 124 -53.70 -12.59 -4.58
CA THR A 124 -55.00 -13.12 -4.23
C THR A 124 -56.12 -12.22 -4.74
N HIS A 125 -56.23 -11.97 -6.05
CA HIS A 125 -55.55 -12.67 -7.11
C HIS A 125 -54.85 -11.66 -8.04
N PHE A 126 -54.46 -12.14 -9.23
CA PHE A 126 -53.63 -11.40 -10.20
C PHE A 126 -54.13 -11.61 -11.63
N GLU A 127 -54.75 -10.60 -12.23
CA GLU A 127 -55.36 -10.76 -13.56
C GLU A 127 -54.96 -9.69 -14.57
N LYS A 128 -54.68 -10.13 -15.80
CA LYS A 128 -54.15 -9.27 -16.85
C LYS A 128 -55.27 -8.75 -17.70
N VAL A 129 -55.30 -7.44 -17.94
CA VAL A 129 -56.39 -6.85 -18.70
C VAL A 129 -55.93 -5.77 -19.68
N LYS A 130 -56.41 -5.81 -20.92
CA LYS A 130 -55.95 -4.90 -21.98
C LYS A 130 -56.40 -3.46 -21.72
N ILE A 131 -55.48 -2.50 -21.86
CA ILE A 131 -55.76 -1.14 -21.41
C ILE A 131 -55.35 -0.06 -22.38
N LEU A 132 -54.56 -0.42 -23.38
CA LEU A 132 -54.15 0.49 -24.46
C LEU A 132 -53.82 -0.35 -25.68
N PRO A 133 -54.87 -0.78 -26.41
CA PRO A 133 -54.77 -1.72 -27.52
C PRO A 133 -53.80 -1.22 -28.60
N LYS A 134 -53.15 -2.14 -29.32
CA LYS A 134 -52.24 -1.80 -30.44
C LYS A 134 -52.90 -0.92 -31.49
N ASP A 135 -54.19 -1.16 -31.73
CA ASP A 135 -54.86 -0.60 -32.89
C ASP A 135 -54.99 0.93 -32.94
N ARG A 136 -55.25 1.58 -31.80
CA ARG A 136 -55.48 3.02 -31.80
C ARG A 136 -54.22 3.86 -31.62
N TRP A 137 -53.05 3.28 -31.86
CA TRP A 137 -51.83 4.08 -32.03
C TRP A 137 -51.74 4.47 -33.49
N THR A 138 -52.82 5.08 -33.99
CA THR A 138 -53.08 5.23 -35.42
C THR A 138 -52.09 6.13 -36.16
N GLN A 139 -51.45 7.02 -35.45
CA GLN A 139 -50.51 7.95 -36.06
C GLN A 139 -49.10 7.50 -35.81
N HIS A 140 -48.96 6.24 -35.45
CA HIS A 140 -47.66 5.69 -35.14
C HIS A 140 -47.55 4.27 -35.65
N THR A 141 -46.31 3.83 -35.80
CA THR A 141 -46.02 2.45 -36.09
C THR A 141 -45.92 1.61 -34.80
N THR A 142 -46.57 0.47 -34.84
CA THR A 142 -46.64 -0.41 -33.69
C THR A 142 -46.08 -1.76 -34.09
N THR A 143 -44.89 -1.74 -34.68
CA THR A 143 -44.28 -2.99 -35.10
C THR A 143 -42.77 -2.94 -35.03
N GLY A 144 -42.27 -2.42 -33.92
CA GLY A 144 -40.89 -2.62 -33.59
C GLY A 144 -40.69 -4.11 -33.49
N GLY A 145 -39.50 -4.56 -33.83
CA GLY A 145 -39.10 -5.93 -33.62
C GLY A 145 -37.64 -5.86 -33.25
N SER A 146 -36.97 -7.01 -33.29
CA SER A 146 -35.53 -7.06 -33.04
C SER A 146 -35.13 -8.51 -33.07
N GLN A 147 -33.98 -8.82 -33.65
CA GLN A 147 -33.50 -10.19 -33.67
C GLN A 147 -33.03 -10.54 -32.25
N GLY A 148 -33.15 -9.56 -31.34
CA GLY A 148 -32.93 -9.76 -29.92
C GLY A 148 -34.08 -10.52 -29.24
N CYS A 149 -35.25 -10.43 -29.84
CA CYS A 149 -36.40 -11.19 -29.38
C CYS A 149 -36.92 -12.00 -30.58
N ALA A 150 -35.99 -12.46 -31.41
CA ALA A 150 -36.36 -13.22 -32.61
C ALA A 150 -37.34 -14.33 -32.28
N VAL A 151 -38.32 -14.56 -33.15
CA VAL A 151 -38.99 -15.83 -33.13
C VAL A 151 -38.22 -16.72 -34.10
N PHE A 152 -38.77 -17.16 -35.24
CA PHE A 152 -37.92 -18.01 -36.09
C PHE A 152 -37.63 -17.53 -37.53
N ASP A 153 -36.84 -16.47 -37.72
CA ASP A 153 -36.13 -15.73 -36.68
C ASP A 153 -36.41 -14.24 -36.82
N ASN A 154 -37.48 -13.91 -37.52
CA ASN A 154 -37.91 -12.52 -37.69
C ASN A 154 -37.74 -11.67 -36.45
N PRO A 155 -37.66 -10.37 -36.63
CA PRO A 155 -37.73 -9.53 -35.44
C PRO A 155 -38.99 -9.94 -34.73
N SER A 156 -38.94 -9.93 -33.39
CA SER A 156 -40.15 -9.98 -32.57
C SER A 156 -39.95 -9.09 -31.36
N PHE A 157 -40.95 -9.01 -30.48
CA PHE A 157 -40.90 -8.06 -29.37
C PHE A 157 -41.78 -8.49 -28.19
N PHE A 158 -41.49 -7.96 -27.00
CA PHE A 158 -42.29 -8.27 -25.81
C PHE A 158 -43.77 -8.28 -26.16
N ARG A 159 -44.44 -9.42 -26.04
CA ARG A 159 -45.86 -9.50 -26.38
C ARG A 159 -46.76 -8.47 -25.70
N ASN A 160 -46.40 -8.02 -24.51
CA ASN A 160 -47.28 -7.14 -23.69
C ASN A 160 -46.99 -5.65 -23.82
N MET A 161 -46.02 -5.32 -24.66
CA MET A 161 -45.68 -3.92 -24.94
C MET A 161 -45.96 -3.54 -26.42
N VAL A 162 -45.80 -2.25 -26.72
CA VAL A 162 -45.79 -1.79 -28.11
C VAL A 162 -44.64 -0.78 -28.29
N TRP A 163 -43.85 -0.99 -29.35
CA TRP A 163 -42.71 -0.12 -29.67
C TRP A 163 -43.17 0.89 -30.67
N LEU A 164 -43.65 2.04 -30.19
CA LEU A 164 -44.12 3.08 -31.11
C LEU A 164 -42.92 3.68 -31.84
N THR A 165 -42.85 3.47 -33.15
CA THR A 165 -41.67 3.88 -33.94
C THR A 165 -41.82 5.16 -34.78
N LYS A 166 -42.73 5.17 -35.74
CA LYS A 166 -43.05 6.36 -36.55
C LYS A 166 -43.63 5.97 -37.90
N LYS A 167 -44.61 6.76 -38.33
CA LYS A 167 -45.46 6.46 -39.46
C LYS A 167 -45.17 7.52 -40.51
N GLY A 168 -44.56 7.10 -41.62
CA GLY A 168 -44.02 8.06 -42.56
C GLY A 168 -42.67 8.54 -42.05
N SER A 169 -42.33 9.80 -42.34
CA SER A 169 -41.11 10.37 -41.78
C SER A 169 -41.45 11.10 -40.51
N ASN A 170 -42.74 11.12 -40.19
CA ASN A 170 -43.23 11.87 -39.05
C ASN A 170 -43.43 11.02 -37.79
N TYR A 171 -43.31 11.66 -36.62
CA TYR A 171 -43.65 11.06 -35.34
C TYR A 171 -44.31 12.13 -34.49
N PRO A 172 -45.63 12.20 -34.59
CA PRO A 172 -46.49 13.17 -33.89
C PRO A 172 -46.55 12.89 -32.40
N VAL A 173 -46.93 13.90 -31.61
CA VAL A 173 -47.10 13.68 -30.17
C VAL A 173 -47.92 12.40 -29.88
N ALA A 174 -47.59 11.76 -28.77
CA ALA A 174 -48.14 10.45 -28.47
C ALA A 174 -48.83 10.47 -27.12
N LYS A 175 -50.06 10.95 -27.07
CA LYS A 175 -50.79 10.99 -25.81
C LYS A 175 -51.40 9.63 -25.60
N GLY A 176 -51.51 9.21 -24.33
CA GLY A 176 -51.90 7.85 -23.98
C GLY A 176 -52.33 7.78 -22.52
N SER A 177 -53.53 7.26 -22.29
CA SER A 177 -54.21 7.53 -21.03
C SER A 177 -55.20 6.42 -20.75
N TYR A 178 -55.59 6.26 -19.47
CA TYR A 178 -56.44 5.13 -19.03
C TYR A 178 -56.94 5.32 -17.61
N ASN A 179 -58.16 4.89 -17.33
CA ASN A 179 -58.73 5.04 -16.00
C ASN A 179 -58.85 3.69 -15.30
N ASN A 180 -58.20 3.52 -14.15
CA ASN A 180 -58.32 2.28 -13.39
C ASN A 180 -59.71 2.09 -12.82
N THR A 181 -60.57 1.48 -13.63
CA THR A 181 -61.96 1.30 -13.27
C THR A 181 -62.21 -0.18 -13.41
N SER A 182 -61.36 -0.96 -12.75
CA SER A 182 -61.42 -2.42 -12.77
C SER A 182 -61.86 -3.01 -11.43
N GLY A 183 -61.75 -2.21 -10.37
CA GLY A 183 -62.00 -2.69 -9.02
C GLY A 183 -60.76 -3.00 -8.19
N GLU A 184 -59.76 -3.61 -8.81
CA GLU A 184 -58.53 -3.92 -8.10
C GLU A 184 -57.43 -2.94 -8.50
N GLN A 185 -56.41 -2.84 -7.67
CA GLN A 185 -55.24 -2.04 -8.03
C GLN A 185 -54.59 -2.61 -9.29
N MET A 186 -53.95 -1.73 -10.05
CA MET A 186 -53.29 -2.15 -11.27
C MET A 186 -51.78 -1.86 -11.25
N LEU A 187 -50.99 -2.90 -11.51
CA LEU A 187 -49.56 -2.74 -11.75
C LEU A 187 -49.37 -2.35 -13.21
N ILE A 188 -48.68 -1.25 -13.48
CA ILE A 188 -48.43 -0.90 -14.88
C ILE A 188 -46.97 -0.64 -15.17
N ILE A 189 -46.42 -1.43 -16.09
CA ILE A 189 -45.04 -1.23 -16.53
C ILE A 189 -44.94 -0.46 -17.85
N TRP A 190 -43.93 0.39 -18.00
CA TRP A 190 -43.65 0.98 -19.31
C TRP A 190 -42.16 1.09 -19.53
N GLY A 191 -41.77 1.45 -20.74
CA GLY A 191 -40.39 1.44 -21.17
C GLY A 191 -39.90 2.67 -21.92
N VAL A 192 -38.59 2.80 -22.02
CA VAL A 192 -37.95 3.89 -22.73
C VAL A 192 -36.69 3.43 -23.49
N HIS A 193 -36.75 3.47 -24.82
CA HIS A 193 -35.63 3.06 -25.69
C HIS A 193 -34.40 3.96 -25.62
N HIS A 194 -33.22 3.35 -25.58
CA HIS A 194 -31.98 4.11 -25.54
C HIS A 194 -31.11 3.77 -26.72
N PRO A 195 -31.22 4.59 -27.76
CA PRO A 195 -30.65 4.35 -29.08
C PRO A 195 -29.14 4.39 -29.08
N ASN A 196 -28.52 3.68 -30.03
CA ASN A 196 -27.06 3.60 -30.11
C ASN A 196 -26.39 4.89 -30.57
N ASP A 197 -26.82 5.39 -31.72
CA ASP A 197 -26.27 6.61 -32.28
C ASP A 197 -27.37 7.63 -32.51
N GLU A 198 -26.98 8.90 -32.60
CA GLU A 198 -27.92 10.00 -32.79
C GLU A 198 -28.78 9.82 -34.05
N THR A 199 -28.27 9.01 -34.97
CA THR A 199 -29.03 8.65 -36.18
C THR A 199 -30.02 7.50 -35.91
N GLU A 200 -29.62 6.52 -35.11
CA GLU A 200 -30.57 5.51 -34.63
C GLU A 200 -31.78 6.24 -34.09
N GLN A 201 -31.54 7.26 -33.27
CA GLN A 201 -32.64 8.08 -32.78
C GLN A 201 -33.56 8.51 -33.93
N ARG A 202 -33.01 9.35 -34.81
CA ARG A 202 -33.80 9.98 -35.86
C ARG A 202 -34.47 8.96 -36.80
N THR A 203 -33.73 7.93 -37.18
CA THR A 203 -34.30 6.85 -37.99
C THR A 203 -35.50 6.21 -37.31
N LEU A 204 -35.43 6.04 -35.99
CA LEU A 204 -36.51 5.35 -35.30
C LEU A 204 -37.65 6.25 -34.92
N TYR A 205 -37.34 7.42 -34.35
CA TYR A 205 -38.35 8.23 -33.69
C TYR A 205 -38.51 9.61 -34.34
N GLN A 206 -37.55 9.95 -35.20
CA GLN A 206 -37.53 11.17 -36.02
C GLN A 206 -37.65 12.49 -35.26
N ASN A 207 -36.57 12.81 -34.55
CA ASN A 207 -36.37 14.05 -33.81
C ASN A 207 -35.59 13.77 -32.53
N VAL A 208 -35.02 14.80 -31.92
CA VAL A 208 -34.42 14.62 -30.60
C VAL A 208 -35.02 15.63 -29.63
N GLY A 209 -34.54 15.63 -28.39
CA GLY A 209 -35.26 16.33 -27.34
C GLY A 209 -36.56 15.58 -27.09
N ALA A 210 -36.55 14.31 -27.47
CA ALA A 210 -37.69 13.44 -27.28
C ALA A 210 -37.79 13.19 -25.79
N TYR A 211 -38.99 12.87 -25.32
CA TYR A 211 -39.21 12.55 -23.90
C TYR A 211 -40.35 11.55 -23.70
N VAL A 212 -40.31 10.77 -22.64
CA VAL A 212 -41.54 10.09 -22.21
C VAL A 212 -41.97 10.77 -20.93
N SER A 213 -43.26 11.08 -20.80
CA SER A 213 -43.74 11.71 -19.58
C SER A 213 -44.99 11.02 -19.12
N VAL A 214 -44.81 10.21 -18.08
CA VAL A 214 -45.88 9.45 -17.47
C VAL A 214 -46.42 10.19 -16.25
N GLY A 215 -47.75 10.15 -16.06
CA GLY A 215 -48.38 10.87 -14.96
C GLY A 215 -49.59 10.26 -14.26
N THR A 216 -49.59 10.30 -12.92
CA THR A 216 -50.78 9.97 -12.14
C THR A 216 -50.93 10.81 -10.84
N SER A 217 -51.61 10.22 -9.85
CA SER A 217 -51.95 10.96 -8.63
C SER A 217 -50.85 10.93 -7.55
N THR A 218 -50.07 9.86 -7.51
CA THR A 218 -48.89 9.82 -6.68
C THR A 218 -47.63 10.03 -7.55
N LEU A 219 -47.73 9.73 -8.84
CA LEU A 219 -46.61 9.76 -9.81
C LEU A 219 -46.37 11.09 -10.54
N ASN A 220 -45.15 11.20 -11.10
CA ASN A 220 -44.71 12.27 -12.01
C ASN A 220 -43.26 12.12 -12.48
N LYS A 221 -43.08 11.48 -13.64
CA LYS A 221 -41.76 11.37 -14.27
C LYS A 221 -41.74 11.90 -15.72
N ARG A 222 -40.61 12.49 -16.11
CA ARG A 222 -40.32 12.82 -17.51
C ARG A 222 -38.92 12.32 -17.77
N SER A 223 -38.75 11.57 -18.86
CA SER A 223 -37.45 10.98 -19.14
C SER A 223 -36.99 11.34 -20.54
N LEU A 224 -35.71 11.64 -20.67
CA LEU A 224 -35.13 11.94 -21.94
C LEU A 224 -34.26 10.76 -22.39
N PRO A 225 -34.34 10.37 -23.68
CA PRO A 225 -33.52 9.25 -24.15
C PRO A 225 -32.04 9.42 -23.82
N GLU A 226 -31.44 8.47 -23.15
CA GLU A 226 -30.01 8.56 -22.91
C GLU A 226 -29.27 7.73 -23.95
N ILE A 227 -28.59 8.40 -24.87
CA ILE A 227 -27.87 7.73 -25.94
C ILE A 227 -26.45 7.40 -25.49
N ALA A 228 -25.99 6.20 -25.80
CA ALA A 228 -24.64 5.80 -25.46
C ALA A 228 -24.09 4.79 -26.46
N THR A 229 -22.83 4.42 -26.29
CA THR A 229 -22.20 3.49 -27.20
C THR A 229 -21.97 2.17 -26.48
N ARG A 230 -22.92 1.25 -26.63
CA ARG A 230 -22.85 0.01 -25.87
C ARG A 230 -22.21 -1.07 -26.70
N PRO A 231 -21.53 -2.03 -26.07
CA PRO A 231 -21.27 -3.31 -26.74
C PRO A 231 -22.58 -3.97 -27.23
N GLU A 232 -22.53 -5.23 -27.63
CA GLU A 232 -23.71 -5.84 -28.22
C GLU A 232 -24.16 -6.96 -27.32
N VAL A 233 -25.39 -6.86 -26.83
CA VAL A 233 -25.98 -7.87 -25.94
C VAL A 233 -27.15 -8.42 -26.71
N ASN A 234 -27.23 -9.73 -26.85
CA ASN A 234 -28.20 -10.33 -27.79
C ASN A 234 -28.05 -9.67 -29.14
N GLY A 235 -26.91 -9.04 -29.37
CA GLY A 235 -26.62 -8.43 -30.65
C GLY A 235 -27.08 -6.99 -30.72
N GLN A 236 -27.56 -6.46 -29.61
CA GLN A 236 -28.08 -5.10 -29.59
C GLN A 236 -27.28 -4.15 -28.70
N GLY A 237 -27.09 -2.92 -29.18
CA GLY A 237 -26.47 -1.86 -28.38
C GLY A 237 -27.59 -0.96 -27.90
N GLY A 238 -28.76 -1.13 -28.48
CA GLY A 238 -29.92 -0.50 -27.90
C GLY A 238 -30.15 -1.02 -26.49
N ARG A 239 -30.91 -0.27 -25.70
CA ARG A 239 -31.27 -0.68 -24.35
C ARG A 239 -32.65 -0.19 -24.05
N MET A 240 -33.54 -1.05 -23.59
CA MET A 240 -34.80 -0.56 -23.05
C MET A 240 -34.76 -0.64 -21.52
N GLU A 241 -35.07 0.48 -20.88
CA GLU A 241 -35.11 0.56 -19.43
C GLU A 241 -36.55 0.69 -19.08
N PHE A 242 -37.06 -0.26 -18.31
CA PHE A 242 -38.47 -0.24 -17.96
C PHE A 242 -38.66 0.28 -16.55
N SER A 243 -39.69 1.09 -16.37
CA SER A 243 -40.11 1.51 -15.04
C SER A 243 -41.44 0.85 -14.79
N TRP A 244 -42.00 1.08 -13.61
CA TRP A 244 -43.24 0.40 -13.21
C TRP A 244 -43.92 1.08 -12.03
N THR A 245 -45.24 0.99 -12.02
CA THR A 245 -46.06 1.70 -11.03
C THR A 245 -47.35 0.91 -10.71
N ILE A 246 -47.94 1.25 -9.57
CA ILE A 246 -49.26 0.72 -9.23
C ILE A 246 -50.27 1.85 -9.37
N LEU A 247 -51.27 1.59 -10.22
CA LEU A 247 -52.27 2.58 -10.55
C LEU A 247 -53.36 2.49 -9.50
N ASP A 248 -53.64 3.61 -8.84
CA ASP A 248 -54.67 3.67 -7.81
C ASP A 248 -56.01 3.27 -8.39
N ILE A 249 -56.93 2.94 -7.50
CA ILE A 249 -58.22 2.42 -7.90
C ILE A 249 -59.18 3.58 -8.12
N TRP A 250 -59.73 3.66 -9.34
CA TRP A 250 -60.42 4.85 -9.83
C TRP A 250 -59.44 5.99 -10.00
N ASP A 251 -58.36 5.76 -10.73
CA ASP A 251 -57.35 6.80 -10.97
C ASP A 251 -56.71 6.62 -12.35
N THR A 252 -56.67 7.67 -13.17
CA THR A 252 -56.01 7.56 -14.47
C THR A 252 -54.47 7.69 -14.45
N ILE A 253 -53.82 6.93 -15.32
CA ILE A 253 -52.45 7.16 -15.70
C ILE A 253 -52.53 7.91 -17.05
N ASN A 254 -51.49 8.70 -17.35
CA ASN A 254 -51.44 9.51 -18.57
C ASN A 254 -50.05 9.57 -19.19
N PHE A 255 -49.82 8.76 -20.23
CA PHE A 255 -48.56 8.78 -21.00
C PHE A 255 -48.45 9.91 -22.05
N GLU A 256 -47.25 10.48 -22.22
CA GLU A 256 -47.04 11.43 -23.30
C GLU A 256 -45.60 11.40 -23.81
N SER A 257 -45.44 11.14 -25.09
CA SER A 257 -44.11 10.99 -25.66
C SER A 257 -43.95 11.60 -27.05
N THR A 258 -42.75 12.10 -27.31
CA THR A 258 -42.34 12.57 -28.64
C THR A 258 -41.35 11.56 -29.21
N GLY A 259 -41.46 10.32 -28.74
CA GLY A 259 -40.60 9.23 -29.18
C GLY A 259 -39.82 8.55 -28.07
N ASN A 260 -39.40 7.33 -28.33
CA ASN A 260 -38.62 6.53 -27.37
C ASN A 260 -39.45 5.82 -26.32
N LEU A 261 -40.77 6.04 -26.35
CA LEU A 261 -41.66 5.36 -25.42
C LEU A 261 -41.96 3.92 -25.89
N ILE A 262 -41.50 2.95 -25.09
CA ILE A 262 -41.92 1.55 -25.24
C ILE A 262 -43.10 1.29 -24.31
N ALA A 263 -44.28 1.21 -24.91
CA ALA A 263 -45.53 1.37 -24.19
C ALA A 263 -46.28 0.06 -24.02
N PRO A 264 -47.05 -0.06 -22.94
CA PRO A 264 -47.73 -1.26 -22.50
C PRO A 264 -49.07 -1.43 -23.18
N GLU A 265 -49.47 -2.66 -23.51
CA GLU A 265 -50.79 -2.88 -24.09
C GLU A 265 -51.75 -3.43 -23.05
N TYR A 266 -51.22 -3.83 -21.90
CA TYR A 266 -52.01 -4.32 -20.78
C TYR A 266 -51.46 -3.78 -19.46
N GLY A 267 -52.28 -3.91 -18.42
CA GLY A 267 -51.85 -3.76 -17.03
C GLY A 267 -52.35 -4.97 -16.28
N PHE A 268 -51.85 -5.20 -15.07
CA PHE A 268 -52.25 -6.38 -14.29
C PHE A 268 -52.98 -5.98 -13.04
N LYS A 269 -54.21 -6.45 -12.90
CA LYS A 269 -55.02 -6.29 -11.69
C LYS A 269 -54.43 -7.18 -10.60
N ILE A 270 -54.22 -6.61 -9.43
CA ILE A 270 -53.44 -7.33 -8.43
C ILE A 270 -53.97 -7.10 -7.02
N SER A 271 -54.46 -8.16 -6.41
CA SER A 271 -54.96 -8.13 -5.03
C SER A 271 -53.98 -8.86 -4.13
N LYS A 272 -53.57 -8.23 -3.04
CA LYS A 272 -52.65 -8.86 -2.10
C LYS A 272 -53.21 -8.89 -0.69
N ARG A 273 -53.02 -9.99 0.04
CA ARG A 273 -53.07 -9.86 1.49
C ARG A 273 -51.89 -10.54 2.17
N GLY A 274 -50.89 -9.72 2.47
CA GLY A 274 -49.67 -10.19 3.08
C GLY A 274 -48.51 -10.15 2.11
N SER A 275 -47.54 -11.04 2.33
CA SER A 275 -46.37 -11.14 1.48
C SER A 275 -45.60 -12.43 1.78
N SER A 276 -44.89 -12.91 0.76
CA SER A 276 -44.18 -14.19 0.78
C SER A 276 -42.72 -14.01 0.28
N GLY A 277 -42.30 -14.85 -0.64
CA GLY A 277 -40.96 -14.76 -1.18
C GLY A 277 -40.89 -15.47 -2.51
N ILE A 278 -39.66 -15.60 -2.99
CA ILE A 278 -39.37 -16.28 -4.24
C ILE A 278 -38.38 -17.39 -3.92
N MET A 279 -38.68 -18.61 -4.36
CA MET A 279 -37.82 -19.76 -4.07
C MET A 279 -37.11 -20.34 -5.28
N LYS A 280 -35.80 -20.21 -5.30
CA LYS A 280 -35.05 -20.53 -6.49
C LYS A 280 -34.61 -22.00 -6.60
N THR A 281 -35.18 -22.71 -7.57
CA THR A 281 -34.79 -24.09 -7.87
C THR A 281 -35.14 -24.50 -9.32
N GLU A 282 -34.68 -25.68 -9.73
CA GLU A 282 -35.05 -26.24 -11.03
C GLU A 282 -36.33 -27.05 -10.93
N GLY A 283 -36.71 -27.39 -9.70
CA GLY A 283 -37.84 -28.26 -9.46
C GLY A 283 -39.12 -27.83 -10.14
N THR A 284 -40.06 -28.78 -10.22
CA THR A 284 -41.40 -28.48 -10.71
C THR A 284 -42.42 -28.86 -9.65
N LEU A 285 -43.52 -28.11 -9.61
CA LEU A 285 -44.53 -28.28 -8.58
C LEU A 285 -45.30 -29.56 -8.82
N GLU A 286 -45.34 -30.39 -7.79
CA GLU A 286 -46.11 -31.63 -7.81
C GLU A 286 -47.39 -31.45 -7.02
N ASN A 287 -48.48 -31.15 -7.70
CA ASN A 287 -49.83 -31.19 -7.13
C ASN A 287 -49.94 -31.99 -5.81
N CYS A 288 -49.64 -31.32 -4.69
CA CYS A 288 -49.71 -31.94 -3.37
C CYS A 288 -49.51 -30.88 -2.29
N GLU A 289 -49.43 -31.31 -1.03
CA GLU A 289 -49.63 -30.41 0.12
C GLU A 289 -48.46 -30.30 1.13
N THR A 290 -48.39 -29.12 1.75
CA THR A 290 -47.37 -28.80 2.74
C THR A 290 -47.77 -27.53 3.43
N LYS A 291 -47.19 -27.29 4.61
CA LYS A 291 -47.49 -26.08 5.36
C LYS A 291 -46.23 -25.36 5.80
N CYS A 292 -45.10 -26.02 5.56
CA CYS A 292 -43.81 -25.39 5.57
C CYS A 292 -43.10 -25.93 4.35
N GLN A 293 -42.43 -25.06 3.59
CA GLN A 293 -41.78 -25.46 2.34
C GLN A 293 -40.33 -25.11 2.23
N THR A 294 -39.54 -26.11 1.88
CA THR A 294 -38.11 -25.97 1.63
C THR A 294 -37.91 -25.95 0.13
N PRO A 295 -36.74 -25.50 -0.31
CA PRO A 295 -36.41 -25.74 -1.71
C PRO A 295 -35.93 -27.18 -1.98
N LEU A 296 -35.83 -28.01 -0.94
CA LEU A 296 -35.57 -29.44 -1.11
C LEU A 296 -36.87 -30.21 -1.02
N GLY A 297 -37.87 -29.62 -0.38
CA GLY A 297 -39.16 -30.26 -0.33
C GLY A 297 -39.92 -29.94 0.93
N ALA A 298 -41.20 -30.33 0.92
CA ALA A 298 -42.08 -30.12 2.06
C ALA A 298 -41.46 -30.66 3.34
N ILE A 299 -41.63 -29.91 4.42
CA ILE A 299 -41.33 -30.36 5.76
C ILE A 299 -42.68 -30.60 6.40
N ASN A 300 -42.94 -31.81 6.89
CA ASN A 300 -44.14 -32.12 7.67
C ASN A 300 -43.73 -32.57 9.07
N THR A 301 -43.63 -31.63 10.00
CA THR A 301 -43.12 -31.94 11.33
C THR A 301 -43.65 -31.05 12.45
N THR A 302 -43.80 -31.65 13.63
CA THR A 302 -44.31 -30.99 14.85
C THR A 302 -43.15 -30.50 15.68
N LEU A 303 -41.95 -30.97 15.32
CA LEU A 303 -40.71 -30.67 16.01
C LEU A 303 -40.38 -29.18 15.97
N PRO A 304 -39.54 -28.72 16.91
CA PRO A 304 -39.22 -27.29 16.99
C PRO A 304 -37.99 -26.95 16.15
N PHE A 305 -37.41 -27.95 15.48
CA PHE A 305 -36.11 -27.78 14.83
C PHE A 305 -35.93 -28.64 13.56
N HIS A 306 -35.39 -28.05 12.50
CA HIS A 306 -34.93 -28.81 11.33
C HIS A 306 -33.46 -28.48 11.04
N ASN A 307 -32.89 -29.20 10.09
CA ASN A 307 -31.56 -28.85 9.56
C ASN A 307 -31.44 -29.16 8.03
N ILE A 308 -32.53 -28.89 7.30
CA ILE A 308 -32.67 -29.27 5.90
C ILE A 308 -32.17 -28.15 5.02
N HIS A 309 -32.53 -26.93 5.41
CA HIS A 309 -32.33 -25.81 4.51
C HIS A 309 -32.97 -24.57 5.09
N PRO A 310 -32.22 -23.46 5.12
CA PRO A 310 -32.59 -22.22 5.79
C PRO A 310 -33.54 -21.39 4.96
N LEU A 311 -33.63 -21.70 3.68
CA LEU A 311 -34.30 -20.81 2.76
C LEU A 311 -35.73 -21.24 2.53
N THR A 312 -36.45 -21.43 3.64
CA THR A 312 -37.81 -22.01 3.65
C THR A 312 -38.93 -20.98 3.61
N ILE A 313 -40.05 -21.32 2.96
CA ILE A 313 -41.20 -20.42 2.98
C ILE A 313 -42.40 -21.04 3.69
N GLY A 314 -42.89 -20.37 4.73
CA GLY A 314 -44.08 -20.79 5.43
C GLY A 314 -43.90 -20.94 6.93
N GLU A 315 -44.84 -21.65 7.55
CA GLU A 315 -44.78 -22.00 8.96
C GLU A 315 -43.89 -23.22 9.13
N CYS A 316 -42.64 -23.01 9.53
CA CYS A 316 -41.69 -24.12 9.63
C CYS A 316 -40.99 -24.09 10.99
N PRO A 317 -40.34 -25.22 11.36
CA PRO A 317 -39.45 -25.41 12.51
C PRO A 317 -38.50 -24.23 12.69
N LYS A 318 -37.27 -24.52 13.13
CA LYS A 318 -36.28 -23.49 13.37
C LYS A 318 -34.95 -24.03 12.90
N TYR A 319 -34.32 -23.34 11.97
CA TYR A 319 -33.14 -23.87 11.32
C TYR A 319 -31.94 -23.76 12.24
N VAL A 320 -31.19 -24.85 12.33
CA VAL A 320 -30.02 -24.93 13.18
C VAL A 320 -28.93 -25.76 12.51
N LYS A 321 -27.72 -25.65 13.03
CA LYS A 321 -26.54 -26.25 12.41
C LYS A 321 -26.00 -27.43 13.23
N SER A 322 -26.71 -28.55 13.24
CA SER A 322 -26.22 -29.75 13.95
C SER A 322 -26.79 -31.06 13.39
N GLU A 323 -25.93 -32.06 13.24
CA GLU A 323 -26.31 -33.30 12.56
C GLU A 323 -27.37 -34.08 13.35
N ARG A 324 -27.48 -33.78 14.64
CA ARG A 324 -28.43 -34.49 15.51
C ARG A 324 -28.73 -33.77 16.84
N LEU A 325 -29.78 -34.23 17.51
CA LEU A 325 -30.30 -33.57 18.72
C LEU A 325 -31.14 -34.52 19.58
N VAL A 326 -30.51 -35.43 20.33
CA VAL A 326 -31.30 -36.44 21.06
C VAL A 326 -31.59 -36.17 22.55
N LEU A 327 -32.89 -36.17 22.85
CA LEU A 327 -33.45 -35.96 24.19
C LEU A 327 -33.57 -37.30 24.93
N ALA A 328 -33.18 -37.31 26.22
CA ALA A 328 -33.35 -38.51 27.06
C ALA A 328 -34.80 -38.66 27.49
N THR A 329 -35.38 -39.85 27.28
CA THR A 329 -36.73 -40.14 27.78
C THR A 329 -36.73 -41.05 29.02
N GLY A 330 -35.78 -41.98 29.05
CA GLY A 330 -35.68 -42.94 30.14
C GLY A 330 -34.44 -42.78 30.99
N LEU A 331 -34.08 -43.87 31.66
CA LEU A 331 -32.95 -43.90 32.58
C LEU A 331 -31.79 -44.52 31.86
N ARG A 332 -30.58 -44.32 32.38
CA ARG A 332 -29.40 -44.81 31.69
C ARG A 332 -29.25 -46.32 31.78
N ASN A 333 -28.17 -46.84 31.19
CA ASN A 333 -27.88 -48.26 31.25
C ASN A 333 -26.45 -48.64 31.60
N VAL A 334 -26.32 -49.76 32.30
CA VAL A 334 -25.03 -50.40 32.60
C VAL A 334 -25.22 -51.87 33.02
N PRO A 335 -26.17 -52.58 32.39
CA PRO A 335 -26.68 -53.88 32.84
C PRO A 335 -25.63 -55.00 32.92
N GLN A 336 -25.99 -56.09 33.61
CA GLN A 336 -25.15 -57.27 33.75
C GLN A 336 -25.94 -58.54 33.44
N GLY A 341 -26.00 -41.73 40.74
CA GLY A 341 -25.53 -40.84 39.69
C GLY A 341 -25.44 -39.41 40.18
N LEU A 342 -26.49 -38.97 40.86
CA LEU A 342 -26.52 -37.65 41.50
C LEU A 342 -27.21 -37.79 42.85
N PHE A 343 -27.98 -38.85 42.98
CA PHE A 343 -28.69 -39.17 44.21
C PHE A 343 -28.22 -40.50 44.79
N GLY A 344 -27.04 -40.95 44.34
CA GLY A 344 -26.45 -42.21 44.75
C GLY A 344 -27.14 -43.48 44.25
N ALA A 345 -28.44 -43.39 43.97
CA ALA A 345 -29.25 -44.58 43.77
C ALA A 345 -28.83 -45.38 42.54
N ILE A 346 -29.05 -44.80 41.35
CA ILE A 346 -28.75 -45.49 40.11
C ILE A 346 -27.26 -45.65 39.96
N ALA A 347 -26.82 -46.88 39.66
CA ALA A 347 -25.41 -47.22 39.46
C ALA A 347 -24.54 -46.91 40.67
N GLY A 348 -25.13 -46.99 41.86
CA GLY A 348 -24.46 -46.61 43.08
C GLY A 348 -24.74 -47.67 44.11
N PHE A 349 -25.44 -47.32 45.17
CA PHE A 349 -25.87 -48.34 46.12
C PHE A 349 -26.64 -49.46 45.40
N ILE A 350 -27.76 -49.17 44.74
CA ILE A 350 -28.25 -50.12 43.73
C ILE A 350 -27.26 -50.14 42.52
N GLU A 351 -26.46 -51.20 42.47
CA GLU A 351 -25.29 -51.27 41.59
C GLU A 351 -25.66 -51.54 40.14
N GLY A 352 -26.87 -52.04 39.93
CA GLY A 352 -27.35 -52.29 38.59
C GLY A 352 -28.86 -52.29 38.52
N GLY A 353 -29.39 -52.80 37.41
CA GLY A 353 -30.82 -52.88 37.19
C GLY A 353 -31.17 -54.20 36.52
N TRP A 354 -32.45 -54.55 36.52
CA TRP A 354 -32.84 -55.90 36.10
C TRP A 354 -33.84 -55.88 34.95
N GLN A 355 -33.59 -56.74 33.97
CA GLN A 355 -34.33 -56.78 32.71
C GLN A 355 -35.69 -57.45 32.81
N GLY A 356 -35.91 -58.14 33.93
CA GLY A 356 -37.17 -58.79 34.18
C GLY A 356 -38.28 -57.79 34.41
N MET A 357 -37.91 -56.53 34.57
CA MET A 357 -38.89 -55.47 34.78
C MET A 357 -39.62 -55.12 33.48
N VAL A 358 -40.62 -55.91 33.14
CA VAL A 358 -41.29 -55.81 31.84
C VAL A 358 -42.69 -55.22 31.91
N ASP A 359 -42.93 -54.40 32.92
CA ASP A 359 -44.25 -53.82 33.15
C ASP A 359 -44.21 -52.32 33.47
N GLY A 360 -43.10 -51.88 34.04
CA GLY A 360 -42.87 -50.48 34.36
C GLY A 360 -41.39 -50.15 34.29
N TRP A 361 -41.02 -48.92 34.61
CA TRP A 361 -39.62 -48.51 34.51
C TRP A 361 -38.80 -49.12 35.63
N TYR A 362 -38.97 -48.57 36.82
CA TYR A 362 -38.30 -49.06 38.03
C TYR A 362 -39.29 -49.76 39.01
N GLY A 363 -38.84 -50.81 39.71
CA GLY A 363 -39.75 -51.55 40.59
C GLY A 363 -39.18 -52.41 41.70
N TYR A 364 -39.67 -53.65 41.78
CA TYR A 364 -39.38 -54.53 42.92
C TYR A 364 -38.84 -55.91 42.56
N HIS A 365 -38.27 -56.56 43.57
CA HIS A 365 -37.60 -57.85 43.46
C HIS A 365 -37.68 -58.39 44.87
N HIS A 366 -38.71 -59.21 45.15
CA HIS A 366 -38.96 -59.68 46.51
C HIS A 366 -39.06 -61.20 46.60
N SER A 367 -38.97 -61.72 47.82
CA SER A 367 -39.04 -63.17 48.04
C SER A 367 -39.90 -63.51 49.25
N ASN A 368 -41.19 -63.77 48.98
CA ASN A 368 -42.14 -64.15 50.04
C ASN A 368 -41.69 -65.44 50.71
N ASP A 369 -42.33 -66.54 50.33
CA ASP A 369 -41.86 -67.89 50.64
C ASP A 369 -42.10 -68.68 49.38
N GLN A 370 -43.01 -68.16 48.56
CA GLN A 370 -43.29 -68.70 47.26
C GLN A 370 -42.56 -67.88 46.20
N GLY A 371 -41.33 -68.28 45.88
CA GLY A 371 -40.55 -67.69 44.80
C GLY A 371 -40.64 -66.18 44.65
N SER A 372 -40.91 -65.74 43.42
CA SER A 372 -40.92 -64.32 43.08
C SER A 372 -39.52 -63.72 43.22
N GLY A 373 -39.16 -62.78 42.36
CA GLY A 373 -40.03 -62.30 41.31
C GLY A 373 -39.77 -60.85 40.98
N TYR A 374 -40.57 -60.31 40.04
CA TYR A 374 -40.47 -58.91 39.65
C TYR A 374 -41.85 -58.24 39.61
N ALA A 375 -41.88 -56.95 39.92
CA ALA A 375 -43.10 -56.15 39.82
C ALA A 375 -42.70 -54.69 39.67
N ALA A 376 -43.63 -53.88 39.15
CA ALA A 376 -43.34 -52.46 38.92
C ALA A 376 -44.50 -51.55 39.32
N ASP A 377 -44.14 -50.31 39.64
CA ASP A 377 -45.09 -49.34 40.19
C ASP A 377 -45.88 -48.60 39.09
N LYS A 378 -47.17 -48.91 38.98
CA LYS A 378 -48.06 -48.18 38.08
C LYS A 378 -48.39 -46.85 38.73
N GLU A 379 -47.38 -46.22 39.31
CA GLU A 379 -47.58 -45.12 40.24
C GLU A 379 -46.24 -44.49 40.62
N SER A 380 -45.30 -44.53 39.68
CA SER A 380 -43.93 -44.09 39.94
C SER A 380 -43.15 -44.27 38.65
N THR A 381 -43.32 -45.43 38.04
CA THR A 381 -42.95 -45.58 36.65
C THR A 381 -43.85 -44.58 35.95
N GLN A 382 -45.02 -44.39 36.55
CA GLN A 382 -46.04 -43.49 36.02
C GLN A 382 -45.84 -42.03 36.41
N LYS A 383 -44.87 -41.76 37.28
CA LYS A 383 -44.56 -40.40 37.66
C LYS A 383 -43.56 -39.81 36.69
N ALA A 384 -42.72 -40.67 36.14
CA ALA A 384 -41.71 -40.23 35.17
C ALA A 384 -42.19 -40.41 33.73
N PHE A 385 -43.38 -40.98 33.56
CA PHE A 385 -43.99 -41.07 32.22
C PHE A 385 -44.58 -39.71 31.90
N ASP A 386 -45.72 -39.37 32.52
CA ASP A 386 -46.36 -38.09 32.28
C ASP A 386 -45.58 -36.91 32.87
N GLY A 387 -44.40 -37.18 33.40
CA GLY A 387 -43.52 -36.14 33.86
C GLY A 387 -42.60 -35.71 32.74
N ILE A 388 -41.71 -36.62 32.32
CA ILE A 388 -40.80 -36.41 31.19
C ILE A 388 -41.56 -35.97 29.94
N THR A 389 -42.80 -36.43 29.85
CA THR A 389 -43.66 -36.03 28.76
C THR A 389 -43.84 -34.51 28.69
N ASN A 390 -44.37 -33.89 29.73
CA ASN A 390 -44.43 -32.42 29.73
C ASN A 390 -43.10 -31.74 29.43
N LYS A 391 -41.99 -32.30 29.92
CA LYS A 391 -40.67 -31.72 29.68
C LYS A 391 -40.27 -31.99 28.24
N VAL A 392 -41.19 -32.60 27.50
CA VAL A 392 -41.00 -32.71 26.07
C VAL A 392 -41.82 -31.62 25.41
N ASN A 393 -43.14 -31.74 25.49
CA ASN A 393 -44.00 -30.74 24.90
C ASN A 393 -43.59 -29.32 25.32
N SER A 394 -43.09 -29.17 26.53
CA SER A 394 -42.62 -27.86 26.97
C SER A 394 -41.56 -27.28 26.04
N VAL A 395 -40.74 -28.16 25.47
CA VAL A 395 -39.69 -27.75 24.54
C VAL A 395 -40.30 -27.42 23.20
N ILE A 396 -41.31 -28.21 22.85
CA ILE A 396 -41.97 -28.13 21.57
C ILE A 396 -43.06 -27.04 21.53
N GLU A 397 -43.94 -27.07 22.52
CA GLU A 397 -45.08 -26.15 22.53
C GLU A 397 -44.62 -24.70 22.60
N LYS A 398 -43.86 -24.36 23.63
CA LYS A 398 -43.59 -22.97 23.96
C LYS A 398 -42.90 -22.16 22.84
N MET A 399 -42.19 -22.87 21.96
CA MET A 399 -41.53 -22.30 20.77
C MET A 399 -42.53 -21.63 19.79
N ASN A 400 -42.26 -20.36 19.42
CA ASN A 400 -43.19 -19.55 18.63
C ASN A 400 -43.11 -19.77 17.10
N THR A 401 -44.24 -19.59 16.41
CA THR A 401 -44.29 -19.74 14.94
C THR A 401 -44.97 -18.58 14.18
N GLN A 402 -44.36 -18.15 13.08
CA GLN A 402 -44.99 -17.17 12.20
C GLN A 402 -44.81 -17.58 10.74
N PHE A 403 -45.58 -16.98 9.85
CA PHE A 403 -45.30 -17.14 8.43
C PHE A 403 -44.12 -16.25 8.05
N GLU A 404 -42.97 -16.88 7.84
CA GLU A 404 -41.81 -16.18 7.33
C GLU A 404 -41.44 -16.75 5.94
N ALA A 405 -40.77 -15.94 5.12
CA ALA A 405 -40.09 -16.47 3.95
C ALA A 405 -38.69 -15.91 3.99
N VAL A 406 -37.75 -16.74 4.40
CA VAL A 406 -36.39 -16.31 4.58
C VAL A 406 -35.71 -15.86 3.26
N GLY A 407 -36.32 -16.21 2.12
CA GLY A 407 -35.78 -15.96 0.79
C GLY A 407 -35.17 -14.59 0.61
N LYS A 408 -35.71 -13.82 -0.35
CA LYS A 408 -35.41 -12.40 -0.61
C LYS A 408 -34.16 -12.01 -1.45
N GLU A 409 -34.30 -10.89 -2.17
CA GLU A 409 -33.47 -10.52 -3.33
C GLU A 409 -32.76 -9.16 -3.18
N PHE A 410 -31.66 -8.94 -3.90
CA PHE A 410 -30.89 -7.69 -3.77
C PHE A 410 -30.16 -7.29 -5.05
N SER A 411 -30.10 -5.99 -5.31
CA SER A 411 -29.49 -5.53 -6.56
C SER A 411 -27.99 -5.74 -6.51
N ASN A 412 -27.32 -5.59 -7.65
CA ASN A 412 -25.88 -5.69 -7.67
C ASN A 412 -25.30 -4.58 -6.81
N LEU A 413 -26.15 -3.59 -6.55
CA LEU A 413 -25.73 -2.41 -5.79
C LEU A 413 -26.34 -2.30 -4.39
N GLU A 414 -26.82 -3.43 -3.87
CA GLU A 414 -27.31 -3.50 -2.49
C GLU A 414 -26.47 -4.54 -1.76
N LYS A 415 -25.16 -4.42 -1.91
CA LYS A 415 -24.27 -5.45 -1.42
C LYS A 415 -24.15 -5.37 0.08
N ARG A 416 -23.94 -4.17 0.58
CA ARG A 416 -23.86 -3.98 2.03
C ARG A 416 -25.12 -4.50 2.71
N LEU A 417 -26.27 -4.37 2.04
CA LEU A 417 -27.56 -4.65 2.64
C LEU A 417 -27.87 -6.13 2.68
N GLU A 418 -27.81 -6.77 1.53
CA GLU A 418 -27.98 -8.20 1.42
C GLU A 418 -26.96 -8.88 2.32
N ASN A 419 -25.91 -8.13 2.66
CA ASN A 419 -24.95 -8.55 3.66
C ASN A 419 -25.42 -8.22 5.07
N LEU A 420 -26.04 -7.06 5.25
CA LEU A 420 -26.56 -6.68 6.55
C LEU A 420 -27.58 -7.69 6.99
N ASN A 421 -28.29 -8.21 6.01
CA ASN A 421 -29.35 -9.16 6.25
C ASN A 421 -28.84 -10.59 6.40
N LYS A 422 -27.54 -10.81 6.21
CA LYS A 422 -26.95 -12.12 6.37
C LYS A 422 -26.22 -12.24 7.69
N LYS A 423 -25.49 -11.20 8.08
CA LYS A 423 -24.91 -11.15 9.41
C LYS A 423 -26.06 -11.18 10.43
N MET A 424 -27.27 -10.87 9.98
CA MET A 424 -28.44 -11.15 10.81
C MET A 424 -28.75 -12.66 10.87
N GLU A 425 -29.37 -13.22 9.82
CA GLU A 425 -29.79 -14.62 9.84
C GLU A 425 -28.74 -15.59 10.38
N ASP A 426 -27.47 -15.25 10.16
CA ASP A 426 -26.39 -16.06 10.72
C ASP A 426 -26.35 -15.86 12.21
N GLY A 427 -26.65 -14.64 12.64
CA GLY A 427 -26.60 -14.28 14.05
C GLY A 427 -27.69 -14.95 14.86
N PHE A 428 -28.76 -15.34 14.17
CA PHE A 428 -29.84 -16.10 14.78
C PHE A 428 -29.52 -17.57 14.69
N LEU A 429 -28.93 -17.98 13.58
CA LEU A 429 -28.42 -19.34 13.44
C LEU A 429 -27.49 -19.67 14.59
N ASP A 430 -26.55 -18.78 14.88
CA ASP A 430 -25.64 -18.93 16.00
C ASP A 430 -26.40 -19.02 17.32
N VAL A 431 -27.47 -18.23 17.43
CA VAL A 431 -28.29 -18.19 18.64
C VAL A 431 -29.17 -19.44 18.81
N TRP A 432 -30.17 -19.64 17.97
CA TRP A 432 -30.91 -20.89 18.07
C TRP A 432 -30.00 -22.11 17.97
N THR A 433 -28.78 -22.01 17.47
CA THR A 433 -27.97 -23.23 17.41
C THR A 433 -27.24 -23.54 18.73
N TYR A 434 -26.72 -22.51 19.36
CA TYR A 434 -26.07 -22.66 20.66
C TYR A 434 -27.13 -23.08 21.65
N ASN A 435 -28.18 -22.26 21.75
CA ASN A 435 -29.26 -22.55 22.66
C ASN A 435 -29.84 -23.93 22.39
N ALA A 436 -30.32 -24.17 21.18
CA ALA A 436 -31.07 -25.41 20.91
C ALA A 436 -30.22 -26.64 21.05
N GLU A 437 -29.22 -26.58 21.92
CA GLU A 437 -28.25 -27.64 22.00
C GLU A 437 -27.49 -27.65 23.33
N LEU A 438 -27.70 -26.61 24.13
CA LEU A 438 -27.31 -26.69 25.53
C LEU A 438 -28.56 -27.06 26.37
N LEU A 439 -29.72 -26.79 25.79
CA LEU A 439 -30.96 -27.33 26.31
C LEU A 439 -30.95 -28.86 26.14
N VAL A 440 -30.06 -29.38 25.30
CA VAL A 440 -29.94 -30.81 25.13
C VAL A 440 -28.89 -31.39 26.08
N LEU A 441 -27.82 -30.63 26.32
CA LEU A 441 -26.74 -31.07 27.22
C LEU A 441 -27.12 -31.02 28.73
N MET A 442 -27.62 -29.86 29.15
CA MET A 442 -28.43 -29.74 30.35
C MET A 442 -29.69 -30.59 30.10
N GLU A 443 -30.74 -30.38 30.88
CA GLU A 443 -32.04 -31.04 30.69
C GLU A 443 -32.00 -32.52 30.39
N ASN A 444 -30.85 -33.00 29.95
CA ASN A 444 -30.57 -34.41 29.82
C ASN A 444 -30.08 -34.91 31.18
N GLU A 445 -29.13 -34.18 31.74
CA GLU A 445 -28.69 -34.40 33.11
C GLU A 445 -29.92 -34.26 34.00
N MET A 446 -30.70 -33.21 33.78
CA MET A 446 -31.91 -32.98 34.55
C MET A 446 -33.11 -33.79 34.05
N THR A 447 -32.94 -35.10 33.94
CA THR A 447 -33.90 -35.94 33.25
C THR A 447 -33.36 -37.35 33.39
N LEU A 448 -32.15 -37.41 33.91
CA LEU A 448 -31.46 -38.65 34.13
C LEU A 448 -31.38 -38.84 35.66
N ASP A 449 -31.05 -37.75 36.35
CA ASP A 449 -31.10 -37.69 37.78
C ASP A 449 -32.55 -37.77 38.22
N PHE A 450 -33.45 -37.19 37.44
CA PHE A 450 -34.87 -37.34 37.73
C PHE A 450 -35.19 -38.83 37.93
N HIS A 451 -34.54 -39.68 37.14
CA HIS A 451 -34.77 -41.10 37.24
C HIS A 451 -34.01 -41.72 38.40
N ASP A 452 -32.92 -41.06 38.80
CA ASP A 452 -32.12 -41.47 39.98
C ASP A 452 -32.91 -41.21 41.25
N SER A 453 -33.23 -39.95 41.48
CA SER A 453 -34.21 -39.55 42.47
C SER A 453 -35.39 -40.50 42.53
N ASN A 454 -36.17 -40.55 41.46
CA ASN A 454 -37.38 -41.37 41.49
C ASN A 454 -37.20 -42.76 42.14
N VAL A 455 -36.09 -43.42 41.82
CA VAL A 455 -35.74 -44.74 42.35
C VAL A 455 -35.54 -44.73 43.86
N LYS A 456 -34.50 -43.99 44.26
CA LYS A 456 -34.14 -43.71 45.64
C LYS A 456 -35.30 -43.12 46.46
N ASN A 457 -36.43 -42.87 45.82
CA ASN A 457 -37.61 -42.45 46.55
C ASN A 457 -38.68 -43.56 46.61
N LEU A 458 -38.57 -44.52 45.70
CA LEU A 458 -39.36 -45.75 45.83
C LEU A 458 -38.55 -46.68 46.72
N TYR A 459 -37.35 -46.22 47.05
CA TYR A 459 -36.51 -46.91 48.00
C TYR A 459 -36.95 -46.42 49.36
N ASP A 460 -36.55 -45.22 49.73
CA ASP A 460 -36.87 -44.68 51.04
C ASP A 460 -38.37 -44.76 51.40
N LYS A 461 -39.22 -44.91 50.38
CA LYS A 461 -40.64 -45.16 50.64
C LYS A 461 -40.77 -46.45 51.43
N VAL A 462 -40.47 -47.57 50.77
CA VAL A 462 -40.42 -48.87 51.43
C VAL A 462 -39.13 -48.98 52.26
N ARG A 463 -39.21 -48.44 53.47
CA ARG A 463 -38.07 -48.35 54.38
C ARG A 463 -38.50 -47.38 55.46
N MET A 464 -39.00 -46.21 55.06
CA MET A 464 -39.58 -45.26 56.01
C MET A 464 -40.92 -45.80 56.52
N GLN A 465 -41.11 -47.10 56.31
CA GLN A 465 -42.21 -47.86 56.90
C GLN A 465 -41.62 -48.93 57.81
N LEU A 466 -40.78 -49.78 57.21
CA LEU A 466 -40.11 -50.92 57.87
C LEU A 466 -39.17 -50.58 59.05
N ARG A 467 -38.32 -49.57 58.88
CA ARG A 467 -37.43 -49.12 59.95
C ARG A 467 -36.41 -50.19 60.37
N ASP A 468 -36.75 -50.96 61.41
CA ASP A 468 -35.84 -51.98 61.92
C ASP A 468 -36.41 -53.40 61.82
N ASN A 469 -37.66 -53.52 61.38
CA ASN A 469 -38.24 -54.81 61.07
C ASN A 469 -37.46 -55.46 59.95
N VAL A 470 -36.33 -54.83 59.59
CA VAL A 470 -35.51 -55.23 58.45
C VAL A 470 -34.09 -54.67 58.54
N LYS A 471 -33.08 -55.50 58.27
CA LYS A 471 -31.70 -55.02 58.23
C LYS A 471 -31.29 -54.64 56.80
N GLU A 472 -30.92 -53.37 56.64
CA GLU A 472 -30.64 -52.79 55.32
C GLU A 472 -29.26 -53.18 54.82
N LEU A 473 -29.20 -53.64 53.57
CA LEU A 473 -27.99 -54.30 53.04
C LEU A 473 -26.86 -53.37 52.56
N GLY A 474 -27.21 -52.30 51.84
CA GLY A 474 -26.21 -51.39 51.28
C GLY A 474 -25.95 -51.70 49.82
N ASN A 475 -26.84 -52.51 49.26
CA ASN A 475 -26.74 -53.02 47.91
C ASN A 475 -28.05 -52.73 47.16
N GLY A 476 -29.08 -52.39 47.92
CA GLY A 476 -30.39 -52.10 47.37
C GLY A 476 -31.49 -52.95 47.97
N CYS A 477 -31.19 -54.22 48.21
CA CYS A 477 -32.19 -55.14 48.73
C CYS A 477 -32.32 -55.05 50.26
N PHE A 478 -33.47 -55.48 50.77
CA PHE A 478 -33.75 -55.43 52.22
C PHE A 478 -33.73 -56.80 52.90
N GLU A 479 -33.12 -56.88 54.07
CA GLU A 479 -33.15 -58.11 54.89
C GLU A 479 -34.30 -58.07 55.89
N PHE A 480 -35.38 -58.73 55.51
CA PHE A 480 -36.60 -58.76 56.31
C PHE A 480 -36.42 -59.70 57.50
N TYR A 481 -36.85 -59.25 58.67
CA TYR A 481 -36.70 -60.03 59.91
C TYR A 481 -37.85 -61.00 60.16
N HIS A 482 -38.62 -61.33 59.12
CA HIS A 482 -39.77 -62.23 59.30
C HIS A 482 -40.51 -62.64 58.04
N LYS A 483 -41.78 -62.99 58.22
CA LYS A 483 -42.63 -63.54 57.17
C LYS A 483 -43.61 -62.51 56.63
N CYS A 484 -43.41 -62.16 55.35
CA CYS A 484 -44.29 -61.21 54.67
C CYS A 484 -44.95 -61.88 53.48
N ASP A 485 -46.17 -62.36 53.68
CA ASP A 485 -46.94 -63.01 52.62
C ASP A 485 -47.19 -62.05 51.46
N ASP A 486 -48.07 -62.43 50.55
CA ASP A 486 -48.48 -61.52 49.50
C ASP A 486 -49.05 -60.28 50.16
N GLU A 487 -50.13 -60.49 50.92
CA GLU A 487 -50.91 -59.41 51.53
C GLU A 487 -50.10 -58.43 52.38
N CYS A 488 -48.90 -58.83 52.82
CA CYS A 488 -48.03 -57.95 53.59
C CYS A 488 -47.11 -57.14 52.69
N MET A 489 -46.50 -57.79 51.70
CA MET A 489 -45.63 -57.13 50.73
C MET A 489 -46.48 -56.35 49.73
N ASN A 490 -47.46 -57.05 49.17
CA ASN A 490 -48.55 -56.41 48.45
C ASN A 490 -49.29 -55.43 49.38
N SER A 491 -48.66 -55.07 50.49
CA SER A 491 -49.16 -54.00 51.34
C SER A 491 -48.00 -53.06 51.67
N VAL A 492 -46.79 -53.61 51.64
CA VAL A 492 -45.59 -52.81 51.74
C VAL A 492 -45.54 -51.89 50.53
N LYS A 493 -46.09 -52.42 49.42
CA LYS A 493 -46.12 -51.72 48.14
C LYS A 493 -47.42 -50.93 47.97
N ASN A 494 -48.53 -51.50 48.39
CA ASN A 494 -49.81 -50.80 48.35
C ASN A 494 -49.77 -49.51 49.16
N GLY A 495 -48.69 -49.32 49.91
CA GLY A 495 -48.53 -48.12 50.74
C GLY A 495 -48.79 -48.35 52.22
N THR A 496 -49.76 -49.21 52.53
CA THR A 496 -50.12 -49.52 53.92
C THR A 496 -49.36 -50.71 54.47
N TYR A 497 -48.55 -50.46 55.50
CA TYR A 497 -47.68 -51.47 56.09
C TYR A 497 -48.17 -51.82 57.49
N ASP A 498 -47.28 -52.34 58.34
CA ASP A 498 -47.65 -52.71 59.70
C ASP A 498 -46.47 -52.82 60.69
N TYR A 499 -46.25 -51.77 61.47
CA TYR A 499 -45.25 -51.80 62.51
C TYR A 499 -45.93 -52.04 63.85
N SER A 500 -47.25 -52.01 63.84
CA SER A 500 -48.04 -52.24 65.03
C SER A 500 -48.31 -53.73 65.21
N LYS A 501 -47.51 -54.57 64.57
CA LYS A 501 -47.70 -56.01 64.65
C LYS A 501 -46.43 -56.79 64.35
N TYR A 502 -45.59 -56.23 63.49
CA TYR A 502 -44.33 -56.86 63.16
C TYR A 502 -43.20 -56.30 64.03
N GLU A 503 -43.57 -55.69 65.16
CA GLU A 503 -42.59 -55.23 66.14
C GLU A 503 -42.18 -56.41 67.03
N GLU A 504 -42.85 -57.54 66.84
CA GLU A 504 -42.55 -58.77 67.57
C GLU A 504 -41.76 -59.74 66.71
N GLU A 505 -40.44 -59.67 66.81
CA GLU A 505 -39.57 -60.67 66.16
C GLU A 505 -38.11 -60.25 66.19
N SER A 506 -37.40 -60.67 67.23
CA SER A 506 -35.97 -60.39 67.33
C SER A 506 -35.16 -61.56 66.75
N LYS A 507 -34.44 -61.29 65.66
CA LYS A 507 -33.54 -62.25 65.02
C LYS A 507 -34.29 -63.27 64.15
N ILE B 18 -40.19 -35.40 68.13
CA ILE B 18 -39.85 -34.28 67.25
C ILE B 18 -40.22 -34.55 65.79
N CYS B 19 -40.88 -33.58 65.17
CA CYS B 19 -41.38 -33.77 63.80
C CYS B 19 -40.83 -32.78 62.77
N VAL B 20 -40.37 -33.31 61.65
CA VAL B 20 -39.87 -32.48 60.57
C VAL B 20 -40.97 -32.21 59.56
N GLY B 21 -41.15 -30.94 59.25
CA GLY B 21 -42.16 -30.51 58.29
C GLY B 21 -41.96 -29.11 57.74
N TYR B 22 -42.84 -28.73 56.81
CA TYR B 22 -42.68 -27.50 56.05
C TYR B 22 -43.93 -26.64 56.05
N HIS B 23 -43.74 -25.34 55.88
CA HIS B 23 -44.84 -24.39 55.87
C HIS B 23 -45.89 -24.75 54.80
N SER B 24 -47.14 -24.48 55.13
CA SER B 24 -48.23 -24.56 54.19
C SER B 24 -49.06 -23.34 54.52
N ASN B 25 -49.95 -22.93 53.63
CA ASN B 25 -50.74 -21.74 53.92
C ASN B 25 -51.91 -21.53 52.97
N ASN B 26 -52.61 -20.41 53.16
CA ASN B 26 -53.81 -20.12 52.39
C ASN B 26 -53.51 -19.43 51.07
N SER B 27 -52.55 -19.95 50.32
CA SER B 27 -52.16 -19.39 49.03
C SER B 27 -52.86 -20.12 47.90
N THR B 28 -53.30 -19.37 46.91
CA THR B 28 -53.98 -19.95 45.76
C THR B 28 -53.20 -19.75 44.46
N GLU B 29 -52.03 -19.13 44.56
CA GLU B 29 -51.27 -18.76 43.38
C GLU B 29 -50.66 -19.96 42.67
N LYS B 30 -50.72 -19.94 41.35
CA LYS B 30 -50.18 -21.00 40.51
C LYS B 30 -48.94 -20.60 39.73
N VAL B 31 -48.02 -21.54 39.61
CA VAL B 31 -46.84 -21.38 38.80
C VAL B 31 -46.82 -22.56 37.86
N ASP B 32 -46.09 -22.45 36.75
CA ASP B 32 -45.91 -23.60 35.87
C ASP B 32 -44.48 -24.09 35.97
N THR B 33 -44.30 -25.39 35.83
CA THR B 33 -42.97 -25.98 35.80
C THR B 33 -42.86 -26.81 34.55
N ILE B 34 -41.71 -27.44 34.35
CA ILE B 34 -41.51 -28.16 33.11
C ILE B 34 -42.29 -29.47 33.07
N LEU B 35 -42.44 -30.08 34.24
CA LEU B 35 -43.11 -31.38 34.37
C LEU B 35 -44.62 -31.29 34.70
N GLU B 36 -45.09 -30.12 35.12
CA GLU B 36 -46.45 -29.99 35.63
C GLU B 36 -46.99 -28.57 35.58
N ARG B 37 -48.25 -28.41 35.22
CA ARG B 37 -48.82 -27.07 35.08
C ARG B 37 -49.66 -26.67 36.28
N ASN B 38 -49.96 -25.38 36.36
CA ASN B 38 -50.83 -24.83 37.39
C ASN B 38 -50.59 -25.42 38.78
N VAL B 39 -49.32 -25.56 39.14
CA VAL B 39 -48.90 -26.04 40.45
C VAL B 39 -49.11 -24.98 41.53
N THR B 40 -49.87 -25.30 42.58
CA THR B 40 -50.09 -24.33 43.64
C THR B 40 -48.88 -24.16 44.54
N VAL B 41 -48.53 -22.90 44.86
CA VAL B 41 -47.35 -22.65 45.64
C VAL B 41 -47.60 -21.69 46.81
N THR B 42 -46.80 -21.81 47.86
CA THR B 42 -46.92 -20.97 49.04
C THR B 42 -46.76 -19.50 48.67
N HIS B 43 -45.79 -19.22 47.80
CA HIS B 43 -45.51 -17.85 47.36
C HIS B 43 -44.81 -17.80 46.00
N ALA B 44 -45.27 -16.89 45.15
CA ALA B 44 -44.71 -16.72 43.81
C ALA B 44 -44.34 -15.27 43.55
N GLN B 45 -44.06 -14.95 42.30
CA GLN B 45 -43.72 -13.58 41.93
C GLN B 45 -43.89 -13.31 40.46
N ASP B 46 -44.62 -12.25 40.16
CA ASP B 46 -44.92 -11.88 38.79
C ASP B 46 -43.83 -10.97 38.27
N ILE B 47 -43.16 -11.40 37.21
CA ILE B 47 -42.11 -10.58 36.62
C ILE B 47 -42.56 -9.91 35.31
N LEU B 48 -43.76 -10.19 34.86
CA LEU B 48 -44.28 -9.62 33.65
C LEU B 48 -45.29 -8.50 33.88
N GLU B 49 -44.90 -7.25 33.60
CA GLU B 49 -45.81 -6.12 33.71
C GLU B 49 -46.85 -6.24 32.61
N LYS B 50 -48.13 -6.04 32.96
CA LYS B 50 -49.23 -6.32 32.05
C LYS B 50 -50.15 -5.13 31.89
N THR B 51 -49.90 -4.05 32.62
CA THR B 51 -50.85 -2.94 32.66
C THR B 51 -50.23 -1.57 32.41
N HIS B 52 -50.97 -0.73 31.70
CA HIS B 52 -50.49 0.57 31.28
C HIS B 52 -51.34 1.75 31.76
N ASN B 53 -50.63 2.86 31.96
CA ASN B 53 -51.17 4.18 32.24
C ASN B 53 -52.47 4.51 31.50
N GLY B 54 -52.45 4.36 30.18
CA GLY B 54 -53.63 4.61 29.35
C GLY B 54 -53.60 5.97 28.70
N LYS B 55 -52.64 6.78 29.11
CA LYS B 55 -52.50 8.11 28.53
C LYS B 55 -51.07 8.36 28.01
N LEU B 56 -50.96 9.28 27.06
CA LEU B 56 -49.66 9.65 26.50
C LEU B 56 -49.11 10.83 27.27
N CYS B 57 -47.84 10.73 27.67
CA CYS B 57 -47.28 11.66 28.64
C CYS B 57 -45.87 12.10 28.32
N LYS B 58 -45.33 13.01 29.13
CA LYS B 58 -43.96 13.45 28.93
C LYS B 58 -43.05 12.26 29.10
N LEU B 59 -41.84 12.37 28.55
CA LEU B 59 -40.83 11.31 28.62
C LEU B 59 -39.54 11.87 29.19
N ASN B 60 -39.37 11.74 30.51
CA ASN B 60 -38.28 12.40 31.23
C ASN B 60 -38.53 13.88 31.39
N GLY B 61 -39.79 14.24 31.63
CA GLY B 61 -40.18 15.64 31.77
C GLY B 61 -40.39 16.35 30.44
N ILE B 62 -39.49 16.07 29.49
CA ILE B 62 -39.59 16.63 28.14
C ILE B 62 -40.85 16.14 27.44
N PRO B 63 -41.67 17.07 26.93
CA PRO B 63 -42.91 16.68 26.26
C PRO B 63 -42.63 16.16 24.86
N PRO B 64 -43.64 15.61 24.18
CA PRO B 64 -43.51 15.24 22.79
C PRO B 64 -43.87 16.45 21.94
N LEU B 65 -43.88 16.27 20.62
CA LEU B 65 -44.42 17.26 19.71
C LEU B 65 -45.77 16.75 19.19
N GLU B 66 -46.86 17.38 19.63
CA GLU B 66 -48.19 16.99 19.16
C GLU B 66 -48.42 17.57 17.78
N LEU B 67 -48.75 16.72 16.83
CA LEU B 67 -49.01 17.18 15.46
C LEU B 67 -50.49 17.12 15.14
N GLY B 68 -51.30 16.54 16.02
CA GLY B 68 -52.71 16.43 15.73
C GLY B 68 -52.89 15.78 14.37
N ASP B 69 -53.77 16.31 13.54
CA ASP B 69 -54.00 15.75 12.20
C ASP B 69 -53.10 16.36 11.11
N CYS B 70 -51.94 16.86 11.53
CA CYS B 70 -50.91 17.33 10.62
C CYS B 70 -49.80 16.30 10.45
N SER B 71 -49.02 16.48 9.40
CA SER B 71 -47.89 15.59 9.08
C SER B 71 -46.60 16.40 9.15
N ILE B 72 -45.48 15.70 9.31
CA ILE B 72 -44.20 16.38 9.46
C ILE B 72 -43.91 17.30 8.27
N ALA B 73 -44.29 16.86 7.08
CA ALA B 73 -44.15 17.69 5.90
C ALA B 73 -45.04 18.93 6.02
N GLY B 74 -46.30 18.72 6.35
CA GLY B 74 -47.24 19.81 6.50
C GLY B 74 -46.74 20.83 7.51
N TRP B 75 -46.24 20.35 8.63
CA TRP B 75 -45.70 21.21 9.69
C TRP B 75 -44.53 22.07 9.21
N LEU B 76 -43.47 21.41 8.71
CA LEU B 76 -42.24 22.11 8.31
C LEU B 76 -42.44 23.03 7.11
N LEU B 77 -43.30 22.63 6.17
CA LEU B 77 -43.57 23.48 5.04
C LEU B 77 -44.45 24.66 5.45
N GLY B 78 -45.34 24.44 6.41
CA GLY B 78 -46.22 25.49 6.86
C GLY B 78 -47.59 25.51 6.21
N ASN B 79 -48.05 24.33 5.77
CA ASN B 79 -49.43 24.17 5.33
C ASN B 79 -50.30 25.02 6.24
N PRO B 80 -51.11 25.93 5.66
CA PRO B 80 -51.97 26.86 6.38
C PRO B 80 -52.91 26.18 7.38
N GLU B 81 -53.11 24.88 7.22
CA GLU B 81 -53.98 24.14 8.11
C GLU B 81 -53.19 23.74 9.35
N CYS B 82 -51.88 23.88 9.28
CA CYS B 82 -50.99 23.55 10.39
C CYS B 82 -50.56 24.79 11.17
N ASP B 83 -51.09 25.95 10.81
CA ASP B 83 -50.73 27.20 11.48
C ASP B 83 -50.82 27.06 12.99
N ARG B 84 -51.92 26.49 13.45
CA ARG B 84 -52.21 26.36 14.88
C ARG B 84 -51.38 25.27 15.55
N LEU B 85 -50.06 25.46 15.57
CA LEU B 85 -49.18 24.50 16.23
C LEU B 85 -48.31 25.20 17.27
N LEU B 86 -48.09 24.52 18.39
CA LEU B 86 -47.18 24.99 19.43
C LEU B 86 -45.93 24.12 19.42
N THR B 87 -44.78 24.75 19.16
CA THR B 87 -43.54 24.01 19.00
C THR B 87 -42.50 24.29 20.07
N VAL B 88 -42.63 23.60 21.20
CA VAL B 88 -41.60 23.64 22.22
C VAL B 88 -40.29 23.31 21.52
N PRO B 89 -39.33 24.26 21.54
CA PRO B 89 -38.04 24.13 20.86
C PRO B 89 -37.35 22.80 21.13
N GLU B 90 -37.78 22.11 22.17
CA GLU B 90 -37.22 20.81 22.52
C GLU B 90 -38.34 19.82 22.79
N TRP B 91 -38.27 18.67 22.13
CA TRP B 91 -39.21 17.57 22.40
C TRP B 91 -38.45 16.26 22.56
N SER B 92 -39.11 15.26 23.15
CA SER B 92 -38.50 13.95 23.37
C SER B 92 -38.96 12.96 22.31
N TYR B 93 -40.24 12.99 21.97
CA TYR B 93 -40.76 12.18 20.86
C TYR B 93 -41.80 12.97 20.01
N ILE B 94 -42.16 12.45 18.84
CA ILE B 94 -43.17 13.12 18.02
C ILE B 94 -44.42 12.27 17.86
N MET B 95 -45.61 12.87 18.04
CA MET B 95 -46.86 12.14 17.86
C MET B 95 -47.52 12.51 16.55
N GLU B 96 -47.58 11.57 15.62
CA GLU B 96 -48.12 11.83 14.30
C GLU B 96 -49.25 10.85 14.04
N LYS B 97 -50.37 11.33 13.51
CA LYS B 97 -51.44 10.41 13.14
C LYS B 97 -50.93 9.38 12.14
N GLU B 98 -51.65 8.29 11.98
CA GLU B 98 -51.26 7.29 11.00
C GLU B 98 -51.32 7.89 9.60
N ASN B 99 -52.47 8.46 9.27
CA ASN B 99 -52.66 9.16 8.00
C ASN B 99 -53.21 10.56 8.21
N PRO B 100 -52.32 11.51 8.48
CA PRO B 100 -52.70 12.92 8.68
C PRO B 100 -53.53 13.45 7.51
N ARG B 101 -54.45 14.37 7.76
CA ARG B 101 -55.21 14.99 6.68
C ARG B 101 -54.35 16.05 6.01
N ASN B 102 -53.63 16.77 6.87
CA ASN B 102 -52.93 17.98 6.44
C ASN B 102 -51.46 17.77 6.10
N GLY B 103 -51.19 17.33 4.88
CA GLY B 103 -49.82 17.13 4.44
C GLY B 103 -49.39 18.23 3.48
N LEU B 104 -48.93 17.80 2.32
CA LEU B 104 -48.64 18.74 1.27
C LEU B 104 -50.01 19.11 0.75
N CYS B 105 -50.44 20.33 1.04
CA CYS B 105 -51.74 20.82 0.59
C CYS B 105 -51.72 21.00 -0.92
N TYR B 106 -50.66 21.62 -1.42
CA TYR B 106 -50.39 21.56 -2.84
C TYR B 106 -49.74 20.21 -3.14
N PRO B 107 -50.33 19.44 -4.04
CA PRO B 107 -49.88 18.08 -4.31
C PRO B 107 -48.41 18.05 -4.71
N GLY B 108 -47.77 16.89 -4.51
CA GLY B 108 -46.40 16.71 -4.92
C GLY B 108 -45.73 15.60 -4.18
N SER B 109 -44.43 15.74 -3.95
CA SER B 109 -43.68 14.73 -3.24
C SER B 109 -42.62 15.38 -2.37
N PHE B 110 -42.08 14.58 -1.46
CA PHE B 110 -41.01 15.03 -0.58
C PHE B 110 -39.87 14.00 -0.67
N ASN B 111 -38.67 14.46 -1.00
CA ASN B 111 -37.53 13.58 -1.21
C ASN B 111 -36.78 13.18 0.04
N ASP B 112 -36.50 11.89 0.17
CA ASP B 112 -35.84 11.37 1.36
C ASP B 112 -36.63 11.76 2.60
N TYR B 113 -37.94 11.60 2.53
CA TYR B 113 -38.83 12.05 3.57
C TYR B 113 -38.58 11.30 4.88
N GLU B 114 -38.48 9.98 4.78
CA GLU B 114 -38.27 9.13 5.96
C GLU B 114 -36.94 9.45 6.63
N GLU B 115 -35.90 9.55 5.83
CA GLU B 115 -34.58 9.87 6.36
C GLU B 115 -34.60 11.21 7.08
N LEU B 116 -35.52 12.07 6.67
CA LEU B 116 -35.73 13.32 7.38
C LEU B 116 -36.58 13.13 8.64
N LYS B 117 -37.65 12.35 8.54
CA LYS B 117 -38.43 11.99 9.72
C LYS B 117 -37.50 11.45 10.80
N HIS B 118 -36.66 10.48 10.43
CA HIS B 118 -35.72 9.88 11.35
C HIS B 118 -34.76 10.89 11.91
N LEU B 119 -34.17 11.70 11.03
CA LEU B 119 -33.25 12.74 11.49
C LEU B 119 -33.87 13.63 12.56
N ILE B 120 -35.08 14.13 12.32
CA ILE B 120 -35.72 14.99 13.31
C ILE B 120 -36.52 14.23 14.35
N SER B 121 -36.08 13.00 14.65
CA SER B 121 -36.68 12.20 15.71
C SER B 121 -36.67 12.97 17.00
N SER B 122 -35.47 13.42 17.40
CA SER B 122 -35.31 14.16 18.63
C SER B 122 -34.47 15.42 18.39
N VAL B 123 -34.79 16.47 19.13
CA VAL B 123 -34.10 17.74 18.97
C VAL B 123 -33.83 18.37 20.32
N THR B 124 -32.92 19.33 20.34
CA THR B 124 -32.47 19.94 21.57
C THR B 124 -31.41 21.01 21.31
N HIS B 125 -31.82 22.15 20.78
CA HIS B 125 -33.22 22.48 20.50
C HIS B 125 -33.50 22.63 19.00
N PHE B 126 -34.60 23.29 18.66
CA PHE B 126 -35.07 23.40 17.27
C PHE B 126 -35.81 24.72 17.07
N GLU B 127 -35.14 25.65 16.39
CA GLU B 127 -35.64 27.02 16.32
C GLU B 127 -35.64 27.58 14.90
N LYS B 128 -36.76 28.17 14.49
CA LYS B 128 -36.90 28.67 13.12
C LYS B 128 -36.30 30.05 12.94
N VAL B 129 -35.55 30.26 11.86
CA VAL B 129 -34.98 31.58 11.57
C VAL B 129 -35.22 32.00 10.13
N LYS B 130 -35.49 33.29 9.91
CA LYS B 130 -35.70 33.81 8.56
C LYS B 130 -34.35 33.88 7.86
N ILE B 131 -34.21 33.20 6.72
CA ILE B 131 -32.92 33.16 6.02
C ILE B 131 -32.94 33.87 4.67
N LEU B 132 -34.10 33.87 4.01
CA LEU B 132 -34.25 34.57 2.75
C LEU B 132 -35.55 35.35 2.73
N PRO B 133 -35.58 36.46 3.49
CA PRO B 133 -36.77 37.30 3.65
C PRO B 133 -37.62 37.41 2.39
N LYS B 134 -38.93 37.22 2.54
CA LYS B 134 -39.88 37.15 1.43
C LYS B 134 -39.83 38.34 0.47
N ASP B 135 -39.67 39.53 1.03
CA ASP B 135 -39.78 40.77 0.25
C ASP B 135 -38.46 41.20 -0.39
N ARG B 136 -37.45 40.34 -0.30
CA ARG B 136 -36.16 40.70 -0.87
C ARG B 136 -36.03 40.16 -2.29
N TRP B 137 -37.14 39.65 -2.83
CA TRP B 137 -37.18 39.18 -4.22
C TRP B 137 -37.84 40.22 -5.15
N THR B 138 -37.27 41.43 -5.17
CA THR B 138 -37.90 42.58 -5.82
C THR B 138 -38.12 42.38 -7.32
N GLN B 139 -37.25 41.61 -7.96
CA GLN B 139 -37.36 41.40 -9.40
C GLN B 139 -38.37 40.31 -9.79
N HIS B 140 -39.04 39.73 -8.79
CA HIS B 140 -40.00 38.66 -9.04
C HIS B 140 -41.28 38.83 -8.21
N THR B 141 -42.34 38.17 -8.68
CA THR B 141 -43.61 38.12 -7.95
C THR B 141 -43.56 37.05 -6.84
N THR B 142 -43.88 37.47 -5.62
CA THR B 142 -43.84 36.59 -4.48
C THR B 142 -45.19 36.54 -3.78
N THR B 143 -46.25 36.22 -4.51
CA THR B 143 -47.60 36.26 -3.93
C THR B 143 -48.49 35.11 -4.38
N GLY B 144 -47.99 34.30 -5.32
CA GLY B 144 -48.77 33.21 -5.86
C GLY B 144 -49.15 32.19 -4.83
N GLY B 145 -50.45 31.87 -4.77
CA GLY B 145 -50.99 30.86 -3.87
C GLY B 145 -51.74 29.80 -4.67
N SER B 146 -52.75 29.17 -4.06
CA SER B 146 -53.56 28.21 -4.81
C SER B 146 -54.78 27.74 -4.02
N GLN B 147 -55.77 27.20 -4.73
CA GLN B 147 -56.93 26.64 -4.05
C GLN B 147 -56.50 25.46 -3.20
N GLY B 148 -55.45 24.76 -3.64
CA GLY B 148 -54.91 23.64 -2.90
C GLY B 148 -54.66 24.03 -1.45
N CYS B 149 -54.06 25.19 -1.26
CA CYS B 149 -53.73 25.70 0.07
C CYS B 149 -54.66 26.83 0.49
N ALA B 150 -55.95 26.66 0.28
CA ALA B 150 -56.94 27.72 0.54
C ALA B 150 -57.05 28.05 2.02
N VAL B 151 -57.14 29.34 2.33
CA VAL B 151 -57.26 29.78 3.72
C VAL B 151 -58.70 30.10 4.10
N PHE B 152 -59.15 31.32 3.80
CA PHE B 152 -60.43 31.78 4.35
C PHE B 152 -61.56 32.20 3.39
N ASP B 153 -61.68 31.59 2.21
CA ASP B 153 -60.76 30.60 1.68
C ASP B 153 -60.22 31.11 0.36
N ASN B 154 -59.15 31.89 0.45
CA ASN B 154 -58.51 32.47 -0.72
C ASN B 154 -57.23 31.72 -1.08
N PRO B 155 -56.82 31.78 -2.35
CA PRO B 155 -55.56 31.14 -2.74
C PRO B 155 -54.43 31.50 -1.78
N SER B 156 -53.81 30.50 -1.16
CA SER B 156 -52.69 30.72 -0.26
C SER B 156 -51.58 29.70 -0.50
N PHE B 157 -50.60 29.66 0.39
CA PHE B 157 -49.42 28.83 0.18
C PHE B 157 -48.75 28.45 1.50
N PHE B 158 -47.79 27.54 1.45
CA PHE B 158 -47.03 27.13 2.64
C PHE B 158 -46.39 28.34 3.31
N ARG B 159 -46.79 28.61 4.54
CA ARG B 159 -46.33 29.80 5.25
C ARG B 159 -44.81 29.98 5.25
N ASN B 160 -44.08 28.88 5.22
CA ASN B 160 -42.62 28.94 5.30
C ASN B 160 -41.90 29.01 3.94
N MET B 161 -42.68 28.90 2.85
CA MET B 161 -42.11 28.90 1.53
C MET B 161 -42.59 30.10 0.71
N VAL B 162 -41.83 30.44 -0.33
CA VAL B 162 -42.09 31.63 -1.13
C VAL B 162 -42.16 31.25 -2.60
N TRP B 163 -43.34 31.39 -3.19
CA TRP B 163 -43.56 30.99 -4.59
C TRP B 163 -43.13 32.05 -5.62
N LEU B 164 -41.92 31.94 -6.18
CA LEU B 164 -41.45 32.92 -7.17
C LEU B 164 -42.11 32.76 -8.53
N THR B 165 -42.74 33.82 -9.00
CA THR B 165 -43.30 33.86 -10.35
C THR B 165 -42.71 35.03 -11.15
N LYS B 166 -42.89 35.02 -12.46
CA LYS B 166 -42.39 36.09 -13.32
C LYS B 166 -43.04 37.44 -12.98
N LYS B 167 -42.25 38.50 -13.01
CA LYS B 167 -42.75 39.85 -12.73
C LYS B 167 -43.08 40.60 -14.03
N GLY B 168 -44.34 41.00 -14.15
CA GLY B 168 -44.86 41.54 -15.39
C GLY B 168 -44.82 40.45 -16.43
N SER B 169 -43.73 40.41 -17.19
CA SER B 169 -43.47 39.31 -18.11
C SER B 169 -41.98 39.05 -18.21
N ASN B 170 -41.30 39.11 -17.06
CA ASN B 170 -39.88 38.84 -17.00
C ASN B 170 -39.51 38.05 -15.75
N TYR B 171 -38.99 36.83 -15.95
CA TYR B 171 -38.40 36.07 -14.85
C TYR B 171 -36.89 36.15 -14.92
N PRO B 172 -36.32 37.19 -14.29
CA PRO B 172 -34.87 37.36 -14.28
C PRO B 172 -34.25 36.23 -13.49
N VAL B 173 -32.96 36.01 -13.67
CA VAL B 173 -32.26 35.04 -12.84
C VAL B 173 -32.56 35.32 -11.36
N ALA B 174 -33.13 34.32 -10.68
CA ALA B 174 -33.39 34.42 -9.25
C ALA B 174 -32.14 33.99 -8.51
N LYS B 175 -31.64 34.83 -7.61
CA LYS B 175 -30.47 34.47 -6.84
C LYS B 175 -30.64 34.81 -5.37
N GLY B 176 -30.37 33.82 -4.53
CA GLY B 176 -30.46 33.99 -3.10
C GLY B 176 -29.38 33.20 -2.43
N SER B 177 -28.99 33.60 -1.24
CA SER B 177 -27.97 32.86 -0.52
C SER B 177 -27.96 33.19 0.98
N TYR B 178 -27.49 32.24 1.78
CA TYR B 178 -27.47 32.40 3.21
C TYR B 178 -26.23 31.77 3.78
N ASN B 179 -25.56 32.48 4.69
CA ASN B 179 -24.42 31.94 5.40
C ASN B 179 -24.86 31.53 6.80
N ASN B 180 -24.63 30.27 7.14
CA ASN B 180 -25.05 29.74 8.44
C ASN B 180 -24.19 30.24 9.58
N THR B 181 -24.50 31.45 10.03
CA THR B 181 -23.79 32.07 11.12
C THR B 181 -24.61 31.90 12.39
N SER B 182 -25.51 30.92 12.36
CA SER B 182 -26.47 30.72 13.44
C SER B 182 -25.92 29.92 14.62
N GLY B 183 -24.77 29.29 14.44
CA GLY B 183 -24.13 28.56 15.52
C GLY B 183 -24.44 27.08 15.61
N GLU B 184 -25.54 26.64 14.99
CA GLU B 184 -25.88 25.23 14.94
C GLU B 184 -26.32 24.81 13.54
N GLN B 185 -26.08 23.54 13.20
CA GLN B 185 -26.49 23.02 11.89
C GLN B 185 -27.93 23.46 11.59
N MET B 186 -28.26 23.63 10.31
CA MET B 186 -29.60 24.09 9.95
C MET B 186 -30.27 23.26 8.87
N LEU B 187 -31.52 22.89 9.12
CA LEU B 187 -32.31 22.17 8.13
C LEU B 187 -32.94 23.18 7.20
N ILE B 188 -32.75 23.01 5.89
CA ILE B 188 -33.32 23.93 4.91
C ILE B 188 -34.03 23.16 3.81
N ILE B 189 -35.25 23.58 3.48
CA ILE B 189 -36.08 22.86 2.50
C ILE B 189 -36.38 23.72 1.28
N TRP B 190 -36.35 23.13 0.08
CA TRP B 190 -36.72 23.89 -1.11
C TRP B 190 -37.55 23.09 -2.10
N GLY B 191 -38.27 23.78 -2.96
CA GLY B 191 -39.20 23.14 -3.88
C GLY B 191 -38.90 23.37 -5.34
N VAL B 192 -39.48 22.53 -6.19
CA VAL B 192 -39.44 22.69 -7.62
C VAL B 192 -40.84 22.38 -8.12
N HIS B 193 -41.48 23.34 -8.77
CA HIS B 193 -42.82 23.15 -9.28
C HIS B 193 -42.84 22.52 -10.68
N HIS B 194 -43.71 21.53 -10.87
CA HIS B 194 -43.84 20.84 -12.16
C HIS B 194 -45.22 21.05 -12.77
N PRO B 195 -45.34 21.97 -13.75
CA PRO B 195 -46.63 22.42 -14.27
C PRO B 195 -47.25 21.41 -15.21
N ASN B 196 -48.53 21.59 -15.53
CA ASN B 196 -49.28 20.65 -16.35
C ASN B 196 -48.88 20.57 -17.82
N ASP B 197 -48.59 21.74 -18.40
CA ASP B 197 -48.32 21.84 -19.83
C ASP B 197 -47.24 22.89 -20.11
N GLU B 198 -46.86 23.01 -21.38
CA GLU B 198 -45.83 23.96 -21.78
C GLU B 198 -46.25 25.40 -21.53
N THR B 199 -47.54 25.68 -21.69
CA THR B 199 -48.04 27.05 -21.54
C THR B 199 -48.11 27.53 -20.08
N GLU B 200 -48.58 26.67 -19.17
CA GLU B 200 -48.59 26.99 -17.75
C GLU B 200 -47.17 27.36 -17.35
N GLN B 201 -46.22 26.67 -17.95
CA GLN B 201 -44.81 26.93 -17.70
C GLN B 201 -44.43 28.36 -18.05
N ARG B 202 -44.84 28.80 -19.25
CA ARG B 202 -44.55 30.15 -19.75
C ARG B 202 -45.38 31.18 -19.01
N THR B 203 -46.66 30.89 -18.85
CA THR B 203 -47.55 31.76 -18.11
C THR B 203 -46.92 32.17 -16.78
N LEU B 204 -46.17 31.25 -16.17
CA LEU B 204 -45.71 31.42 -14.80
C LEU B 204 -44.27 31.89 -14.69
N TYR B 205 -43.38 31.24 -15.42
CA TYR B 205 -41.96 31.52 -15.28
C TYR B 205 -41.37 32.00 -16.59
N GLN B 206 -42.24 32.36 -17.53
CA GLN B 206 -41.86 32.87 -18.85
C GLN B 206 -41.08 31.86 -19.71
N ASN B 207 -39.79 31.73 -19.43
CA ASN B 207 -38.91 30.89 -20.23
C ASN B 207 -38.94 29.39 -19.90
N VAL B 208 -39.08 28.56 -20.92
CA VAL B 208 -39.00 27.12 -20.75
C VAL B 208 -37.53 26.72 -20.61
N GLY B 209 -37.28 25.50 -20.14
CA GLY B 209 -35.92 25.07 -19.89
C GLY B 209 -35.33 25.82 -18.71
N ALA B 210 -36.19 26.19 -17.79
CA ALA B 210 -35.75 26.84 -16.57
C ALA B 210 -35.06 25.79 -15.73
N TYR B 211 -34.36 26.24 -14.70
CA TYR B 211 -33.66 25.33 -13.83
C TYR B 211 -33.68 25.87 -12.41
N VAL B 212 -33.47 24.97 -11.46
CA VAL B 212 -33.25 25.32 -10.06
C VAL B 212 -31.94 24.66 -9.63
N SER B 213 -31.01 25.45 -9.13
CA SER B 213 -29.71 24.90 -8.73
C SER B 213 -29.33 25.32 -7.32
N VAL B 214 -29.21 24.35 -6.45
CA VAL B 214 -28.81 24.62 -5.07
C VAL B 214 -27.36 24.20 -4.90
N GLY B 215 -26.65 24.86 -3.99
CA GLY B 215 -25.26 24.53 -3.79
C GLY B 215 -24.73 24.82 -2.40
N THR B 216 -24.01 23.83 -1.84
CA THR B 216 -23.27 24.02 -0.60
C THR B 216 -21.92 23.34 -0.75
N SER B 217 -21.23 23.13 0.36
CA SER B 217 -19.92 22.51 0.31
C SER B 217 -20.05 21.04 -0.01
N THR B 218 -21.24 20.51 0.26
CA THR B 218 -21.46 19.08 0.10
C THR B 218 -22.58 18.79 -0.89
N LEU B 219 -23.47 19.75 -1.08
CA LEU B 219 -24.61 19.57 -1.96
C LEU B 219 -24.39 20.17 -3.33
N ASN B 220 -24.79 19.45 -4.38
CA ASN B 220 -24.76 19.98 -5.71
C ASN B 220 -25.89 19.36 -6.53
N LYS B 221 -26.81 20.19 -7.00
CA LYS B 221 -27.98 19.68 -7.69
C LYS B 221 -28.60 20.73 -8.57
N ARG B 222 -28.94 20.35 -9.78
CA ARG B 222 -29.63 21.23 -10.71
C ARG B 222 -30.88 20.50 -11.15
N SER B 223 -32.02 21.15 -11.02
CA SER B 223 -33.29 20.53 -11.41
C SER B 223 -33.98 21.23 -12.57
N LEU B 224 -34.54 20.45 -13.48
CA LEU B 224 -35.36 20.96 -14.57
C LEU B 224 -36.77 20.48 -14.35
N PRO B 225 -37.75 21.36 -14.53
CA PRO B 225 -39.14 20.95 -14.34
C PRO B 225 -39.51 19.78 -15.23
N GLU B 226 -40.00 18.70 -14.63
CA GLU B 226 -40.51 17.57 -15.37
C GLU B 226 -42.03 17.65 -15.49
N ILE B 227 -42.52 17.79 -16.71
CA ILE B 227 -43.92 18.07 -16.95
C ILE B 227 -44.66 16.85 -17.47
N ALA B 228 -45.92 16.71 -17.07
CA ALA B 228 -46.73 15.60 -17.54
C ALA B 228 -48.20 15.83 -17.23
N THR B 229 -49.06 15.24 -18.03
CA THR B 229 -50.48 15.38 -17.83
C THR B 229 -50.92 14.47 -16.70
N ARG B 230 -51.33 15.07 -15.58
CA ARG B 230 -51.67 14.33 -14.38
C ARG B 230 -53.12 14.60 -14.02
N PRO B 231 -53.74 13.70 -13.22
CA PRO B 231 -55.09 13.91 -12.71
C PRO B 231 -55.10 15.05 -11.70
N GLU B 232 -56.27 15.38 -11.19
CA GLU B 232 -56.38 16.47 -10.23
C GLU B 232 -56.37 15.96 -8.79
N VAL B 233 -55.46 16.50 -8.01
CA VAL B 233 -55.33 16.22 -6.59
C VAL B 233 -55.50 17.54 -5.86
N ASN B 234 -56.57 17.69 -5.09
CA ASN B 234 -56.90 19.00 -4.56
C ASN B 234 -57.12 19.95 -5.73
N GLY B 235 -57.71 19.43 -6.79
CA GLY B 235 -58.02 20.22 -7.96
C GLY B 235 -56.78 20.81 -8.62
N GLN B 236 -55.64 20.23 -8.33
CA GLN B 236 -54.41 20.66 -8.94
C GLN B 236 -53.79 19.57 -9.81
N GLY B 237 -53.23 20.00 -10.94
CA GLY B 237 -52.57 19.11 -11.86
C GLY B 237 -51.09 19.28 -11.69
N GLY B 238 -50.71 20.41 -11.15
CA GLY B 238 -49.31 20.69 -10.90
C GLY B 238 -48.79 19.82 -9.79
N ARG B 239 -47.48 19.87 -9.55
CA ARG B 239 -46.86 19.11 -8.48
C ARG B 239 -45.68 19.90 -7.95
N MET B 240 -45.50 19.89 -6.64
CA MET B 240 -44.29 20.50 -6.08
C MET B 240 -43.42 19.45 -5.42
N GLU B 241 -42.22 19.26 -5.97
CA GLU B 241 -41.30 18.26 -5.45
C GLU B 241 -40.32 18.92 -4.50
N PHE B 242 -40.48 18.64 -3.20
CA PHE B 242 -39.62 19.26 -2.19
C PHE B 242 -38.41 18.41 -1.83
N SER B 243 -37.30 19.09 -1.54
CA SER B 243 -36.05 18.44 -1.17
C SER B 243 -35.47 19.21 -0.01
N TRP B 244 -34.48 18.64 0.68
CA TRP B 244 -33.97 19.28 1.88
C TRP B 244 -32.49 19.03 2.03
N THR B 245 -31.83 19.82 2.86
CA THR B 245 -30.44 19.56 3.19
C THR B 245 -30.13 20.09 4.57
N ILE B 246 -29.03 19.62 5.17
CA ILE B 246 -28.57 20.24 6.39
C ILE B 246 -27.45 21.17 5.99
N LEU B 247 -27.57 22.43 6.40
CA LEU B 247 -26.55 23.42 6.17
C LEU B 247 -25.58 23.47 7.33
N ASP B 248 -24.38 22.93 7.14
CA ASP B 248 -23.39 22.84 8.19
C ASP B 248 -23.03 24.24 8.70
N ILE B 249 -22.41 24.32 9.88
CA ILE B 249 -22.10 25.60 10.50
C ILE B 249 -21.04 26.35 9.71
N TRP B 250 -21.30 27.63 9.48
CA TRP B 250 -20.39 28.50 8.76
C TRP B 250 -20.33 28.13 7.28
N ASP B 251 -21.23 27.27 6.84
CA ASP B 251 -21.30 26.95 5.42
C ASP B 251 -22.40 27.79 4.82
N THR B 252 -22.34 28.03 3.52
CA THR B 252 -23.36 28.84 2.87
C THR B 252 -24.11 28.04 1.81
N ILE B 253 -25.39 28.34 1.64
CA ILE B 253 -26.17 27.69 0.61
C ILE B 253 -26.60 28.74 -0.40
N ASN B 254 -26.38 28.44 -1.68
CA ASN B 254 -26.70 29.34 -2.80
C ASN B 254 -27.79 28.81 -3.71
N PHE B 255 -28.93 29.49 -3.74
CA PHE B 255 -29.99 29.18 -4.70
C PHE B 255 -29.84 30.00 -5.99
N GLU B 256 -30.16 29.38 -7.11
CA GLU B 256 -30.20 30.09 -8.37
C GLU B 256 -31.21 29.46 -9.30
N SER B 257 -32.14 30.26 -9.78
CA SER B 257 -33.21 29.74 -10.62
C SER B 257 -33.66 30.69 -11.72
N THR B 258 -33.83 30.13 -12.92
CA THR B 258 -34.40 30.87 -14.05
C THR B 258 -35.82 30.42 -14.16
N GLY B 259 -36.45 30.23 -13.00
CA GLY B 259 -37.85 29.83 -12.93
C GLY B 259 -38.13 28.46 -12.35
N ASN B 260 -39.32 28.30 -11.77
CA ASN B 260 -39.79 27.02 -11.22
C ASN B 260 -39.38 26.72 -9.79
N LEU B 261 -38.61 27.60 -9.16
CA LEU B 261 -38.15 27.38 -7.81
C LEU B 261 -39.19 27.83 -6.79
N ILE B 262 -39.35 27.06 -5.72
CA ILE B 262 -40.16 27.42 -4.57
C ILE B 262 -39.20 27.61 -3.41
N ALA B 263 -38.59 28.78 -3.32
CA ALA B 263 -37.52 28.98 -2.33
C ALA B 263 -38.05 28.96 -0.91
N PRO B 264 -37.17 28.70 0.07
CA PRO B 264 -37.56 28.80 1.47
C PRO B 264 -37.54 30.26 1.91
N GLU B 265 -38.29 30.60 2.95
CA GLU B 265 -38.10 31.90 3.56
C GLU B 265 -37.40 31.66 4.88
N TYR B 266 -37.71 30.50 5.47
CA TYR B 266 -37.18 30.14 6.79
C TYR B 266 -36.27 28.91 6.76
N GLY B 267 -35.29 28.92 7.65
CA GLY B 267 -34.46 27.77 7.92
C GLY B 267 -34.81 27.29 9.30
N PHE B 268 -34.26 26.14 9.67
CA PHE B 268 -34.55 25.55 10.98
C PHE B 268 -33.26 25.20 11.73
N LYS B 269 -32.94 25.98 12.75
CA LYS B 269 -31.82 25.64 13.61
C LYS B 269 -32.11 24.30 14.28
N ILE B 270 -31.11 23.44 14.32
CA ILE B 270 -31.34 22.10 14.81
C ILE B 270 -30.63 21.94 16.15
N SER B 271 -29.89 20.85 16.31
CA SER B 271 -29.14 20.54 17.55
C SER B 271 -29.59 19.20 18.15
N LYS B 272 -29.03 18.10 17.63
CA LYS B 272 -29.38 16.77 18.13
C LYS B 272 -28.54 16.47 19.35
N ARG B 273 -28.75 15.29 19.93
CA ARG B 273 -27.88 14.78 20.97
C ARG B 273 -28.24 13.33 21.19
N GLY B 274 -29.18 12.85 20.39
CA GLY B 274 -29.61 11.47 20.46
C GLY B 274 -30.44 11.06 19.24
N SER B 275 -31.22 10.00 19.39
CA SER B 275 -32.00 9.46 18.29
C SER B 275 -33.28 8.81 18.83
N SER B 276 -34.33 9.61 18.96
CA SER B 276 -35.62 9.11 19.43
C SER B 276 -36.42 8.49 18.30
N GLY B 277 -37.72 8.71 18.30
CA GLY B 277 -38.57 8.20 17.24
C GLY B 277 -39.91 8.89 17.13
N ILE B 278 -40.68 8.47 16.15
CA ILE B 278 -42.00 9.05 15.92
C ILE B 278 -43.05 8.04 16.32
N MET B 279 -43.87 8.40 17.30
CA MET B 279 -44.93 7.52 17.77
C MET B 279 -46.20 7.76 16.97
N LYS B 280 -46.77 6.71 16.41
CA LYS B 280 -47.97 6.88 15.60
C LYS B 280 -49.19 6.52 16.41
N THR B 281 -49.90 7.56 16.85
CA THR B 281 -51.11 7.39 17.65
C THR B 281 -52.18 8.38 17.20
N GLU B 282 -53.37 8.30 17.79
CA GLU B 282 -54.46 9.22 17.47
C GLU B 282 -54.84 9.99 18.72
N GLY B 283 -53.96 9.93 19.71
CA GLY B 283 -54.20 10.50 21.01
C GLY B 283 -53.77 11.94 21.21
N THR B 284 -53.73 12.38 22.47
CA THR B 284 -53.36 13.75 22.82
C THR B 284 -52.87 13.80 24.25
N LEU B 285 -51.57 14.03 24.44
CA LEU B 285 -50.96 14.03 25.78
C LEU B 285 -51.74 14.87 26.78
N GLU B 286 -51.71 14.45 28.05
CA GLU B 286 -52.42 15.16 29.10
C GLU B 286 -51.57 15.38 30.34
N ASN B 287 -50.25 15.43 30.14
CA ASN B 287 -49.31 15.83 31.19
C ASN B 287 -49.21 14.88 32.38
N CYS B 288 -48.34 13.88 32.25
CA CYS B 288 -48.02 12.98 33.35
C CYS B 288 -46.52 12.75 33.41
N GLU B 289 -46.07 11.52 33.20
CA GLU B 289 -44.63 11.23 33.17
C GLU B 289 -44.39 9.74 32.93
N THR B 290 -43.12 9.38 32.76
CA THR B 290 -42.70 7.98 32.58
C THR B 290 -41.33 7.87 31.94
N LYS B 291 -40.59 6.84 32.31
CA LYS B 291 -39.31 6.55 31.69
C LYS B 291 -39.60 5.77 30.42
N CYS B 292 -40.88 5.55 30.16
CA CYS B 292 -41.29 4.68 29.07
C CYS B 292 -42.72 4.94 28.60
N GLN B 293 -42.87 5.29 27.32
CA GLN B 293 -44.18 5.57 26.75
C GLN B 293 -44.55 4.57 25.67
N THR B 294 -45.84 4.32 25.53
CA THR B 294 -46.34 3.29 24.63
C THR B 294 -47.50 3.86 23.81
N PRO B 295 -47.63 3.42 22.57
CA PRO B 295 -48.75 3.91 21.75
C PRO B 295 -50.10 3.70 22.43
N LEU B 296 -50.14 2.84 23.45
CA LEU B 296 -51.38 2.53 24.15
C LEU B 296 -51.50 3.20 25.53
N GLY B 297 -50.37 3.61 26.08
CA GLY B 297 -50.35 4.26 27.39
C GLY B 297 -48.96 4.14 27.98
N ALA B 298 -48.69 4.86 29.06
CA ALA B 298 -47.37 4.82 29.67
C ALA B 298 -47.18 3.61 30.59
N ILE B 299 -45.93 3.19 30.75
CA ILE B 299 -45.63 2.07 31.64
C ILE B 299 -44.88 2.49 32.90
N ASN B 300 -45.39 2.13 34.07
CA ASN B 300 -44.72 2.41 35.35
C ASN B 300 -44.34 1.10 36.03
N THR B 301 -43.11 0.64 35.83
CA THR B 301 -42.73 -0.67 36.34
C THR B 301 -41.23 -0.88 36.54
N THR B 302 -40.86 -2.07 36.98
CA THR B 302 -39.46 -2.43 37.27
C THR B 302 -39.17 -3.86 36.83
N LEU B 303 -40.20 -4.55 36.33
CA LEU B 303 -40.09 -5.96 36.00
C LEU B 303 -39.42 -6.17 34.62
N PRO B 304 -38.65 -7.25 34.47
CA PRO B 304 -37.82 -7.49 33.30
C PRO B 304 -38.60 -7.54 31.99
N PHE B 305 -39.93 -7.60 32.06
CA PHE B 305 -40.72 -7.81 30.86
C PHE B 305 -42.07 -7.14 30.93
N HIS B 306 -42.56 -6.70 29.79
CA HIS B 306 -43.95 -6.28 29.66
C HIS B 306 -44.50 -6.91 28.40
N ASN B 307 -45.81 -6.85 28.21
CA ASN B 307 -46.41 -7.39 26.98
C ASN B 307 -47.44 -6.43 26.37
N ILE B 308 -47.30 -5.15 26.69
CA ILE B 308 -48.23 -4.12 26.28
C ILE B 308 -48.18 -3.82 24.79
N HIS B 309 -47.00 -3.39 24.31
CA HIS B 309 -46.84 -2.97 22.92
C HIS B 309 -45.38 -2.95 22.53
N PRO B 310 -45.06 -3.44 21.32
CA PRO B 310 -43.68 -3.53 20.82
C PRO B 310 -43.03 -2.16 20.63
N LEU B 311 -43.74 -1.28 19.94
CA LEU B 311 -43.17 -0.02 19.57
C LEU B 311 -43.13 0.96 20.73
N THR B 312 -42.28 0.68 21.71
CA THR B 312 -42.18 1.56 22.87
C THR B 312 -41.16 2.65 22.62
N ILE B 313 -41.16 3.70 23.44
CA ILE B 313 -40.16 4.74 23.36
C ILE B 313 -39.69 5.10 24.76
N GLY B 314 -38.44 4.78 25.05
CA GLY B 314 -37.86 5.09 26.33
C GLY B 314 -36.92 3.98 26.76
N GLU B 315 -36.87 3.71 28.06
CA GLU B 315 -36.12 2.56 28.56
C GLU B 315 -37.11 1.50 28.99
N CYS B 316 -37.24 0.47 28.18
CA CYS B 316 -38.34 -0.47 28.36
C CYS B 316 -37.98 -1.92 28.70
N PRO B 317 -38.74 -2.48 29.63
CA PRO B 317 -38.73 -3.90 29.97
C PRO B 317 -38.79 -4.75 28.70
N LYS B 318 -37.74 -5.47 28.36
CA LYS B 318 -37.75 -6.30 27.15
C LYS B 318 -39.12 -6.88 26.80
N TYR B 319 -39.88 -6.15 26.00
CA TYR B 319 -41.23 -6.56 25.61
C TYR B 319 -41.28 -7.98 25.06
N VAL B 320 -42.05 -8.83 25.73
CA VAL B 320 -42.17 -10.22 25.33
C VAL B 320 -43.60 -10.53 24.92
N LYS B 321 -43.77 -11.64 24.22
CA LYS B 321 -45.07 -11.96 23.62
C LYS B 321 -45.89 -12.94 24.44
N SER B 322 -45.74 -12.90 25.76
CA SER B 322 -46.36 -13.90 26.63
C SER B 322 -47.44 -13.33 27.55
N GLU B 323 -48.40 -14.18 27.90
CA GLU B 323 -49.55 -13.77 28.68
C GLU B 323 -49.22 -13.57 30.16
N ARG B 324 -48.26 -14.34 30.65
CA ARG B 324 -47.83 -14.28 32.05
C ARG B 324 -46.48 -14.94 32.31
N LEU B 325 -45.77 -14.43 33.31
CA LEU B 325 -44.49 -14.97 33.72
C LEU B 325 -44.43 -14.88 35.22
N VAL B 326 -44.60 -16.02 35.89
CA VAL B 326 -44.60 -16.04 37.36
C VAL B 326 -43.56 -17.02 37.89
N LEU B 327 -42.64 -16.51 38.70
CA LEU B 327 -41.59 -17.33 39.27
C LEU B 327 -42.05 -17.93 40.61
N ALA B 328 -41.84 -19.23 40.80
CA ALA B 328 -42.04 -19.81 42.11
C ALA B 328 -40.91 -19.30 43.01
N THR B 329 -41.29 -18.79 44.18
CA THR B 329 -40.34 -18.39 45.20
C THR B 329 -40.46 -19.31 46.42
N GLY B 330 -41.70 -19.69 46.75
CA GLY B 330 -41.95 -20.58 47.86
C GLY B 330 -41.99 -22.03 47.40
N LEU B 331 -42.56 -22.89 48.24
CA LEU B 331 -42.59 -24.33 47.94
C LEU B 331 -44.00 -24.78 47.58
N ARG B 332 -44.12 -25.98 47.03
CA ARG B 332 -45.42 -26.49 46.66
C ARG B 332 -46.31 -26.49 47.90
N ASN B 333 -47.51 -25.94 47.77
CA ASN B 333 -48.40 -25.77 48.90
C ASN B 333 -49.36 -26.96 49.07
N VAL B 334 -48.98 -27.90 49.93
CA VAL B 334 -49.79 -29.11 50.17
C VAL B 334 -50.61 -29.06 51.44
N PRO B 335 -51.87 -29.49 51.37
CA PRO B 335 -52.93 -29.46 52.40
C PRO B 335 -52.85 -30.56 53.49
N GLN B 336 -53.69 -30.40 54.53
CA GLN B 336 -53.78 -31.28 55.71
C GLN B 336 -52.53 -31.29 56.56
N GLY B 341 -41.35 -34.73 46.18
CA GLY B 341 -40.68 -34.01 45.12
C GLY B 341 -39.46 -34.74 44.61
N LEU B 342 -38.35 -34.01 44.46
CA LEU B 342 -37.08 -34.60 44.05
C LEU B 342 -36.38 -35.17 45.26
N PHE B 343 -36.71 -34.62 46.43
CA PHE B 343 -36.02 -34.97 47.67
C PHE B 343 -36.86 -35.78 48.67
N GLY B 344 -38.11 -36.04 48.31
CA GLY B 344 -38.96 -36.96 49.06
C GLY B 344 -39.77 -36.30 50.14
N ALA B 345 -39.24 -35.23 50.72
CA ALA B 345 -39.89 -34.59 51.87
C ALA B 345 -41.29 -34.06 51.56
N ILE B 346 -41.33 -32.91 50.89
CA ILE B 346 -42.59 -32.22 50.61
C ILE B 346 -43.57 -33.03 49.76
N ALA B 347 -44.83 -33.00 50.14
CA ALA B 347 -45.85 -33.83 49.50
C ALA B 347 -45.33 -35.24 49.24
N GLY B 348 -44.49 -35.71 50.17
CA GLY B 348 -43.91 -37.03 50.09
C GLY B 348 -44.03 -37.71 51.44
N PHE B 349 -42.91 -38.19 51.98
CA PHE B 349 -42.95 -38.92 53.24
C PHE B 349 -43.50 -38.04 54.34
N ILE B 350 -43.22 -36.74 54.30
CA ILE B 350 -43.92 -35.80 55.16
C ILE B 350 -45.23 -35.39 54.50
N GLU B 351 -46.23 -36.27 54.61
CA GLU B 351 -47.48 -36.22 53.85
C GLU B 351 -48.10 -34.85 53.53
N GLY B 352 -47.95 -33.88 54.44
CA GLY B 352 -48.58 -32.58 54.25
C GLY B 352 -48.00 -31.43 55.07
N GLY B 353 -48.64 -30.27 54.97
CA GLY B 353 -48.09 -29.05 55.53
C GLY B 353 -48.89 -28.54 56.70
N TRP B 354 -48.36 -27.56 57.41
CA TRP B 354 -48.96 -27.12 58.66
C TRP B 354 -49.50 -25.74 58.55
N GLN B 355 -50.79 -25.63 58.27
CA GLN B 355 -51.51 -24.36 58.39
C GLN B 355 -51.10 -23.66 59.70
N GLY B 356 -50.81 -24.48 60.70
CA GLY B 356 -50.49 -24.00 62.02
C GLY B 356 -49.25 -23.13 62.09
N MET B 357 -48.22 -23.51 61.35
CA MET B 357 -46.96 -22.79 61.39
C MET B 357 -47.00 -21.59 60.47
N VAL B 358 -46.76 -20.40 61.01
CA VAL B 358 -46.89 -19.19 60.21
C VAL B 358 -45.88 -18.12 60.60
N ASP B 359 -44.66 -18.54 60.88
CA ASP B 359 -43.59 -17.58 61.15
C ASP B 359 -42.34 -17.94 60.34
N GLY B 360 -42.53 -18.84 59.38
CA GLY B 360 -41.46 -19.28 58.50
C GLY B 360 -41.90 -20.36 57.52
N TRP B 361 -40.95 -20.83 56.72
CA TRP B 361 -41.25 -21.85 55.72
C TRP B 361 -41.04 -23.26 56.26
N TYR B 362 -40.05 -23.43 57.12
CA TYR B 362 -39.72 -24.76 57.63
C TYR B 362 -39.60 -24.70 59.15
N GLY B 363 -40.05 -25.75 59.83
CA GLY B 363 -40.01 -25.74 61.28
C GLY B 363 -40.30 -27.05 61.99
N TYR B 364 -40.42 -26.95 63.31
CA TYR B 364 -40.65 -28.11 64.16
C TYR B 364 -42.02 -28.06 64.83
N HIS B 365 -42.39 -29.15 65.49
CA HIS B 365 -43.61 -29.21 66.27
C HIS B 365 -43.51 -30.32 67.31
N HIS B 366 -43.34 -29.93 68.57
CA HIS B 366 -43.05 -30.87 69.65
C HIS B 366 -44.24 -31.11 70.58
N SER B 367 -44.42 -32.37 70.97
CA SER B 367 -45.39 -32.73 72.00
C SER B 367 -44.63 -33.01 73.29
N ASN B 368 -44.57 -32.02 74.17
CA ASN B 368 -43.75 -32.12 75.37
C ASN B 368 -44.59 -32.22 76.64
N ASP B 369 -43.91 -32.24 77.78
CA ASP B 369 -44.57 -32.19 79.09
C ASP B 369 -45.35 -30.89 79.19
N GLN B 370 -45.06 -29.98 78.27
CA GLN B 370 -45.69 -28.66 78.27
C GLN B 370 -46.24 -28.32 76.88
N GLY B 371 -47.50 -28.68 76.66
CA GLY B 371 -48.23 -28.38 75.44
C GLY B 371 -47.43 -28.35 74.14
N SER B 372 -47.49 -27.20 73.47
CA SER B 372 -46.82 -27.01 72.18
C SER B 372 -47.56 -27.73 71.06
N GLY B 373 -47.50 -27.17 69.86
CA GLY B 373 -46.78 -25.93 69.64
C GLY B 373 -45.92 -25.95 68.40
N TYR B 374 -46.07 -24.92 67.57
CA TYR B 374 -45.28 -24.80 66.33
C TYR B 374 -44.19 -23.74 66.46
N ALA B 375 -43.07 -23.98 65.78
CA ALA B 375 -41.97 -23.03 65.80
C ALA B 375 -41.16 -23.17 64.54
N ALA B 376 -41.16 -22.14 63.71
CA ALA B 376 -40.40 -22.16 62.47
C ALA B 376 -38.90 -22.02 62.77
N ASP B 377 -38.09 -22.75 62.01
CA ASP B 377 -36.64 -22.65 62.12
C ASP B 377 -36.19 -21.46 61.31
N LYS B 378 -36.20 -20.27 61.91
CA LYS B 378 -35.94 -19.06 61.15
C LYS B 378 -34.61 -19.07 60.41
N GLU B 379 -33.60 -19.72 60.99
CA GLU B 379 -32.28 -19.78 60.36
C GLU B 379 -32.31 -20.34 58.94
N SER B 380 -32.88 -21.53 58.76
CA SER B 380 -32.98 -22.16 57.44
C SER B 380 -34.06 -21.52 56.57
N THR B 381 -35.00 -20.83 57.20
CA THR B 381 -36.05 -20.14 56.46
C THR B 381 -35.45 -18.87 55.89
N GLN B 382 -34.42 -18.36 56.55
CA GLN B 382 -33.72 -17.18 56.04
C GLN B 382 -32.84 -17.54 54.86
N LYS B 383 -32.00 -18.55 55.01
CA LYS B 383 -31.15 -18.99 53.91
C LYS B 383 -31.97 -19.26 52.65
N ALA B 384 -33.25 -19.60 52.84
CA ALA B 384 -34.16 -19.80 51.71
C ALA B 384 -34.67 -18.47 51.17
N PHE B 385 -35.22 -17.63 52.05
CA PHE B 385 -35.67 -16.31 51.66
C PHE B 385 -34.49 -15.51 51.07
N ASP B 386 -33.29 -15.74 51.60
CA ASP B 386 -32.11 -15.07 51.08
C ASP B 386 -31.82 -15.50 49.67
N GLY B 387 -31.75 -16.82 49.46
CA GLY B 387 -31.42 -17.36 48.15
C GLY B 387 -32.47 -17.05 47.09
N ILE B 388 -33.70 -17.49 47.34
CA ILE B 388 -34.80 -17.23 46.42
C ILE B 388 -34.91 -15.76 46.04
N THR B 389 -34.50 -14.87 46.92
CA THR B 389 -34.49 -13.47 46.52
C THR B 389 -33.47 -13.21 45.41
N ASN B 390 -32.24 -13.68 45.59
CA ASN B 390 -31.24 -13.51 44.54
C ASN B 390 -31.65 -14.17 43.24
N LYS B 391 -32.39 -15.27 43.29
CA LYS B 391 -32.90 -15.87 42.05
C LYS B 391 -33.85 -14.90 41.35
N VAL B 392 -34.81 -14.36 42.07
CA VAL B 392 -35.71 -13.42 41.45
C VAL B 392 -34.97 -12.21 40.91
N ASN B 393 -34.00 -11.71 41.68
CA ASN B 393 -33.26 -10.53 41.26
C ASN B 393 -32.38 -10.76 40.03
N SER B 394 -31.59 -11.83 40.06
CA SER B 394 -30.77 -12.19 38.92
C SER B 394 -31.62 -12.22 37.66
N VAL B 395 -32.72 -12.96 37.72
CA VAL B 395 -33.65 -13.03 36.60
C VAL B 395 -34.01 -11.64 36.09
N ILE B 396 -34.14 -10.69 37.01
CA ILE B 396 -34.46 -9.32 36.64
C ILE B 396 -33.23 -8.44 36.38
N GLU B 397 -32.49 -8.13 37.43
CA GLU B 397 -31.39 -7.19 37.37
C GLU B 397 -30.34 -7.41 36.26
N LYS B 398 -30.28 -8.62 35.70
CA LYS B 398 -29.27 -8.93 34.67
C LYS B 398 -29.75 -8.68 33.24
N MET B 399 -31.05 -8.44 33.07
CA MET B 399 -31.62 -8.01 31.80
C MET B 399 -30.94 -6.72 31.40
N ASN B 400 -30.50 -6.64 30.15
CA ASN B 400 -29.88 -5.43 29.62
C ASN B 400 -30.94 -4.49 29.07
N THR B 401 -30.80 -3.19 29.36
CA THR B 401 -31.79 -2.20 28.95
C THR B 401 -31.15 -0.88 28.51
N GLN B 402 -31.35 -0.50 27.25
CA GLN B 402 -30.88 0.77 26.72
C GLN B 402 -32.04 1.60 26.22
N PHE B 403 -31.76 2.82 25.76
CA PHE B 403 -32.78 3.63 25.12
C PHE B 403 -32.94 3.22 23.66
N GLU B 404 -34.19 3.12 23.20
CA GLU B 404 -34.45 2.65 21.84
C GLU B 404 -35.85 3.02 21.40
N ALA B 405 -35.96 3.49 20.16
CA ALA B 405 -37.25 3.64 19.50
C ALA B 405 -37.40 2.46 18.55
N VAL B 406 -38.53 1.77 18.60
CA VAL B 406 -38.66 0.53 17.87
C VAL B 406 -39.20 0.72 16.46
N GLY B 407 -40.17 1.61 16.29
CA GLY B 407 -40.82 1.78 15.02
C GLY B 407 -40.14 2.79 14.13
N LYS B 408 -39.84 2.38 12.89
CA LYS B 408 -39.33 3.31 11.87
C LYS B 408 -40.23 3.37 10.65
N GLU B 409 -39.88 4.25 9.71
CA GLU B 409 -40.69 4.53 8.53
C GLU B 409 -40.02 4.07 7.25
N PHE B 410 -40.80 3.55 6.32
CA PHE B 410 -40.29 3.12 5.02
C PHE B 410 -41.19 3.58 3.87
N SER B 411 -40.59 3.98 2.75
CA SER B 411 -41.36 4.42 1.59
C SER B 411 -42.01 3.25 0.89
N ASN B 412 -42.91 3.56 -0.04
CA ASN B 412 -43.61 2.51 -0.77
C ASN B 412 -42.67 1.64 -1.63
N LEU B 413 -41.50 2.18 -1.95
CA LEU B 413 -40.53 1.43 -2.76
C LEU B 413 -39.43 0.88 -1.88
N GLU B 414 -39.75 0.75 -0.59
CA GLU B 414 -38.83 0.20 0.40
C GLU B 414 -39.46 -0.98 1.12
N LYS B 415 -40.34 -1.69 0.43
CA LYS B 415 -41.01 -2.84 1.00
C LYS B 415 -40.00 -3.85 1.54
N ARG B 416 -39.03 -4.23 0.73
CA ARG B 416 -38.04 -5.21 1.15
C ARG B 416 -37.32 -4.76 2.39
N LEU B 417 -36.81 -3.54 2.37
CA LEU B 417 -36.13 -2.98 3.53
C LEU B 417 -37.01 -3.04 4.75
N GLU B 418 -38.27 -2.63 4.60
CA GLU B 418 -39.25 -2.63 5.70
C GLU B 418 -39.51 -4.04 6.20
N ASN B 419 -39.57 -5.00 5.29
CA ASN B 419 -39.75 -6.38 5.68
C ASN B 419 -38.53 -6.91 6.41
N LEU B 420 -37.36 -6.59 5.91
CA LEU B 420 -36.12 -7.03 6.54
C LEU B 420 -36.13 -6.60 8.00
N ASN B 421 -36.61 -5.39 8.23
CA ASN B 421 -36.68 -4.82 9.56
C ASN B 421 -37.76 -5.48 10.42
N LYS B 422 -38.84 -5.91 9.79
CA LYS B 422 -39.88 -6.58 10.53
C LYS B 422 -39.38 -7.93 10.95
N LYS B 423 -38.89 -8.69 9.99
CA LYS B 423 -38.38 -10.03 10.29
C LYS B 423 -37.30 -9.97 11.38
N MET B 424 -36.57 -8.87 11.42
CA MET B 424 -35.57 -8.72 12.46
C MET B 424 -36.20 -8.53 13.84
N GLU B 425 -37.23 -7.71 13.93
CA GLU B 425 -37.94 -7.49 15.21
C GLU B 425 -38.57 -8.76 15.69
N ASP B 426 -39.32 -9.42 14.81
CA ASP B 426 -39.94 -10.69 15.12
C ASP B 426 -38.88 -11.69 15.57
N GLY B 427 -37.76 -11.72 14.86
CA GLY B 427 -36.70 -12.63 15.23
C GLY B 427 -36.33 -12.52 16.69
N PHE B 428 -36.09 -11.31 17.15
CA PHE B 428 -35.70 -11.07 18.54
C PHE B 428 -36.89 -11.27 19.48
N LEU B 429 -38.09 -11.14 18.96
CA LEU B 429 -39.28 -11.33 19.77
C LEU B 429 -39.45 -12.81 20.09
N ASP B 430 -39.26 -13.64 19.09
CA ASP B 430 -39.37 -15.08 19.29
C ASP B 430 -38.29 -15.55 20.24
N VAL B 431 -37.12 -14.93 20.18
CA VAL B 431 -36.03 -15.33 21.06
C VAL B 431 -36.34 -14.89 22.48
N TRP B 432 -36.59 -13.60 22.70
CA TRP B 432 -36.86 -13.16 24.05
C TRP B 432 -38.09 -13.83 24.65
N THR B 433 -39.02 -14.27 23.82
CA THR B 433 -40.19 -14.96 24.33
C THR B 433 -39.82 -16.35 24.82
N TYR B 434 -39.36 -17.20 23.91
CA TYR B 434 -38.84 -18.50 24.28
C TYR B 434 -37.97 -18.40 25.52
N ASN B 435 -36.85 -17.69 25.43
CA ASN B 435 -35.95 -17.55 26.57
C ASN B 435 -36.65 -17.28 27.91
N ALA B 436 -37.52 -16.26 27.95
CA ALA B 436 -38.21 -15.92 29.19
C ALA B 436 -39.22 -17.00 29.55
N GLU B 437 -39.94 -17.51 28.56
CA GLU B 437 -40.94 -18.53 28.84
C GLU B 437 -40.36 -19.80 29.47
N LEU B 438 -39.16 -20.21 29.05
CA LEU B 438 -38.49 -21.36 29.66
C LEU B 438 -37.81 -21.03 30.98
N LEU B 439 -37.10 -19.90 31.03
CA LEU B 439 -36.43 -19.48 32.25
C LEU B 439 -37.41 -19.53 33.41
N VAL B 440 -38.68 -19.34 33.10
CA VAL B 440 -39.74 -19.48 34.10
C VAL B 440 -40.04 -20.95 34.44
N LEU B 441 -40.27 -21.78 33.43
CA LEU B 441 -40.47 -23.21 33.63
C LEU B 441 -39.31 -23.85 34.42
N MET B 442 -38.16 -24.03 33.80
CA MET B 442 -36.97 -24.30 34.58
C MET B 442 -36.93 -23.18 35.61
N GLU B 443 -36.25 -23.38 36.73
CA GLU B 443 -36.20 -22.32 37.77
C GLU B 443 -37.46 -22.28 38.65
N ASN B 444 -38.56 -22.81 38.15
CA ASN B 444 -39.70 -23.12 39.01
C ASN B 444 -39.59 -24.57 39.44
N GLU B 445 -39.34 -25.43 38.46
CA GLU B 445 -38.99 -26.80 38.76
C GLU B 445 -37.80 -26.84 39.69
N MET B 446 -37.03 -25.76 39.75
CA MET B 446 -35.82 -25.74 40.56
C MET B 446 -36.03 -25.04 41.87
N THR B 447 -36.92 -24.07 41.87
CA THR B 447 -37.22 -23.37 43.10
C THR B 447 -37.95 -24.33 44.02
N LEU B 448 -38.92 -25.06 43.47
CA LEU B 448 -39.67 -26.03 44.22
C LEU B 448 -38.76 -27.13 44.82
N ASP B 449 -38.02 -27.84 43.99
CA ASP B 449 -37.15 -28.89 44.49
C ASP B 449 -36.10 -28.35 45.47
N PHE B 450 -35.93 -27.03 45.49
CA PHE B 450 -35.04 -26.38 46.43
C PHE B 450 -35.64 -26.42 47.82
N HIS B 451 -36.90 -26.03 47.92
CA HIS B 451 -37.62 -26.09 49.19
C HIS B 451 -37.64 -27.55 49.66
N ASP B 452 -38.11 -28.46 48.81
CA ASP B 452 -38.16 -29.87 49.14
C ASP B 452 -36.81 -30.36 49.67
N SER B 453 -35.73 -29.75 49.19
CA SER B 453 -34.40 -30.14 49.65
C SER B 453 -34.03 -29.43 50.94
N ASN B 454 -34.65 -28.29 51.22
CA ASN B 454 -34.39 -27.60 52.49
C ASN B 454 -35.04 -28.35 53.64
N VAL B 455 -36.22 -28.90 53.38
CA VAL B 455 -36.95 -29.68 54.35
C VAL B 455 -36.22 -30.97 54.66
N LYS B 456 -36.16 -31.87 53.69
CA LYS B 456 -35.44 -33.14 53.87
C LYS B 456 -34.00 -32.95 54.36
N ASN B 457 -33.51 -31.72 54.29
CA ASN B 457 -32.21 -31.37 54.85
C ASN B 457 -32.30 -31.08 56.33
N LEU B 458 -33.47 -30.60 56.76
CA LEU B 458 -33.76 -30.32 58.17
C LEU B 458 -34.10 -31.63 58.87
N TYR B 459 -34.88 -32.47 58.21
CA TYR B 459 -35.19 -33.80 58.70
C TYR B 459 -33.93 -34.57 59.04
N ASP B 460 -32.81 -34.18 58.43
CA ASP B 460 -31.56 -34.87 58.69
C ASP B 460 -30.71 -34.14 59.72
N LYS B 461 -30.86 -32.82 59.80
CA LYS B 461 -30.15 -32.06 60.82
C LYS B 461 -30.62 -32.50 62.19
N VAL B 462 -31.83 -33.07 62.24
CA VAL B 462 -32.40 -33.60 63.48
C VAL B 462 -32.03 -35.07 63.64
N ARG B 463 -32.52 -35.92 62.74
CA ARG B 463 -32.23 -37.35 62.79
C ARG B 463 -30.78 -37.65 63.12
N MET B 464 -29.87 -36.84 62.59
CA MET B 464 -28.43 -37.08 62.78
C MET B 464 -27.90 -36.56 64.12
N GLN B 465 -28.72 -35.78 64.82
CA GLN B 465 -28.40 -35.37 66.18
C GLN B 465 -28.92 -36.43 67.16
N LEU B 466 -30.16 -36.87 66.94
CA LEU B 466 -30.85 -37.81 67.82
C LEU B 466 -30.33 -39.23 67.69
N ARG B 467 -30.23 -39.74 66.46
CA ARG B 467 -29.76 -41.10 66.21
C ARG B 467 -30.69 -42.13 66.84
N ASP B 468 -30.18 -42.93 67.79
CA ASP B 468 -30.99 -43.96 68.44
C ASP B 468 -31.62 -43.50 69.75
N ASN B 469 -31.31 -42.26 70.15
CA ASN B 469 -31.95 -41.67 71.32
C ASN B 469 -33.45 -41.54 71.12
N VAL B 470 -33.91 -41.70 69.88
CA VAL B 470 -35.33 -41.66 69.55
C VAL B 470 -35.67 -42.53 68.34
N LYS B 471 -36.95 -42.86 68.18
CA LYS B 471 -37.36 -43.66 67.04
C LYS B 471 -37.90 -42.78 65.91
N GLU B 472 -37.68 -43.24 64.68
CA GLU B 472 -38.02 -42.47 63.49
C GLU B 472 -39.34 -42.96 62.91
N LEU B 473 -40.43 -42.28 63.26
CA LEU B 473 -41.77 -42.74 62.90
C LEU B 473 -42.02 -42.89 61.41
N GLY B 474 -41.25 -42.18 60.59
CA GLY B 474 -41.33 -42.29 59.14
C GLY B 474 -42.41 -41.43 58.52
N ASN B 475 -43.01 -40.56 59.32
CA ASN B 475 -44.04 -39.66 58.83
C ASN B 475 -43.52 -38.25 58.96
N GLY B 476 -42.25 -38.15 59.33
CA GLY B 476 -41.61 -36.88 59.54
C GLY B 476 -41.31 -36.66 61.00
N CYS B 477 -42.01 -37.42 61.86
CA CYS B 477 -41.95 -37.29 63.33
C CYS B 477 -40.93 -38.23 63.96
N PHE B 478 -40.32 -37.77 65.05
CA PHE B 478 -39.46 -38.61 65.86
C PHE B 478 -40.11 -38.79 67.22
N GLU B 479 -40.04 -40.00 67.76
CA GLU B 479 -40.56 -40.27 69.09
C GLU B 479 -39.39 -40.49 70.04
N PHE B 480 -39.31 -39.66 71.07
CA PHE B 480 -38.19 -39.72 72.01
C PHE B 480 -38.18 -40.98 72.88
N TYR B 481 -37.04 -41.65 72.93
CA TYR B 481 -36.81 -42.75 73.87
C TYR B 481 -36.36 -42.21 75.20
N HIS B 482 -36.84 -41.01 75.56
CA HIS B 482 -36.59 -40.42 76.86
C HIS B 482 -37.34 -39.10 77.03
N LYS B 483 -36.93 -38.34 78.05
CA LYS B 483 -37.63 -37.11 78.41
C LYS B 483 -36.92 -35.90 77.83
N CYS B 484 -37.70 -34.97 77.29
CA CYS B 484 -37.14 -33.79 76.66
C CYS B 484 -37.91 -32.54 77.06
N ASP B 485 -37.44 -31.87 78.10
CA ASP B 485 -38.08 -30.65 78.58
C ASP B 485 -37.99 -29.55 77.52
N ASP B 486 -38.66 -28.42 77.78
CA ASP B 486 -38.63 -27.28 76.87
C ASP B 486 -37.23 -26.66 76.75
N GLU B 487 -36.23 -27.30 77.33
CA GLU B 487 -34.86 -26.81 77.21
C GLU B 487 -34.03 -27.78 76.38
N CYS B 488 -34.49 -29.04 76.33
CA CYS B 488 -33.90 -30.04 75.47
C CYS B 488 -34.44 -29.89 74.05
N MET B 489 -35.75 -29.73 73.92
CA MET B 489 -36.36 -29.45 72.62
C MET B 489 -35.61 -28.27 72.02
N ASN B 490 -35.66 -27.14 72.70
CA ASN B 490 -34.97 -25.94 72.25
C ASN B 490 -33.50 -26.16 71.90
N SER B 491 -32.91 -27.25 72.38
CA SER B 491 -31.51 -27.54 72.11
C SER B 491 -31.31 -28.24 70.76
N VAL B 492 -32.32 -28.98 70.33
CA VAL B 492 -32.27 -29.68 69.04
C VAL B 492 -32.35 -28.69 67.89
N LYS B 493 -33.35 -27.82 67.96
CA LYS B 493 -33.43 -26.66 67.07
C LYS B 493 -32.17 -25.81 67.24
N ASN B 494 -31.71 -25.69 68.48
CA ASN B 494 -30.50 -24.93 68.80
C ASN B 494 -29.32 -25.40 67.97
N GLY B 495 -29.45 -26.60 67.40
CA GLY B 495 -28.38 -27.19 66.62
C GLY B 495 -27.37 -27.90 67.51
N THR B 496 -27.53 -27.74 68.81
CA THR B 496 -26.64 -28.36 69.77
C THR B 496 -27.41 -29.28 70.70
N TYR B 497 -27.42 -30.57 70.37
CA TYR B 497 -28.07 -31.59 71.20
C TYR B 497 -27.09 -32.05 72.27
N ASP B 498 -27.20 -33.31 72.69
CA ASP B 498 -26.30 -33.88 73.67
C ASP B 498 -26.52 -35.39 73.77
N TYR B 499 -26.10 -36.11 72.75
CA TYR B 499 -26.30 -37.55 72.69
C TYR B 499 -25.55 -38.29 73.79
N SER B 500 -24.44 -37.72 74.23
CA SER B 500 -23.61 -38.34 75.26
C SER B 500 -24.18 -38.12 76.66
N LYS B 501 -25.48 -37.82 76.73
CA LYS B 501 -26.16 -37.65 78.00
C LYS B 501 -27.44 -38.49 78.06
N TYR B 502 -28.45 -38.06 77.30
CA TYR B 502 -29.71 -38.81 77.19
C TYR B 502 -29.49 -40.20 76.58
N GLU B 503 -28.22 -40.56 76.36
CA GLU B 503 -27.87 -41.88 75.85
C GLU B 503 -28.30 -42.86 76.90
N GLU B 504 -27.93 -42.47 78.13
CA GLU B 504 -28.32 -43.07 79.39
C GLU B 504 -29.81 -42.85 79.64
N GLU B 505 -30.62 -43.80 79.18
CA GLU B 505 -32.05 -43.82 79.43
C GLU B 505 -32.64 -45.01 78.68
N SER B 506 -31.93 -45.40 77.62
CA SER B 506 -32.29 -46.54 76.81
C SER B 506 -33.55 -47.26 77.27
N LYS B 507 -34.62 -47.16 76.47
CA LYS B 507 -35.82 -47.96 76.67
C LYS B 507 -36.59 -47.55 77.94
N ILE C 18 -14.23 -43.97 60.77
CA ILE C 18 -14.12 -43.50 59.39
C ILE C 18 -14.94 -42.21 59.17
N CYS C 19 -14.31 -41.23 58.55
CA CYS C 19 -14.95 -39.91 58.37
C CYS C 19 -15.12 -39.49 56.92
N VAL C 20 -16.34 -39.04 56.60
CA VAL C 20 -16.62 -38.54 55.27
C VAL C 20 -16.47 -37.03 55.21
N GLY C 21 -15.75 -36.57 54.19
CA GLY C 21 -15.48 -35.16 54.04
C GLY C 21 -15.00 -34.78 52.66
N TYR C 22 -14.74 -33.49 52.46
CA TYR C 22 -14.43 -32.95 51.15
C TYR C 22 -13.22 -32.01 51.17
N HIS C 23 -12.54 -31.92 50.03
CA HIS C 23 -11.37 -31.08 49.90
C HIS C 23 -11.68 -29.64 50.28
N SER C 24 -10.69 -29.00 50.89
CA SER C 24 -10.72 -27.57 51.13
C SER C 24 -9.31 -27.11 50.77
N ASN C 25 -9.10 -25.82 50.53
CA ASN C 25 -7.76 -25.36 50.21
C ASN C 25 -7.57 -23.84 50.24
N ASN C 26 -6.36 -23.41 49.89
CA ASN C 26 -6.00 -22.01 49.99
C ASN C 26 -6.42 -21.22 48.75
N SER C 27 -7.67 -21.42 48.33
CA SER C 27 -8.22 -20.71 47.17
C SER C 27 -8.99 -19.46 47.60
N THR C 28 -8.80 -18.38 46.85
CA THR C 28 -9.49 -17.12 47.15
C THR C 28 -10.44 -16.73 46.04
N GLU C 29 -10.59 -17.58 45.04
CA GLU C 29 -11.38 -17.23 43.86
C GLU C 29 -12.88 -17.24 44.11
N LYS C 30 -13.56 -16.22 43.58
CA LYS C 30 -14.99 -16.07 43.75
C LYS C 30 -15.76 -16.36 42.47
N VAL C 31 -16.92 -16.97 42.63
CA VAL C 31 -17.87 -17.17 41.54
C VAL C 31 -19.20 -16.60 42.02
N ASP C 32 -20.10 -16.30 41.09
CA ASP C 32 -21.44 -15.90 41.49
C ASP C 32 -22.42 -17.01 41.13
N THR C 33 -23.46 -17.14 41.96
CA THR C 33 -24.53 -18.09 41.67
C THR C 33 -25.85 -17.35 41.68
N ILE C 34 -26.94 -18.07 41.48
CA ILE C 34 -28.20 -17.38 41.38
C ILE C 34 -28.69 -16.91 42.75
N LEU C 35 -28.37 -17.69 43.79
CA LEU C 35 -28.82 -17.42 45.15
C LEU C 35 -27.84 -16.60 46.00
N GLU C 36 -26.60 -16.50 45.56
CA GLU C 36 -25.56 -15.88 46.38
C GLU C 36 -24.40 -15.37 45.56
N ARG C 37 -23.84 -14.23 45.97
CA ARG C 37 -22.75 -13.63 45.22
C ARG C 37 -21.39 -13.88 45.88
N ASN C 38 -20.33 -13.61 45.12
CA ASN C 38 -18.97 -13.70 45.62
C ASN C 38 -18.72 -14.91 46.53
N VAL C 39 -19.26 -16.06 46.13
CA VAL C 39 -19.02 -17.33 46.80
C VAL C 39 -17.61 -17.84 46.56
N THR C 40 -16.86 -18.12 47.63
CA THR C 40 -15.51 -18.65 47.47
C THR C 40 -15.50 -20.14 47.08
N VAL C 41 -14.68 -20.51 46.09
CA VAL C 41 -14.68 -21.88 45.62
C VAL C 41 -13.28 -22.46 45.52
N THR C 42 -13.18 -23.77 45.59
CA THR C 42 -11.89 -24.44 45.57
C THR C 42 -11.17 -24.16 44.26
N HIS C 43 -11.93 -24.18 43.16
CA HIS C 43 -11.39 -23.97 41.82
C HIS C 43 -12.45 -23.48 40.85
N ALA C 44 -12.11 -22.47 40.06
CA ALA C 44 -13.04 -21.88 39.10
C ALA C 44 -12.40 -21.84 37.72
N GLN C 45 -13.02 -21.11 36.79
CA GLN C 45 -12.48 -20.98 35.46
C GLN C 45 -13.03 -19.77 34.74
N ASP C 46 -12.12 -18.94 34.24
CA ASP C 46 -12.49 -17.73 33.53
C ASP C 46 -12.72 -18.04 32.05
N ILE C 47 -13.94 -17.79 31.58
CA ILE C 47 -14.25 -18.02 30.17
C ILE C 47 -14.28 -16.72 29.35
N LEU C 48 -14.10 -15.59 30.03
CA LEU C 48 -14.14 -14.31 29.34
C LEU C 48 -12.77 -13.68 29.14
N GLU C 49 -12.29 -13.63 27.89
CA GLU C 49 -11.03 -12.97 27.59
C GLU C 49 -11.20 -11.47 27.75
N LYS C 50 -10.25 -10.81 28.40
CA LYS C 50 -10.39 -9.42 28.79
C LYS C 50 -9.23 -8.57 28.35
N THR C 51 -8.22 -9.19 27.74
CA THR C 51 -6.99 -8.46 27.43
C THR C 51 -6.54 -8.59 25.97
N HIS C 52 -6.00 -7.50 25.44
CA HIS C 52 -5.61 -7.47 24.04
C HIS C 52 -4.14 -7.12 23.79
N ASN C 53 -3.67 -7.60 22.66
CA ASN C 53 -2.34 -7.35 22.11
C ASN C 53 -1.86 -5.92 22.23
N GLY C 54 -2.69 -4.98 21.80
CA GLY C 54 -2.35 -3.56 21.90
C GLY C 54 -1.87 -3.00 20.59
N LYS C 55 -1.59 -3.90 19.64
CA LYS C 55 -1.09 -3.48 18.33
C LYS C 55 -1.91 -4.06 17.18
N LEU C 56 -1.85 -3.39 16.02
CA LEU C 56 -2.59 -3.83 14.85
C LEU C 56 -1.65 -4.69 14.03
N CYS C 57 -2.14 -5.83 13.58
CA CYS C 57 -1.25 -6.85 13.02
C CYS C 57 -1.84 -7.57 11.82
N LYS C 58 -1.06 -8.46 11.21
CA LYS C 58 -1.56 -9.24 10.09
C LYS C 58 -2.71 -10.09 10.59
N LEU C 59 -3.56 -10.51 9.67
CA LEU C 59 -4.72 -11.34 9.95
C LEU C 59 -4.65 -12.61 9.09
N ASN C 60 -4.09 -13.68 9.65
CA ASN C 60 -3.81 -14.90 8.87
C ASN C 60 -2.61 -14.70 7.96
N GLY C 61 -1.61 -13.98 8.45
CA GLY C 61 -0.41 -13.70 7.68
C GLY C 61 -0.58 -12.55 6.71
N ILE C 62 -1.75 -12.51 6.07
CA ILE C 62 -2.09 -11.42 5.15
C ILE C 62 -2.16 -10.07 5.88
N PRO C 63 -1.40 -9.08 5.41
CA PRO C 63 -1.41 -7.77 6.06
C PRO C 63 -2.66 -7.00 5.67
N PRO C 64 -2.92 -5.88 6.34
CA PRO C 64 -4.00 -4.97 5.97
C PRO C 64 -3.49 -4.00 4.90
N LEU C 65 -4.35 -3.09 4.46
CA LEU C 65 -3.92 -1.99 3.63
C LEU C 65 -3.88 -0.71 4.47
N GLU C 66 -2.68 -0.25 4.80
CA GLU C 66 -2.54 0.99 5.58
C GLU C 66 -2.81 2.19 4.68
N LEU C 67 -3.75 3.03 5.08
CA LEU C 67 -4.06 4.21 4.29
C LEU C 67 -3.53 5.48 4.95
N GLY C 68 -3.03 5.36 6.18
CA GLY C 68 -2.59 6.54 6.90
C GLY C 68 -3.69 7.58 6.89
N ASP C 69 -3.34 8.83 6.60
CA ASP C 69 -4.35 9.90 6.60
C ASP C 69 -5.00 10.09 5.22
N CYS C 70 -5.00 9.03 4.42
CA CYS C 70 -5.69 9.00 3.14
C CYS C 70 -7.03 8.28 3.22
N SER C 71 -7.88 8.52 2.23
CA SER C 71 -9.20 7.93 2.17
C SER C 71 -9.28 7.03 0.95
N ILE C 72 -10.20 6.07 0.96
CA ILE C 72 -10.31 5.15 -0.15
C ILE C 72 -10.51 5.87 -1.48
N ALA C 73 -11.27 6.96 -1.46
CA ALA C 73 -11.45 7.74 -2.67
C ALA C 73 -10.13 8.38 -3.06
N GLY C 74 -9.45 8.97 -2.09
CA GLY C 74 -8.18 9.61 -2.34
C GLY C 74 -7.18 8.64 -2.93
N TRP C 75 -7.14 7.44 -2.37
CA TRP C 75 -6.24 6.39 -2.83
C TRP C 75 -6.54 6.00 -4.28
N LEU C 76 -7.77 5.59 -4.56
CA LEU C 76 -8.14 5.08 -5.89
C LEU C 76 -8.10 6.14 -6.99
N LEU C 77 -8.43 7.38 -6.65
CA LEU C 77 -8.37 8.44 -7.63
C LEU C 77 -6.92 8.88 -7.86
N GLY C 78 -6.12 8.80 -6.81
CA GLY C 78 -4.71 9.16 -6.93
C GLY C 78 -4.41 10.58 -6.52
N ASN C 79 -5.19 11.13 -5.60
CA ASN C 79 -4.85 12.38 -4.95
C ASN C 79 -3.35 12.39 -4.73
N PRO C 80 -2.66 13.44 -5.23
CA PRO C 80 -1.21 13.58 -5.16
C PRO C 80 -0.64 13.47 -3.75
N GLU C 81 -1.49 13.60 -2.74
CA GLU C 81 -1.04 13.50 -1.36
C GLU C 81 -1.00 12.03 -0.95
N CYS C 82 -1.60 11.17 -1.77
CA CYS C 82 -1.66 9.74 -1.52
C CYS C 82 -0.64 8.97 -2.35
N ASP C 83 0.20 9.71 -3.08
CA ASP C 83 1.24 9.10 -3.91
C ASP C 83 2.02 8.06 -3.11
N ARG C 84 2.47 8.45 -1.92
CA ARG C 84 3.30 7.62 -1.08
C ARG C 84 2.55 6.47 -0.43
N LEU C 85 2.04 5.55 -1.24
CA LEU C 85 1.34 4.39 -0.72
C LEU C 85 1.93 3.09 -1.25
N LEU C 86 2.00 2.08 -0.38
CA LEU C 86 2.43 0.76 -0.78
C LEU C 86 1.22 -0.18 -0.79
N THR C 87 0.92 -0.72 -1.96
CA THR C 87 -0.29 -1.53 -2.13
C THR C 87 -0.02 -3.01 -2.43
N VAL C 88 0.24 -3.78 -1.38
CA VAL C 88 0.32 -5.22 -1.53
C VAL C 88 -0.94 -5.64 -2.27
N PRO C 89 -0.79 -6.20 -3.50
CA PRO C 89 -1.91 -6.61 -4.34
C PRO C 89 -2.97 -7.43 -3.61
N GLU C 90 -2.63 -7.96 -2.44
CA GLU C 90 -3.58 -8.70 -1.62
C GLU C 90 -3.53 -8.19 -0.18
N TRP C 91 -4.69 -7.84 0.38
CA TRP C 91 -4.79 -7.48 1.80
C TRP C 91 -5.93 -8.24 2.46
N SER C 92 -5.94 -8.30 3.78
CA SER C 92 -7.01 -8.97 4.53
C SER C 92 -8.06 -7.99 5.05
N TYR C 93 -7.59 -6.86 5.56
CA TYR C 93 -8.48 -5.75 5.96
C TYR C 93 -7.87 -4.38 5.59
N ILE C 94 -8.68 -3.32 5.70
CA ILE C 94 -8.21 -1.98 5.37
C ILE C 94 -8.25 -1.07 6.59
N MET C 95 -7.18 -0.33 6.83
CA MET C 95 -7.13 0.61 7.94
C MET C 95 -7.30 2.03 7.45
N GLU C 96 -8.42 2.65 7.77
CA GLU C 96 -8.71 4.00 7.31
C GLU C 96 -8.93 4.88 8.52
N LYS C 97 -8.34 6.08 8.54
CA LYS C 97 -8.64 7.01 9.62
C LYS C 97 -10.14 7.31 9.69
N GLU C 98 -10.60 7.83 10.83
CA GLU C 98 -12.02 8.17 10.95
C GLU C 98 -12.36 9.26 9.93
N ASN C 99 -11.61 10.35 9.98
CA ASN C 99 -11.76 11.43 9.02
C ASN C 99 -10.42 11.76 8.38
N PRO C 100 -10.08 11.06 7.28
CA PRO C 100 -8.84 11.30 6.53
C PRO C 100 -8.74 12.75 6.05
N ARG C 101 -7.53 13.29 5.98
CA ARG C 101 -7.33 14.65 5.46
C ARG C 101 -7.42 14.62 3.96
N ASN C 102 -6.83 13.58 3.38
CA ASN C 102 -6.61 13.50 1.95
C ASN C 102 -7.65 12.68 1.19
N GLY C 103 -8.76 13.32 0.85
CA GLY C 103 -9.80 12.64 0.11
C GLY C 103 -9.85 13.12 -1.32
N LEU C 104 -11.01 13.57 -1.74
CA LEU C 104 -11.13 14.27 -3.00
C LEU C 104 -10.48 15.63 -2.80
N CYS C 105 -9.26 15.81 -3.33
CA CYS C 105 -8.55 17.07 -3.22
C CYS C 105 -9.29 18.15 -4.01
N TYR C 106 -9.69 17.82 -5.22
CA TYR C 106 -10.64 18.67 -5.91
C TYR C 106 -12.01 18.31 -5.37
N PRO C 107 -12.76 19.31 -4.91
CA PRO C 107 -14.06 19.09 -4.27
C PRO C 107 -15.05 18.38 -5.18
N GLY C 108 -16.03 17.72 -4.56
CA GLY C 108 -17.06 17.03 -5.32
C GLY C 108 -17.69 15.92 -4.51
N SER C 109 -18.14 14.88 -5.19
CA SER C 109 -18.77 13.73 -4.54
C SER C 109 -18.35 12.41 -5.18
N PHE C 110 -18.63 11.32 -4.50
CA PHE C 110 -18.39 9.98 -5.03
C PHE C 110 -19.66 9.14 -4.90
N ASN C 111 -20.15 8.61 -6.00
CA ASN C 111 -21.45 7.94 -6.03
C ASN C 111 -21.37 6.49 -5.61
N ASP C 112 -22.31 6.08 -4.77
CA ASP C 112 -22.31 4.73 -4.24
C ASP C 112 -20.96 4.44 -3.60
N TYR C 113 -20.47 5.38 -2.83
CA TYR C 113 -19.14 5.26 -2.25
C TYR C 113 -19.06 4.10 -1.27
N GLU C 114 -20.06 3.98 -0.41
CA GLU C 114 -20.05 2.95 0.62
C GLU C 114 -20.12 1.58 -0.02
N GLU C 115 -21.03 1.44 -0.98
CA GLU C 115 -21.18 0.17 -1.66
C GLU C 115 -19.89 -0.23 -2.31
N LEU C 116 -19.06 0.76 -2.62
CA LEU C 116 -17.74 0.49 -3.17
C LEU C 116 -16.76 0.13 -2.07
N LYS C 117 -16.79 0.90 -0.98
CA LYS C 117 -15.97 0.60 0.16
C LYS C 117 -16.19 -0.86 0.57
N HIS C 118 -17.47 -1.25 0.67
CA HIS C 118 -17.81 -2.61 1.01
C HIS C 118 -17.28 -3.60 -0.01
N LEU C 119 -17.56 -3.34 -1.28
CA LEU C 119 -17.08 -4.22 -2.33
C LEU C 119 -15.58 -4.47 -2.22
N ILE C 120 -14.78 -3.43 -2.03
CA ILE C 120 -13.33 -3.62 -1.93
C ILE C 120 -12.88 -3.84 -0.49
N SER C 121 -13.75 -4.45 0.31
CA SER C 121 -13.38 -4.90 1.65
C SER C 121 -12.15 -5.76 1.60
N SER C 122 -12.24 -6.83 0.82
CA SER C 122 -11.13 -7.77 0.69
C SER C 122 -10.84 -8.04 -0.79
N VAL C 123 -9.55 -8.23 -1.09
CA VAL C 123 -9.12 -8.52 -2.45
C VAL C 123 -8.07 -9.62 -2.48
N THR C 124 -7.89 -10.22 -3.66
CA THR C 124 -7.01 -11.37 -3.83
C THR C 124 -7.00 -11.80 -5.28
N HIS C 125 -6.34 -11.05 -6.15
CA HIS C 125 -5.58 -9.88 -5.77
C HIS C 125 -6.17 -8.60 -6.37
N PHE C 126 -5.37 -7.53 -6.40
CA PHE C 126 -5.83 -6.21 -6.82
C PHE C 126 -4.70 -5.44 -7.52
N GLU C 127 -4.77 -5.35 -8.84
CA GLU C 127 -3.66 -4.83 -9.62
C GLU C 127 -4.08 -3.78 -10.64
N LYS C 128 -3.37 -2.66 -10.66
CA LYS C 128 -3.72 -1.54 -11.53
C LYS C 128 -3.20 -1.71 -12.96
N VAL C 129 -4.04 -1.42 -13.96
CA VAL C 129 -3.62 -1.52 -15.36
C VAL C 129 -4.04 -0.30 -16.16
N LYS C 130 -3.17 0.16 -17.05
CA LYS C 130 -3.47 1.31 -17.88
C LYS C 130 -4.48 0.89 -18.94
N ILE C 131 -5.64 1.57 -18.98
CA ILE C 131 -6.67 1.17 -19.93
C ILE C 131 -6.93 2.22 -21.01
N LEU C 132 -6.73 3.48 -20.67
CA LEU C 132 -6.89 4.55 -21.64
C LEU C 132 -5.73 5.53 -21.55
N PRO C 133 -4.55 5.13 -22.06
CA PRO C 133 -3.30 5.90 -22.00
C PRO C 133 -3.49 7.40 -22.20
N LYS C 134 -2.88 8.17 -21.30
CA LYS C 134 -3.08 9.61 -21.19
C LYS C 134 -2.85 10.36 -22.50
N ASP C 135 -1.83 9.94 -23.22
CA ASP C 135 -1.38 10.67 -24.40
C ASP C 135 -2.10 10.27 -25.68
N ARG C 136 -3.14 9.44 -25.55
CA ARG C 136 -3.87 8.98 -26.72
C ARG C 136 -5.08 9.88 -27.01
N TRP C 137 -5.15 11.01 -26.31
CA TRP C 137 -6.24 11.97 -26.48
C TRP C 137 -5.73 13.15 -27.28
N THR C 138 -5.20 12.87 -28.47
CA THR C 138 -4.51 13.88 -29.29
C THR C 138 -5.36 15.09 -29.66
N GLN C 139 -6.66 14.88 -29.83
CA GLN C 139 -7.55 15.98 -30.19
C GLN C 139 -7.99 16.84 -29.02
N HIS C 140 -7.49 16.55 -27.82
CA HIS C 140 -7.84 17.31 -26.64
C HIS C 140 -6.65 17.60 -25.74
N THR C 141 -6.81 18.62 -24.89
CA THR C 141 -5.80 18.98 -23.90
C THR C 141 -5.92 18.10 -22.65
N THR C 142 -4.80 17.49 -22.25
CA THR C 142 -4.81 16.56 -21.15
C THR C 142 -3.78 16.98 -20.12
N THR C 143 -3.86 18.21 -19.65
CA THR C 143 -2.85 18.71 -18.72
C THR C 143 -3.43 19.56 -17.61
N GLY C 144 -4.72 19.84 -17.69
CA GLY C 144 -5.37 20.65 -16.67
C GLY C 144 -5.25 20.09 -15.26
N GLY C 145 -4.78 20.92 -14.33
CA GLY C 145 -4.72 20.58 -12.93
C GLY C 145 -5.49 21.58 -12.09
N SER C 146 -5.08 21.79 -10.85
CA SER C 146 -5.73 22.81 -10.02
C SER C 146 -5.00 23.05 -8.69
N GLN C 147 -5.24 24.21 -8.09
CA GLN C 147 -4.67 24.48 -6.76
C GLN C 147 -5.20 23.46 -5.76
N GLY C 148 -6.42 22.99 -5.99
CA GLY C 148 -7.04 22.01 -5.12
C GLY C 148 -6.12 20.83 -4.93
N CYS C 149 -5.52 20.39 -6.04
CA CYS C 149 -4.60 19.25 -6.03
C CYS C 149 -3.15 19.66 -6.21
N ALA C 150 -2.74 20.69 -5.47
CA ALA C 150 -1.41 21.27 -5.64
C ALA C 150 -0.31 20.31 -5.21
N VAL C 151 0.77 20.27 -5.99
CA VAL C 151 1.88 19.39 -5.67
C VAL C 151 3.03 20.15 -5.00
N PHE C 152 3.90 20.77 -5.78
CA PHE C 152 5.15 21.29 -5.22
C PHE C 152 5.45 22.79 -5.33
N ASP C 153 4.44 23.66 -5.31
CA ASP C 153 3.04 23.32 -5.29
C ASP C 153 2.36 23.94 -6.51
N ASN C 154 2.39 23.20 -7.62
CA ASN C 154 1.83 23.68 -8.87
C ASN C 154 0.53 22.97 -9.14
N PRO C 155 -0.35 23.60 -9.95
CA PRO C 155 -1.63 22.96 -10.28
C PRO C 155 -1.42 21.53 -10.77
N SER C 156 -2.06 20.57 -10.09
CA SER C 156 -1.95 19.16 -10.45
C SER C 156 -3.33 18.49 -10.38
N PHE C 157 -3.35 17.16 -10.45
CA PHE C 157 -4.61 16.45 -10.55
C PHE C 157 -4.46 15.00 -10.06
N PHE C 158 -5.59 14.29 -9.98
CA PHE C 158 -5.57 12.90 -9.54
C PHE C 158 -4.70 12.07 -10.48
N ARG C 159 -3.64 11.47 -9.93
CA ARG C 159 -2.68 10.73 -10.75
C ARG C 159 -3.31 9.71 -11.69
N ASN C 160 -4.42 9.11 -11.27
CA ASN C 160 -5.06 8.04 -12.04
C ASN C 160 -6.12 8.52 -13.03
N MET C 161 -6.41 9.82 -13.02
CA MET C 161 -7.45 10.39 -13.88
C MET C 161 -6.88 11.43 -14.83
N VAL C 162 -7.61 11.67 -15.92
CA VAL C 162 -7.14 12.51 -17.02
C VAL C 162 -8.17 13.60 -17.36
N TRP C 163 -7.81 14.86 -17.09
CA TRP C 163 -8.76 15.96 -17.25
C TRP C 163 -8.82 16.47 -18.68
N LEU C 164 -9.79 16.03 -19.45
CA LEU C 164 -9.92 16.51 -20.83
C LEU C 164 -10.48 17.93 -20.95
N THR C 165 -9.71 18.80 -21.59
CA THR C 165 -10.14 20.15 -21.91
C THR C 165 -10.08 20.43 -23.41
N LYS C 166 -10.74 21.49 -23.85
CA LYS C 166 -10.75 21.84 -25.28
C LYS C 166 -9.35 22.13 -25.79
N LYS C 167 -9.07 21.72 -27.01
CA LYS C 167 -7.77 21.98 -27.65
C LYS C 167 -7.80 23.19 -28.57
N GLY C 168 -6.99 24.19 -28.25
CA GLY C 168 -7.06 25.47 -28.91
C GLY C 168 -8.39 26.10 -28.55
N SER C 169 -9.38 25.91 -29.41
CA SER C 169 -10.74 26.28 -29.11
C SER C 169 -11.73 25.30 -29.73
N ASN C 170 -11.38 24.01 -29.65
CA ASN C 170 -12.24 22.95 -30.17
C ASN C 170 -12.24 21.73 -29.25
N TYR C 171 -13.43 21.42 -28.72
CA TYR C 171 -13.62 20.18 -27.99
C TYR C 171 -14.34 19.21 -28.90
N PRO C 172 -13.58 18.43 -29.69
CA PRO C 172 -14.16 17.41 -30.56
C PRO C 172 -14.80 16.32 -29.72
N VAL C 173 -15.67 15.53 -30.32
CA VAL C 173 -16.22 14.39 -29.62
C VAL C 173 -15.07 13.57 -29.03
N ALA C 174 -15.07 13.41 -27.72
CA ALA C 174 -14.09 12.54 -27.07
C ALA C 174 -14.60 11.12 -27.10
N LYS C 175 -13.77 10.20 -27.57
CA LYS C 175 -14.17 8.80 -27.59
C LYS C 175 -13.04 7.91 -27.13
N GLY C 176 -13.35 7.06 -26.16
CA GLY C 176 -12.40 6.08 -25.67
C GLY C 176 -13.13 4.80 -25.37
N SER C 177 -12.39 3.70 -25.33
CA SER C 177 -12.97 2.41 -25.02
C SER C 177 -11.91 1.38 -24.65
N TYR C 178 -12.32 0.40 -23.85
CA TYR C 178 -11.44 -0.64 -23.36
C TYR C 178 -12.17 -1.98 -23.30
N ASN C 179 -11.54 -3.03 -23.82
CA ASN C 179 -12.09 -4.37 -23.74
C ASN C 179 -11.37 -5.11 -22.62
N ASN C 180 -12.14 -5.67 -21.69
CA ASN C 180 -11.55 -6.30 -20.51
C ASN C 180 -10.97 -7.66 -20.84
N THR C 181 -9.76 -7.66 -21.39
CA THR C 181 -9.08 -8.90 -21.76
C THR C 181 -8.10 -9.28 -20.67
N SER C 182 -8.31 -8.72 -19.49
CA SER C 182 -7.34 -8.82 -18.41
C SER C 182 -7.50 -10.09 -17.63
N GLY C 183 -8.59 -10.82 -17.84
CA GLY C 183 -8.81 -12.09 -17.15
C GLY C 183 -9.59 -12.05 -15.85
N GLU C 184 -9.69 -10.89 -15.22
CA GLU C 184 -10.48 -10.75 -14.00
C GLU C 184 -11.32 -9.47 -14.03
N GLN C 185 -12.46 -9.48 -13.34
CA GLN C 185 -13.34 -8.31 -13.29
C GLN C 185 -12.52 -7.07 -12.97
N MET C 186 -12.94 -5.92 -13.50
CA MET C 186 -12.17 -4.69 -13.31
C MET C 186 -12.97 -3.50 -12.80
N LEU C 187 -12.43 -2.83 -11.79
CA LEU C 187 -13.09 -1.66 -11.22
C LEU C 187 -12.64 -0.46 -12.01
N ILE C 188 -13.59 0.31 -12.54
CA ILE C 188 -13.23 1.49 -13.33
C ILE C 188 -14.01 2.72 -12.88
N ILE C 189 -13.29 3.82 -12.63
CA ILE C 189 -13.92 5.03 -12.11
C ILE C 189 -13.90 6.16 -13.12
N TRP C 190 -14.97 6.96 -13.21
CA TRP C 190 -14.92 8.14 -14.04
C TRP C 190 -15.56 9.38 -13.43
N GLY C 191 -15.21 10.56 -13.92
CA GLY C 191 -15.70 11.80 -13.35
C GLY C 191 -16.51 12.65 -14.30
N VAL C 192 -17.29 13.57 -13.75
CA VAL C 192 -18.00 14.60 -14.51
C VAL C 192 -17.81 15.89 -13.75
N HIS C 193 -17.24 16.89 -14.40
CA HIS C 193 -16.95 18.18 -13.77
C HIS C 193 -18.13 19.15 -13.88
N HIS C 194 -18.45 19.80 -12.77
CA HIS C 194 -19.55 20.75 -12.72
C HIS C 194 -19.01 22.14 -12.41
N PRO C 195 -18.93 23.00 -13.44
CA PRO C 195 -18.31 24.32 -13.32
C PRO C 195 -19.21 25.33 -12.63
N ASN C 196 -18.63 26.46 -12.23
CA ASN C 196 -19.34 27.51 -11.49
C ASN C 196 -20.38 28.29 -12.28
N ASP C 197 -20.08 28.59 -13.53
CA ASP C 197 -20.93 29.43 -14.36
C ASP C 197 -20.90 29.00 -15.82
N GLU C 198 -21.73 29.63 -16.64
CA GLU C 198 -21.83 29.28 -18.06
C GLU C 198 -20.51 29.50 -18.78
N THR C 199 -19.78 30.53 -18.36
CA THR C 199 -18.56 30.90 -19.06
C THR C 199 -17.40 29.95 -18.76
N GLU C 200 -17.23 29.56 -17.50
CA GLU C 200 -16.22 28.56 -17.13
C GLU C 200 -16.45 27.31 -17.99
N GLN C 201 -17.72 27.03 -18.25
CA GLN C 201 -18.12 25.91 -19.07
C GLN C 201 -17.53 26.03 -20.47
N ARG C 202 -17.71 27.19 -21.09
CA ARG C 202 -17.24 27.45 -22.44
C ARG C 202 -15.72 27.55 -22.45
N THR C 203 -15.19 28.31 -21.51
CA THR C 203 -13.74 28.47 -21.37
C THR C 203 -13.02 27.13 -21.45
N LEU C 204 -13.64 26.10 -20.88
CA LEU C 204 -13.00 24.81 -20.69
C LEU C 204 -13.34 23.77 -21.77
N TYR C 205 -14.63 23.63 -22.07
CA TYR C 205 -15.09 22.56 -22.97
C TYR C 205 -15.82 23.16 -24.17
N GLN C 206 -15.67 24.46 -24.35
CA GLN C 206 -16.26 25.18 -25.49
C GLN C 206 -17.78 25.15 -25.51
N ASN C 207 -18.35 24.06 -25.99
CA ASN C 207 -19.79 23.96 -26.17
C ASN C 207 -20.57 23.62 -24.88
N VAL C 208 -21.65 24.37 -24.64
CA VAL C 208 -22.57 24.07 -23.54
C VAL C 208 -23.47 22.92 -23.96
N GLY C 209 -24.16 22.31 -23.00
CA GLY C 209 -24.98 21.16 -23.31
C GLY C 209 -24.12 19.96 -23.66
N ALA C 210 -22.93 19.93 -23.08
CA ALA C 210 -22.02 18.82 -23.23
C ALA C 210 -22.59 17.65 -22.47
N TYR C 211 -22.08 16.47 -22.76
CA TYR C 211 -22.56 15.28 -22.09
C TYR C 211 -21.39 14.31 -21.87
N VAL C 212 -21.57 13.43 -20.88
CA VAL C 212 -20.67 12.29 -20.68
C VAL C 212 -21.51 11.03 -20.72
N SER C 213 -21.16 10.08 -21.59
CA SER C 213 -21.94 8.87 -21.69
C SER C 213 -21.07 7.63 -21.61
N VAL C 214 -21.29 6.83 -20.57
CA VAL C 214 -20.57 5.57 -20.38
C VAL C 214 -21.48 4.41 -20.79
N GLY C 215 -20.90 3.32 -21.24
CA GLY C 215 -21.70 2.18 -21.68
C GLY C 215 -20.98 0.84 -21.56
N THR C 216 -21.68 -0.12 -20.97
CA THR C 216 -21.24 -1.51 -20.99
C THR C 216 -22.45 -2.41 -21.27
N SER C 217 -22.32 -3.71 -21.04
CA SER C 217 -23.42 -4.62 -21.29
C SER C 217 -24.52 -4.42 -20.25
N THR C 218 -24.15 -3.82 -19.12
CA THR C 218 -25.05 -3.69 -17.99
C THR C 218 -25.25 -2.23 -17.60
N LEU C 219 -24.26 -1.40 -17.88
CA LEU C 219 -24.29 0.02 -17.54
C LEU C 219 -24.81 0.84 -18.71
N ASN C 220 -25.62 1.85 -18.39
CA ASN C 220 -26.02 2.85 -19.37
C ASN C 220 -26.32 4.15 -18.67
N LYS C 221 -25.56 5.19 -18.99
CA LYS C 221 -25.70 6.45 -18.29
C LYS C 221 -25.19 7.62 -19.13
N ARG C 222 -25.98 8.69 -19.20
CA ARG C 222 -25.56 9.92 -19.87
C ARG C 222 -25.69 11.06 -18.90
N SER C 223 -24.60 11.80 -18.69
CA SER C 223 -24.60 12.88 -17.72
C SER C 223 -24.47 14.24 -18.38
N LEU C 224 -25.20 15.22 -17.85
CA LEU C 224 -25.05 16.60 -18.27
C LEU C 224 -24.54 17.39 -17.08
N PRO C 225 -23.57 18.28 -17.30
CA PRO C 225 -23.03 19.08 -16.19
C PRO C 225 -24.12 19.89 -15.52
N GLU C 226 -24.24 19.71 -14.20
CA GLU C 226 -25.17 20.49 -13.40
C GLU C 226 -24.42 21.62 -12.71
N ILE C 227 -24.77 22.85 -13.08
CA ILE C 227 -24.03 24.04 -12.65
C ILE C 227 -24.80 24.83 -11.58
N ALA C 228 -24.06 25.37 -10.62
CA ALA C 228 -24.66 26.16 -9.57
C ALA C 228 -23.59 26.96 -8.85
N THR C 229 -23.97 28.12 -8.32
CA THR C 229 -23.04 28.96 -7.59
C THR C 229 -22.80 28.37 -6.21
N ARG C 230 -21.59 27.90 -5.98
CA ARG C 230 -21.25 27.23 -4.73
C ARG C 230 -20.13 27.98 -4.03
N PRO C 231 -19.99 27.78 -2.71
CA PRO C 231 -18.90 28.35 -1.94
C PRO C 231 -17.57 27.72 -2.33
N GLU C 232 -16.48 28.20 -1.75
CA GLU C 232 -15.18 27.68 -2.12
C GLU C 232 -14.71 26.59 -1.16
N VAL C 233 -14.39 25.44 -1.72
CA VAL C 233 -13.82 24.33 -0.98
C VAL C 233 -12.45 24.02 -1.55
N ASN C 234 -11.41 24.21 -0.77
CA ASN C 234 -10.07 24.19 -1.34
C ASN C 234 -9.97 25.25 -2.44
N GLY C 235 -10.58 26.39 -2.18
CA GLY C 235 -10.53 27.50 -3.09
C GLY C 235 -11.18 27.18 -4.42
N GLN C 236 -11.96 26.11 -4.47
CA GLN C 236 -12.64 25.75 -5.71
C GLN C 236 -14.15 25.84 -5.61
N GLY C 237 -14.75 26.32 -6.69
CA GLY C 237 -16.19 26.43 -6.74
C GLY C 237 -16.74 25.30 -7.58
N GLY C 238 -15.86 24.73 -8.40
CA GLY C 238 -16.25 23.62 -9.24
C GLY C 238 -16.46 22.38 -8.39
N ARG C 239 -16.97 21.33 -9.01
CA ARG C 239 -17.20 20.06 -8.33
C ARG C 239 -16.95 18.92 -9.31
N MET C 240 -16.33 17.86 -8.84
CA MET C 240 -16.18 16.67 -9.67
C MET C 240 -16.96 15.50 -9.07
N GLU C 241 -17.98 15.06 -9.78
CA GLU C 241 -18.80 13.95 -9.32
C GLU C 241 -18.32 12.65 -9.94
N PHE C 242 -17.72 11.82 -9.11
CA PHE C 242 -17.17 10.56 -9.59
C PHE C 242 -18.16 9.39 -9.44
N SER C 243 -18.08 8.45 -10.37
CA SER C 243 -18.93 7.28 -10.38
C SER C 243 -18.05 6.10 -10.72
N TRP C 244 -18.56 4.88 -10.58
CA TRP C 244 -17.73 3.72 -10.81
C TRP C 244 -18.56 2.56 -11.32
N THR C 245 -17.90 1.56 -11.89
CA THR C 245 -18.56 0.34 -12.31
C THR C 245 -17.58 -0.83 -12.27
N ILE C 246 -18.10 -2.04 -12.26
CA ILE C 246 -17.24 -3.19 -12.45
C ILE C 246 -17.39 -3.61 -13.90
N LEU C 247 -16.25 -3.75 -14.59
CA LEU C 247 -16.24 -4.18 -15.98
C LEU C 247 -16.04 -5.67 -16.01
N ASP C 248 -17.09 -6.39 -16.37
CA ASP C 248 -17.06 -7.84 -16.36
C ASP C 248 -16.03 -8.33 -17.38
N ILE C 249 -15.62 -9.59 -17.26
CA ILE C 249 -14.59 -10.14 -18.12
C ILE C 249 -15.09 -10.24 -19.54
N TRP C 250 -14.23 -9.80 -20.46
CA TRP C 250 -14.50 -9.85 -21.90
C TRP C 250 -15.59 -8.85 -22.26
N ASP C 251 -15.97 -8.01 -21.32
CA ASP C 251 -16.90 -6.94 -21.66
C ASP C 251 -16.13 -5.67 -21.94
N THR C 252 -16.73 -4.77 -22.71
CA THR C 252 -16.04 -3.53 -23.07
C THR C 252 -16.79 -2.30 -22.57
N ILE C 253 -16.04 -1.26 -22.20
CA ILE C 253 -16.64 -0.04 -21.71
C ILE C 253 -16.35 1.07 -22.69
N ASN C 254 -17.38 1.81 -23.07
CA ASN C 254 -17.21 2.86 -24.04
C ASN C 254 -17.54 4.22 -23.46
N PHE C 255 -16.54 5.10 -23.40
CA PHE C 255 -16.76 6.48 -23.01
C PHE C 255 -17.01 7.35 -24.25
N GLU C 256 -17.90 8.34 -24.11
CA GLU C 256 -18.11 9.35 -25.15
C GLU C 256 -18.53 10.68 -24.55
N SER C 257 -17.77 11.72 -24.85
CA SER C 257 -18.04 13.02 -24.23
C SER C 257 -17.81 14.20 -25.17
N THR C 258 -18.79 15.11 -25.21
CA THR C 258 -18.63 16.37 -25.90
C THR C 258 -18.23 17.42 -24.86
N GLY C 259 -17.42 17.02 -23.90
CA GLY C 259 -16.98 17.92 -22.85
C GLY C 259 -17.45 17.56 -21.45
N ASN C 260 -16.64 17.92 -20.44
CA ASN C 260 -16.95 17.76 -19.03
C ASN C 260 -16.55 16.43 -18.44
N LEU C 261 -15.99 15.53 -19.24
CA LEU C 261 -15.60 14.22 -18.74
C LEU C 261 -14.22 14.25 -18.08
N ILE C 262 -14.08 13.51 -16.98
CA ILE C 262 -12.80 13.31 -16.35
C ILE C 262 -12.52 11.83 -16.51
N ALA C 263 -12.06 11.42 -17.68
CA ALA C 263 -11.84 10.00 -17.96
C ALA C 263 -10.77 9.34 -17.06
N PRO C 264 -10.84 8.01 -16.95
CA PRO C 264 -9.81 7.30 -16.20
C PRO C 264 -8.61 7.08 -17.11
N GLU C 265 -7.42 6.89 -16.55
CA GLU C 265 -6.30 6.41 -17.33
C GLU C 265 -6.06 4.97 -16.94
N TYR C 266 -6.33 4.67 -15.69
CA TYR C 266 -6.13 3.32 -15.18
C TYR C 266 -7.41 2.62 -14.79
N GLY C 267 -7.39 1.30 -14.86
CA GLY C 267 -8.43 0.46 -14.33
C GLY C 267 -7.82 -0.35 -13.19
N PHE C 268 -8.65 -1.08 -12.45
CA PHE C 268 -8.17 -1.88 -11.33
C PHE C 268 -8.66 -3.31 -11.47
N LYS C 269 -7.73 -4.23 -11.75
CA LYS C 269 -8.03 -5.65 -11.75
C LYS C 269 -8.37 -6.02 -10.32
N ILE C 270 -9.43 -6.81 -10.17
CA ILE C 270 -9.94 -7.14 -8.87
C ILE C 270 -9.63 -8.61 -8.52
N SER C 271 -10.63 -9.34 -8.06
CA SER C 271 -10.52 -10.78 -7.70
C SER C 271 -10.88 -10.96 -6.23
N LYS C 272 -12.17 -11.08 -5.92
CA LYS C 272 -12.58 -11.29 -4.55
C LYS C 272 -12.53 -12.78 -4.26
N ARG C 273 -12.90 -13.15 -3.04
CA ARG C 273 -13.09 -14.54 -2.67
C ARG C 273 -13.76 -14.58 -1.31
N GLY C 274 -14.02 -13.40 -0.77
CA GLY C 274 -14.69 -13.25 0.50
C GLY C 274 -15.25 -11.86 0.72
N SER C 275 -15.49 -11.50 1.98
CA SER C 275 -16.07 -10.22 2.31
C SER C 275 -15.57 -9.77 3.68
N SER C 276 -14.42 -9.10 3.68
CA SER C 276 -13.84 -8.57 4.91
C SER C 276 -14.47 -7.24 5.29
N GLY C 277 -13.69 -6.30 5.80
CA GLY C 277 -14.23 -5.00 6.16
C GLY C 277 -13.17 -3.97 6.38
N ILE C 278 -13.61 -2.74 6.65
CA ILE C 278 -12.71 -1.62 6.84
C ILE C 278 -12.63 -1.25 8.31
N MET C 279 -11.46 -1.36 8.89
CA MET C 279 -11.27 -1.02 10.29
C MET C 279 -10.92 0.43 10.44
N LYS C 280 -11.67 1.17 11.24
CA LYS C 280 -11.38 2.58 11.43
C LYS C 280 -10.54 2.84 12.67
N THR C 281 -9.24 3.05 12.46
CA THR C 281 -8.32 3.31 13.55
C THR C 281 -7.35 4.44 13.20
N GLU C 282 -6.50 4.83 14.13
CA GLU C 282 -5.53 5.89 13.87
C GLU C 282 -4.12 5.32 14.02
N GLY C 283 -4.04 4.01 14.06
CA GLY C 283 -2.79 3.33 14.37
C GLY C 283 -1.97 2.98 13.14
N THR C 284 -1.00 2.08 13.32
CA THR C 284 -0.09 1.69 12.24
C THR C 284 0.52 0.33 12.52
N LEU C 285 0.11 -0.68 11.75
CA LEU C 285 0.56 -2.05 11.98
C LEU C 285 2.08 -2.17 12.23
N GLU C 286 2.47 -3.15 13.04
CA GLU C 286 3.88 -3.36 13.33
C GLU C 286 4.29 -4.83 13.25
N ASN C 287 3.56 -5.59 12.44
CA ASN C 287 3.94 -6.96 12.08
C ASN C 287 3.92 -7.95 13.24
N CYS C 288 2.74 -8.55 13.46
CA CYS C 288 2.59 -9.63 14.43
C CYS C 288 1.72 -10.73 13.83
N GLU C 289 0.58 -11.01 14.44
CA GLU C 289 -0.35 -11.99 13.90
C GLU C 289 -1.61 -12.09 14.76
N THR C 290 -2.59 -12.84 14.27
CA THR C 290 -3.80 -13.15 15.02
C THR C 290 -4.92 -13.64 14.12
N LYS C 291 -5.76 -14.53 14.65
CA LYS C 291 -6.94 -15.00 13.94
C LYS C 291 -8.03 -13.95 14.12
N CYS C 292 -7.70 -12.90 14.86
CA CYS C 292 -8.66 -11.89 15.26
C CYS C 292 -8.05 -10.54 15.64
N GLN C 293 -8.43 -9.50 14.90
CA GLN C 293 -7.89 -8.17 15.16
C GLN C 293 -9.00 -7.24 15.62
N THR C 294 -8.61 -6.27 16.43
CA THR C 294 -9.53 -5.34 17.08
C THR C 294 -9.03 -3.92 16.91
N PRO C 295 -9.96 -2.96 16.76
CA PRO C 295 -9.54 -1.56 16.64
C PRO C 295 -8.61 -1.13 17.79
N LEU C 296 -8.60 -1.90 18.87
CA LEU C 296 -7.81 -1.54 20.04
C LEU C 296 -6.57 -2.40 20.20
N GLY C 297 -6.57 -3.57 19.57
CA GLY C 297 -5.42 -4.45 19.63
C GLY C 297 -5.82 -5.86 19.24
N ALA C 298 -4.86 -6.75 19.05
CA ALA C 298 -5.21 -8.10 18.61
C ALA C 298 -5.58 -9.01 19.80
N ILE C 299 -6.40 -10.02 19.54
CA ILE C 299 -6.79 -10.96 20.58
C ILE C 299 -6.16 -12.34 20.37
N ASN C 300 -5.52 -12.87 21.41
CA ASN C 300 -4.97 -14.21 21.36
C ASN C 300 -5.65 -15.07 22.42
N THR C 301 -6.68 -15.81 22.03
CA THR C 301 -7.46 -16.57 23.02
C THR C 301 -8.22 -17.78 22.46
N THR C 302 -8.93 -18.47 23.36
CA THR C 302 -9.72 -19.65 23.02
C THR C 302 -11.08 -19.63 23.73
N LEU C 303 -11.29 -18.63 24.58
CA LEU C 303 -12.48 -18.56 25.42
C LEU C 303 -13.72 -18.05 24.65
N PRO C 304 -14.90 -18.59 24.97
CA PRO C 304 -16.12 -18.33 24.19
C PRO C 304 -16.52 -16.87 24.11
N PHE C 305 -15.85 -16.01 24.88
CA PHE C 305 -16.26 -14.61 24.98
C PHE C 305 -15.10 -13.67 25.25
N HIS C 306 -15.21 -12.47 24.70
CA HIS C 306 -14.31 -11.38 25.05
C HIS C 306 -15.17 -10.17 25.26
N ASN C 307 -14.59 -9.11 25.78
CA ASN C 307 -15.33 -7.88 25.99
C ASN C 307 -14.53 -6.65 25.55
N ILE C 308 -13.57 -6.87 24.65
CA ILE C 308 -12.65 -5.83 24.22
C ILE C 308 -13.30 -4.76 23.33
N HIS C 309 -13.85 -5.20 22.20
CA HIS C 309 -14.45 -4.28 21.25
C HIS C 309 -15.38 -5.03 20.31
N PRO C 310 -16.53 -4.44 20.02
CA PRO C 310 -17.54 -5.05 19.16
C PRO C 310 -17.05 -5.22 17.70
N LEU C 311 -16.51 -4.15 17.13
CA LEU C 311 -16.12 -4.17 15.75
C LEU C 311 -14.82 -4.95 15.51
N THR C 312 -14.88 -6.27 15.67
CA THR C 312 -13.73 -7.10 15.42
C THR C 312 -13.66 -7.53 13.95
N ILE C 313 -12.50 -8.04 13.53
CA ILE C 313 -12.35 -8.58 12.20
C ILE C 313 -11.57 -9.88 12.33
N GLY C 314 -12.24 -10.99 12.01
CA GLY C 314 -11.58 -12.28 12.04
C GLY C 314 -12.57 -13.31 12.50
N GLU C 315 -12.06 -14.30 13.23
CA GLU C 315 -12.91 -15.28 13.88
C GLU C 315 -12.91 -14.98 15.37
N CYS C 316 -14.00 -14.43 15.86
CA CYS C 316 -13.95 -13.83 17.19
C CYS C 316 -14.90 -14.43 18.23
N PRO C 317 -14.40 -14.62 19.46
CA PRO C 317 -15.14 -15.03 20.64
C PRO C 317 -16.36 -14.15 20.81
N LYS C 318 -17.57 -14.69 20.65
CA LYS C 318 -18.80 -13.89 20.75
C LYS C 318 -18.69 -12.73 21.75
N TYR C 319 -18.24 -11.58 21.28
CA TYR C 319 -18.04 -10.41 22.15
C TYR C 319 -19.27 -10.12 22.97
N VAL C 320 -19.10 -10.14 24.29
CA VAL C 320 -20.20 -9.87 25.20
C VAL C 320 -19.94 -8.62 26.00
N LYS C 321 -20.99 -8.07 26.60
CA LYS C 321 -20.92 -6.77 27.26
C LYS C 321 -20.67 -6.86 28.77
N SER C 322 -20.00 -7.92 29.21
CA SER C 322 -19.87 -8.18 30.65
C SER C 322 -18.45 -8.05 31.18
N GLU C 323 -18.35 -7.72 32.46
CA GLU C 323 -17.07 -7.42 33.09
C GLU C 323 -16.30 -8.70 33.41
N ARG C 324 -17.02 -9.78 33.65
CA ARG C 324 -16.41 -11.07 33.96
C ARG C 324 -17.38 -12.26 33.84
N LEU C 325 -16.84 -13.44 33.53
CA LEU C 325 -17.62 -14.66 33.44
C LEU C 325 -16.74 -15.77 33.97
N VAL C 326 -17.02 -16.20 35.19
CA VAL C 326 -16.23 -17.28 35.81
C VAL C 326 -17.12 -18.45 36.19
N LEU C 327 -16.75 -19.63 35.69
CA LEU C 327 -17.49 -20.85 35.97
C LEU C 327 -16.95 -21.54 37.22
N ALA C 328 -17.84 -21.94 38.11
CA ALA C 328 -17.42 -22.79 39.22
C ALA C 328 -17.12 -24.17 38.66
N THR C 329 -15.94 -24.69 38.97
CA THR C 329 -15.56 -26.06 38.62
C THR C 329 -15.44 -26.93 39.88
N GLY C 330 -14.89 -26.34 40.93
CA GLY C 330 -14.75 -27.03 42.20
C GLY C 330 -15.94 -26.79 43.11
N LEU C 331 -15.77 -27.09 44.39
CA LEU C 331 -16.85 -26.96 45.36
C LEU C 331 -16.64 -25.77 46.29
N ARG C 332 -17.70 -25.39 47.01
CA ARG C 332 -17.58 -24.26 47.92
C ARG C 332 -16.45 -24.55 48.90
N ASN C 333 -15.57 -23.57 49.06
CA ASN C 333 -14.38 -23.73 49.89
C ASN C 333 -14.62 -23.27 51.33
N VAL C 334 -15.00 -24.20 52.19
CA VAL C 334 -15.25 -23.90 53.60
C VAL C 334 -14.04 -24.25 54.47
N PRO C 335 -13.49 -23.25 55.18
CA PRO C 335 -12.20 -23.32 55.87
C PRO C 335 -12.25 -24.08 57.21
N GLN C 336 -11.50 -23.58 58.20
CA GLN C 336 -11.62 -23.97 59.62
C GLN C 336 -10.32 -23.70 60.38
N GLY C 341 -25.37 -27.54 51.60
CA GLY C 341 -25.86 -27.14 50.30
C GLY C 341 -27.22 -27.69 49.98
N LEU C 342 -27.36 -28.30 48.81
CA LEU C 342 -28.61 -28.95 48.43
C LEU C 342 -28.65 -30.35 48.99
N PHE C 343 -27.47 -30.91 49.25
CA PHE C 343 -27.37 -32.29 49.67
C PHE C 343 -26.93 -32.48 51.14
N GLY C 344 -26.69 -31.37 51.83
CA GLY C 344 -26.47 -31.42 53.26
C GLY C 344 -25.03 -31.60 53.68
N ALA C 345 -24.26 -32.35 52.89
CA ALA C 345 -22.87 -32.64 53.23
C ALA C 345 -22.01 -31.36 53.42
N ILE C 346 -21.65 -30.73 52.31
CA ILE C 346 -20.72 -29.60 52.35
C ILE C 346 -21.26 -28.38 53.10
N ALA C 347 -20.40 -27.78 53.92
CA ALA C 347 -20.79 -26.68 54.79
C ALA C 347 -22.13 -27.00 55.44
N GLY C 348 -22.34 -28.28 55.73
CA GLY C 348 -23.55 -28.76 56.36
C GLY C 348 -23.20 -29.67 57.49
N PHE C 349 -23.76 -30.88 57.49
CA PHE C 349 -23.52 -31.80 58.59
C PHE C 349 -22.04 -32.14 58.71
N ILE C 350 -21.33 -32.21 57.60
CA ILE C 350 -19.87 -32.25 57.64
C ILE C 350 -19.32 -30.81 57.75
N GLU C 351 -19.36 -30.29 58.98
CA GLU C 351 -19.15 -28.88 59.28
C GLU C 351 -18.12 -28.11 58.45
N GLY C 352 -17.03 -28.77 58.05
CA GLY C 352 -15.95 -28.08 57.36
C GLY C 352 -15.03 -28.95 56.52
N GLY C 353 -14.02 -28.32 55.91
CA GLY C 353 -13.13 -29.01 55.00
C GLY C 353 -11.75 -29.27 55.56
N TRP C 354 -10.97 -30.09 54.86
CA TRP C 354 -9.65 -30.50 55.35
C TRP C 354 -8.49 -29.92 54.57
N GLN C 355 -7.97 -28.79 55.04
CA GLN C 355 -6.70 -28.27 54.57
C GLN C 355 -5.73 -29.44 54.41
N GLY C 356 -5.86 -30.42 55.29
CA GLY C 356 -4.95 -31.54 55.34
C GLY C 356 -4.94 -32.37 54.07
N MET C 357 -6.12 -32.60 53.50
CA MET C 357 -6.19 -33.45 52.31
C MET C 357 -5.88 -32.65 51.07
N VAL C 358 -4.90 -33.10 50.28
CA VAL C 358 -4.46 -32.33 49.13
C VAL C 358 -4.02 -33.20 47.95
N ASP C 359 -4.73 -34.30 47.73
CA ASP C 359 -4.47 -35.16 46.59
C ASP C 359 -5.78 -35.48 45.86
N GLY C 360 -6.82 -34.74 46.21
CA GLY C 360 -8.14 -34.90 45.62
C GLY C 360 -9.19 -33.99 46.22
N TRP C 361 -10.42 -34.13 45.74
CA TRP C 361 -11.52 -33.30 46.20
C TRP C 361 -12.29 -33.93 47.35
N TYR C 362 -12.41 -35.25 47.32
CA TYR C 362 -13.16 -35.96 48.34
C TYR C 362 -12.31 -37.12 48.89
N GLY C 363 -12.43 -37.39 50.18
CA GLY C 363 -11.64 -38.46 50.76
C GLY C 363 -11.97 -38.87 52.17
N TYR C 364 -11.10 -39.72 52.72
CA TYR C 364 -11.29 -40.27 54.06
C TYR C 364 -10.22 -39.78 55.03
N HIS C 365 -10.41 -40.10 56.31
CA HIS C 365 -9.43 -39.81 57.34
C HIS C 365 -9.64 -40.72 58.56
N HIS C 366 -8.75 -41.70 58.71
CA HIS C 366 -8.94 -42.76 59.70
C HIS C 366 -8.01 -42.61 60.90
N SER C 367 -8.54 -42.87 62.08
CA SER C 367 -7.73 -42.97 63.29
C SER C 367 -7.58 -44.44 63.65
N ASN C 368 -6.45 -45.04 63.27
CA ASN C 368 -6.24 -46.47 63.43
C ASN C 368 -5.19 -46.80 64.48
N ASP C 369 -4.89 -48.09 64.61
CA ASP C 369 -3.81 -48.55 65.47
C ASP C 369 -2.49 -47.97 64.98
N GLN C 370 -2.53 -47.42 63.77
CA GLN C 370 -1.35 -46.88 63.13
C GLN C 370 -1.63 -45.49 62.57
N GLY C 371 -1.38 -44.48 63.41
CA GLY C 371 -1.50 -43.07 63.06
C GLY C 371 -2.58 -42.70 62.06
N SER C 372 -2.17 -42.08 60.97
CA SER C 372 -3.08 -41.60 59.93
C SER C 372 -3.83 -40.35 60.37
N GLY C 373 -4.14 -39.48 59.40
CA GLY C 373 -3.79 -39.72 58.02
C GLY C 373 -4.92 -39.44 57.06
N TYR C 374 -4.63 -38.65 56.02
CA TYR C 374 -5.63 -38.31 55.01
C TYR C 374 -5.37 -39.04 53.70
N ALA C 375 -6.45 -39.40 53.01
CA ALA C 375 -6.33 -40.08 51.74
C ALA C 375 -7.54 -39.75 50.87
N ALA C 376 -7.30 -39.07 49.76
CA ALA C 376 -8.38 -38.71 48.84
C ALA C 376 -8.85 -39.95 48.07
N ASP C 377 -10.16 -40.03 47.85
CA ASP C 377 -10.73 -41.11 47.06
C ASP C 377 -10.60 -40.73 45.60
N LYS C 378 -9.46 -41.03 45.00
CA LYS C 378 -9.20 -40.58 43.65
C LYS C 378 -10.29 -40.99 42.64
N GLU C 379 -10.88 -42.17 42.83
CA GLU C 379 -11.91 -42.63 41.90
C GLU C 379 -13.07 -41.65 41.73
N SER C 380 -13.67 -41.23 42.85
CA SER C 380 -14.79 -40.30 42.79
C SER C 380 -14.32 -38.87 42.52
N THR C 381 -13.06 -38.59 42.83
CA THR C 381 -12.49 -37.27 42.54
C THR C 381 -12.27 -37.16 41.04
N GLN C 382 -12.05 -38.30 40.39
CA GLN C 382 -11.88 -38.32 38.94
C GLN C 382 -13.20 -38.11 38.22
N LYS C 383 -14.21 -38.91 38.57
CA LYS C 383 -15.53 -38.76 37.98
C LYS C 383 -16.00 -37.32 38.07
N ALA C 384 -15.49 -36.59 39.06
CA ALA C 384 -15.83 -35.18 39.24
C ALA C 384 -14.99 -34.32 38.30
N PHE C 385 -13.68 -34.53 38.34
CA PHE C 385 -12.77 -33.80 37.44
C PHE C 385 -13.14 -34.10 35.99
N ASP C 386 -13.57 -35.33 35.73
CA ASP C 386 -14.01 -35.72 34.40
C ASP C 386 -15.25 -34.95 33.96
N GLY C 387 -16.29 -34.98 34.80
CA GLY C 387 -17.53 -34.32 34.49
C GLY C 387 -17.41 -32.82 34.38
N ILE C 388 -16.94 -32.17 35.44
CA ILE C 388 -16.77 -30.72 35.44
C ILE C 388 -15.95 -30.23 34.25
N THR C 389 -15.06 -31.08 33.74
CA THR C 389 -14.31 -30.70 32.56
C THR C 389 -15.26 -30.57 31.36
N ASN C 390 -16.07 -31.60 31.11
CA ASN C 390 -17.04 -31.52 30.02
C ASN C 390 -18.02 -30.37 30.14
N LYS C 391 -18.36 -29.97 31.37
CA LYS C 391 -19.20 -28.79 31.55
C LYS C 391 -18.47 -27.56 31.03
N VAL C 392 -17.23 -27.37 31.46
CA VAL C 392 -16.49 -26.20 31.01
C VAL C 392 -16.35 -26.22 29.51
N ASN C 393 -16.08 -27.40 28.96
CA ASN C 393 -15.87 -27.54 27.52
C ASN C 393 -17.14 -27.29 26.70
N SER C 394 -18.23 -27.96 27.08
CA SER C 394 -19.51 -27.72 26.42
C SER C 394 -19.86 -26.23 26.35
N VAL C 395 -19.78 -25.56 27.49
CA VAL C 395 -19.99 -24.13 27.56
C VAL C 395 -19.16 -23.39 26.52
N ILE C 396 -17.94 -23.87 26.27
CA ILE C 396 -17.04 -23.27 25.27
C ILE C 396 -17.19 -23.86 23.86
N GLU C 397 -16.72 -25.09 23.70
CA GLU C 397 -16.70 -25.75 22.40
C GLU C 397 -17.98 -25.70 21.58
N LYS C 398 -19.12 -25.42 22.20
CA LYS C 398 -20.40 -25.42 21.47
C LYS C 398 -20.79 -24.06 20.90
N MET C 399 -20.07 -23.02 21.33
CA MET C 399 -20.24 -21.69 20.79
C MET C 399 -19.93 -21.75 19.31
N ASN C 400 -20.80 -21.17 18.49
CA ASN C 400 -20.58 -21.12 17.05
C ASN C 400 -19.74 -19.89 16.67
N THR C 401 -18.78 -20.09 15.76
CA THR C 401 -17.86 -19.01 15.38
C THR C 401 -17.52 -19.04 13.90
N GLN C 402 -17.87 -17.96 13.20
CA GLN C 402 -17.55 -17.82 11.78
C GLN C 402 -16.69 -16.58 11.58
N PHE C 403 -16.29 -16.32 10.35
CA PHE C 403 -15.58 -15.08 10.03
C PHE C 403 -16.59 -13.98 9.79
N GLU C 404 -16.31 -12.80 10.35
CA GLU C 404 -17.24 -11.69 10.23
C GLU C 404 -16.54 -10.37 10.48
N ALA C 405 -16.93 -9.37 9.70
CA ALA C 405 -16.54 -8.00 9.99
C ALA C 405 -17.79 -7.33 10.51
N VAL C 406 -17.65 -6.62 11.64
CA VAL C 406 -18.83 -6.10 12.33
C VAL C 406 -19.22 -4.71 11.86
N GLY C 407 -18.24 -3.84 11.66
CA GLY C 407 -18.52 -2.46 11.31
C GLY C 407 -18.68 -2.20 9.82
N LYS C 408 -19.80 -1.58 9.44
CA LYS C 408 -19.98 -1.13 8.06
C LYS C 408 -20.16 0.38 7.97
N GLU C 409 -20.30 0.88 6.75
CA GLU C 409 -20.37 2.33 6.49
C GLU C 409 -21.71 2.73 5.91
N PHE C 410 -22.20 3.90 6.32
CA PHE C 410 -23.46 4.41 5.80
C PHE C 410 -23.36 5.90 5.49
N SER C 411 -24.05 6.34 4.43
CA SER C 411 -23.98 7.73 3.99
C SER C 411 -24.85 8.58 4.87
N ASN C 412 -24.72 9.89 4.75
CA ASN C 412 -25.49 10.80 5.59
C ASN C 412 -27.00 10.71 5.36
N LEU C 413 -27.41 10.19 4.20
CA LEU C 413 -28.83 10.01 3.90
C LEU C 413 -29.24 8.56 4.08
N GLU C 414 -28.50 7.85 4.92
CA GLU C 414 -28.77 6.45 5.19
C GLU C 414 -28.87 6.25 6.70
N LYS C 415 -29.22 7.33 7.39
CA LYS C 415 -29.39 7.30 8.84
C LYS C 415 -30.24 6.12 9.33
N ARG C 416 -31.40 5.95 8.73
CA ARG C 416 -32.31 4.88 9.10
C ARG C 416 -31.68 3.53 8.90
N LEU C 417 -31.13 3.31 7.73
CA LEU C 417 -30.42 2.05 7.46
C LEU C 417 -29.32 1.78 8.50
N GLU C 418 -28.53 2.79 8.78
CA GLU C 418 -27.47 2.69 9.77
C GLU C 418 -28.00 2.36 11.16
N ASN C 419 -29.14 2.95 11.51
CA ASN C 419 -29.75 2.71 12.81
C ASN C 419 -30.31 1.31 12.87
N LEU C 420 -30.94 0.87 11.80
CA LEU C 420 -31.47 -0.47 11.74
C LEU C 420 -30.36 -1.47 12.01
N ASN C 421 -29.19 -1.16 11.50
CA ASN C 421 -28.04 -2.03 11.68
C ASN C 421 -27.49 -1.97 13.09
N LYS C 422 -27.54 -0.80 13.70
CA LYS C 422 -27.10 -0.65 15.08
C LYS C 422 -28.02 -1.41 16.03
N LYS C 423 -29.31 -1.19 15.89
CA LYS C 423 -30.27 -1.85 16.76
C LYS C 423 -30.16 -3.35 16.59
N MET C 424 -29.76 -3.79 15.40
CA MET C 424 -29.59 -5.22 15.20
C MET C 424 -28.37 -5.74 15.97
N GLU C 425 -27.26 -5.00 15.96
CA GLU C 425 -26.06 -5.41 16.69
C GLU C 425 -26.34 -5.41 18.18
N ASP C 426 -26.94 -4.33 18.67
CA ASP C 426 -27.29 -4.22 20.06
C ASP C 426 -28.19 -5.37 20.42
N GLY C 427 -29.19 -5.61 19.60
CA GLY C 427 -30.10 -6.72 19.83
C GLY C 427 -29.41 -8.02 20.17
N PHE C 428 -28.42 -8.39 19.36
CA PHE C 428 -27.71 -9.65 19.56
C PHE C 428 -26.76 -9.52 20.76
N LEU C 429 -26.34 -8.30 21.05
CA LEU C 429 -25.43 -8.09 22.17
C LEU C 429 -26.14 -8.31 23.50
N ASP C 430 -27.38 -7.83 23.58
CA ASP C 430 -28.19 -8.00 24.76
C ASP C 430 -28.49 -9.48 24.93
N VAL C 431 -28.74 -10.17 23.84
CA VAL C 431 -28.99 -11.59 23.93
C VAL C 431 -27.76 -12.35 24.39
N TRP C 432 -26.66 -12.24 23.68
CA TRP C 432 -25.47 -12.99 24.07
C TRP C 432 -24.98 -12.63 25.48
N THR C 433 -25.30 -11.43 25.94
CA THR C 433 -24.88 -11.02 27.27
C THR C 433 -25.74 -11.73 28.32
N TYR C 434 -27.03 -11.45 28.33
CA TYR C 434 -27.97 -12.21 29.13
C TYR C 434 -27.61 -13.71 29.11
N ASN C 435 -27.74 -14.35 27.96
CA ASN C 435 -27.45 -15.78 27.87
C ASN C 435 -26.18 -16.23 28.61
N ALA C 436 -25.07 -15.56 28.36
CA ALA C 436 -23.83 -15.95 29.02
C ALA C 436 -23.86 -15.60 30.50
N GLU C 437 -24.42 -14.47 30.82
CA GLU C 437 -24.44 -14.02 32.20
C GLU C 437 -25.23 -14.98 33.11
N LEU C 438 -26.32 -15.54 32.61
CA LEU C 438 -27.06 -16.56 33.36
C LEU C 438 -26.42 -17.95 33.29
N LEU C 439 -25.96 -18.36 32.11
CA LEU C 439 -25.34 -19.67 31.97
C LEU C 439 -24.24 -19.82 33.01
N VAL C 440 -23.68 -18.71 33.42
CA VAL C 440 -22.69 -18.71 34.49
C VAL C 440 -23.36 -18.88 35.86
N LEU C 441 -24.36 -18.05 36.15
CA LEU C 441 -25.13 -18.17 37.41
C LEU C 441 -25.66 -19.57 37.59
N MET C 442 -26.69 -19.95 36.84
CA MET C 442 -27.02 -21.37 36.74
C MET C 442 -25.70 -22.03 36.35
N GLU C 443 -25.53 -23.31 36.62
CA GLU C 443 -24.28 -24.02 36.26
C GLU C 443 -23.15 -23.77 37.26
N ASN C 444 -23.25 -22.70 38.02
CA ASN C 444 -22.43 -22.55 39.21
C ASN C 444 -23.24 -23.08 40.39
N GLU C 445 -24.48 -22.63 40.45
CA GLU C 445 -25.40 -23.16 41.42
C GLU C 445 -25.49 -24.67 41.24
N MET C 446 -25.09 -25.14 40.07
CA MET C 446 -25.22 -26.56 39.75
C MET C 446 -23.91 -27.31 39.89
N THR C 447 -22.82 -26.61 39.66
CA THR C 447 -21.51 -27.20 39.83
C THR C 447 -21.28 -27.44 41.32
N LEU C 448 -21.62 -26.44 42.13
CA LEU C 448 -21.49 -26.54 43.58
C LEU C 448 -22.31 -27.70 44.17
N ASP C 449 -23.63 -27.69 43.96
CA ASP C 449 -24.50 -28.74 44.47
C ASP C 449 -24.11 -30.12 43.93
N PHE C 450 -23.30 -30.14 42.88
CA PHE C 450 -22.78 -31.38 42.32
C PHE C 450 -21.73 -31.97 43.23
N HIS C 451 -20.79 -31.13 43.66
CA HIS C 451 -19.79 -31.53 44.64
C HIS C 451 -20.48 -31.98 45.93
N ASP C 452 -21.32 -31.12 46.49
CA ASP C 452 -22.06 -31.44 47.69
C ASP C 452 -22.71 -32.80 47.55
N SER C 453 -23.09 -33.15 46.34
CA SER C 453 -23.77 -34.43 46.14
C SER C 453 -22.78 -35.54 45.97
N ASN C 454 -21.55 -35.20 45.61
CA ASN C 454 -20.52 -36.23 45.46
C ASN C 454 -20.03 -36.68 46.82
N VAL C 455 -19.93 -35.72 47.73
CA VAL C 455 -19.60 -35.99 49.14
C VAL C 455 -20.68 -36.85 49.82
N LYS C 456 -21.85 -36.25 50.08
CA LYS C 456 -22.96 -37.00 50.68
C LYS C 456 -23.25 -38.32 49.96
N ASN C 457 -22.69 -38.50 48.77
CA ASN C 457 -22.80 -39.77 48.08
C ASN C 457 -21.73 -40.73 48.55
N LEU C 458 -20.60 -40.18 48.98
CA LEU C 458 -19.50 -40.97 49.52
C LEU C 458 -19.83 -41.37 50.96
N TYR C 459 -20.38 -40.42 51.70
CA TYR C 459 -20.83 -40.68 53.06
C TYR C 459 -21.77 -41.87 53.09
N ASP C 460 -22.40 -42.17 51.97
CA ASP C 460 -23.34 -43.28 51.91
C ASP C 460 -22.68 -44.53 51.37
N LYS C 461 -21.68 -44.37 50.51
CA LYS C 461 -20.92 -45.50 50.01
C LYS C 461 -20.24 -46.21 51.18
N VAL C 462 -19.98 -45.45 52.24
CA VAL C 462 -19.39 -45.98 53.48
C VAL C 462 -20.46 -46.49 54.44
N ARG C 463 -21.30 -45.59 54.93
CA ARG C 463 -22.39 -45.94 55.83
C ARG C 463 -23.11 -47.22 55.42
N MET C 464 -23.31 -47.40 54.13
CA MET C 464 -24.05 -48.56 53.63
C MET C 464 -23.23 -49.82 53.54
N GLN C 465 -21.91 -49.68 53.70
CA GLN C 465 -21.03 -50.84 53.81
C GLN C 465 -20.95 -51.29 55.28
N LEU C 466 -20.74 -50.31 56.15
CA LEU C 466 -20.55 -50.54 57.59
C LEU C 466 -21.84 -50.94 58.32
N ARG C 467 -22.91 -50.17 58.12
CA ARG C 467 -24.20 -50.45 58.75
C ARG C 467 -24.08 -50.33 60.27
N ASP C 468 -24.34 -51.43 60.97
CA ASP C 468 -24.28 -51.41 62.44
C ASP C 468 -22.93 -51.86 62.98
N ASN C 469 -22.03 -52.27 62.09
CA ASN C 469 -20.67 -52.60 62.49
C ASN C 469 -19.96 -51.40 63.10
N VAL C 470 -20.57 -50.24 62.96
CA VAL C 470 -20.01 -48.99 63.51
C VAL C 470 -21.11 -47.98 63.83
N LYS C 471 -20.79 -46.99 64.65
CA LYS C 471 -21.75 -45.96 64.99
C LYS C 471 -21.53 -44.69 64.15
N GLU C 472 -22.62 -44.01 63.85
CA GLU C 472 -22.60 -42.87 62.96
C GLU C 472 -22.61 -41.58 63.76
N LEU C 473 -21.44 -41.02 63.99
CA LEU C 473 -21.28 -39.87 64.89
C LEU C 473 -22.10 -38.64 64.48
N GLY C 474 -22.45 -38.54 63.20
CA GLY C 474 -23.29 -37.45 62.72
C GLY C 474 -22.54 -36.17 62.41
N ASN C 475 -21.22 -36.25 62.45
CA ASN C 475 -20.36 -35.12 62.10
C ASN C 475 -19.59 -35.45 60.83
N GLY C 476 -19.95 -36.57 60.24
CA GLY C 476 -19.27 -37.05 59.05
C GLY C 476 -18.48 -38.29 59.39
N CYS C 477 -18.16 -38.45 60.67
CA CYS C 477 -17.32 -39.55 61.15
C CYS C 477 -18.10 -40.80 61.55
N PHE C 478 -17.47 -41.95 61.37
CA PHE C 478 -18.00 -43.22 61.88
C PHE C 478 -17.03 -43.75 62.93
N GLU C 479 -17.57 -44.29 64.02
CA GLU C 479 -16.75 -44.91 65.06
C GLU C 479 -16.95 -46.42 65.01
N PHE C 480 -15.84 -47.13 64.83
CA PHE C 480 -15.91 -48.58 64.66
C PHE C 480 -16.27 -49.33 65.95
N TYR C 481 -17.27 -50.21 65.84
CA TYR C 481 -17.60 -51.13 66.94
C TYR C 481 -16.70 -52.36 66.86
N HIS C 482 -15.48 -52.17 66.39
CA HIS C 482 -14.47 -53.23 66.38
C HIS C 482 -13.12 -52.72 65.88
N LYS C 483 -12.23 -53.65 65.54
CA LYS C 483 -10.87 -53.31 65.15
C LYS C 483 -10.72 -53.29 63.63
N CYS C 484 -10.04 -52.27 63.13
CA CYS C 484 -9.87 -52.12 61.68
C CYS C 484 -8.42 -51.75 61.35
N ASP C 485 -7.62 -52.77 61.05
CA ASP C 485 -6.23 -52.56 60.68
C ASP C 485 -6.12 -51.77 59.38
N ASP C 486 -4.89 -51.42 59.01
CA ASP C 486 -4.64 -50.67 57.78
C ASP C 486 -4.97 -51.51 56.55
N GLU C 487 -5.56 -52.68 56.75
CA GLU C 487 -5.97 -53.51 55.62
C GLU C 487 -7.50 -53.58 55.56
N CYS C 488 -8.13 -53.30 56.69
CA CYS C 488 -9.57 -53.19 56.75
C CYS C 488 -10.01 -51.80 56.32
N MET C 489 -9.33 -50.78 56.83
CA MET C 489 -9.57 -49.41 56.38
C MET C 489 -9.49 -49.38 54.87
N ASN C 490 -8.32 -49.71 54.34
CA ASN C 490 -8.10 -49.80 52.90
C ASN C 490 -9.17 -50.59 52.14
N SER C 491 -9.93 -51.43 52.84
CA SER C 491 -10.96 -52.25 52.20
C SER C 491 -12.28 -51.49 52.05
N VAL C 492 -12.53 -50.55 52.95
CA VAL C 492 -13.74 -49.73 52.88
C VAL C 492 -13.66 -48.77 51.70
N LYS C 493 -12.54 -48.05 51.60
CA LYS C 493 -12.22 -47.26 50.44
C LYS C 493 -12.18 -48.16 49.21
N ASN C 494 -11.63 -49.35 49.40
CA ASN C 494 -11.53 -50.36 48.33
C ASN C 494 -12.89 -50.63 47.70
N GLY C 495 -13.96 -50.24 48.40
CA GLY C 495 -15.31 -50.48 47.94
C GLY C 495 -15.79 -51.86 48.31
N THR C 496 -14.88 -52.67 48.84
CA THR C 496 -15.19 -54.03 49.23
C THR C 496 -14.91 -54.25 50.72
N TYR C 497 -15.95 -54.11 51.53
CA TYR C 497 -15.85 -54.35 52.97
C TYR C 497 -16.04 -55.84 53.24
N ASP C 498 -16.62 -56.16 54.40
CA ASP C 498 -16.89 -57.54 54.76
C ASP C 498 -17.72 -57.59 56.04
N TYR C 499 -19.00 -57.23 55.91
CA TYR C 499 -19.89 -57.16 57.06
C TYR C 499 -20.13 -58.52 57.68
N SER C 500 -20.05 -59.56 56.85
CA SER C 500 -20.30 -60.92 57.32
C SER C 500 -19.10 -61.51 58.05
N LYS C 501 -18.23 -60.64 58.55
CA LYS C 501 -17.06 -61.06 59.31
C LYS C 501 -16.97 -60.28 60.63
N TYR C 502 -16.62 -59.00 60.53
CA TYR C 502 -16.55 -58.13 61.70
C TYR C 502 -17.92 -57.97 62.36
N GLU C 503 -18.90 -58.71 61.85
CA GLU C 503 -20.24 -58.72 62.44
C GLU C 503 -20.12 -59.16 63.91
N GLU C 504 -19.14 -60.03 64.17
CA GLU C 504 -18.83 -60.51 65.52
C GLU C 504 -18.15 -59.47 66.42
N GLU C 505 -18.87 -59.06 67.45
CA GLU C 505 -18.40 -58.19 68.53
C GLU C 505 -19.31 -56.99 68.76
N SER C 506 -20.26 -57.13 69.68
CA SER C 506 -21.20 -56.05 69.95
C SER C 506 -20.81 -55.29 71.22
N LYS C 507 -20.77 -53.96 71.12
CA LYS C 507 -20.43 -53.08 72.24
N ILE D 18 14.89 22.43 -89.55
CA ILE D 18 15.47 21.79 -88.37
C ILE D 18 14.55 20.70 -87.84
N CYS D 19 15.12 19.52 -87.60
CA CYS D 19 14.37 18.41 -87.02
C CYS D 19 14.98 18.00 -85.68
N VAL D 20 14.14 17.77 -84.68
CA VAL D 20 14.62 17.36 -83.36
C VAL D 20 14.06 16.01 -82.97
N GLY D 21 14.45 14.97 -83.70
CA GLY D 21 14.07 13.61 -83.38
C GLY D 21 15.01 13.04 -82.34
N TYR D 22 15.09 11.72 -82.27
CA TYR D 22 15.94 11.06 -81.29
C TYR D 22 16.69 9.88 -81.89
N HIS D 23 17.59 9.29 -81.09
CA HIS D 23 18.46 8.20 -81.51
C HIS D 23 17.69 6.89 -81.80
N SER D 24 18.43 5.79 -81.90
CA SER D 24 17.86 4.45 -82.08
C SER D 24 18.95 3.47 -82.51
N ASN D 25 18.52 2.25 -82.86
CA ASN D 25 19.38 1.25 -83.50
C ASN D 25 18.67 -0.09 -83.71
N ASN D 26 19.15 -0.88 -84.67
CA ASN D 26 18.55 -2.19 -84.95
C ASN D 26 18.66 -3.13 -83.76
N SER D 27 18.01 -2.78 -82.66
CA SER D 27 18.05 -3.58 -81.44
C SER D 27 16.69 -4.26 -81.21
N THR D 28 16.73 -5.46 -80.64
CA THR D 28 15.49 -6.13 -80.22
C THR D 28 15.57 -6.56 -78.76
N GLU D 29 16.22 -5.73 -77.94
CA GLU D 29 16.19 -5.87 -76.49
C GLU D 29 14.85 -5.34 -75.97
N LYS D 30 14.03 -6.23 -75.42
CA LYS D 30 12.72 -5.86 -74.88
C LYS D 30 12.78 -5.68 -73.37
N VAL D 31 12.56 -4.46 -72.88
CA VAL D 31 12.50 -4.20 -71.43
C VAL D 31 11.06 -4.27 -70.90
N ASP D 32 10.92 -4.18 -69.59
CA ASP D 32 9.60 -4.27 -68.98
C ASP D 32 9.22 -3.09 -68.08
N THR D 33 7.94 -2.74 -68.16
CA THR D 33 7.33 -1.64 -67.40
C THR D 33 6.02 -2.12 -66.78
N ILE D 34 5.51 -1.36 -65.82
CA ILE D 34 4.29 -1.72 -65.08
C ILE D 34 3.01 -1.52 -65.90
N LEU D 35 3.18 -0.95 -67.09
CA LEU D 35 2.08 -0.68 -68.01
C LEU D 35 2.22 -1.51 -69.29
N GLU D 36 3.46 -1.77 -69.71
CA GLU D 36 3.68 -2.39 -70.99
C GLU D 36 4.52 -3.66 -70.93
N ARG D 37 3.94 -4.76 -71.43
CA ARG D 37 4.63 -6.03 -71.51
C ARG D 37 5.44 -6.11 -72.80
N ASN D 38 6.76 -6.21 -72.66
CA ASN D 38 7.67 -6.09 -73.80
C ASN D 38 7.70 -4.66 -74.32
N VAL D 39 8.91 -4.09 -74.37
CA VAL D 39 9.10 -2.70 -74.82
C VAL D 39 10.47 -2.53 -75.51
N THR D 40 10.59 -3.05 -76.73
CA THR D 40 11.82 -2.95 -77.52
C THR D 40 12.50 -1.58 -77.35
N VAL D 41 13.74 -1.58 -76.87
CA VAL D 41 14.41 -0.36 -76.46
C VAL D 41 15.85 -0.34 -76.91
N THR D 42 16.49 0.83 -76.79
CA THR D 42 17.81 1.03 -77.41
C THR D 42 18.97 0.42 -76.62
N HIS D 43 19.02 0.76 -75.33
CA HIS D 43 20.05 0.24 -74.43
C HIS D 43 19.40 -0.23 -73.13
N ALA D 44 19.86 -1.38 -72.61
CA ALA D 44 19.38 -1.91 -71.35
C ALA D 44 20.56 -2.45 -70.56
N GLN D 45 20.39 -2.64 -69.25
CA GLN D 45 21.45 -3.17 -68.41
C GLN D 45 21.04 -4.44 -67.68
N ASP D 46 22.02 -5.12 -67.09
CA ASP D 46 21.78 -6.31 -66.30
C ASP D 46 22.20 -6.10 -64.83
N ILE D 47 21.39 -6.62 -63.90
CA ILE D 47 21.65 -6.43 -62.48
C ILE D 47 21.60 -7.74 -61.68
N LEU D 48 21.30 -8.83 -62.37
CA LEU D 48 21.08 -10.12 -61.76
C LEU D 48 22.16 -11.09 -62.19
N GLU D 49 23.37 -10.88 -61.70
CA GLU D 49 24.49 -11.74 -62.08
C GLU D 49 24.04 -13.19 -62.04
N LYS D 50 24.47 -13.97 -63.01
CA LYS D 50 23.96 -15.34 -63.17
C LYS D 50 25.06 -16.39 -63.32
N THR D 51 26.32 -15.93 -63.30
CA THR D 51 27.44 -16.78 -63.68
C THR D 51 28.55 -16.86 -62.61
N HIS D 52 29.19 -18.03 -62.55
CA HIS D 52 30.12 -18.44 -61.50
C HIS D 52 31.14 -19.41 -62.10
N ASN D 53 32.32 -19.52 -61.49
CA ASN D 53 33.28 -20.55 -61.87
C ASN D 53 32.61 -21.90 -62.02
N GLY D 54 32.51 -22.60 -60.90
CA GLY D 54 32.23 -24.03 -60.89
C GLY D 54 33.37 -24.55 -60.06
N LYS D 55 34.30 -23.64 -59.78
CA LYS D 55 35.38 -23.85 -58.85
C LYS D 55 34.82 -23.62 -57.46
N LEU D 56 34.96 -24.60 -56.56
CA LEU D 56 34.87 -24.25 -55.15
C LEU D 56 36.21 -23.59 -54.83
N CYS D 57 36.19 -22.34 -54.42
CA CYS D 57 37.43 -21.58 -54.34
C CYS D 57 37.93 -21.33 -52.92
N LYS D 58 38.00 -20.07 -52.57
CA LYS D 58 38.45 -19.66 -51.26
C LYS D 58 37.67 -18.42 -50.89
N LEU D 59 37.70 -18.08 -49.61
CA LEU D 59 37.07 -16.87 -49.13
C LEU D 59 38.16 -15.93 -48.64
N ASN D 60 38.21 -14.72 -49.18
CA ASN D 60 39.21 -13.72 -48.78
C ASN D 60 40.65 -14.26 -48.66
N GLY D 61 40.91 -15.42 -49.26
CA GLY D 61 42.25 -15.98 -49.31
C GLY D 61 42.44 -17.37 -48.70
N ILE D 62 41.49 -17.79 -47.87
CA ILE D 62 41.64 -18.98 -47.02
C ILE D 62 40.94 -20.21 -47.62
N PRO D 63 41.47 -21.42 -47.34
CA PRO D 63 40.89 -22.65 -47.90
C PRO D 63 39.75 -23.25 -47.07
N PRO D 64 38.86 -24.02 -47.70
CA PRO D 64 37.91 -24.76 -46.87
C PRO D 64 38.66 -25.90 -46.19
N LEU D 65 38.06 -26.50 -45.17
CA LEU D 65 38.50 -27.80 -44.69
C LEU D 65 37.94 -28.83 -45.66
N GLU D 66 38.86 -29.57 -46.29
CA GLU D 66 38.48 -30.61 -47.23
C GLU D 66 38.15 -31.88 -46.44
N LEU D 67 36.96 -32.44 -46.64
CA LEU D 67 36.57 -33.60 -45.84
C LEU D 67 36.43 -34.95 -46.56
N GLY D 68 36.04 -34.96 -47.82
CA GLY D 68 35.95 -36.21 -48.56
C GLY D 68 34.74 -37.01 -48.14
N ASP D 69 34.76 -38.34 -48.26
CA ASP D 69 33.61 -39.12 -47.77
C ASP D 69 33.68 -39.33 -46.26
N CYS D 70 34.35 -38.42 -45.57
CA CYS D 70 34.41 -38.46 -44.11
C CYS D 70 33.54 -37.38 -43.50
N SER D 71 32.88 -37.72 -42.40
CA SER D 71 32.06 -36.78 -41.68
C SER D 71 32.89 -36.14 -40.60
N ILE D 72 32.44 -34.98 -40.12
CA ILE D 72 33.20 -34.18 -39.17
C ILE D 72 33.53 -34.95 -37.91
N ALA D 73 32.70 -35.94 -37.58
CA ALA D 73 32.97 -36.77 -36.43
C ALA D 73 33.88 -37.96 -36.77
N GLY D 74 33.66 -38.58 -37.93
CA GLY D 74 34.59 -39.57 -38.40
C GLY D 74 35.99 -38.99 -38.22
N TRP D 75 36.16 -37.79 -38.75
CA TRP D 75 37.41 -37.08 -38.62
C TRP D 75 37.92 -37.01 -37.17
N LEU D 76 37.39 -36.09 -36.36
CA LEU D 76 37.89 -35.85 -35.02
C LEU D 76 38.09 -37.12 -34.17
N LEU D 77 37.13 -38.04 -34.26
CA LEU D 77 37.24 -39.30 -33.53
C LEU D 77 38.42 -40.12 -34.01
N GLY D 78 38.64 -40.13 -35.33
CA GLY D 78 39.74 -40.88 -35.89
C GLY D 78 39.26 -42.13 -36.57
N ASN D 79 38.05 -42.09 -37.07
CA ASN D 79 37.58 -43.15 -37.91
C ASN D 79 38.79 -43.41 -38.80
N PRO D 80 39.26 -44.69 -38.87
CA PRO D 80 40.47 -45.03 -39.62
C PRO D 80 40.17 -45.21 -41.09
N GLU D 81 39.29 -44.37 -41.63
CA GLU D 81 39.12 -44.25 -43.06
C GLU D 81 39.37 -42.81 -43.39
N CYS D 82 39.60 -42.01 -42.35
CA CYS D 82 39.83 -40.59 -42.53
C CYS D 82 41.28 -40.24 -42.28
N ASP D 83 42.15 -41.24 -42.37
CA ASP D 83 43.59 -41.06 -42.40
C ASP D 83 43.96 -40.39 -43.71
N ARG D 84 43.30 -40.86 -44.78
CA ARG D 84 43.58 -40.45 -46.15
C ARG D 84 43.22 -38.99 -46.31
N LEU D 85 43.80 -38.12 -45.48
CA LEU D 85 43.29 -36.76 -45.39
C LEU D 85 44.33 -35.63 -45.23
N LEU D 86 43.99 -34.47 -45.79
CA LEU D 86 44.81 -33.27 -45.70
C LEU D 86 44.13 -32.23 -44.83
N THR D 87 44.53 -32.19 -43.55
CA THR D 87 43.95 -31.26 -42.59
C THR D 87 44.82 -30.02 -42.43
N VAL D 88 44.17 -28.86 -42.48
CA VAL D 88 44.89 -27.60 -42.62
C VAL D 88 44.55 -26.61 -41.51
N PRO D 89 45.57 -25.96 -40.93
CA PRO D 89 45.47 -25.04 -39.78
C PRO D 89 44.69 -23.74 -40.06
N GLU D 90 43.56 -23.82 -40.77
CA GLU D 90 42.74 -22.67 -41.07
C GLU D 90 41.62 -23.09 -42.00
N TRP D 91 40.53 -22.34 -41.98
CA TRP D 91 39.46 -22.52 -42.97
C TRP D 91 38.41 -21.39 -42.91
N SER D 92 37.87 -21.03 -44.07
CA SER D 92 36.90 -19.95 -44.14
C SER D 92 35.51 -20.55 -44.12
N TYR D 93 35.44 -21.81 -44.56
CA TYR D 93 34.28 -22.67 -44.40
C TYR D 93 34.77 -24.11 -44.37
N ILE D 94 33.86 -25.04 -44.65
CA ILE D 94 34.17 -26.46 -44.59
C ILE D 94 33.35 -27.16 -45.64
N MET D 95 34.00 -27.92 -46.52
CA MET D 95 33.23 -28.68 -47.47
C MET D 95 33.00 -30.05 -46.89
N GLU D 96 31.73 -30.45 -46.85
CA GLU D 96 31.39 -31.78 -46.40
C GLU D 96 30.40 -32.40 -47.36
N LYS D 97 30.55 -33.69 -47.61
CA LYS D 97 29.64 -34.42 -48.48
C LYS D 97 28.26 -34.34 -47.89
N GLU D 98 27.23 -34.63 -48.68
CA GLU D 98 25.89 -34.70 -48.12
C GLU D 98 25.81 -35.79 -47.04
N ASN D 99 25.85 -37.06 -47.47
CA ASN D 99 25.81 -38.20 -46.58
C ASN D 99 27.14 -38.90 -46.55
N PRO D 100 28.09 -38.34 -45.80
CA PRO D 100 29.43 -38.94 -45.73
C PRO D 100 29.39 -40.46 -45.53
N ARG D 101 30.46 -41.11 -45.99
CA ARG D 101 30.57 -42.57 -46.02
C ARG D 101 31.08 -43.07 -44.69
N ASN D 102 32.18 -42.47 -44.26
CA ASN D 102 32.86 -42.88 -43.05
C ASN D 102 32.68 -41.88 -41.91
N GLY D 103 31.83 -42.19 -40.95
CA GLY D 103 31.67 -41.28 -39.83
C GLY D 103 31.93 -41.95 -38.49
N LEU D 104 30.93 -42.68 -38.02
CA LEU D 104 31.07 -43.54 -36.87
C LEU D 104 31.03 -44.97 -37.40
N CYS D 105 32.21 -45.54 -37.63
CA CYS D 105 32.31 -46.96 -37.93
C CYS D 105 31.56 -47.75 -36.84
N TYR D 106 31.92 -47.51 -35.58
CA TYR D 106 31.22 -48.13 -34.46
C TYR D 106 30.00 -47.32 -34.13
N PRO D 107 28.81 -47.90 -34.30
CA PRO D 107 27.49 -47.27 -34.29
C PRO D 107 27.28 -46.41 -33.08
N GLY D 108 26.56 -45.31 -33.23
CA GLY D 108 26.30 -44.47 -32.08
C GLY D 108 25.51 -43.20 -32.23
N SER D 109 25.91 -42.26 -31.39
CA SER D 109 25.25 -40.99 -31.23
C SER D 109 26.33 -39.98 -30.85
N PHE D 110 26.10 -38.72 -31.18
CA PHE D 110 27.03 -37.68 -30.84
C PHE D 110 26.24 -36.53 -30.26
N ASN D 111 26.47 -36.24 -28.99
CA ASN D 111 25.62 -35.27 -28.29
C ASN D 111 25.96 -33.84 -28.66
N ASP D 112 24.97 -33.10 -29.15
CA ASP D 112 25.17 -31.70 -29.49
C ASP D 112 26.01 -31.56 -30.75
N TYR D 113 25.72 -32.42 -31.71
CA TYR D 113 26.58 -32.55 -32.87
C TYR D 113 26.57 -31.27 -33.67
N GLU D 114 25.38 -30.82 -34.06
CA GLU D 114 25.25 -29.67 -34.93
C GLU D 114 25.72 -28.38 -34.23
N GLU D 115 25.55 -28.35 -32.92
CA GLU D 115 26.07 -27.23 -32.14
C GLU D 115 27.59 -27.21 -32.12
N LEU D 116 28.23 -28.32 -32.49
CA LEU D 116 29.70 -28.40 -32.63
C LEU D 116 30.15 -28.06 -34.05
N LYS D 117 29.52 -28.69 -35.03
CA LYS D 117 29.82 -28.35 -36.41
C LYS D 117 29.88 -26.83 -36.63
N HIS D 118 28.80 -26.11 -36.33
CA HIS D 118 28.80 -24.66 -36.48
C HIS D 118 29.97 -24.01 -35.74
N LEU D 119 30.34 -24.55 -34.59
CA LEU D 119 31.47 -24.00 -33.88
C LEU D 119 32.75 -24.06 -34.73
N ILE D 120 33.13 -25.26 -35.18
CA ILE D 120 34.36 -25.42 -35.98
C ILE D 120 34.17 -25.14 -37.47
N SER D 121 33.09 -24.44 -37.83
CA SER D 121 32.86 -24.20 -39.24
C SER D 121 33.87 -23.17 -39.76
N SER D 122 34.35 -22.31 -38.87
CA SER D 122 35.48 -21.44 -39.22
C SER D 122 36.45 -21.38 -38.07
N VAL D 123 37.74 -21.63 -38.35
CA VAL D 123 38.73 -21.58 -37.28
C VAL D 123 40.04 -20.92 -37.69
N THR D 124 40.97 -20.89 -36.74
CA THR D 124 42.26 -20.27 -36.95
C THR D 124 43.02 -20.18 -35.62
N HIS D 125 43.65 -21.28 -35.18
CA HIS D 125 43.78 -22.49 -35.97
C HIS D 125 43.14 -23.72 -35.40
N PHE D 126 43.70 -24.85 -35.80
CA PHE D 126 43.23 -26.15 -35.35
C PHE D 126 44.40 -27.11 -35.15
N GLU D 127 44.74 -27.42 -33.90
CA GLU D 127 45.88 -28.30 -33.62
C GLU D 127 45.51 -29.43 -32.65
N LYS D 128 45.84 -30.67 -33.02
CA LYS D 128 45.60 -31.85 -32.17
C LYS D 128 46.81 -32.15 -31.28
N VAL D 129 46.57 -32.37 -30.00
CA VAL D 129 47.68 -32.60 -29.09
C VAL D 129 47.48 -33.82 -28.18
N LYS D 130 48.47 -34.71 -28.15
CA LYS D 130 48.40 -35.80 -27.19
C LYS D 130 48.25 -35.13 -25.84
N ILE D 131 47.11 -35.34 -25.21
CA ILE D 131 46.83 -34.76 -23.89
C ILE D 131 46.77 -35.81 -22.81
N LEU D 132 46.42 -37.04 -23.17
CA LEU D 132 46.23 -38.09 -22.16
C LEU D 132 46.89 -39.43 -22.51
N PRO D 133 48.24 -39.46 -22.66
CA PRO D 133 48.92 -40.61 -23.27
C PRO D 133 48.26 -41.93 -22.90
N LYS D 134 48.20 -42.86 -23.86
CA LYS D 134 47.37 -44.06 -23.76
C LYS D 134 47.92 -45.14 -22.84
N ASP D 135 49.24 -45.25 -22.79
CA ASP D 135 49.90 -46.23 -21.94
C ASP D 135 49.61 -45.99 -20.48
N ARG D 136 49.79 -44.75 -20.05
CA ARG D 136 49.75 -44.38 -18.64
C ARG D 136 48.39 -44.67 -18.02
N TRP D 137 47.62 -45.56 -18.65
CA TRP D 137 46.36 -46.04 -18.10
C TRP D 137 46.59 -47.37 -17.33
N THR D 138 47.84 -47.56 -16.91
CA THR D 138 48.38 -48.84 -16.45
C THR D 138 47.41 -49.89 -15.96
N GLN D 139 46.49 -49.51 -15.08
CA GLN D 139 45.59 -50.46 -14.44
C GLN D 139 44.56 -51.10 -15.39
N HIS D 140 44.27 -50.44 -16.52
CA HIS D 140 43.26 -50.94 -17.46
C HIS D 140 43.85 -51.42 -18.78
N THR D 141 43.02 -52.11 -19.54
CA THR D 141 43.39 -52.44 -20.90
C THR D 141 43.15 -51.25 -21.83
N THR D 142 44.08 -51.06 -22.76
CA THR D 142 44.08 -49.92 -23.64
C THR D 142 44.02 -50.39 -25.09
N THR D 143 43.64 -51.65 -25.30
CA THR D 143 43.61 -52.24 -26.64
C THR D 143 42.28 -52.91 -26.94
N GLY D 144 41.18 -52.24 -26.61
CA GLY D 144 39.88 -52.67 -27.11
C GLY D 144 39.79 -52.26 -28.57
N GLY D 145 39.01 -53.01 -29.35
CA GLY D 145 38.79 -52.63 -30.74
C GLY D 145 37.65 -53.39 -31.39
N SER D 146 37.34 -53.06 -32.64
CA SER D 146 36.20 -53.71 -33.27
C SER D 146 36.37 -53.88 -34.76
N GLN D 147 35.56 -54.76 -35.34
CA GLN D 147 35.53 -54.95 -36.78
C GLN D 147 34.48 -54.00 -37.30
N GLY D 148 33.76 -53.36 -36.37
CA GLY D 148 32.99 -52.19 -36.70
C GLY D 148 33.99 -51.26 -37.37
N CYS D 149 35.19 -51.21 -36.79
CA CYS D 149 36.26 -50.30 -37.22
C CYS D 149 37.56 -50.92 -37.81
N ALA D 150 37.43 -51.84 -38.75
CA ALA D 150 38.57 -52.59 -39.31
C ALA D 150 39.51 -51.84 -40.27
N VAL D 151 40.82 -51.94 -40.03
CA VAL D 151 41.81 -51.23 -40.83
C VAL D 151 42.36 -52.05 -41.96
N PHE D 152 42.97 -53.21 -41.66
CA PHE D 152 43.61 -53.93 -42.76
C PHE D 152 43.43 -55.42 -42.88
N ASP D 153 42.30 -56.00 -42.48
CA ASP D 153 41.29 -55.34 -41.69
C ASP D 153 41.25 -56.08 -40.35
N ASN D 154 42.19 -55.74 -39.49
CA ASN D 154 42.13 -56.20 -38.11
C ASN D 154 41.08 -55.43 -37.32
N PRO D 155 40.67 -55.99 -36.19
CA PRO D 155 39.95 -55.15 -35.25
C PRO D 155 40.66 -53.81 -35.13
N SER D 156 39.91 -52.73 -34.97
CA SER D 156 40.49 -51.41 -34.69
C SER D 156 39.41 -50.42 -34.23
N PHE D 157 39.72 -49.13 -34.29
CA PHE D 157 38.92 -48.18 -33.55
C PHE D 157 39.34 -46.78 -33.87
N PHE D 158 38.47 -45.82 -33.61
CA PHE D 158 38.82 -44.43 -33.83
C PHE D 158 40.22 -44.18 -33.24
N ARG D 159 41.15 -43.77 -34.10
CA ARG D 159 42.55 -43.61 -33.70
C ARG D 159 42.84 -42.34 -32.89
N ASN D 160 41.90 -41.93 -32.06
CA ASN D 160 42.09 -40.79 -31.19
C ASN D 160 41.47 -41.11 -29.86
N MET D 161 40.85 -42.29 -29.81
CA MET D 161 40.13 -42.76 -28.65
C MET D 161 40.76 -44.07 -28.14
N VAL D 162 40.65 -44.26 -26.82
CA VAL D 162 40.99 -45.52 -26.16
C VAL D 162 39.74 -46.11 -25.56
N TRP D 163 39.43 -47.33 -25.95
CA TRP D 163 38.37 -48.11 -25.29
C TRP D 163 38.90 -48.75 -24.03
N LEU D 164 39.12 -47.98 -22.96
CA LEU D 164 39.50 -48.59 -21.69
C LEU D 164 38.58 -49.77 -21.40
N THR D 165 39.16 -50.98 -21.27
CA THR D 165 38.45 -52.15 -20.71
C THR D 165 39.19 -52.75 -19.53
N LYS D 166 38.61 -53.79 -18.93
CA LYS D 166 39.19 -54.41 -17.74
C LYS D 166 40.47 -55.20 -18.05
N LYS D 167 41.35 -55.24 -17.05
CA LYS D 167 42.60 -56.01 -17.12
C LYS D 167 42.57 -57.03 -16.00
N GLY D 168 42.92 -58.27 -16.32
CA GLY D 168 42.69 -59.35 -15.38
C GLY D 168 41.19 -59.51 -15.25
N SER D 169 40.71 -59.71 -14.03
CA SER D 169 39.27 -59.76 -13.79
C SER D 169 38.74 -58.46 -13.19
N ASN D 170 39.62 -57.46 -13.06
CA ASN D 170 39.27 -56.21 -12.41
C ASN D 170 39.12 -55.00 -13.34
N TYR D 171 38.21 -54.11 -12.97
CA TYR D 171 38.11 -52.77 -13.58
C TYR D 171 38.27 -51.75 -12.44
N PRO D 172 39.52 -51.51 -12.03
CA PRO D 172 39.90 -50.46 -11.10
C PRO D 172 39.33 -49.12 -11.54
N VAL D 173 38.97 -48.24 -10.61
CA VAL D 173 38.48 -46.92 -11.00
C VAL D 173 39.47 -46.20 -11.91
N ALA D 174 38.96 -45.75 -13.05
CA ALA D 174 39.77 -45.06 -14.04
C ALA D 174 39.76 -43.58 -13.73
N LYS D 175 40.94 -42.98 -13.70
CA LYS D 175 41.07 -41.57 -13.36
C LYS D 175 42.07 -40.85 -14.27
N GLY D 176 41.58 -39.83 -14.99
CA GLY D 176 42.40 -39.08 -15.92
C GLY D 176 42.33 -37.59 -15.68
N SER D 177 43.42 -36.90 -15.96
CA SER D 177 43.45 -35.48 -15.67
C SER D 177 44.36 -34.72 -16.62
N TYR D 178 43.85 -33.63 -17.18
CA TYR D 178 44.66 -32.72 -17.96
C TYR D 178 44.32 -31.26 -17.63
N ASN D 179 45.25 -30.57 -16.95
CA ASN D 179 45.18 -29.13 -16.72
C ASN D 179 45.70 -28.42 -17.99
N ASN D 180 44.77 -27.90 -18.80
CA ASN D 180 45.15 -27.36 -20.11
C ASN D 180 46.30 -26.35 -20.07
N THR D 181 47.46 -26.77 -20.55
CA THR D 181 48.64 -25.92 -20.54
C THR D 181 48.99 -25.41 -21.95
N SER D 182 48.13 -25.72 -22.91
CA SER D 182 48.41 -25.43 -24.31
C SER D 182 48.42 -23.93 -24.63
N GLY D 183 47.61 -23.16 -23.90
CA GLY D 183 47.49 -21.73 -24.17
C GLY D 183 46.36 -21.40 -25.14
N GLU D 184 45.89 -22.43 -25.82
CA GLU D 184 44.71 -22.30 -26.66
C GLU D 184 43.62 -23.11 -25.97
N GLN D 185 42.38 -22.64 -26.10
CA GLN D 185 41.24 -23.45 -25.70
C GLN D 185 41.32 -24.74 -26.46
N MET D 186 40.78 -25.80 -25.89
CA MET D 186 40.96 -27.12 -26.48
C MET D 186 39.70 -27.96 -26.38
N LEU D 187 39.06 -28.19 -27.53
CA LEU D 187 37.88 -29.03 -27.57
C LEU D 187 38.28 -30.47 -27.30
N ILE D 188 37.67 -31.09 -26.29
CA ILE D 188 37.98 -32.46 -25.89
C ILE D 188 36.77 -33.36 -25.94
N ILE D 189 36.90 -34.55 -26.52
CA ILE D 189 35.73 -35.38 -26.80
C ILE D 189 35.98 -36.70 -26.17
N TRP D 190 35.00 -37.15 -25.36
CA TRP D 190 35.01 -38.49 -24.75
C TRP D 190 33.76 -39.25 -25.17
N GLY D 191 33.74 -40.55 -24.92
CA GLY D 191 32.62 -41.37 -25.37
C GLY D 191 32.24 -42.36 -24.28
N VAL D 192 31.14 -43.09 -24.49
CA VAL D 192 30.51 -43.98 -23.49
C VAL D 192 29.78 -45.18 -24.14
N HIS D 193 30.24 -46.39 -23.86
CA HIS D 193 29.77 -47.61 -24.54
C HIS D 193 28.49 -48.27 -23.97
N HIS D 194 27.56 -48.61 -24.85
CA HIS D 194 26.26 -49.16 -24.40
C HIS D 194 26.09 -50.61 -24.79
N PRO D 195 26.62 -51.49 -23.96
CA PRO D 195 26.76 -52.90 -24.29
C PRO D 195 25.42 -53.54 -24.61
N ASN D 196 25.41 -54.59 -25.43
CA ASN D 196 24.18 -55.26 -25.86
C ASN D 196 23.29 -55.80 -24.73
N ASP D 197 23.87 -55.92 -23.55
CA ASP D 197 23.19 -56.56 -22.44
C ASP D 197 24.10 -56.72 -21.22
N GLU D 198 23.49 -56.95 -20.06
CA GLU D 198 24.18 -56.94 -18.78
C GLU D 198 25.50 -57.69 -18.82
N THR D 199 25.46 -58.89 -19.38
CA THR D 199 26.58 -59.81 -19.29
C THR D 199 27.80 -59.43 -20.18
N GLU D 200 27.56 -58.94 -21.40
CA GLU D 200 28.60 -58.30 -22.22
C GLU D 200 29.23 -57.15 -21.45
N GLN D 201 28.41 -56.55 -20.59
CA GLN D 201 28.80 -55.43 -19.74
C GLN D 201 29.81 -55.86 -18.69
N ARG D 202 29.53 -57.01 -18.06
CA ARG D 202 30.45 -57.58 -17.08
C ARG D 202 31.61 -58.22 -17.80
N THR D 203 31.33 -58.83 -18.94
CA THR D 203 32.41 -59.34 -19.79
C THR D 203 33.47 -58.26 -20.05
N LEU D 204 33.04 -57.10 -20.57
CA LEU D 204 33.95 -56.01 -20.91
C LEU D 204 34.47 -55.20 -19.72
N TYR D 205 33.59 -54.90 -18.76
CA TYR D 205 33.93 -53.91 -17.74
C TYR D 205 33.85 -54.48 -16.33
N GLN D 206 33.35 -55.71 -16.22
CA GLN D 206 33.26 -56.43 -14.96
C GLN D 206 32.69 -55.60 -13.84
N ASN D 207 31.46 -55.15 -14.04
CA ASN D 207 30.63 -54.52 -13.02
C ASN D 207 29.58 -53.53 -13.56
N VAL D 208 28.30 -53.85 -13.35
CA VAL D 208 27.23 -52.95 -13.73
C VAL D 208 27.18 -51.88 -12.66
N GLY D 209 26.58 -50.75 -12.96
CA GLY D 209 26.68 -49.64 -12.04
C GLY D 209 27.99 -48.90 -12.27
N ALA D 210 28.52 -49.07 -13.48
CA ALA D 210 29.54 -48.18 -13.96
C ALA D 210 28.92 -46.80 -14.16
N TYR D 211 29.75 -45.78 -14.06
CA TYR D 211 29.31 -44.42 -14.27
C TYR D 211 30.51 -43.72 -14.88
N VAL D 212 30.26 -42.72 -15.71
CA VAL D 212 31.38 -42.02 -16.34
C VAL D 212 31.33 -40.55 -15.94
N SER D 213 32.28 -40.11 -15.12
CA SER D 213 32.20 -38.72 -14.68
C SER D 213 33.26 -37.78 -15.25
N VAL D 214 32.76 -36.76 -15.93
CA VAL D 214 33.60 -35.71 -16.48
C VAL D 214 33.24 -34.39 -15.84
N GLY D 215 34.24 -33.67 -15.40
CA GLY D 215 34.00 -32.39 -14.76
C GLY D 215 35.08 -31.39 -15.09
N THR D 216 34.66 -30.14 -15.23
CA THR D 216 35.57 -29.03 -15.36
C THR D 216 35.07 -27.84 -14.57
N SER D 217 35.69 -26.68 -14.78
CA SER D 217 35.28 -25.47 -14.08
C SER D 217 33.84 -25.11 -14.42
N THR D 218 33.38 -25.56 -15.59
CA THR D 218 32.04 -25.22 -16.03
C THR D 218 31.13 -26.43 -16.39
N LEU D 219 31.70 -27.62 -16.51
CA LEU D 219 30.92 -28.80 -16.92
C LEU D 219 31.00 -29.90 -15.87
N ASN D 220 29.85 -30.43 -15.48
CA ASN D 220 29.81 -31.62 -14.65
C ASN D 220 28.81 -32.61 -15.19
N LYS D 221 29.28 -33.80 -15.55
CA LYS D 221 28.38 -34.83 -16.02
C LYS D 221 28.75 -36.23 -15.52
N ARG D 222 27.77 -36.90 -14.92
CA ARG D 222 27.79 -38.35 -14.77
C ARG D 222 26.92 -38.90 -15.91
N SER D 223 27.03 -40.20 -16.15
CA SER D 223 26.23 -40.91 -17.13
C SER D 223 26.46 -42.40 -16.89
N LEU D 224 25.41 -43.19 -17.06
CA LEU D 224 25.54 -44.61 -16.79
C LEU D 224 25.20 -45.39 -18.04
N PRO D 225 25.86 -46.53 -18.24
CA PRO D 225 25.52 -47.37 -19.38
C PRO D 225 24.00 -47.42 -19.55
N GLU D 226 23.52 -47.29 -20.77
CA GLU D 226 22.10 -47.38 -20.99
C GLU D 226 21.81 -48.63 -21.81
N ILE D 227 22.03 -49.79 -21.23
CA ILE D 227 21.87 -51.02 -22.00
C ILE D 227 20.47 -51.25 -22.58
N ALA D 228 20.38 -51.54 -23.87
CA ALA D 228 19.11 -51.92 -24.49
C ALA D 228 19.32 -53.05 -25.47
N THR D 229 18.27 -53.80 -25.76
CA THR D 229 18.36 -54.81 -26.80
C THR D 229 18.00 -54.16 -28.12
N ARG D 230 19.02 -53.86 -28.92
CA ARG D 230 18.85 -53.13 -30.18
C ARG D 230 19.43 -53.94 -31.38
N PRO D 231 19.06 -53.56 -32.63
CA PRO D 231 19.48 -54.25 -33.86
C PRO D 231 20.92 -53.97 -34.22
N GLU D 232 21.37 -54.50 -35.35
CA GLU D 232 22.77 -54.38 -35.72
C GLU D 232 23.04 -53.30 -36.76
N VAL D 233 24.03 -52.46 -36.46
CA VAL D 233 24.50 -51.44 -37.39
C VAL D 233 25.98 -51.64 -37.65
N ASN D 234 26.35 -52.09 -38.84
CA ASN D 234 27.68 -52.65 -39.11
C ASN D 234 27.90 -53.92 -38.31
N GLY D 235 26.87 -54.77 -38.30
CA GLY D 235 26.91 -56.02 -37.58
C GLY D 235 27.14 -55.81 -36.10
N GLN D 236 27.09 -54.55 -35.67
CA GLN D 236 27.36 -54.25 -34.27
C GLN D 236 26.09 -53.99 -33.50
N GLY D 237 25.94 -54.67 -32.37
CA GLY D 237 24.82 -54.39 -31.50
C GLY D 237 25.07 -53.24 -30.53
N GLY D 238 26.32 -53.08 -30.10
CA GLY D 238 26.64 -52.05 -29.13
C GLY D 238 26.39 -50.69 -29.72
N ARG D 239 26.57 -49.64 -28.92
CA ARG D 239 26.61 -48.28 -29.45
C ARG D 239 27.57 -47.51 -28.61
N MET D 240 28.14 -46.47 -29.22
CA MET D 240 29.03 -45.58 -28.49
C MET D 240 28.42 -44.23 -28.61
N GLU D 241 28.36 -43.51 -27.51
CA GLU D 241 27.73 -42.20 -27.48
C GLU D 241 28.75 -41.16 -27.10
N PHE D 242 28.93 -40.15 -27.95
CA PHE D 242 29.98 -39.18 -27.76
C PHE D 242 29.43 -37.82 -27.48
N SER D 243 30.20 -37.07 -26.72
CA SER D 243 29.75 -35.86 -26.09
C SER D 243 31.00 -35.00 -25.92
N TRP D 244 30.88 -33.71 -26.13
CA TRP D 244 32.09 -32.89 -26.09
C TRP D 244 31.94 -31.73 -25.15
N THR D 245 33.01 -30.95 -25.08
CA THR D 245 33.09 -29.76 -24.27
C THR D 245 34.27 -28.99 -24.75
N ILE D 246 34.56 -27.88 -24.09
CA ILE D 246 35.69 -27.08 -24.50
C ILE D 246 36.37 -26.58 -23.24
N LEU D 247 37.50 -27.21 -22.91
CA LEU D 247 38.24 -26.91 -21.68
C LEU D 247 39.01 -25.59 -21.79
N ASP D 248 38.66 -24.60 -20.97
CA ASP D 248 39.32 -23.30 -21.08
C ASP D 248 40.77 -23.33 -20.63
N ILE D 249 41.51 -22.33 -21.07
CA ILE D 249 42.86 -22.03 -20.60
C ILE D 249 42.98 -22.36 -19.12
N TRP D 250 44.20 -22.65 -18.67
CA TRP D 250 44.49 -23.06 -17.27
C TRP D 250 43.31 -23.59 -16.47
N ASP D 251 42.42 -24.32 -17.14
CA ASP D 251 41.39 -25.07 -16.48
C ASP D 251 41.95 -26.49 -16.49
N THR D 252 41.10 -27.47 -16.28
CA THR D 252 41.53 -28.85 -16.35
C THR D 252 40.30 -29.76 -16.35
N ILE D 253 40.10 -30.53 -17.42
CA ILE D 253 39.02 -31.50 -17.43
C ILE D 253 39.47 -32.68 -16.60
N ASN D 254 38.53 -33.53 -16.16
CA ASN D 254 38.83 -34.65 -15.28
C ASN D 254 37.98 -35.88 -15.55
N PHE D 255 38.59 -37.05 -15.60
CA PHE D 255 37.79 -38.26 -15.82
C PHE D 255 37.76 -39.22 -14.66
N GLU D 256 36.63 -39.91 -14.56
CA GLU D 256 36.46 -40.93 -13.57
C GLU D 256 35.43 -41.85 -14.14
N SER D 257 35.74 -43.13 -14.16
CA SER D 257 34.77 -44.09 -14.61
C SER D 257 35.05 -45.43 -13.96
N THR D 258 33.97 -46.08 -13.54
CA THR D 258 34.06 -47.41 -12.96
C THR D 258 33.68 -48.38 -14.04
N GLY D 259 33.81 -47.88 -15.27
CA GLY D 259 33.53 -48.65 -16.47
C GLY D 259 32.94 -47.80 -17.56
N ASN D 260 33.19 -48.20 -18.80
CA ASN D 260 32.41 -47.69 -19.91
C ASN D 260 32.97 -46.44 -20.60
N LEU D 261 33.83 -45.70 -19.91
CA LEU D 261 34.46 -44.55 -20.51
C LEU D 261 35.12 -45.01 -21.80
N ILE D 262 35.05 -44.17 -22.81
CA ILE D 262 35.91 -44.25 -23.98
C ILE D 262 36.61 -42.94 -23.80
N ALA D 263 37.93 -42.92 -23.70
CA ALA D 263 38.59 -41.64 -23.43
C ALA D 263 39.29 -40.94 -24.63
N PRO D 264 39.40 -39.61 -24.54
CA PRO D 264 40.23 -39.01 -25.58
C PRO D 264 41.67 -39.46 -25.34
N GLU D 265 42.48 -39.46 -26.41
CA GLU D 265 43.91 -39.46 -26.21
C GLU D 265 44.37 -38.04 -26.51
N TYR D 266 43.61 -37.36 -27.37
CA TYR D 266 43.96 -36.02 -27.86
C TYR D 266 42.86 -34.98 -27.74
N GLY D 267 43.22 -33.79 -27.29
CA GLY D 267 42.32 -32.68 -27.40
C GLY D 267 42.72 -31.93 -28.64
N PHE D 268 42.10 -30.79 -28.89
CA PHE D 268 42.47 -29.92 -30.02
C PHE D 268 42.56 -28.47 -29.56
N LYS D 269 43.63 -27.78 -29.98
CA LYS D 269 43.74 -26.33 -29.80
C LYS D 269 42.81 -25.66 -30.80
N ILE D 270 42.01 -24.73 -30.32
CA ILE D 270 41.03 -24.05 -31.17
C ILE D 270 41.05 -22.54 -30.94
N SER D 271 41.35 -21.82 -32.00
CA SER D 271 41.33 -20.37 -31.95
C SER D 271 40.40 -19.80 -33.02
N LYS D 272 39.30 -19.20 -32.57
CA LYS D 272 38.30 -18.68 -33.49
C LYS D 272 38.36 -17.16 -33.56
N ARG D 273 37.64 -16.59 -34.51
CA ARG D 273 37.44 -15.15 -34.51
C ARG D 273 36.07 -14.75 -35.04
N GLY D 274 35.34 -15.73 -35.58
CA GLY D 274 34.04 -15.47 -36.17
C GLY D 274 33.23 -16.68 -36.64
N SER D 275 32.06 -16.40 -37.21
CA SER D 275 31.12 -17.43 -37.66
C SER D 275 31.55 -18.12 -38.95
N SER D 276 30.71 -19.04 -39.42
CA SER D 276 30.71 -19.50 -40.80
C SER D 276 29.78 -20.69 -40.98
N GLY D 277 29.69 -21.22 -42.18
CA GLY D 277 28.77 -22.31 -42.43
C GLY D 277 29.51 -23.54 -42.89
N ILE D 278 28.74 -24.54 -43.29
CA ILE D 278 29.27 -25.76 -43.88
C ILE D 278 28.55 -25.91 -45.21
N MET D 279 29.33 -26.15 -46.26
CA MET D 279 28.83 -26.21 -47.61
C MET D 279 28.67 -27.66 -48.03
N LYS D 280 27.43 -28.08 -48.30
CA LYS D 280 27.19 -29.47 -48.64
C LYS D 280 27.35 -29.72 -50.14
N THR D 281 28.58 -30.03 -50.55
CA THR D 281 28.93 -30.26 -51.95
C THR D 281 29.80 -31.50 -52.15
N GLU D 282 29.82 -32.00 -53.38
CA GLU D 282 30.63 -33.15 -53.71
C GLU D 282 31.79 -32.83 -54.65
N GLY D 283 32.33 -31.61 -54.54
CA GLY D 283 33.46 -31.22 -55.35
C GLY D 283 34.79 -31.20 -54.62
N THR D 284 35.75 -30.45 -55.16
CA THR D 284 37.03 -30.24 -54.49
C THR D 284 37.53 -28.84 -54.76
N LEU D 285 38.14 -28.22 -53.75
CA LEU D 285 38.57 -26.85 -53.91
C LEU D 285 39.65 -26.91 -54.96
N GLU D 286 39.79 -25.85 -55.76
CA GLU D 286 40.64 -25.87 -56.95
C GLU D 286 41.73 -24.81 -56.96
N ASN D 287 42.23 -24.44 -55.78
CA ASN D 287 43.21 -23.35 -55.69
C ASN D 287 42.78 -22.12 -56.48
N CYS D 288 42.22 -21.13 -55.79
CA CYS D 288 41.80 -19.91 -56.49
C CYS D 288 41.31 -18.79 -55.58
N GLU D 289 40.13 -18.28 -55.91
CA GLU D 289 39.62 -17.11 -55.24
C GLU D 289 38.17 -16.80 -55.59
N THR D 290 37.39 -16.52 -54.55
CA THR D 290 36.07 -15.91 -54.65
C THR D 290 35.91 -15.06 -53.41
N LYS D 291 34.81 -14.34 -53.32
CA LYS D 291 34.51 -13.63 -52.09
C LYS D 291 33.17 -14.13 -51.60
N CYS D 292 32.57 -14.99 -52.42
CA CYS D 292 31.23 -15.52 -52.17
C CYS D 292 31.05 -16.89 -52.84
N GLN D 293 30.97 -17.95 -52.04
CA GLN D 293 30.92 -19.29 -52.63
C GLN D 293 29.50 -19.85 -52.81
N THR D 294 29.44 -20.97 -53.53
CA THR D 294 28.19 -21.64 -53.90
C THR D 294 28.48 -23.14 -53.96
N PRO D 295 27.47 -23.97 -53.69
CA PRO D 295 27.58 -25.41 -53.90
C PRO D 295 27.71 -25.73 -55.39
N LEU D 296 27.60 -24.71 -56.23
CA LEU D 296 27.72 -24.86 -57.67
C LEU D 296 28.65 -23.82 -58.27
N GLY D 297 29.41 -23.11 -57.44
CA GLY D 297 30.48 -22.28 -57.97
C GLY D 297 30.77 -20.98 -57.24
N ALA D 298 31.83 -20.28 -57.67
CA ALA D 298 32.28 -19.04 -57.01
C ALA D 298 31.80 -17.72 -57.67
N ILE D 299 30.87 -17.01 -57.05
CA ILE D 299 30.38 -15.77 -57.67
C ILE D 299 31.30 -14.56 -57.50
N ASN D 300 31.60 -13.92 -58.62
CA ASN D 300 32.28 -12.63 -58.65
C ASN D 300 31.52 -11.60 -59.47
N THR D 301 31.06 -10.54 -58.81
CA THR D 301 30.23 -9.50 -59.41
C THR D 301 30.06 -8.31 -58.48
N THR D 302 29.26 -7.35 -58.90
CA THR D 302 29.02 -6.16 -58.09
C THR D 302 27.56 -5.78 -58.17
N LEU D 303 26.82 -6.49 -59.01
CA LEU D 303 25.37 -6.36 -59.06
C LEU D 303 24.76 -6.64 -57.68
N PRO D 304 23.55 -6.11 -57.43
CA PRO D 304 22.88 -6.21 -56.12
C PRO D 304 22.17 -7.53 -55.88
N PHE D 305 21.91 -8.29 -56.94
CA PHE D 305 21.16 -9.54 -56.81
C PHE D 305 21.83 -10.74 -57.49
N HIS D 306 21.12 -11.85 -57.58
CA HIS D 306 21.65 -13.07 -58.20
C HIS D 306 20.64 -14.20 -58.08
N ASN D 307 20.92 -15.32 -58.75
CA ASN D 307 20.05 -16.49 -58.67
C ASN D 307 20.73 -17.80 -59.02
N ILE D 308 21.99 -17.92 -58.65
CA ILE D 308 22.71 -19.19 -58.72
C ILE D 308 22.18 -20.19 -57.71
N HIS D 309 22.59 -20.01 -56.45
CA HIS D 309 22.16 -20.86 -55.34
C HIS D 309 21.91 -20.03 -54.09
N PRO D 310 20.88 -20.41 -53.29
CA PRO D 310 20.49 -19.63 -52.11
C PRO D 310 21.48 -19.88 -51.00
N LEU D 311 21.98 -21.11 -50.97
CA LEU D 311 22.88 -21.58 -49.93
C LEU D 311 24.29 -21.04 -50.10
N THR D 312 24.45 -19.74 -49.91
CA THR D 312 25.70 -19.05 -50.17
C THR D 312 26.63 -19.01 -48.93
N ILE D 313 27.95 -18.93 -49.11
CA ILE D 313 28.81 -18.57 -47.97
C ILE D 313 29.74 -17.39 -48.29
N GLY D 314 29.46 -16.26 -47.65
CA GLY D 314 30.27 -15.05 -47.82
C GLY D 314 29.55 -13.81 -48.33
N GLU D 315 30.35 -12.81 -48.69
CA GLU D 315 29.87 -11.54 -49.22
C GLU D 315 29.29 -11.69 -50.63
N CYS D 316 27.98 -11.92 -50.69
CA CYS D 316 27.32 -12.20 -51.94
C CYS D 316 26.24 -11.16 -52.21
N PRO D 317 25.89 -11.00 -53.48
CA PRO D 317 24.66 -10.29 -53.81
C PRO D 317 23.47 -11.08 -53.30
N LYS D 318 22.35 -10.42 -53.07
CA LYS D 318 21.15 -11.06 -52.54
C LYS D 318 20.66 -12.13 -53.50
N TYR D 319 19.95 -13.13 -52.99
CA TYR D 319 19.40 -14.19 -53.82
C TYR D 319 17.89 -14.03 -53.95
N VAL D 320 17.44 -13.73 -55.17
CA VAL D 320 16.05 -13.45 -55.46
C VAL D 320 15.54 -14.49 -56.43
N LYS D 321 14.27 -14.83 -56.35
CA LYS D 321 13.76 -15.97 -57.09
C LYS D 321 13.25 -15.57 -58.45
N SER D 322 13.95 -14.63 -59.08
CA SER D 322 13.55 -14.12 -60.38
C SER D 322 14.47 -14.56 -61.54
N GLU D 323 13.83 -14.87 -62.67
CA GLU D 323 14.51 -15.33 -63.88
C GLU D 323 15.45 -14.29 -64.50
N ARG D 324 14.89 -13.15 -64.90
CA ARG D 324 15.63 -12.11 -65.63
C ARG D 324 15.47 -10.71 -65.03
N LEU D 325 16.59 -10.06 -64.74
CA LEU D 325 16.54 -8.67 -64.29
C LEU D 325 17.09 -7.72 -65.33
N VAL D 326 16.24 -7.39 -66.31
CA VAL D 326 16.55 -6.41 -67.35
C VAL D 326 16.09 -5.02 -66.91
N LEU D 327 17.05 -4.09 -66.80
CA LEU D 327 16.75 -2.74 -66.35
C LEU D 327 16.31 -1.88 -67.54
N ALA D 328 17.10 -0.85 -67.85
CA ALA D 328 16.85 0.02 -69.00
C ALA D 328 17.87 1.15 -69.01
N THR D 329 18.52 1.36 -70.14
CA THR D 329 19.51 2.43 -70.25
C THR D 329 19.40 3.22 -71.56
N GLY D 330 18.18 3.37 -72.07
CA GLY D 330 17.95 4.16 -73.27
C GLY D 330 16.51 4.19 -73.75
N LEU D 331 16.10 5.35 -74.27
CA LEU D 331 14.77 5.57 -74.83
C LEU D 331 14.12 4.36 -75.49
N ARG D 332 12.81 4.41 -75.67
CA ARG D 332 12.12 3.34 -76.41
C ARG D 332 12.44 3.37 -77.91
N ASN D 333 12.12 2.28 -78.61
CA ASN D 333 12.60 2.12 -79.98
C ASN D 333 11.50 1.92 -81.03
N VAL D 334 11.57 2.72 -82.09
CA VAL D 334 10.70 2.58 -83.27
C VAL D 334 11.15 3.44 -84.46
N PRO D 335 12.42 3.29 -84.91
CA PRO D 335 12.89 4.05 -86.08
C PRO D 335 11.91 3.97 -87.26
N GLN D 336 12.07 4.88 -88.22
CA GLN D 336 11.16 4.98 -89.36
C GLN D 336 11.70 4.26 -90.59
N GLY D 341 4.92 9.02 -75.46
CA GLY D 341 5.08 8.56 -74.09
C GLY D 341 4.26 9.37 -73.10
N LEU D 342 4.91 9.80 -72.02
CA LEU D 342 4.28 10.66 -71.03
C LEU D 342 4.39 12.11 -71.48
N PHE D 343 5.39 12.38 -72.31
CA PHE D 343 5.71 13.76 -72.71
C PHE D 343 5.40 14.06 -74.18
N GLY D 344 4.92 13.06 -74.91
CA GLY D 344 4.42 13.26 -76.26
C GLY D 344 5.45 13.14 -77.36
N ALA D 345 6.70 13.48 -77.06
CA ALA D 345 7.75 13.48 -78.06
C ALA D 345 7.98 12.11 -78.69
N ILE D 346 8.66 11.24 -77.96
CA ILE D 346 9.05 9.92 -78.48
C ILE D 346 7.87 9.02 -78.84
N ALA D 347 7.98 8.37 -80.00
CA ALA D 347 6.89 7.56 -80.53
C ALA D 347 5.57 8.29 -80.41
N GLY D 348 5.64 9.61 -80.55
CA GLY D 348 4.48 10.46 -80.46
C GLY D 348 4.48 11.45 -81.61
N PHE D 349 4.38 12.74 -81.30
CA PHE D 349 4.34 13.75 -82.35
C PHE D 349 5.59 13.71 -83.22
N ILE D 350 6.75 13.40 -82.63
CA ILE D 350 7.94 13.09 -83.41
C ILE D 350 7.89 11.60 -83.80
N GLU D 351 7.12 11.31 -84.83
CA GLU D 351 6.72 9.95 -85.22
C GLU D 351 7.74 8.82 -85.05
N GLY D 352 9.01 9.11 -85.28
CA GLY D 352 10.04 8.07 -85.23
C GLY D 352 11.46 8.54 -85.00
N GLY D 353 12.40 7.59 -85.00
CA GLY D 353 13.78 7.87 -84.66
C GLY D 353 14.70 7.87 -85.86
N TRP D 354 15.93 8.32 -85.65
CA TRP D 354 16.89 8.46 -86.73
C TRP D 354 18.04 7.48 -86.66
N GLN D 355 17.90 6.37 -87.37
CA GLN D 355 19.02 5.47 -87.61
C GLN D 355 20.24 6.30 -87.96
N GLY D 356 20.01 7.41 -88.65
CA GLY D 356 21.08 8.26 -89.13
C GLY D 356 21.96 8.85 -88.05
N MET D 357 21.35 9.28 -86.95
CA MET D 357 22.11 9.91 -85.88
C MET D 357 22.73 8.86 -84.98
N VAL D 358 24.05 8.90 -84.82
CA VAL D 358 24.75 7.89 -84.06
C VAL D 358 25.94 8.42 -83.27
N ASP D 359 25.79 9.62 -82.71
CA ASP D 359 26.82 10.19 -81.86
C ASP D 359 26.20 10.70 -80.56
N GLY D 360 24.95 10.30 -80.32
CA GLY D 360 24.23 10.71 -79.13
C GLY D 360 22.81 10.20 -79.11
N TRP D 361 22.07 10.56 -78.06
CA TRP D 361 20.68 10.13 -77.89
C TRP D 361 19.70 11.12 -78.49
N TYR D 362 19.99 12.41 -78.38
CA TYR D 362 19.11 13.44 -78.86
C TYR D 362 19.87 14.42 -79.74
N GLY D 363 19.23 14.90 -80.80
CA GLY D 363 19.92 15.81 -81.71
C GLY D 363 19.06 16.52 -82.75
N TYR D 364 19.75 17.21 -83.66
CA TYR D 364 19.11 18.01 -84.69
C TYR D 364 19.36 17.41 -86.07
N HIS D 365 18.69 17.99 -87.08
CA HIS D 365 18.89 17.61 -88.48
C HIS D 365 18.40 18.73 -89.39
N HIS D 366 19.35 19.47 -89.96
CA HIS D 366 19.04 20.68 -90.72
C HIS D 366 19.16 20.50 -92.23
N SER D 367 18.22 21.08 -92.96
CA SER D 367 18.32 21.16 -94.42
C SER D 367 18.71 22.59 -94.80
N ASN D 368 20.00 22.80 -95.04
CA ASN D 368 20.52 24.14 -95.27
C ASN D 368 20.97 24.36 -96.72
N ASP D 369 21.54 25.54 -96.97
CA ASP D 369 22.14 25.84 -98.26
C ASP D 369 23.28 24.87 -98.50
N GLN D 370 23.67 24.17 -97.46
CA GLN D 370 24.79 23.25 -97.51
C GLN D 370 24.41 21.89 -96.92
N GLY D 371 23.91 21.01 -97.78
CA GLY D 371 23.58 19.64 -97.42
C GLY D 371 23.06 19.41 -96.01
N SER D 372 23.76 18.53 -95.29
CA SER D 372 23.37 18.14 -93.93
C SER D 372 22.17 17.21 -93.94
N GLY D 373 22.12 16.30 -92.95
CA GLY D 373 23.17 16.20 -91.95
C GLY D 373 22.62 16.07 -90.54
N TYR D 374 23.11 15.08 -89.81
CA TYR D 374 22.69 14.83 -88.43
C TYR D 374 23.75 15.26 -87.43
N ALA D 375 23.33 15.77 -86.30
CA ALA D 375 24.25 16.17 -85.25
C ALA D 375 23.59 16.02 -83.89
N ALA D 376 24.13 15.12 -83.08
CA ALA D 376 23.58 14.93 -81.73
C ALA D 376 23.95 16.09 -80.81
N ASP D 377 23.02 16.48 -79.96
CA ASP D 377 23.25 17.53 -78.98
C ASP D 377 23.95 16.89 -77.79
N LYS D 378 25.28 16.82 -77.86
CA LYS D 378 26.03 16.09 -76.84
C LYS D 378 25.77 16.58 -75.42
N GLU D 379 25.53 17.88 -75.26
CA GLU D 379 25.28 18.44 -73.93
C GLU D 379 24.12 17.77 -73.20
N SER D 380 22.95 17.70 -73.85
CA SER D 380 21.78 17.08 -73.25
C SER D 380 21.84 15.55 -73.27
N THR D 381 22.65 15.01 -74.19
CA THR D 381 22.88 13.57 -74.24
C THR D 381 23.78 13.15 -73.06
N GLN D 382 24.61 14.09 -72.61
CA GLN D 382 25.47 13.84 -71.44
C GLN D 382 24.66 13.87 -70.15
N LYS D 383 23.90 14.93 -69.93
CA LYS D 383 23.07 15.02 -68.74
C LYS D 383 22.19 13.78 -68.59
N ALA D 384 21.89 13.12 -69.70
CA ALA D 384 21.11 11.88 -69.69
C ALA D 384 22.02 10.70 -69.34
N PHE D 385 23.12 10.56 -70.06
CA PHE D 385 24.09 9.52 -69.75
C PHE D 385 24.59 9.66 -68.32
N ASP D 386 24.73 10.90 -67.86
CA ASP D 386 25.16 11.18 -66.49
C ASP D 386 24.13 10.68 -65.47
N GLY D 387 22.88 11.09 -65.66
CA GLY D 387 21.82 10.72 -64.75
C GLY D 387 21.53 9.23 -64.73
N ILE D 388 21.18 8.68 -65.89
CA ILE D 388 20.89 7.25 -66.01
C ILE D 388 22.00 6.39 -65.40
N THR D 389 23.23 6.87 -65.42
CA THR D 389 24.31 6.14 -64.79
C THR D 389 24.08 6.07 -63.27
N ASN D 390 23.84 7.21 -62.64
CA ASN D 390 23.56 7.21 -61.21
C ASN D 390 22.34 6.39 -60.82
N LYS D 391 21.32 6.33 -61.68
CA LYS D 391 20.19 5.43 -61.43
C LYS D 391 20.66 3.98 -61.36
N VAL D 392 21.43 3.54 -62.36
CA VAL D 392 21.91 2.17 -62.37
C VAL D 392 22.78 1.91 -61.14
N ASN D 393 23.64 2.86 -60.82
CA ASN D 393 24.56 2.70 -59.68
C ASN D 393 23.85 2.67 -58.33
N SER D 394 22.96 3.62 -58.09
CA SER D 394 22.17 3.62 -56.86
C SER D 394 21.48 2.28 -56.65
N VAL D 395 20.77 1.82 -57.67
CA VAL D 395 20.13 0.51 -57.64
C VAL D 395 21.09 -0.59 -57.19
N ILE D 396 22.35 -0.48 -57.58
CA ILE D 396 23.39 -1.44 -57.21
C ILE D 396 24.12 -1.05 -55.91
N GLU D 397 24.94 -0.01 -55.99
CA GLU D 397 25.81 0.40 -54.89
C GLU D 397 25.16 0.56 -53.51
N LYS D 398 23.84 0.69 -53.46
CA LYS D 398 23.16 0.87 -52.18
C LYS D 398 22.69 -0.43 -51.52
N MET D 399 22.78 -1.52 -52.27
CA MET D 399 22.53 -2.85 -51.73
C MET D 399 23.53 -3.11 -50.61
N ASN D 400 23.03 -3.57 -49.47
CA ASN D 400 23.91 -3.90 -48.35
C ASN D 400 24.41 -5.33 -48.49
N THR D 401 25.70 -5.53 -48.21
CA THR D 401 26.31 -6.85 -48.34
C THR D 401 27.32 -7.15 -47.24
N GLN D 402 27.05 -8.21 -46.47
CA GLN D 402 27.95 -8.68 -45.42
C GLN D 402 28.39 -10.11 -45.70
N PHE D 403 29.24 -10.65 -44.84
CA PHE D 403 29.61 -12.06 -44.93
C PHE D 403 28.56 -12.90 -44.22
N GLU D 404 28.18 -14.02 -44.83
CA GLU D 404 27.15 -14.87 -44.26
C GLU D 404 27.19 -16.28 -44.86
N ALA D 405 26.98 -17.26 -44.01
CA ALA D 405 26.73 -18.61 -44.47
C ALA D 405 25.24 -18.87 -44.30
N VAL D 406 24.59 -19.39 -45.34
CA VAL D 406 23.14 -19.44 -45.33
C VAL D 406 22.62 -20.75 -44.76
N GLY D 407 23.28 -21.85 -45.08
CA GLY D 407 22.79 -23.15 -44.66
C GLY D 407 23.31 -23.61 -43.30
N LYS D 408 22.40 -23.98 -42.40
CA LYS D 408 22.80 -24.56 -41.12
C LYS D 408 22.23 -25.97 -40.97
N GLU D 409 22.59 -26.63 -39.86
CA GLU D 409 22.22 -28.02 -39.62
C GLU D 409 21.26 -28.16 -38.44
N PHE D 410 20.31 -29.10 -38.54
CA PHE D 410 19.37 -29.36 -37.44
C PHE D 410 19.18 -30.86 -37.22
N SER D 411 19.04 -31.26 -35.96
CA SER D 411 18.86 -32.66 -35.64
C SER D 411 17.47 -33.12 -36.04
N ASN D 412 17.21 -34.41 -35.94
CA ASN D 412 15.90 -34.95 -36.29
C ASN D 412 14.80 -34.51 -35.30
N LEU D 413 15.21 -34.09 -34.11
CA LEU D 413 14.26 -33.64 -33.11
C LEU D 413 14.25 -32.13 -33.04
N GLU D 414 14.70 -31.51 -34.13
CA GLU D 414 14.74 -30.05 -34.27
C GLU D 414 14.01 -29.63 -35.53
N LYS D 415 13.03 -30.43 -35.92
CA LYS D 415 12.20 -30.12 -37.05
C LYS D 415 11.62 -28.69 -37.00
N ARG D 416 10.96 -28.34 -35.89
CA ARG D 416 10.36 -27.03 -35.75
C ARG D 416 11.38 -25.94 -35.93
N LEU D 417 12.48 -26.03 -35.19
CA LEU D 417 13.55 -25.05 -35.30
C LEU D 417 14.03 -24.93 -36.75
N GLU D 418 14.22 -26.07 -37.40
CA GLU D 418 14.67 -26.08 -38.78
C GLU D 418 13.67 -25.42 -39.71
N ASN D 419 12.39 -25.61 -39.43
CA ASN D 419 11.32 -25.00 -40.23
C ASN D 419 11.19 -23.52 -39.96
N LEU D 420 11.32 -23.13 -38.70
CA LEU D 420 11.35 -21.72 -38.37
C LEU D 420 12.43 -21.00 -39.17
N ASN D 421 13.57 -21.66 -39.33
CA ASN D 421 14.69 -21.11 -40.08
C ASN D 421 14.45 -21.10 -41.57
N LYS D 422 13.72 -22.09 -42.06
CA LYS D 422 13.36 -22.11 -43.48
C LYS D 422 12.39 -21.00 -43.78
N LYS D 423 11.31 -20.94 -43.03
CA LYS D 423 10.31 -19.93 -43.27
C LYS D 423 10.95 -18.56 -43.18
N MET D 424 12.00 -18.42 -42.39
CA MET D 424 12.67 -17.13 -42.27
C MET D 424 13.45 -16.80 -43.54
N GLU D 425 14.13 -17.79 -44.12
CA GLU D 425 14.87 -17.58 -45.37
C GLU D 425 13.93 -17.25 -46.51
N ASP D 426 12.88 -18.07 -46.64
CA ASP D 426 11.85 -17.83 -47.65
C ASP D 426 11.26 -16.46 -47.48
N GLY D 427 10.94 -16.09 -46.26
CA GLY D 427 10.40 -14.78 -45.98
C GLY D 427 11.21 -13.67 -46.61
N PHE D 428 12.53 -13.68 -46.37
CA PHE D 428 13.40 -12.66 -46.92
C PHE D 428 13.57 -12.81 -48.43
N LEU D 429 13.41 -14.02 -48.93
CA LEU D 429 13.52 -14.29 -50.35
C LEU D 429 12.34 -13.68 -51.11
N ASP D 430 11.14 -13.83 -50.56
CA ASP D 430 9.95 -13.26 -51.20
C ASP D 430 10.07 -11.75 -51.18
N VAL D 431 10.64 -11.19 -50.11
CA VAL D 431 10.77 -9.74 -50.01
C VAL D 431 11.79 -9.26 -51.00
N TRP D 432 13.01 -9.79 -50.95
CA TRP D 432 14.02 -9.32 -51.91
C TRP D 432 13.64 -9.58 -53.36
N THR D 433 12.79 -10.56 -53.62
CA THR D 433 12.36 -10.81 -54.98
C THR D 433 11.37 -9.73 -55.42
N TYR D 434 10.22 -9.67 -54.77
CA TYR D 434 9.28 -8.57 -54.99
C TYR D 434 10.00 -7.23 -55.15
N ASN D 435 10.66 -6.78 -54.09
CA ASN D 435 11.37 -5.51 -54.12
C ASN D 435 12.17 -5.29 -55.40
N ALA D 436 13.03 -6.24 -55.76
CA ALA D 436 13.86 -6.11 -56.96
C ALA D 436 13.00 -6.19 -58.22
N GLU D 437 12.02 -7.08 -58.21
CA GLU D 437 11.19 -7.27 -59.39
C GLU D 437 10.43 -5.99 -59.76
N LEU D 438 9.94 -5.26 -58.76
CA LEU D 438 9.25 -3.99 -59.00
C LEU D 438 10.21 -2.83 -59.29
N LEU D 439 11.27 -2.71 -58.50
CA LEU D 439 12.26 -1.66 -58.69
C LEU D 439 12.70 -1.63 -60.14
N VAL D 440 12.61 -2.78 -60.81
CA VAL D 440 12.90 -2.84 -62.24
C VAL D 440 11.73 -2.30 -63.05
N LEU D 441 10.52 -2.80 -62.78
CA LEU D 441 9.33 -2.29 -63.46
C LEU D 441 9.23 -0.77 -63.36
N MET D 442 8.86 -0.28 -62.18
CA MET D 442 9.06 1.14 -61.90
C MET D 442 10.53 1.38 -62.24
N GLU D 443 10.91 2.62 -62.52
CA GLU D 443 12.31 2.92 -62.87
C GLU D 443 12.65 2.57 -64.33
N ASN D 444 11.88 1.67 -64.93
CA ASN D 444 11.95 1.49 -66.38
C ASN D 444 10.87 2.36 -66.98
N GLU D 445 9.69 2.29 -66.39
CA GLU D 445 8.61 3.20 -66.74
C GLU D 445 9.07 4.63 -66.51
N MET D 446 10.12 4.80 -65.70
CA MET D 446 10.60 6.14 -65.36
C MET D 446 11.82 6.53 -66.15
N THR D 447 12.64 5.54 -66.52
CA THR D 447 13.79 5.81 -67.36
C THR D 447 13.32 6.23 -68.74
N LEU D 448 12.34 5.49 -69.27
CA LEU D 448 11.78 5.78 -70.58
C LEU D 448 11.17 7.18 -70.64
N ASP D 449 10.19 7.45 -69.78
CA ASP D 449 9.56 8.77 -69.75
C ASP D 449 10.54 9.91 -69.47
N PHE D 450 11.72 9.55 -68.98
CA PHE D 450 12.79 10.52 -68.78
C PHE D 450 13.38 10.94 -70.11
N HIS D 451 13.68 9.97 -70.97
CA HIS D 451 14.15 10.26 -72.32
C HIS D 451 13.10 11.08 -73.07
N ASP D 452 11.88 10.56 -73.12
CA ASP D 452 10.76 11.26 -73.75
C ASP D 452 10.67 12.70 -73.28
N SER D 453 11.07 12.95 -72.03
CA SER D 453 11.04 14.29 -71.50
C SER D 453 12.28 15.08 -71.86
N ASN D 454 13.36 14.38 -72.16
CA ASN D 454 14.57 15.07 -72.58
C ASN D 454 14.42 15.60 -74.01
N VAL D 455 13.72 14.82 -74.84
CA VAL D 455 13.43 15.21 -76.22
C VAL D 455 12.46 16.39 -76.27
N LYS D 456 11.22 16.18 -75.88
CA LYS D 456 10.24 17.26 -75.81
C LYS D 456 10.75 18.48 -75.04
N ASN D 457 11.84 18.33 -74.30
CA ASN D 457 12.49 19.46 -73.63
C ASN D 457 13.43 20.19 -74.56
N LEU D 458 13.96 19.46 -75.53
CA LEU D 458 14.84 20.02 -76.55
C LEU D 458 13.99 20.70 -77.62
N TYR D 459 12.89 20.06 -77.98
CA TYR D 459 11.93 20.63 -78.92
C TYR D 459 11.48 22.00 -78.46
N ASP D 460 11.62 22.27 -77.16
CA ASP D 460 11.20 23.55 -76.61
C ASP D 460 12.39 24.49 -76.48
N LYS D 461 13.58 23.94 -76.27
CA LYS D 461 14.78 24.76 -76.22
C LYS D 461 15.00 25.45 -77.56
N VAL D 462 14.43 24.85 -78.61
CA VAL D 462 14.48 25.40 -79.96
C VAL D 462 13.28 26.32 -80.23
N ARG D 463 12.09 25.74 -80.23
CA ARG D 463 10.86 26.49 -80.46
C ARG D 463 10.87 27.83 -79.73
N MET D 464 11.38 27.84 -78.50
CA MET D 464 11.36 29.05 -77.68
C MET D 464 12.48 30.03 -78.01
N GLN D 465 13.43 29.60 -78.82
CA GLN D 465 14.44 30.50 -79.36
C GLN D 465 13.93 31.14 -80.66
N LEU D 466 13.36 30.29 -81.52
CA LEU D 466 12.90 30.70 -82.85
C LEU D 466 11.60 31.52 -82.81
N ARG D 467 10.59 31.02 -82.10
CA ARG D 467 9.32 31.72 -81.98
C ARG D 467 8.62 31.82 -83.34
N ASP D 468 8.39 33.04 -83.81
CA ASP D 468 7.72 33.27 -85.09
C ASP D 468 8.70 33.44 -86.25
N ASN D 469 9.99 33.44 -85.95
CA ASN D 469 11.01 33.49 -86.98
C ASN D 469 10.93 32.27 -87.88
N VAL D 470 10.17 31.27 -87.44
CA VAL D 470 9.97 30.05 -88.22
C VAL D 470 8.61 29.41 -87.92
N LYS D 471 8.16 28.53 -88.82
CA LYS D 471 6.89 27.83 -88.61
C LYS D 471 7.11 26.45 -88.02
N GLU D 472 6.16 26.02 -87.20
CA GLU D 472 6.26 24.77 -86.47
C GLU D 472 5.48 23.67 -87.16
N LEU D 473 6.16 22.87 -87.98
CA LEU D 473 5.51 21.89 -88.83
C LEU D 473 4.66 20.85 -88.07
N GLY D 474 4.98 20.64 -86.79
CA GLY D 474 4.20 19.73 -85.96
C GLY D 474 4.59 18.28 -86.09
N ASN D 475 5.68 18.02 -86.81
CA ASN D 475 6.21 16.68 -86.96
C ASN D 475 7.54 16.58 -86.25
N GLY D 476 7.88 17.66 -85.55
CA GLY D 476 9.17 17.78 -84.89
C GLY D 476 10.05 18.81 -85.57
N CYS D 477 9.73 19.08 -86.84
CA CYS D 477 10.53 19.98 -87.67
C CYS D 477 10.07 21.43 -87.59
N PHE D 478 11.01 22.34 -87.76
CA PHE D 478 10.71 23.77 -87.90
C PHE D 478 11.12 24.21 -89.31
N GLU D 479 10.31 25.02 -89.95
CA GLU D 479 10.65 25.57 -91.26
C GLU D 479 10.98 27.04 -91.10
N PHE D 480 12.18 27.42 -91.49
CA PHE D 480 12.65 28.80 -91.32
C PHE D 480 11.94 29.81 -92.22
N TYR D 481 11.44 30.89 -91.61
CA TYR D 481 10.91 32.03 -92.37
C TYR D 481 12.05 32.96 -92.77
N HIS D 482 13.23 32.39 -92.99
CA HIS D 482 14.37 33.15 -93.49
C HIS D 482 15.57 32.25 -93.78
N LYS D 483 16.75 32.85 -93.94
CA LYS D 483 17.94 32.11 -94.30
C LYS D 483 18.79 31.81 -93.08
N CYS D 484 19.31 30.60 -93.01
CA CYS D 484 20.10 30.17 -91.86
C CYS D 484 21.34 29.41 -92.32
N ASP D 485 22.45 30.12 -92.47
CA ASP D 485 23.71 29.50 -92.88
C ASP D 485 24.20 28.52 -91.83
N ASP D 486 25.27 27.80 -92.15
CA ASP D 486 25.86 26.83 -91.21
C ASP D 486 26.46 27.51 -89.98
N GLU D 487 26.23 28.81 -89.83
CA GLU D 487 26.69 29.52 -88.64
C GLU D 487 25.49 29.95 -87.80
N CYS D 488 24.33 30.06 -88.45
CA CYS D 488 23.07 30.33 -87.76
C CYS D 488 22.51 29.03 -87.18
N MET D 489 22.51 27.96 -87.99
CA MET D 489 22.12 26.65 -87.48
C MET D 489 22.93 26.35 -86.23
N ASN D 490 24.25 26.33 -86.38
CA ASN D 490 25.15 26.10 -85.26
C ASN D 490 24.90 27.00 -84.04
N SER D 491 24.19 28.10 -84.25
CA SER D 491 23.90 29.03 -83.15
C SER D 491 22.67 28.62 -82.35
N VAL D 492 21.74 27.93 -83.00
CA VAL D 492 20.53 27.44 -82.34
C VAL D 492 20.89 26.31 -81.37
N LYS D 493 21.65 25.35 -81.88
CA LYS D 493 22.24 24.30 -81.05
C LYS D 493 23.16 24.95 -80.01
N ASN D 494 23.87 25.98 -80.44
CA ASN D 494 24.76 26.75 -79.57
C ASN D 494 24.04 27.25 -78.33
N GLY D 495 22.71 27.26 -78.39
CA GLY D 495 21.90 27.75 -77.29
C GLY D 495 21.74 29.25 -77.34
N THR D 496 22.45 29.87 -78.26
CA THR D 496 22.41 31.32 -78.43
C THR D 496 21.99 31.69 -79.84
N TYR D 497 20.69 31.97 -80.01
CA TYR D 497 20.13 32.39 -81.28
C TYR D 497 20.29 33.91 -81.41
N ASP D 498 19.36 34.55 -82.11
CA ASP D 498 19.37 36.00 -82.26
C ASP D 498 18.07 36.45 -82.92
N TYR D 499 16.98 36.41 -82.16
CA TYR D 499 15.67 36.76 -82.69
C TYR D 499 15.57 38.22 -83.08
N SER D 500 16.35 39.06 -82.40
CA SER D 500 16.34 40.50 -82.66
C SER D 500 17.15 40.87 -83.90
N LYS D 501 17.35 39.90 -84.79
CA LYS D 501 18.05 40.13 -86.04
C LYS D 501 17.26 39.58 -87.22
N TYR D 502 17.19 38.26 -87.33
CA TYR D 502 16.42 37.60 -88.39
C TYR D 502 14.93 37.90 -88.24
N GLU D 503 14.60 38.78 -87.30
CA GLU D 503 13.22 39.22 -87.11
C GLU D 503 12.71 39.87 -88.38
N GLU D 504 13.58 40.65 -89.03
CA GLU D 504 13.26 41.26 -90.33
C GLU D 504 13.44 40.29 -91.50
N GLU D 505 12.34 39.67 -91.92
CA GLU D 505 12.31 38.82 -93.12
C GLU D 505 10.99 38.06 -93.15
N SER D 506 10.02 38.56 -92.40
CA SER D 506 8.70 37.96 -92.27
C SER D 506 8.11 37.46 -93.59
N LYS D 507 7.40 36.34 -93.53
CA LYS D 507 6.72 35.78 -94.71
C LYS D 507 7.40 36.16 -96.04
N ILE E 18 5.28 40.03 -68.14
CA ILE E 18 5.05 39.09 -67.06
C ILE E 18 6.02 37.91 -67.11
N CYS E 19 6.65 37.60 -65.99
CA CYS E 19 7.66 36.56 -65.94
C CYS E 19 7.36 35.38 -65.02
N VAL E 20 7.54 34.17 -65.54
CA VAL E 20 7.33 32.97 -64.74
C VAL E 20 8.65 32.51 -64.15
N GLY E 21 8.62 32.19 -62.86
CA GLY E 21 9.81 31.77 -62.16
C GLY E 21 9.51 31.13 -60.82
N TYR E 22 10.57 30.68 -60.14
CA TYR E 22 10.43 29.91 -58.92
C TYR E 22 11.34 30.41 -57.80
N HIS E 23 10.92 30.16 -56.57
CA HIS E 23 11.65 30.60 -55.40
C HIS E 23 13.09 30.08 -55.42
N SER E 24 13.99 30.90 -54.92
CA SER E 24 15.36 30.50 -54.64
C SER E 24 15.67 31.12 -53.28
N ASN E 25 16.69 30.63 -52.59
CA ASN E 25 17.02 31.21 -51.30
C ASN E 25 18.38 30.80 -50.75
N ASN E 26 18.67 31.27 -49.55
CA ASN E 26 19.97 31.06 -48.93
C ASN E 26 20.07 29.72 -48.20
N SER E 27 19.63 28.65 -48.88
CA SER E 27 19.68 27.30 -48.32
C SER E 27 20.93 26.55 -48.78
N THR E 28 21.55 25.83 -47.86
CA THR E 28 22.76 25.08 -48.16
C THR E 28 22.55 23.58 -48.03
N GLU E 29 21.31 23.18 -47.75
CA GLU E 29 21.02 21.78 -47.45
C GLU E 29 21.05 20.90 -48.69
N LYS E 30 21.64 19.72 -48.52
CA LYS E 30 21.77 18.76 -49.61
C LYS E 30 20.89 17.54 -49.42
N VAL E 31 20.35 17.06 -50.55
CA VAL E 31 19.62 15.80 -50.58
C VAL E 31 20.26 14.97 -51.67
N ASP E 32 20.04 13.65 -51.63
CA ASP E 32 20.51 12.81 -52.71
C ASP E 32 19.32 12.32 -53.52
N THR E 33 19.53 12.16 -54.81
CA THR E 33 18.51 11.58 -55.69
C THR E 33 19.11 10.38 -56.40
N ILE E 34 18.33 9.76 -57.27
CA ILE E 34 18.84 8.56 -57.91
C ILE E 34 19.86 8.89 -59.00
N LEU E 35 19.68 10.05 -59.64
CA LEU E 35 20.52 10.45 -60.77
C LEU E 35 21.70 11.36 -60.38
N GLU E 36 21.67 11.89 -59.15
CA GLU E 36 22.62 12.91 -58.77
C GLU E 36 22.75 13.05 -57.25
N ARG E 37 23.98 13.26 -56.78
CA ARG E 37 24.22 13.34 -55.34
C ARG E 37 24.38 14.78 -54.88
N ASN E 38 24.31 14.96 -53.56
CA ASN E 38 24.53 16.25 -52.91
C ASN E 38 23.90 17.42 -53.66
N VAL E 39 22.66 17.23 -54.09
CA VAL E 39 21.89 18.26 -54.76
C VAL E 39 21.38 19.29 -53.76
N THR E 40 21.69 20.56 -53.99
CA THR E 40 21.22 21.63 -53.09
C THR E 40 19.74 21.93 -53.30
N VAL E 41 18.98 22.03 -52.21
CA VAL E 41 17.55 22.26 -52.31
C VAL E 41 17.07 23.38 -51.40
N THR E 42 15.96 24.00 -51.79
CA THR E 42 15.43 25.14 -51.05
C THR E 42 15.10 24.72 -49.62
N HIS E 43 14.54 23.52 -49.48
CA HIS E 43 14.12 23.02 -48.17
C HIS E 43 14.04 21.49 -48.17
N ALA E 44 14.56 20.88 -47.12
CA ALA E 44 14.57 19.42 -46.98
C ALA E 44 14.00 19.01 -45.64
N GLN E 45 14.18 17.74 -45.29
CA GLN E 45 13.71 17.27 -44.00
C GLN E 45 14.38 15.98 -43.58
N ASP E 46 14.92 16.00 -42.36
CA ASP E 46 15.64 14.87 -41.81
C ASP E 46 14.66 13.91 -41.12
N ILE E 47 14.57 12.69 -41.61
CA ILE E 47 13.69 11.70 -40.99
C ILE E 47 14.45 10.71 -40.12
N LEU E 48 15.77 10.84 -40.08
CA LEU E 48 16.61 9.92 -39.30
C LEU E 48 17.13 10.52 -38.00
N GLU E 49 16.61 10.08 -36.87
CA GLU E 49 17.11 10.51 -35.58
C GLU E 49 18.51 9.94 -35.38
N LYS E 50 19.45 10.78 -34.94
CA LYS E 50 20.85 10.39 -34.87
C LYS E 50 21.46 10.60 -33.49
N THR E 51 20.68 11.15 -32.56
CA THR E 51 21.23 11.55 -31.28
C THR E 51 20.45 11.03 -30.07
N HIS E 52 21.20 10.67 -29.03
CA HIS E 52 20.59 10.07 -27.84
C HIS E 52 20.87 10.82 -26.54
N ASN E 53 19.92 10.66 -25.62
CA ASN E 53 19.96 11.15 -24.25
C ASN E 53 21.31 11.01 -23.56
N GLY E 54 21.89 9.82 -23.63
CA GLY E 54 23.19 9.58 -23.04
C GLY E 54 23.10 8.92 -21.69
N LYS E 55 21.89 8.89 -21.13
CA LYS E 55 21.67 8.27 -19.83
C LYS E 55 20.57 7.21 -19.84
N LEU E 56 20.63 6.29 -18.89
CA LEU E 56 19.64 5.23 -18.78
C LEU E 56 18.55 5.70 -17.82
N CYS E 57 17.30 5.52 -18.22
CA CYS E 57 16.18 6.16 -17.53
C CYS E 57 14.96 5.27 -17.40
N LYS E 58 13.93 5.78 -16.74
CA LYS E 58 12.68 5.03 -16.62
C LYS E 58 12.10 4.82 -18.01
N LEU E 59 11.27 3.79 -18.13
CA LEU E 59 10.60 3.47 -19.39
C LEU E 59 9.08 3.48 -19.15
N ASN E 60 8.43 4.60 -19.47
CA ASN E 60 7.02 4.81 -19.13
C ASN E 60 6.83 5.02 -17.64
N GLY E 61 7.73 5.76 -17.01
CA GLY E 61 7.68 6.02 -15.59
C GLY E 61 8.23 4.87 -14.76
N ILE E 62 7.87 3.65 -15.14
CA ILE E 62 8.38 2.45 -14.47
C ILE E 62 9.89 2.35 -14.61
N PRO E 63 10.61 2.23 -13.48
CA PRO E 63 12.07 2.13 -13.51
C PRO E 63 12.51 0.73 -13.92
N PRO E 64 13.81 0.55 -14.16
CA PRO E 64 14.36 -0.78 -14.44
C PRO E 64 14.75 -1.43 -13.12
N LEU E 65 15.30 -2.63 -13.20
CA LEU E 65 15.91 -3.28 -12.06
C LEU E 65 17.42 -3.18 -12.21
N GLU E 66 18.06 -2.32 -11.41
CA GLU E 66 19.52 -2.20 -11.43
C GLU E 66 20.13 -3.38 -10.69
N LEU E 67 21.02 -4.10 -11.37
CA LEU E 67 21.68 -5.24 -10.76
C LEU E 67 23.14 -4.94 -10.42
N GLY E 68 23.63 -3.79 -10.88
CA GLY E 68 25.03 -3.46 -10.66
C GLY E 68 25.88 -4.62 -11.15
N ASP E 69 26.86 -5.03 -10.35
CA ASP E 69 27.74 -6.13 -10.74
C ASP E 69 27.25 -7.50 -10.26
N CYS E 70 25.93 -7.59 -10.08
CA CYS E 70 25.29 -8.86 -9.78
C CYS E 70 24.65 -9.50 -11.01
N SER E 71 24.33 -10.78 -10.91
CA SER E 71 23.67 -11.50 -11.99
C SER E 71 22.31 -11.97 -11.52
N ILE E 72 21.43 -12.29 -12.47
CA ILE E 72 20.08 -12.69 -12.12
C ILE E 72 20.09 -13.88 -11.20
N ALA E 73 21.00 -14.81 -11.42
CA ALA E 73 21.11 -15.97 -10.55
C ALA E 73 21.56 -15.53 -9.16
N GLY E 74 22.59 -14.68 -9.12
CA GLY E 74 23.09 -14.17 -7.85
C GLY E 74 22.00 -13.48 -7.04
N TRP E 75 21.21 -12.68 -7.74
CA TRP E 75 20.12 -11.95 -7.12
C TRP E 75 19.07 -12.90 -6.50
N LEU E 76 18.49 -13.75 -7.32
CA LEU E 76 17.40 -14.62 -6.88
C LEU E 76 17.83 -15.67 -5.88
N LEU E 77 19.06 -16.14 -5.96
CA LEU E 77 19.55 -17.11 -5.00
C LEU E 77 19.92 -16.42 -3.68
N GLY E 78 20.40 -15.18 -3.80
CA GLY E 78 20.71 -14.39 -2.61
C GLY E 78 22.16 -14.43 -2.23
N ASN E 79 23.02 -14.62 -3.22
CA ASN E 79 24.45 -14.45 -3.02
C ASN E 79 24.67 -13.27 -2.06
N PRO E 80 25.40 -13.50 -0.97
CA PRO E 80 25.64 -12.50 0.07
C PRO E 80 26.23 -11.21 -0.46
N GLU E 81 26.77 -11.24 -1.67
CA GLU E 81 27.35 -10.05 -2.29
C GLU E 81 26.25 -9.22 -2.96
N CYS E 82 25.09 -9.82 -3.11
CA CYS E 82 23.95 -9.16 -3.72
C CYS E 82 22.94 -8.66 -2.68
N ASP E 83 23.29 -8.79 -1.40
CA ASP E 83 22.41 -8.36 -0.31
C ASP E 83 21.92 -6.95 -0.55
N ARG E 84 22.85 -6.06 -0.90
CA ARG E 84 22.56 -4.65 -1.09
C ARG E 84 21.82 -4.35 -2.38
N LEU E 85 20.60 -4.86 -2.51
CA LEU E 85 19.77 -4.60 -3.68
C LEU E 85 18.40 -4.03 -3.29
N LEU E 86 17.91 -3.08 -4.09
CA LEU E 86 16.59 -2.54 -3.91
C LEU E 86 15.70 -3.03 -5.04
N THR E 87 14.63 -3.75 -4.67
CA THR E 87 13.78 -4.40 -5.67
C THR E 87 12.36 -3.85 -5.72
N VAL E 88 12.18 -2.76 -6.44
CA VAL E 88 10.86 -2.26 -6.71
C VAL E 88 10.05 -3.43 -7.27
N PRO E 89 8.97 -3.83 -6.57
CA PRO E 89 8.16 -5.00 -6.94
C PRO E 89 7.74 -4.99 -8.40
N GLU E 90 7.88 -3.85 -9.06
CA GLU E 90 7.55 -3.73 -10.48
C GLU E 90 8.66 -3.01 -11.22
N TRP E 91 9.16 -3.61 -12.29
CA TRP E 91 10.14 -2.95 -13.16
C TRP E 91 9.74 -3.08 -14.62
N SER E 92 10.33 -2.25 -15.47
CA SER E 92 10.02 -2.27 -16.89
C SER E 92 11.06 -3.06 -17.67
N TYR E 93 12.33 -2.83 -17.33
CA TYR E 93 13.44 -3.62 -17.90
C TYR E 93 14.50 -3.96 -16.83
N ILE E 94 15.42 -4.84 -17.16
CA ILE E 94 16.48 -5.19 -16.22
C ILE E 94 17.87 -4.83 -16.76
N MET E 95 18.68 -4.17 -15.93
CA MET E 95 20.03 -3.82 -16.30
C MET E 95 21.05 -4.76 -15.69
N GLU E 96 21.67 -5.59 -16.53
CA GLU E 96 22.65 -6.58 -16.06
C GLU E 96 23.98 -6.32 -16.74
N LYS E 97 25.07 -6.33 -15.99
CA LYS E 97 26.39 -6.19 -16.59
C LYS E 97 26.59 -7.31 -17.61
N GLU E 98 27.55 -7.15 -18.50
CA GLU E 98 27.85 -8.19 -19.48
C GLU E 98 28.34 -9.46 -18.77
N ASN E 99 29.34 -9.30 -17.93
CA ASN E 99 29.84 -10.40 -17.10
C ASN E 99 29.90 -9.98 -15.62
N PRO E 100 28.78 -10.13 -14.91
CA PRO E 100 28.72 -9.81 -13.48
C PRO E 100 29.78 -10.56 -12.69
N ARG E 101 30.27 -9.98 -11.60
CA ARG E 101 31.22 -10.67 -10.73
C ARG E 101 30.47 -11.64 -9.85
N ASN E 102 29.31 -11.20 -9.38
CA ASN E 102 28.59 -11.89 -8.35
C ASN E 102 27.47 -12.77 -8.87
N GLY E 103 27.80 -13.99 -9.24
CA GLY E 103 26.79 -14.92 -9.70
C GLY E 103 26.54 -16.02 -8.69
N LEU E 104 26.66 -17.27 -9.11
CA LEU E 104 26.68 -18.38 -8.15
C LEU E 104 28.01 -18.32 -7.39
N CYS E 105 27.98 -17.86 -6.14
CA CYS E 105 29.19 -17.74 -5.34
C CYS E 105 29.75 -19.12 -5.05
N TYR E 106 28.87 -20.04 -4.67
CA TYR E 106 29.24 -21.44 -4.64
C TYR E 106 29.08 -21.95 -6.06
N PRO E 107 30.15 -22.58 -6.60
CA PRO E 107 30.19 -22.98 -8.00
C PRO E 107 29.07 -23.94 -8.35
N GLY E 108 28.72 -23.99 -9.63
CA GLY E 108 27.70 -24.90 -10.08
C GLY E 108 27.09 -24.48 -11.40
N SER E 109 25.82 -24.81 -11.57
CA SER E 109 25.09 -24.47 -12.78
C SER E 109 23.63 -24.12 -12.46
N PHE E 110 22.96 -23.47 -13.40
CA PHE E 110 21.55 -23.13 -13.27
C PHE E 110 20.81 -23.63 -14.51
N ASN E 111 19.79 -24.45 -14.31
CA ASN E 111 19.13 -25.10 -15.43
C ASN E 111 18.06 -24.26 -16.10
N ASP E 112 18.07 -24.22 -17.42
CA ASP E 112 17.14 -23.40 -18.19
C ASP E 112 17.25 -21.98 -17.73
N TYR E 113 18.47 -21.50 -17.58
CA TYR E 113 18.71 -20.19 -17.03
C TYR E 113 18.16 -19.09 -17.93
N GLU E 114 18.38 -19.22 -19.24
CA GLU E 114 17.95 -18.20 -20.20
C GLU E 114 16.44 -18.15 -20.23
N GLU E 115 15.81 -19.31 -20.32
CA GLU E 115 14.38 -19.38 -20.36
C GLU E 115 13.79 -18.69 -19.16
N LEU E 116 14.55 -18.68 -18.06
CA LEU E 116 14.13 -18.00 -16.85
C LEU E 116 14.40 -16.51 -16.98
N LYS E 117 15.57 -16.15 -17.47
CA LYS E 117 15.89 -14.76 -17.69
C LYS E 117 14.80 -14.13 -18.56
N HIS E 118 14.43 -14.83 -19.63
CA HIS E 118 13.37 -14.33 -20.51
C HIS E 118 12.04 -14.22 -19.78
N LEU E 119 11.65 -15.30 -19.08
CA LEU E 119 10.42 -15.28 -18.31
C LEU E 119 10.34 -14.05 -17.40
N ILE E 120 11.37 -13.81 -16.59
CA ILE E 120 11.33 -12.66 -15.70
C ILE E 120 11.82 -11.37 -16.34
N SER E 121 11.60 -11.24 -17.65
CA SER E 121 11.90 -10.01 -18.38
C SER E 121 11.18 -8.84 -17.75
N SER E 122 9.86 -8.98 -17.63
CA SER E 122 9.02 -7.95 -17.05
C SER E 122 8.10 -8.54 -15.98
N VAL E 123 7.86 -7.76 -14.92
CA VAL E 123 6.98 -8.19 -13.84
C VAL E 123 6.04 -7.06 -13.39
N THR E 124 4.98 -7.46 -12.71
CA THR E 124 3.95 -6.53 -12.31
C THR E 124 2.88 -7.24 -11.48
N HIS E 125 3.16 -7.58 -10.22
CA HIS E 125 4.43 -7.24 -9.58
C HIS E 125 5.24 -8.50 -9.25
N PHE E 126 6.22 -8.34 -8.36
CA PHE E 126 7.16 -9.41 -8.03
C PHE E 126 7.57 -9.33 -6.56
N GLU E 127 7.02 -10.21 -5.72
CA GLU E 127 7.16 -10.10 -4.28
C GLU E 127 7.59 -11.41 -3.66
N LYS E 128 8.61 -11.35 -2.79
CA LYS E 128 9.16 -12.54 -2.13
C LYS E 128 8.37 -12.99 -0.91
N VAL E 129 8.08 -14.28 -0.81
CA VAL E 129 7.38 -14.84 0.36
C VAL E 129 8.08 -16.07 0.95
N LYS E 130 8.12 -16.18 2.27
CA LYS E 130 8.72 -17.32 2.93
C LYS E 130 7.79 -18.53 2.77
N ILE E 131 8.30 -19.60 2.16
CA ILE E 131 7.45 -20.77 1.89
C ILE E 131 7.83 -22.02 2.69
N LEU E 132 9.11 -22.12 3.04
CA LEU E 132 9.58 -23.23 3.86
C LEU E 132 10.55 -22.70 4.91
N PRO E 133 10.03 -22.03 5.94
CA PRO E 133 10.82 -21.39 7.00
C PRO E 133 12.04 -22.21 7.41
N LYS E 134 13.17 -21.52 7.52
CA LYS E 134 14.48 -22.15 7.74
C LYS E 134 14.54 -23.05 8.96
N ASP E 135 13.89 -22.64 10.03
CA ASP E 135 14.01 -23.31 11.32
C ASP E 135 12.99 -24.44 11.48
N ARG E 136 12.26 -24.77 10.42
CA ARG E 136 11.27 -25.83 10.50
C ARG E 136 11.85 -27.17 10.08
N TRP E 137 13.17 -27.19 9.89
CA TRP E 137 13.90 -28.42 9.56
C TRP E 137 14.60 -29.00 10.81
N THR E 138 13.81 -29.27 11.84
CA THR E 138 14.34 -29.65 13.16
C THR E 138 15.19 -30.93 13.15
N GLN E 139 14.88 -31.86 12.25
CA GLN E 139 15.60 -33.13 12.17
C GLN E 139 16.91 -33.04 11.37
N HIS E 140 17.22 -31.85 10.87
CA HIS E 140 18.44 -31.64 10.08
C HIS E 140 19.19 -30.37 10.46
N THR E 141 20.47 -30.34 10.12
CA THR E 141 21.31 -29.16 10.32
C THR E 141 21.10 -28.16 9.19
N THR E 142 20.79 -26.92 9.56
CA THR E 142 20.51 -25.90 8.57
C THR E 142 21.41 -24.69 8.77
N THR E 143 22.72 -24.91 8.77
CA THR E 143 23.65 -23.82 9.05
C THR E 143 24.88 -23.85 8.16
N GLY E 144 25.02 -24.92 7.38
CA GLY E 144 26.17 -25.07 6.51
C GLY E 144 26.35 -23.90 5.54
N GLY E 145 27.56 -23.34 5.53
CA GLY E 145 27.94 -22.31 4.59
C GLY E 145 29.19 -22.72 3.82
N SER E 146 29.99 -21.74 3.40
CA SER E 146 31.23 -22.06 2.68
C SER E 146 32.10 -20.81 2.43
N GLN E 147 33.39 -21.03 2.19
CA GLN E 147 34.27 -19.93 1.85
C GLN E 147 33.82 -19.32 0.56
N GLY E 148 33.22 -20.13 -0.31
CA GLY E 148 32.73 -19.68 -1.59
C GLY E 148 31.84 -18.47 -1.42
N CYS E 149 30.97 -18.56 -0.42
CA CYS E 149 30.00 -17.50 -0.10
C CYS E 149 30.37 -16.76 1.19
N ALA E 150 31.64 -16.40 1.32
CA ALA E 150 32.15 -15.77 2.53
C ALA E 150 31.57 -14.40 2.74
N VAL E 151 31.19 -14.10 3.99
CA VAL E 151 30.64 -12.80 4.33
C VAL E 151 31.69 -11.85 4.94
N PHE E 152 31.92 -11.95 6.25
CA PHE E 152 32.73 -10.94 6.94
C PHE E 152 34.01 -11.36 7.68
N ASP E 153 34.74 -12.37 7.22
CA ASP E 153 34.37 -13.20 6.08
C ASP E 153 34.31 -14.64 6.56
N ASN E 154 33.14 -15.02 7.08
CA ASN E 154 32.92 -16.37 7.59
C ASN E 154 32.11 -17.20 6.60
N PRO E 155 32.24 -18.53 6.67
CA PRO E 155 31.46 -19.38 5.79
C PRO E 155 29.98 -18.99 5.82
N SER E 156 29.43 -18.66 4.64
CA SER E 156 28.02 -18.31 4.53
C SER E 156 27.39 -18.96 3.30
N PHE E 157 26.19 -18.55 2.95
CA PHE E 157 25.43 -19.22 1.90
C PHE E 157 24.39 -18.29 1.27
N PHE E 158 23.74 -18.76 0.21
CA PHE E 158 22.71 -17.96 -0.46
C PHE E 158 21.59 -17.62 0.52
N ARG E 159 21.37 -16.32 0.76
CA ARG E 159 20.40 -15.88 1.75
C ARG E 159 19.01 -16.50 1.58
N ASN E 160 18.64 -16.82 0.35
CA ASN E 160 17.30 -17.35 0.07
C ASN E 160 17.20 -18.87 0.09
N MET E 161 18.34 -19.54 0.25
CA MET E 161 18.40 -21.00 0.24
C MET E 161 18.89 -21.59 1.58
N VAL E 162 18.51 -22.83 1.82
CA VAL E 162 18.79 -23.48 3.09
C VAL E 162 19.54 -24.79 2.87
N TRP E 163 20.79 -24.84 3.32
CA TRP E 163 21.62 -26.02 3.12
C TRP E 163 21.40 -27.15 4.13
N LEU E 164 20.56 -28.14 3.81
CA LEU E 164 20.33 -29.24 4.74
C LEU E 164 21.48 -30.22 4.81
N THR E 165 21.99 -30.43 6.03
CA THR E 165 23.04 -31.42 6.30
C THR E 165 22.56 -32.40 7.37
N LYS E 166 23.26 -33.51 7.51
CA LYS E 166 22.90 -34.53 8.51
C LYS E 166 23.02 -33.98 9.93
N LYS E 167 22.06 -34.35 10.78
CA LYS E 167 22.07 -33.92 12.18
C LYS E 167 22.71 -34.95 13.09
N GLY E 168 23.78 -34.55 13.77
CA GLY E 168 24.60 -35.49 14.52
C GLY E 168 25.25 -36.45 13.54
N SER E 169 24.61 -37.60 13.33
CA SER E 169 25.01 -38.50 12.28
C SER E 169 23.77 -39.20 11.71
N ASN E 170 22.72 -38.43 11.51
CA ASN E 170 21.51 -38.96 10.91
C ASN E 170 20.86 -37.94 9.95
N TYR E 171 20.78 -38.31 8.68
CA TYR E 171 20.01 -37.54 7.72
C TYR E 171 18.69 -38.27 7.48
N PRO E 172 17.67 -37.93 8.28
CA PRO E 172 16.35 -38.52 8.13
C PRO E 172 15.73 -38.03 6.83
N VAL E 173 14.72 -38.74 6.33
CA VAL E 173 14.00 -38.25 5.17
C VAL E 173 13.61 -36.79 5.38
N ALA E 174 14.11 -35.91 4.51
CA ALA E 174 13.71 -34.50 4.53
C ALA E 174 12.41 -34.35 3.75
N LYS E 175 11.42 -33.73 4.40
CA LYS E 175 10.15 -33.50 3.73
C LYS E 175 9.65 -32.09 3.95
N GLY E 176 9.32 -31.41 2.86
CA GLY E 176 8.76 -30.07 2.90
C GLY E 176 7.74 -29.91 1.80
N SER E 177 6.82 -28.97 1.99
CA SER E 177 5.78 -28.74 1.00
C SER E 177 5.11 -27.38 1.22
N TYR E 178 4.59 -26.83 0.12
CA TYR E 178 3.96 -25.52 0.14
C TYR E 178 2.76 -25.50 -0.80
N ASN E 179 1.65 -24.98 -0.33
CA ASN E 179 0.48 -24.82 -1.18
C ASN E 179 0.41 -23.36 -1.59
N ASN E 180 0.31 -23.12 -2.90
CA ASN E 180 0.31 -21.76 -3.41
C ASN E 180 -1.02 -21.07 -3.21
N THR E 181 -1.20 -20.53 -2.02
CA THR E 181 -2.44 -19.85 -1.65
C THR E 181 -2.19 -18.36 -1.76
N SER E 182 -1.14 -18.01 -2.47
CA SER E 182 -0.66 -16.63 -2.54
C SER E 182 -1.45 -15.79 -3.51
N GLY E 183 -2.24 -16.42 -4.39
CA GLY E 183 -3.05 -15.67 -5.33
C GLY E 183 -2.44 -15.42 -6.71
N GLU E 184 -1.13 -15.54 -6.83
CA GLU E 184 -0.48 -15.39 -8.13
C GLU E 184 0.58 -16.46 -8.31
N GLN E 185 0.83 -16.86 -9.57
CA GLN E 185 1.84 -17.87 -9.86
C GLN E 185 3.11 -17.56 -9.07
N MET E 186 3.88 -18.60 -8.76
CA MET E 186 5.09 -18.40 -7.98
C MET E 186 6.33 -19.09 -8.56
N LEU E 187 7.42 -18.34 -8.63
CA LEU E 187 8.69 -18.88 -9.06
C LEU E 187 9.38 -19.49 -7.86
N ILE E 188 9.73 -20.77 -7.94
CA ILE E 188 10.45 -21.46 -6.88
C ILE E 188 11.72 -22.17 -7.38
N ILE E 189 12.83 -21.95 -6.69
CA ILE E 189 14.12 -22.50 -7.10
C ILE E 189 14.65 -23.50 -6.07
N TRP E 190 15.23 -24.59 -6.54
CA TRP E 190 15.89 -25.52 -5.61
C TRP E 190 17.23 -26.05 -6.13
N GLY E 191 18.04 -26.57 -5.22
CA GLY E 191 19.37 -27.02 -5.58
C GLY E 191 19.64 -28.48 -5.30
N VAL E 192 20.69 -29.01 -5.91
CA VAL E 192 21.19 -30.35 -5.63
C VAL E 192 22.71 -30.22 -5.59
N HIS E 193 23.30 -30.56 -4.47
CA HIS E 193 24.74 -30.45 -4.30
C HIS E 193 25.47 -31.71 -4.79
N HIS E 194 26.56 -31.52 -5.53
CA HIS E 194 27.38 -32.61 -6.07
C HIS E 194 28.79 -32.56 -5.48
N PRO E 195 29.05 -33.45 -4.50
CA PRO E 195 30.31 -33.42 -3.74
C PRO E 195 31.49 -34.01 -4.51
N ASN E 196 32.70 -33.77 -4.01
CA ASN E 196 33.92 -34.19 -4.69
C ASN E 196 34.17 -35.69 -4.71
N ASP E 197 33.86 -36.35 -3.61
CA ASP E 197 34.16 -37.77 -3.45
C ASP E 197 33.10 -38.49 -2.62
N GLU E 198 33.23 -39.80 -2.50
CA GLU E 198 32.27 -40.61 -1.77
C GLU E 198 32.19 -40.21 -0.31
N THR E 199 33.32 -39.81 0.25
CA THR E 199 33.39 -39.52 1.69
C THR E 199 32.75 -38.18 2.05
N GLU E 200 33.03 -37.14 1.25
CA GLU E 200 32.36 -35.85 1.45
C GLU E 200 30.84 -36.07 1.47
N GLN E 201 30.40 -37.02 0.65
CA GLN E 201 28.99 -37.36 0.54
C GLN E 201 28.46 -37.85 1.86
N ARG E 202 29.19 -38.80 2.47
CA ARG E 202 28.81 -39.40 3.76
C ARG E 202 28.98 -38.40 4.88
N THR E 203 30.13 -37.74 4.89
CA THR E 203 30.41 -36.70 5.87
C THR E 203 29.24 -35.73 6.02
N LEU E 204 28.56 -35.45 4.91
CA LEU E 204 27.55 -34.39 4.86
C LEU E 204 26.13 -34.90 4.99
N TYR E 205 25.79 -35.93 4.22
CA TYR E 205 24.41 -36.41 4.16
C TYR E 205 24.29 -37.87 4.61
N GLN E 206 25.38 -38.36 5.22
CA GLN E 206 25.43 -39.73 5.73
C GLN E 206 25.33 -40.79 4.63
N ASN E 207 24.11 -41.07 4.20
CA ASN E 207 23.86 -42.15 3.24
C ASN E 207 24.13 -41.80 1.77
N VAL E 208 24.85 -42.67 1.08
CA VAL E 208 25.05 -42.53 -0.35
C VAL E 208 23.80 -43.00 -1.07
N GLY E 209 23.67 -42.66 -2.35
CA GLY E 209 22.48 -43.02 -3.10
C GLY E 209 21.31 -42.20 -2.59
N ALA E 210 21.62 -41.00 -2.11
CA ALA E 210 20.60 -40.04 -1.69
C ALA E 210 19.89 -39.54 -2.92
N TYR E 211 18.74 -38.92 -2.73
CA TYR E 211 17.98 -38.40 -3.85
C TYR E 211 17.31 -37.11 -3.44
N VAL E 212 16.97 -36.29 -4.44
CA VAL E 212 16.11 -35.14 -4.24
C VAL E 212 14.96 -35.27 -5.22
N SER E 213 13.73 -35.23 -4.72
CA SER E 213 12.56 -35.39 -5.58
C SER E 213 11.55 -34.27 -5.40
N VAL E 214 11.34 -33.51 -6.47
CA VAL E 214 10.37 -32.42 -6.45
C VAL E 214 9.09 -32.86 -7.17
N GLY E 215 7.94 -32.29 -6.80
CA GLY E 215 6.70 -32.71 -7.41
C GLY E 215 5.62 -31.64 -7.39
N THR E 216 5.01 -31.43 -8.54
CA THR E 216 3.81 -30.61 -8.64
C THR E 216 2.83 -31.29 -9.59
N SER E 217 1.83 -30.55 -10.05
CA SER E 217 0.81 -31.14 -10.91
C SER E 217 1.41 -31.35 -12.27
N THR E 218 2.50 -30.64 -12.54
CA THR E 218 3.09 -30.62 -13.88
C THR E 218 4.56 -31.06 -13.85
N LEU E 219 5.20 -30.88 -12.70
CA LEU E 219 6.60 -31.21 -12.50
C LEU E 219 6.79 -32.59 -11.87
N ASN E 220 7.75 -33.34 -12.39
CA ASN E 220 8.14 -34.58 -11.76
C ASN E 220 9.60 -34.86 -12.02
N LYS E 221 10.40 -34.88 -10.98
CA LYS E 221 11.83 -35.03 -11.15
C LYS E 221 12.51 -35.59 -9.91
N ARG E 222 13.36 -36.58 -10.12
CA ARG E 222 14.14 -37.17 -9.05
C ARG E 222 15.63 -37.07 -9.42
N SER E 223 16.42 -36.47 -8.55
CA SER E 223 17.84 -36.26 -8.82
C SER E 223 18.73 -37.08 -7.90
N LEU E 224 19.78 -37.66 -8.46
CA LEU E 224 20.83 -38.32 -7.67
C LEU E 224 22.11 -37.54 -7.83
N PRO E 225 22.83 -37.32 -6.73
CA PRO E 225 24.08 -36.55 -6.83
C PRO E 225 25.05 -37.19 -7.80
N GLU E 226 25.52 -36.40 -8.76
CA GLU E 226 26.52 -36.84 -9.71
C GLU E 226 27.88 -36.33 -9.24
N ILE E 227 28.75 -37.26 -8.89
CA ILE E 227 30.05 -36.93 -8.29
C ILE E 227 31.23 -37.10 -9.28
N ALA E 228 32.20 -36.20 -9.19
CA ALA E 228 33.37 -36.25 -10.07
C ALA E 228 34.46 -35.36 -9.54
N THR E 229 35.70 -35.73 -9.82
CA THR E 229 36.84 -34.94 -9.38
C THR E 229 36.97 -33.71 -10.27
N ARG E 230 36.73 -32.54 -9.68
CA ARG E 230 36.75 -31.28 -10.44
C ARG E 230 37.81 -30.37 -9.87
N PRO E 231 38.25 -29.38 -10.66
CA PRO E 231 39.18 -28.35 -10.20
C PRO E 231 38.51 -27.43 -9.20
N GLU E 232 39.27 -26.50 -8.64
CA GLU E 232 38.71 -25.60 -7.64
C GLU E 232 38.24 -24.30 -8.24
N VAL E 233 36.97 -24.01 -8.03
CA VAL E 233 36.35 -22.74 -8.39
C VAL E 233 35.86 -22.04 -7.12
N ASN E 234 36.46 -20.90 -6.80
CA ASN E 234 36.26 -20.28 -5.50
C ASN E 234 36.68 -21.26 -4.42
N GLY E 235 37.80 -21.95 -4.67
CA GLY E 235 38.34 -22.91 -3.73
C GLY E 235 37.38 -24.06 -3.45
N GLN E 236 36.39 -24.24 -4.30
CA GLN E 236 35.45 -25.33 -4.11
C GLN E 236 35.49 -26.35 -5.23
N GLY E 237 35.40 -27.62 -4.87
CA GLY E 237 35.38 -28.68 -5.84
C GLY E 237 33.97 -29.16 -6.02
N GLY E 238 33.13 -28.87 -5.04
CA GLY E 238 31.74 -29.27 -5.12
C GLY E 238 31.04 -28.43 -6.16
N ARG E 239 29.78 -28.76 -6.41
CA ARG E 239 28.98 -28.03 -7.38
C ARG E 239 27.52 -28.01 -6.92
N MET E 240 26.85 -26.88 -7.10
CA MET E 240 25.42 -26.85 -6.82
C MET E 240 24.62 -26.61 -8.08
N GLU E 241 23.81 -27.58 -8.46
CA GLU E 241 23.01 -27.50 -9.67
C GLU E 241 21.59 -27.07 -9.32
N PHE E 242 21.28 -25.82 -9.66
CA PHE E 242 19.97 -25.24 -9.35
C PHE E 242 18.98 -25.39 -10.51
N SER E 243 17.72 -25.57 -10.14
CA SER E 243 16.64 -25.74 -11.09
C SER E 243 15.49 -24.90 -10.58
N TRP E 244 14.48 -24.71 -11.40
CA TRP E 244 13.38 -23.83 -11.03
C TRP E 244 12.07 -24.29 -11.64
N THR E 245 10.96 -23.84 -11.07
CA THR E 245 9.65 -24.10 -11.66
C THR E 245 8.68 -22.97 -11.33
N ILE E 246 7.58 -22.90 -12.07
CA ILE E 246 6.53 -21.99 -11.69
C ILE E 246 5.47 -22.80 -11.00
N LEU E 247 5.14 -22.40 -9.77
CA LEU E 247 4.07 -23.05 -9.02
C LEU E 247 2.74 -22.36 -9.30
N ASP E 248 1.89 -23.03 -10.05
CA ASP E 248 0.61 -22.48 -10.45
C ASP E 248 -0.23 -22.19 -9.21
N ILE E 249 -1.26 -21.36 -9.36
CA ILE E 249 -2.09 -20.97 -8.23
C ILE E 249 -2.87 -22.17 -7.70
N TRP E 250 -2.89 -22.28 -6.37
CA TRP E 250 -3.62 -23.35 -5.69
C TRP E 250 -2.98 -24.71 -5.93
N ASP E 251 -1.80 -24.72 -6.55
CA ASP E 251 -1.08 -25.97 -6.70
C ASP E 251 -0.06 -26.07 -5.59
N THR E 252 0.33 -27.30 -5.26
CA THR E 252 1.30 -27.48 -4.19
C THR E 252 2.58 -28.12 -4.71
N ILE E 253 3.72 -27.76 -4.12
CA ILE E 253 4.99 -28.36 -4.48
C ILE E 253 5.54 -29.15 -3.31
N ASN E 254 5.94 -30.39 -3.55
CA ASN E 254 6.42 -31.27 -2.49
C ASN E 254 7.88 -31.67 -2.66
N PHE E 255 8.74 -31.26 -1.73
CA PHE E 255 10.13 -31.67 -1.75
C PHE E 255 10.31 -32.92 -0.89
N GLU E 256 11.19 -33.81 -1.32
CA GLU E 256 11.57 -34.97 -0.50
C GLU E 256 12.98 -35.42 -0.80
N SER E 257 13.81 -35.46 0.24
CA SER E 257 15.24 -35.74 0.06
C SER E 257 15.87 -36.61 1.17
N THR E 258 16.57 -37.66 0.77
CA THR E 258 17.39 -38.41 1.70
C THR E 258 18.82 -37.89 1.64
N GLY E 259 18.97 -36.57 1.49
CA GLY E 259 20.29 -35.96 1.39
C GLY E 259 20.59 -35.28 0.07
N ASN E 260 21.41 -34.23 0.13
CA ASN E 260 21.92 -33.52 -1.05
C ASN E 260 21.07 -32.36 -1.56
N LEU E 261 19.91 -32.17 -0.96
CA LEU E 261 19.02 -31.08 -1.38
C LEU E 261 19.42 -29.74 -0.79
N ILE E 262 19.33 -28.70 -1.62
CA ILE E 262 19.48 -27.32 -1.17
C ILE E 262 18.12 -26.65 -1.31
N ALA E 263 17.24 -26.88 -0.33
CA ALA E 263 15.87 -26.40 -0.42
C ALA E 263 15.75 -24.87 -0.41
N PRO E 264 14.65 -24.36 -0.95
CA PRO E 264 14.41 -22.91 -0.91
C PRO E 264 13.86 -22.55 0.46
N GLU E 265 14.05 -21.30 0.89
CA GLU E 265 13.32 -20.82 2.05
C GLU E 265 12.23 -19.89 1.56
N TYR E 266 12.52 -19.20 0.46
CA TYR E 266 11.59 -18.23 -0.11
C TYR E 266 11.10 -18.61 -1.48
N GLY E 267 9.87 -18.22 -1.76
CA GLY E 267 9.31 -18.28 -3.10
C GLY E 267 9.15 -16.85 -3.65
N PHE E 268 8.81 -16.74 -4.93
CA PHE E 268 8.70 -15.42 -5.53
C PHE E 268 7.36 -15.29 -6.22
N LYS E 269 6.47 -14.47 -5.65
CA LYS E 269 5.19 -14.17 -6.27
C LYS E 269 5.50 -13.41 -7.54
N ILE E 270 4.81 -13.78 -8.62
CA ILE E 270 5.12 -13.21 -9.92
C ILE E 270 4.01 -12.26 -10.35
N SER E 271 3.55 -12.39 -11.58
CA SER E 271 2.49 -11.56 -12.16
C SER E 271 2.98 -10.82 -13.41
N LYS E 272 2.97 -11.51 -14.55
CA LYS E 272 3.38 -10.89 -15.80
C LYS E 272 2.20 -10.12 -16.39
N ARG E 273 2.44 -9.51 -17.54
CA ARG E 273 1.38 -8.88 -18.31
C ARG E 273 1.96 -8.48 -19.66
N GLY E 274 3.23 -8.79 -19.83
CA GLY E 274 3.91 -8.53 -21.09
C GLY E 274 5.21 -9.31 -21.20
N SER E 275 6.10 -8.83 -22.08
CA SER E 275 7.37 -9.50 -22.34
C SER E 275 8.44 -8.48 -22.73
N SER E 276 9.11 -7.94 -21.72
CA SER E 276 10.18 -6.95 -21.95
C SER E 276 11.51 -7.67 -22.27
N GLY E 277 12.61 -7.15 -21.75
CA GLY E 277 13.90 -7.75 -21.98
C GLY E 277 14.97 -7.30 -21.00
N ILE E 278 16.14 -7.89 -21.12
CA ILE E 278 17.27 -7.58 -20.26
C ILE E 278 18.29 -6.75 -21.03
N MET E 279 18.52 -5.53 -20.56
CA MET E 279 19.48 -4.65 -21.23
C MET E 279 20.86 -4.86 -20.63
N LYS E 280 21.83 -5.16 -21.49
CA LYS E 280 23.19 -5.38 -21.00
C LYS E 280 24.05 -4.13 -21.11
N THR E 281 24.21 -3.43 -19.98
CA THR E 281 25.01 -2.21 -19.94
C THR E 281 25.87 -2.18 -18.68
N GLU E 282 26.72 -1.16 -18.57
CA GLU E 282 27.58 -1.01 -17.40
C GLU E 282 27.25 0.27 -16.66
N GLY E 283 26.09 0.84 -17.00
CA GLY E 283 25.69 2.14 -16.48
C GLY E 283 24.83 2.09 -15.23
N THR E 284 24.19 3.21 -14.91
CA THR E 284 23.38 3.33 -13.70
C THR E 284 22.35 4.43 -13.85
N LEU E 285 21.07 4.06 -13.91
CA LEU E 285 20.00 5.02 -14.18
C LEU E 285 20.08 6.24 -13.28
N GLU E 286 19.66 7.39 -13.80
CA GLU E 286 19.68 8.63 -13.05
C GLU E 286 18.37 9.42 -13.15
N ASN E 287 17.28 8.69 -13.42
CA ASN E 287 15.93 9.25 -13.30
C ASN E 287 15.59 10.30 -14.35
N CYS E 288 15.10 9.84 -15.49
CA CYS E 288 14.60 10.72 -16.53
C CYS E 288 13.30 10.16 -17.10
N GLU E 289 13.27 9.86 -18.39
CA GLU E 289 12.11 9.23 -19.00
C GLU E 289 12.34 8.92 -20.47
N THR E 290 11.39 8.22 -21.08
CA THR E 290 11.42 7.92 -22.51
C THR E 290 10.49 6.77 -22.88
N LYS E 291 9.92 6.84 -24.08
CA LYS E 291 9.12 5.75 -24.60
C LYS E 291 10.08 4.75 -25.20
N CYS E 292 11.37 5.05 -25.12
CA CYS E 292 12.39 4.24 -25.77
C CYS E 292 13.80 4.40 -25.17
N GLN E 293 14.35 3.30 -24.67
CA GLN E 293 15.67 3.31 -24.05
C GLN E 293 16.66 2.48 -24.85
N THR E 294 17.91 2.90 -24.80
CA THR E 294 18.98 2.32 -25.60
C THR E 294 20.21 2.02 -24.72
N PRO E 295 20.94 0.93 -25.02
CA PRO E 295 22.13 0.62 -24.22
C PRO E 295 23.09 1.78 -24.16
N LEU E 296 22.91 2.76 -25.04
CA LEU E 296 23.81 3.91 -25.10
C LEU E 296 23.21 5.20 -24.55
N GLY E 297 21.88 5.25 -24.49
CA GLY E 297 21.18 6.43 -24.00
C GLY E 297 19.74 6.40 -24.47
N ALA E 298 18.90 7.28 -23.93
CA ALA E 298 17.49 7.29 -24.30
C ALA E 298 17.23 8.09 -25.58
N ILE E 299 16.18 7.72 -26.30
CA ILE E 299 15.81 8.42 -27.52
C ILE E 299 14.54 9.26 -27.34
N ASN E 300 14.61 10.54 -27.72
CA ASN E 300 13.43 11.39 -27.70
C ASN E 300 13.13 11.89 -29.11
N THR E 301 12.22 11.21 -29.81
CA THR E 301 11.99 11.53 -31.22
C THR E 301 10.63 11.08 -31.76
N THR E 302 10.40 11.38 -33.04
CA THR E 302 9.16 11.07 -33.74
C THR E 302 9.42 10.56 -35.15
N LEU E 303 10.69 10.54 -35.55
CA LEU E 303 11.09 10.22 -36.92
C LEU E 303 11.11 8.71 -37.16
N PRO E 304 10.71 8.27 -38.36
CA PRO E 304 10.51 6.85 -38.67
C PRO E 304 11.75 5.98 -38.46
N PHE E 305 12.90 6.59 -38.23
CA PHE E 305 14.15 5.84 -38.15
C PHE E 305 15.16 6.46 -37.20
N HIS E 306 15.96 5.60 -36.57
CA HIS E 306 17.13 6.06 -35.84
C HIS E 306 18.25 5.13 -36.23
N ASN E 307 19.46 5.47 -35.82
CA ASN E 307 20.62 4.64 -36.12
C ASN E 307 21.54 4.49 -34.91
N ILE E 308 20.98 4.68 -33.73
CA ILE E 308 21.75 4.68 -32.51
C ILE E 308 22.23 3.29 -32.11
N HIS E 309 21.28 2.38 -31.89
CA HIS E 309 21.60 1.04 -31.42
C HIS E 309 20.45 0.08 -31.70
N PRO E 310 20.77 -1.15 -32.16
CA PRO E 310 19.76 -2.15 -32.52
C PRO E 310 18.95 -2.64 -31.32
N LEU E 311 19.65 -2.97 -30.23
CA LEU E 311 19.00 -3.57 -29.09
C LEU E 311 18.28 -2.54 -28.24
N THR E 312 17.20 -1.98 -28.78
CA THR E 312 16.42 -1.00 -28.06
C THR E 312 15.34 -1.68 -27.22
N ILE E 313 14.80 -0.95 -26.25
CA ILE E 313 13.70 -1.43 -25.45
C ILE E 313 12.64 -0.35 -25.39
N GLY E 314 11.52 -0.59 -26.04
CA GLY E 314 10.42 0.34 -25.96
C GLY E 314 9.64 0.32 -27.24
N GLU E 315 9.11 1.48 -27.62
CA GLU E 315 8.52 1.65 -28.93
C GLU E 315 9.49 2.48 -29.76
N CYS E 316 10.17 1.81 -30.68
CA CYS E 316 11.32 2.44 -31.33
C CYS E 316 11.22 2.62 -32.84
N PRO E 317 11.70 3.77 -33.30
CA PRO E 317 11.84 4.12 -34.71
C PRO E 317 12.63 3.04 -35.43
N LYS E 318 11.99 2.27 -36.32
CA LYS E 318 12.67 1.20 -37.06
C LYS E 318 14.17 1.48 -37.28
N TYR E 319 14.99 1.05 -36.31
CA TYR E 319 16.44 1.27 -36.38
C TYR E 319 17.03 0.82 -37.70
N VAL E 320 17.64 1.76 -38.41
CA VAL E 320 18.24 1.46 -39.71
C VAL E 320 19.73 1.71 -39.66
N LYS E 321 20.45 1.13 -40.62
CA LYS E 321 21.91 1.09 -40.58
C LYS E 321 22.54 2.22 -41.39
N SER E 322 21.84 3.34 -41.51
CA SER E 322 22.28 4.40 -42.42
C SER E 322 22.73 5.68 -41.72
N GLU E 323 23.65 6.40 -42.36
CA GLU E 323 24.27 7.58 -41.76
C GLU E 323 23.33 8.79 -41.78
N ARG E 324 22.44 8.84 -42.77
CA ARG E 324 21.50 9.95 -42.91
C ARG E 324 20.35 9.62 -43.87
N LEU E 325 19.20 10.23 -43.61
CA LEU E 325 18.03 10.11 -44.47
C LEU E 325 17.36 11.47 -44.54
N VAL E 326 17.54 12.18 -45.64
CA VAL E 326 16.93 13.49 -45.81
C VAL E 326 16.03 13.55 -47.04
N LEU E 327 14.77 13.92 -46.81
CA LEU E 327 13.79 14.03 -47.87
C LEU E 327 13.80 15.44 -48.47
N ALA E 328 13.83 15.52 -49.80
CA ALA E 328 13.61 16.79 -50.47
C ALA E 328 12.14 17.17 -50.32
N THR E 329 11.89 18.37 -49.83
CA THR E 329 10.55 18.93 -49.73
C THR E 329 10.39 20.08 -50.70
N GLY E 330 11.44 20.89 -50.82
CA GLY E 330 11.44 22.03 -51.71
C GLY E 330 11.99 21.66 -53.07
N LEU E 331 12.34 22.66 -53.86
CA LEU E 331 12.85 22.44 -55.20
C LEU E 331 14.36 22.70 -55.26
N ARG E 332 14.99 22.27 -56.36
CA ARG E 332 16.41 22.51 -56.53
C ARG E 332 16.67 24.01 -56.43
N ASN E 333 17.67 24.37 -55.62
CA ASN E 333 17.97 25.76 -55.34
C ASN E 333 19.04 26.32 -56.29
N VAL E 334 18.60 26.94 -57.38
CA VAL E 334 19.51 27.53 -58.38
C VAL E 334 19.67 29.04 -58.19
N PRO E 335 20.92 29.52 -58.04
CA PRO E 335 21.20 30.92 -57.70
C PRO E 335 21.22 31.91 -58.89
N GLN E 336 20.49 33.03 -58.73
CA GLN E 336 20.65 34.24 -59.57
C GLN E 336 19.62 35.30 -59.20
N GLY E 341 14.70 20.89 -65.27
CA GLY E 341 14.40 19.61 -64.67
C GLY E 341 13.71 18.65 -65.62
N LEU E 342 12.61 18.06 -65.15
CA LEU E 342 11.79 17.20 -66.00
C LEU E 342 10.80 18.03 -66.80
N PHE E 343 10.49 19.21 -66.29
CA PHE E 343 9.46 20.05 -66.89
C PHE E 343 10.00 21.32 -67.55
N GLY E 344 11.31 21.50 -67.50
CA GLY E 344 11.97 22.56 -68.25
C GLY E 344 12.07 23.89 -67.54
N ALA E 345 11.10 24.18 -66.67
CA ALA E 345 11.07 25.48 -66.00
C ALA E 345 12.31 25.74 -65.14
N ILE E 346 12.37 25.09 -64.00
CA ILE E 346 13.43 25.35 -63.03
C ILE E 346 14.82 25.01 -63.56
N ALA E 347 15.78 25.88 -63.28
CA ALA E 347 17.15 25.75 -63.78
C ALA E 347 17.12 25.35 -65.25
N GLY E 348 16.11 25.85 -65.95
CA GLY E 348 15.93 25.58 -67.35
C GLY E 348 15.65 26.88 -68.10
N PHE E 349 14.57 26.90 -68.87
CA PHE E 349 14.26 28.08 -69.65
C PHE E 349 14.10 29.31 -68.78
N ILE E 350 13.57 29.12 -67.57
CA ILE E 350 13.62 30.18 -66.56
C ILE E 350 14.96 30.08 -65.83
N GLU E 351 15.98 30.62 -66.48
CA GLU E 351 17.39 30.46 -66.10
C GLU E 351 17.73 30.41 -64.60
N GLY E 352 17.02 31.16 -63.77
CA GLY E 352 17.35 31.24 -62.35
C GLY E 352 16.24 31.69 -61.42
N GLY E 353 16.55 31.79 -60.13
CA GLY E 353 15.58 32.09 -59.11
C GLY E 353 15.67 33.49 -58.56
N TRP E 354 14.67 33.91 -57.80
CA TRP E 354 14.60 35.28 -57.31
C TRP E 354 14.82 35.39 -55.82
N GLN E 355 16.06 35.66 -55.41
CA GLN E 355 16.35 36.04 -54.04
C GLN E 355 15.30 37.04 -53.56
N GLY E 356 14.83 37.86 -54.50
CA GLY E 356 13.90 38.93 -54.20
C GLY E 356 12.57 38.46 -53.65
N MET E 357 12.03 37.38 -54.20
CA MET E 357 10.73 36.87 -53.75
C MET E 357 10.88 36.03 -52.49
N VAL E 358 10.18 36.40 -51.44
CA VAL E 358 10.34 35.71 -50.15
C VAL E 358 9.04 35.61 -49.36
N ASP E 359 7.94 35.38 -50.05
CA ASP E 359 6.65 35.16 -49.39
C ASP E 359 5.97 33.92 -49.95
N GLY E 360 6.75 33.12 -50.70
CA GLY E 360 6.26 31.90 -51.31
C GLY E 360 7.28 31.21 -52.18
N TRP E 361 6.88 30.11 -52.80
CA TRP E 361 7.77 29.32 -53.63
C TRP E 361 7.69 29.74 -55.07
N TYR E 362 6.50 30.09 -55.54
CA TYR E 362 6.30 30.48 -56.94
C TYR E 362 5.57 31.81 -57.03
N GLY E 363 5.93 32.63 -58.01
CA GLY E 363 5.32 33.94 -58.13
C GLY E 363 5.60 34.73 -59.38
N TYR E 364 5.14 35.98 -59.37
CA TYR E 364 5.27 36.87 -60.51
C TYR E 364 6.21 38.04 -60.21
N HIS E 365 6.50 38.83 -61.25
CA HIS E 365 7.30 40.04 -61.11
C HIS E 365 7.05 40.96 -62.29
N HIS E 366 6.28 42.03 -62.05
CA HIS E 366 5.81 42.90 -63.12
C HIS E 366 6.55 44.24 -63.17
N SER E 367 6.84 44.70 -64.39
CA SER E 367 7.36 46.04 -64.61
C SER E 367 6.23 46.91 -65.16
N ASN E 368 5.59 47.68 -64.28
CA ASN E 368 4.40 48.43 -64.65
C ASN E 368 4.66 49.95 -64.67
N ASP E 369 3.59 50.70 -64.91
CA ASP E 369 3.64 52.16 -64.83
C ASP E 369 3.99 52.55 -63.39
N GLN E 370 3.91 51.58 -62.50
CA GLN E 370 4.15 51.80 -61.08
C GLN E 370 5.12 50.75 -60.52
N GLY E 371 6.40 51.09 -60.57
CA GLY E 371 7.46 50.27 -60.02
C GLY E 371 7.28 48.77 -60.06
N SER E 372 7.34 48.16 -58.88
CA SER E 372 7.23 46.71 -58.73
C SER E 372 8.50 46.00 -59.19
N GLY E 373 8.80 44.87 -58.55
CA GLY E 373 7.97 44.34 -57.49
C GLY E 373 7.71 42.86 -57.61
N TYR E 374 7.96 42.13 -56.52
CA TYR E 374 7.74 40.69 -56.47
C TYR E 374 6.49 40.33 -55.69
N ALA E 375 5.80 39.29 -56.13
CA ALA E 375 4.61 38.83 -55.43
C ALA E 375 4.43 37.33 -55.65
N ALA E 376 4.52 36.57 -54.57
CA ALA E 376 4.35 35.12 -54.66
C ALA E 376 2.89 34.76 -54.85
N ASP E 377 2.65 33.74 -55.67
CA ASP E 377 1.29 33.25 -55.90
C ASP E 377 0.96 32.30 -54.78
N LYS E 378 0.44 32.84 -53.68
CA LYS E 378 0.24 32.02 -52.49
C LYS E 378 -0.65 30.80 -52.74
N GLU E 379 -1.62 30.92 -53.64
CA GLU E 379 -2.52 29.80 -53.92
C GLU E 379 -1.78 28.54 -54.37
N SER E 380 -0.92 28.65 -55.36
CA SER E 380 -0.17 27.49 -55.86
C SER E 380 0.99 27.13 -54.94
N THR E 381 1.45 28.09 -54.15
CA THR E 381 2.49 27.84 -53.16
C THR E 381 1.91 27.03 -51.99
N GLN E 382 0.61 27.20 -51.76
CA GLN E 382 -0.08 26.42 -50.75
C GLN E 382 -0.29 24.97 -51.19
N LYS E 383 -0.87 24.78 -52.37
CA LYS E 383 -1.08 23.43 -52.90
C LYS E 383 0.22 22.63 -52.88
N ALA E 384 1.34 23.34 -52.93
CA ALA E 384 2.65 22.71 -52.85
C ALA E 384 3.02 22.41 -51.41
N PHE E 385 2.92 23.42 -50.55
CA PHE E 385 3.18 23.24 -49.13
C PHE E 385 2.22 22.18 -48.56
N ASP E 386 0.99 22.17 -49.06
CA ASP E 386 0.00 21.19 -48.62
C ASP E 386 0.42 19.78 -49.01
N GLY E 387 0.73 19.58 -50.29
CA GLY E 387 1.12 18.29 -50.79
C GLY E 387 2.40 17.76 -50.16
N ILE E 388 3.49 18.49 -50.32
CA ILE E 388 4.78 18.10 -49.80
C ILE E 388 4.69 17.75 -48.31
N THR E 389 3.77 18.36 -47.60
CA THR E 389 3.60 18.00 -46.21
C THR E 389 3.11 16.56 -46.09
N ASN E 390 2.04 16.23 -46.82
CA ASN E 390 1.55 14.86 -46.79
C ASN E 390 2.58 13.83 -47.24
N LYS E 391 3.47 14.20 -48.16
CA LYS E 391 4.53 13.28 -48.53
C LYS E 391 5.41 13.01 -47.33
N VAL E 392 5.85 14.07 -46.65
CA VAL E 392 6.70 13.89 -45.48
C VAL E 392 5.99 13.07 -44.44
N ASN E 393 4.71 13.36 -44.23
CA ASN E 393 3.95 12.64 -43.21
C ASN E 393 3.71 11.18 -43.52
N SER E 394 3.25 10.88 -44.74
CA SER E 394 3.08 9.49 -45.15
C SER E 394 4.36 8.66 -44.90
N VAL E 395 5.48 9.18 -45.38
CA VAL E 395 6.78 8.56 -45.16
C VAL E 395 7.01 8.22 -43.69
N ILE E 396 6.53 9.09 -42.81
CA ILE E 396 6.64 8.88 -41.37
C ILE E 396 5.45 8.14 -40.78
N GLU E 397 4.30 8.80 -40.70
CA GLU E 397 3.11 8.26 -40.03
C GLU E 397 2.70 6.83 -40.41
N LYS E 398 3.15 6.33 -41.56
CA LYS E 398 2.76 4.98 -41.98
C LYS E 398 3.70 3.87 -41.51
N MET E 399 4.86 4.26 -40.99
CA MET E 399 5.76 3.33 -40.33
C MET E 399 5.03 2.65 -39.19
N ASN E 400 5.13 1.33 -39.13
CA ASN E 400 4.52 0.58 -38.05
C ASN E 400 5.46 0.49 -36.85
N THR E 401 4.92 0.67 -35.64
CA THR E 401 5.73 0.68 -34.44
C THR E 401 5.03 -0.01 -33.26
N GLN E 402 5.65 -1.07 -32.74
CA GLN E 402 5.13 -1.77 -31.57
C GLN E 402 6.18 -1.75 -30.48
N PHE E 403 5.85 -2.34 -29.32
CA PHE E 403 6.82 -2.50 -28.25
C PHE E 403 7.64 -3.75 -28.50
N GLU E 404 8.95 -3.65 -28.31
CA GLU E 404 9.84 -4.77 -28.58
C GLU E 404 11.18 -4.59 -27.86
N ALA E 405 11.69 -5.71 -27.36
CA ALA E 405 13.04 -5.77 -26.85
C ALA E 405 13.83 -6.56 -27.86
N VAL E 406 14.97 -6.05 -28.26
CA VAL E 406 15.67 -6.62 -29.40
C VAL E 406 16.66 -7.69 -28.98
N GLY E 407 17.37 -7.44 -27.88
CA GLY E 407 18.43 -8.34 -27.47
C GLY E 407 17.97 -9.46 -26.56
N LYS E 408 18.27 -10.69 -26.95
CA LYS E 408 18.03 -11.85 -26.09
C LYS E 408 19.32 -12.60 -25.71
N GLU E 409 19.18 -13.61 -24.85
CA GLU E 409 20.32 -14.35 -24.31
C GLU E 409 20.33 -15.80 -24.79
N PHE E 410 21.52 -16.33 -25.06
CA PHE E 410 21.68 -17.72 -25.49
C PHE E 410 22.86 -18.39 -24.77
N SER E 411 22.69 -19.66 -24.43
CA SER E 411 23.75 -20.40 -23.74
C SER E 411 24.90 -20.76 -24.68
N ASN E 412 26.00 -21.24 -24.10
CA ASN E 412 27.15 -21.58 -24.91
C ASN E 412 26.87 -22.73 -25.88
N LEU E 413 25.85 -23.53 -25.55
CA LEU E 413 25.46 -24.63 -26.42
C LEU E 413 24.23 -24.28 -27.25
N GLU E 414 24.06 -22.97 -27.46
CA GLU E 414 22.95 -22.46 -28.29
C GLU E 414 23.48 -21.53 -29.37
N LYS E 415 24.71 -21.78 -29.80
CA LYS E 415 25.35 -20.97 -30.81
C LYS E 415 24.51 -20.84 -32.07
N ARG E 416 24.02 -21.98 -32.57
CA ARG E 416 23.21 -21.99 -33.78
C ARG E 416 21.97 -21.14 -33.61
N LEU E 417 21.23 -21.40 -32.54
CA LEU E 417 20.03 -20.65 -32.23
C LEU E 417 20.33 -19.15 -32.16
N GLU E 418 21.43 -18.80 -31.48
CA GLU E 418 21.85 -17.42 -31.36
C GLU E 418 22.18 -16.81 -32.70
N ASN E 419 22.78 -17.60 -33.58
CA ASN E 419 23.15 -17.14 -34.91
C ASN E 419 21.92 -16.99 -35.78
N LEU E 420 21.01 -17.95 -35.69
CA LEU E 420 19.76 -17.84 -36.42
C LEU E 420 19.08 -16.53 -36.09
N ASN E 421 19.17 -16.13 -34.84
CA ASN E 421 18.54 -14.91 -34.39
C ASN E 421 19.27 -13.68 -34.86
N LYS E 422 20.59 -13.76 -34.94
CA LYS E 422 21.38 -12.65 -35.45
C LYS E 422 21.09 -12.44 -36.92
N LYS E 423 21.20 -13.51 -37.70
CA LYS E 423 20.94 -13.41 -39.13
C LYS E 423 19.54 -12.88 -39.39
N MET E 424 18.62 -13.18 -38.50
CA MET E 424 17.27 -12.64 -38.64
C MET E 424 17.26 -11.12 -38.42
N GLU E 425 17.96 -10.64 -37.40
CA GLU E 425 17.99 -9.21 -37.12
C GLU E 425 18.64 -8.46 -38.26
N ASP E 426 19.79 -8.97 -38.68
CA ASP E 426 20.53 -8.39 -39.81
C ASP E 426 19.66 -8.37 -41.05
N GLY E 427 19.00 -9.49 -41.32
CA GLY E 427 18.08 -9.56 -42.43
C GLY E 427 17.09 -8.40 -42.50
N PHE E 428 16.43 -8.12 -41.38
CA PHE E 428 15.47 -7.04 -41.36
C PHE E 428 16.17 -5.71 -41.38
N LEU E 429 17.42 -5.67 -40.94
CA LEU E 429 18.19 -4.44 -40.96
C LEU E 429 18.57 -4.03 -42.37
N ASP E 430 18.99 -5.01 -43.15
CA ASP E 430 19.33 -4.74 -44.53
C ASP E 430 18.09 -4.30 -45.28
N VAL E 431 16.96 -4.89 -44.96
CA VAL E 431 15.74 -4.51 -45.65
C VAL E 431 15.33 -3.10 -45.28
N TRP E 432 15.17 -2.81 -43.99
CA TRP E 432 14.75 -1.48 -43.59
C TRP E 432 15.74 -0.40 -44.00
N THR E 433 17.00 -0.78 -44.17
CA THR E 433 17.98 0.20 -44.62
C THR E 433 17.77 0.51 -46.11
N TYR E 434 17.96 -0.48 -46.96
CA TYR E 434 17.61 -0.35 -48.38
C TYR E 434 16.31 0.43 -48.57
N ASN E 435 15.20 -0.14 -48.14
CA ASN E 435 13.92 0.52 -48.29
C ASN E 435 13.96 2.01 -47.98
N ALA E 436 14.49 2.38 -46.81
CA ALA E 436 14.51 3.79 -46.42
C ALA E 436 15.49 4.58 -47.28
N GLU E 437 16.63 3.97 -47.57
CA GLU E 437 17.64 4.65 -48.33
C GLU E 437 17.17 5.02 -49.74
N LEU E 438 16.37 4.16 -50.36
CA LEU E 438 15.81 4.47 -51.68
C LEU E 438 14.58 5.36 -51.61
N LEU E 439 13.69 5.11 -50.64
CA LEU E 439 12.50 5.93 -50.50
C LEU E 439 12.88 7.40 -50.41
N VAL E 440 14.10 7.65 -49.95
CA VAL E 440 14.64 9.01 -49.93
C VAL E 440 15.12 9.43 -51.32
N LEU E 441 15.94 8.61 -51.96
CA LEU E 441 16.37 8.90 -53.33
C LEU E 441 15.16 9.16 -54.23
N MET E 442 14.45 8.12 -54.65
CA MET E 442 13.13 8.34 -55.24
C MET E 442 12.44 9.25 -54.24
N GLU E 443 11.42 10.00 -54.68
CA GLU E 443 10.71 10.91 -53.76
C GLU E 443 11.44 12.23 -53.53
N ASN E 444 12.75 12.23 -53.76
CA ASN E 444 13.48 13.48 -53.86
C ASN E 444 13.56 13.85 -55.32
N GLU E 445 13.90 12.87 -56.13
CA GLU E 445 13.81 13.01 -57.58
C GLU E 445 12.38 13.37 -57.96
N MET E 446 11.43 13.09 -57.08
CA MET E 446 10.02 13.34 -57.40
C MET E 446 9.50 14.61 -56.77
N THR E 447 10.07 14.96 -55.62
CA THR E 447 9.71 16.20 -54.96
C THR E 447 10.19 17.37 -55.82
N LEU E 448 11.44 17.26 -56.28
CA LEU E 448 12.03 18.30 -57.13
C LEU E 448 11.26 18.50 -58.43
N ASP E 449 11.10 17.44 -59.22
CA ASP E 449 10.34 17.54 -60.47
C ASP E 449 8.89 17.98 -60.25
N PHE E 450 8.42 17.88 -59.01
CA PHE E 450 7.09 18.36 -58.64
C PHE E 450 7.07 19.89 -58.65
N HIS E 451 8.06 20.50 -58.01
CA HIS E 451 8.20 21.95 -58.04
C HIS E 451 8.37 22.42 -59.47
N ASP E 452 9.34 21.86 -60.18
CA ASP E 452 9.57 22.20 -61.57
C ASP E 452 8.29 22.14 -62.37
N SER E 453 7.39 21.23 -62.00
CA SER E 453 6.11 21.14 -62.69
C SER E 453 5.09 22.14 -62.18
N ASN E 454 5.27 22.63 -60.98
CA ASN E 454 4.38 23.66 -60.46
C ASN E 454 4.66 24.99 -61.13
N VAL E 455 5.93 25.26 -61.38
CA VAL E 455 6.35 26.47 -62.07
C VAL E 455 5.87 26.47 -63.52
N LYS E 456 6.44 25.59 -64.33
CA LYS E 456 6.02 25.47 -65.74
C LYS E 456 4.50 25.31 -65.88
N ASN E 457 3.81 25.00 -64.78
CA ASN E 457 2.35 24.96 -64.77
C ASN E 457 1.75 26.35 -64.57
N LEU E 458 2.48 27.19 -63.85
CA LEU E 458 2.12 28.60 -63.67
C LEU E 458 2.43 29.42 -64.95
N TYR E 459 3.58 29.13 -65.55
CA TYR E 459 3.96 29.74 -66.81
C TYR E 459 2.90 29.54 -67.87
N ASP E 460 2.07 28.53 -67.68
CA ASP E 460 1.01 28.25 -68.64
C ASP E 460 -0.32 28.82 -68.19
N LYS E 461 -0.51 28.94 -66.88
CA LYS E 461 -1.73 29.57 -66.36
C LYS E 461 -1.78 31.04 -66.80
N VAL E 462 -0.60 31.59 -67.10
CA VAL E 462 -0.46 32.95 -67.60
C VAL E 462 -0.52 32.98 -69.13
N ARG E 463 0.48 32.37 -69.77
CA ARG E 463 0.54 32.32 -71.23
C ARG E 463 -0.82 32.02 -71.86
N MET E 464 -1.60 31.15 -71.24
CA MET E 464 -2.89 30.74 -71.79
C MET E 464 -4.02 31.72 -71.51
N GLN E 465 -3.75 32.70 -70.64
CA GLN E 465 -4.69 33.80 -70.42
C GLN E 465 -4.39 34.92 -71.40
N LEU E 466 -3.11 35.24 -71.54
CA LEU E 466 -2.64 36.34 -72.38
C LEU E 466 -2.71 36.03 -73.88
N ARG E 467 -2.17 34.88 -74.28
CA ARG E 467 -2.18 34.49 -75.70
C ARG E 467 -1.38 35.47 -76.53
N ASP E 468 -2.03 36.13 -77.50
CA ASP E 468 -1.33 37.06 -78.38
C ASP E 468 -1.40 38.50 -77.89
N ASN E 469 -2.13 38.72 -76.80
CA ASN E 469 -2.17 40.04 -76.18
C ASN E 469 -0.81 40.46 -75.70
N VAL E 470 0.14 39.53 -75.70
CA VAL E 470 1.51 39.82 -75.30
C VAL E 470 2.50 38.87 -75.99
N LYS E 471 3.78 39.26 -76.01
CA LYS E 471 4.80 38.40 -76.60
C LYS E 471 5.53 37.58 -75.53
N GLU E 472 5.94 36.38 -75.92
CA GLU E 472 6.55 35.43 -75.00
C GLU E 472 8.06 35.45 -75.14
N LEU E 473 8.73 36.21 -74.26
CA LEU E 473 10.17 36.46 -74.39
C LEU E 473 11.03 35.19 -74.37
N GLY E 474 10.50 34.12 -73.78
CA GLY E 474 11.20 32.83 -73.76
C GLY E 474 12.21 32.70 -72.64
N ASN E 475 12.23 33.67 -71.74
CA ASN E 475 13.11 33.66 -70.59
C ASN E 475 12.27 33.51 -69.33
N GLY E 476 10.97 33.30 -69.52
CA GLY E 476 10.03 33.23 -68.44
C GLY E 476 9.14 34.46 -68.44
N CYS E 477 9.61 35.53 -69.07
CA CYS E 477 8.91 36.81 -69.10
C CYS E 477 7.96 36.96 -70.29
N PHE E 478 6.88 37.72 -70.08
CA PHE E 478 5.97 38.10 -71.14
C PHE E 478 6.04 39.62 -71.28
N GLU E 479 6.03 40.11 -72.51
CA GLU E 479 6.01 41.54 -72.76
C GLU E 479 4.64 41.93 -73.30
N PHE E 480 3.98 42.84 -72.60
CA PHE E 480 2.62 43.23 -72.97
C PHE E 480 2.54 44.04 -74.26
N TYR E 481 1.67 43.61 -75.16
CA TYR E 481 1.33 44.39 -76.37
C TYR E 481 0.27 45.42 -76.05
N HIS E 482 0.28 45.91 -74.81
CA HIS E 482 -0.61 46.99 -74.39
C HIS E 482 -0.33 47.44 -72.96
N LYS E 483 -1.26 48.19 -72.39
CA LYS E 483 -1.08 48.77 -71.06
C LYS E 483 -1.75 47.93 -69.99
N CYS E 484 -1.06 47.72 -68.87
CA CYS E 484 -1.58 46.90 -67.80
C CYS E 484 -1.35 47.56 -66.44
N ASP E 485 -2.34 48.32 -65.98
CA ASP E 485 -2.26 48.98 -64.69
C ASP E 485 -2.16 47.98 -63.54
N ASP E 486 -1.97 48.47 -62.33
CA ASP E 486 -1.87 47.59 -61.16
C ASP E 486 -3.19 46.91 -60.84
N GLU E 487 -4.16 47.04 -61.73
CA GLU E 487 -5.45 46.36 -61.56
C GLU E 487 -5.60 45.27 -62.62
N CYS E 488 -4.88 45.44 -63.73
CA CYS E 488 -4.82 44.43 -64.77
C CYS E 488 -3.81 43.35 -64.39
N MET E 489 -2.63 43.77 -63.95
CA MET E 489 -1.64 42.83 -63.43
C MET E 489 -2.32 41.94 -62.40
N ASN E 490 -2.82 42.56 -61.34
CA ASN E 490 -3.53 41.85 -60.28
C ASN E 490 -4.65 40.92 -60.79
N SER E 491 -5.11 41.14 -62.02
CA SER E 491 -6.18 40.31 -62.59
C SER E 491 -5.65 39.03 -63.21
N VAL E 492 -4.41 39.06 -63.69
CA VAL E 492 -3.77 37.88 -64.27
C VAL E 492 -3.47 36.86 -63.18
N LYS E 493 -2.83 37.33 -62.11
CA LYS E 493 -2.64 36.54 -60.90
C LYS E 493 -4.02 36.14 -60.36
N ASN E 494 -4.96 37.08 -60.46
CA ASN E 494 -6.33 36.86 -60.00
C ASN E 494 -6.92 35.61 -60.65
N GLY E 495 -6.30 35.15 -61.73
CA GLY E 495 -6.80 34.00 -62.48
C GLY E 495 -7.89 34.40 -63.46
N THR E 496 -8.30 35.67 -63.39
CA THR E 496 -9.33 36.19 -64.28
C THR E 496 -8.81 37.39 -65.07
N TYR E 497 -8.37 37.11 -66.29
CA TYR E 497 -7.91 38.15 -67.20
C TYR E 497 -9.11 38.73 -67.95
N ASP E 498 -8.89 39.16 -69.19
CA ASP E 498 -9.94 39.70 -70.02
C ASP E 498 -9.43 39.92 -71.44
N TYR E 499 -9.24 38.82 -72.17
CA TYR E 499 -8.68 38.88 -73.52
C TYR E 499 -9.62 39.58 -74.48
N SER E 500 -10.91 39.51 -74.21
CA SER E 500 -11.92 40.12 -75.07
C SER E 500 -12.04 41.63 -74.85
N LYS E 501 -10.98 42.23 -74.29
CA LYS E 501 -10.94 43.67 -74.06
C LYS E 501 -9.63 44.25 -74.60
N TYR E 502 -8.53 43.98 -73.91
CA TYR E 502 -7.22 44.44 -74.35
C TYR E 502 -6.84 43.84 -75.71
N GLU E 503 -7.79 43.12 -76.32
CA GLU E 503 -7.60 42.54 -77.64
C GLU E 503 -7.38 43.60 -78.71
N GLU E 504 -8.35 44.51 -78.83
CA GLU E 504 -8.19 45.64 -79.73
C GLU E 504 -7.26 46.63 -79.05
N GLU E 505 -5.98 46.48 -79.37
CA GLU E 505 -4.91 47.27 -78.81
C GLU E 505 -3.64 46.56 -79.18
N SER E 506 -3.19 46.80 -80.41
CA SER E 506 -2.05 46.11 -80.96
C SER E 506 -0.84 47.03 -81.08
N LYS E 507 0.26 46.48 -81.58
CA LYS E 507 1.52 47.23 -81.73
C LYS E 507 1.68 48.37 -80.71
N ILE F 18 -12.76 23.70 -81.12
CA ILE F 18 -12.38 22.39 -80.60
C ILE F 18 -11.86 22.47 -79.16
N CYS F 19 -12.40 21.63 -78.30
CA CYS F 19 -12.07 21.71 -76.88
C CYS F 19 -11.42 20.44 -76.32
N VAL F 20 -10.33 20.61 -75.59
CA VAL F 20 -9.66 19.49 -74.95
C VAL F 20 -10.13 19.33 -73.51
N GLY F 21 -10.46 18.11 -73.14
CA GLY F 21 -10.98 17.82 -71.81
C GLY F 21 -10.94 16.35 -71.47
N TYR F 22 -11.39 16.04 -70.26
CA TYR F 22 -11.27 14.69 -69.72
C TYR F 22 -12.55 14.19 -69.06
N HIS F 23 -12.73 12.88 -69.06
CA HIS F 23 -13.92 12.26 -68.50
C HIS F 23 -14.12 12.69 -67.05
N SER F 24 -15.38 12.83 -66.69
CA SER F 24 -15.79 12.98 -65.30
C SER F 24 -17.00 12.08 -65.17
N ASN F 25 -17.38 11.73 -63.94
CA ASN F 25 -18.56 10.89 -63.79
C ASN F 25 -19.10 10.81 -62.36
N ASN F 26 -20.13 9.99 -62.18
CA ASN F 26 -20.81 9.88 -60.91
C ASN F 26 -20.13 8.90 -59.96
N SER F 27 -18.81 9.02 -59.83
CA SER F 27 -18.03 8.17 -58.95
C SER F 27 -17.80 8.84 -57.58
N THR F 28 -17.91 8.07 -56.52
CA THR F 28 -17.73 8.58 -55.17
C THR F 28 -16.53 7.94 -54.48
N GLU F 29 -15.79 7.11 -55.22
CA GLU F 29 -14.71 6.34 -54.64
C GLU F 29 -13.47 7.16 -54.31
N LYS F 30 -12.90 6.92 -53.13
CA LYS F 30 -11.73 7.65 -52.68
C LYS F 30 -10.47 6.80 -52.67
N VAL F 31 -9.36 7.44 -53.01
CA VAL F 31 -8.05 6.82 -52.92
C VAL F 31 -7.19 7.78 -52.12
N ASP F 32 -6.08 7.30 -51.58
CA ASP F 32 -5.14 8.19 -50.93
C ASP F 32 -3.89 8.30 -51.76
N THR F 33 -3.25 9.46 -51.72
CA THR F 33 -1.98 9.67 -52.38
C THR F 33 -0.99 10.17 -51.35
N ILE F 34 0.22 10.48 -51.78
CA ILE F 34 1.22 10.90 -50.81
C ILE F 34 0.99 12.34 -50.35
N LEU F 35 0.45 13.18 -51.25
CA LEU F 35 0.26 14.60 -50.97
C LEU F 35 -1.13 14.96 -50.48
N GLU F 36 -2.08 14.02 -50.59
CA GLU F 36 -3.46 14.35 -50.31
C GLU F 36 -4.30 13.12 -50.01
N ARG F 37 -5.21 13.23 -49.05
CA ARG F 37 -6.02 12.09 -48.66
C ARG F 37 -7.43 12.15 -49.25
N ASN F 38 -8.13 11.01 -49.19
CA ASN F 38 -9.52 10.90 -49.62
C ASN F 38 -9.83 11.66 -50.91
N VAL F 39 -8.94 11.54 -51.87
CA VAL F 39 -9.11 12.11 -53.20
C VAL F 39 -10.13 11.32 -54.00
N THR F 40 -11.18 11.99 -54.48
CA THR F 40 -12.17 11.33 -55.34
C THR F 40 -11.65 11.04 -56.76
N VAL F 41 -11.87 9.82 -57.24
CA VAL F 41 -11.36 9.42 -58.55
C VAL F 41 -12.44 8.76 -59.39
N THR F 42 -12.26 8.85 -60.72
CA THR F 42 -13.24 8.31 -61.65
C THR F 42 -13.42 6.80 -61.42
N HIS F 43 -12.30 6.11 -61.21
CA HIS F 43 -12.31 4.66 -61.03
C HIS F 43 -11.09 4.20 -60.24
N ALA F 44 -11.31 3.30 -59.28
CA ALA F 44 -10.23 2.79 -58.46
C ALA F 44 -10.25 1.27 -58.46
N GLN F 45 -9.50 0.66 -57.53
CA GLN F 45 -9.49 -0.79 -57.44
C GLN F 45 -8.99 -1.27 -56.10
N ASP F 46 -9.79 -2.13 -55.47
CA ASP F 46 -9.47 -2.66 -54.15
C ASP F 46 -8.59 -3.91 -54.29
N ILE F 47 -7.39 -3.87 -53.72
CA ILE F 47 -6.50 -5.02 -53.79
C ILE F 47 -6.46 -5.79 -52.48
N LEU F 48 -7.13 -5.28 -51.46
CA LEU F 48 -7.13 -5.92 -50.16
C LEU F 48 -8.43 -6.65 -49.89
N GLU F 49 -8.38 -7.98 -49.86
CA GLU F 49 -9.52 -8.79 -49.45
C GLU F 49 -9.76 -8.62 -47.96
N LYS F 50 -11.02 -8.40 -47.60
CA LYS F 50 -11.37 -8.04 -46.22
C LYS F 50 -12.41 -8.97 -45.60
N THR F 51 -12.92 -9.91 -46.38
CA THR F 51 -14.04 -10.71 -45.94
C THR F 51 -13.82 -12.21 -46.07
N HIS F 52 -14.34 -12.95 -45.09
CA HIS F 52 -14.13 -14.39 -45.04
C HIS F 52 -15.42 -15.22 -45.01
N ASN F 53 -15.28 -16.44 -45.53
CA ASN F 53 -16.30 -17.48 -45.54
C ASN F 53 -17.11 -17.61 -44.25
N GLY F 54 -16.41 -17.66 -43.11
CA GLY F 54 -17.07 -17.76 -41.83
C GLY F 54 -17.11 -19.18 -41.31
N LYS F 55 -16.79 -20.14 -42.18
CA LYS F 55 -16.80 -21.54 -41.77
C LYS F 55 -15.47 -22.24 -42.07
N LEU F 56 -15.21 -23.32 -41.33
CA LEU F 56 -14.00 -24.12 -41.54
C LEU F 56 -14.30 -25.24 -42.52
N CYS F 57 -13.43 -25.40 -43.51
CA CYS F 57 -13.74 -26.27 -44.66
C CYS F 57 -12.55 -27.10 -45.15
N LYS F 58 -12.81 -27.94 -46.13
CA LYS F 58 -11.74 -28.74 -46.71
C LYS F 58 -10.70 -27.80 -47.31
N LEU F 59 -9.48 -28.30 -47.45
CA LEU F 59 -8.38 -27.55 -48.03
C LEU F 59 -7.80 -28.33 -49.22
N ASN F 60 -8.26 -28.00 -50.42
CA ASN F 60 -7.93 -28.75 -51.62
C ASN F 60 -8.69 -30.07 -51.63
N GLY F 61 -9.94 -30.06 -51.21
CA GLY F 61 -10.74 -31.26 -51.15
C GLY F 61 -10.46 -32.11 -49.93
N ILE F 62 -9.19 -32.23 -49.58
CA ILE F 62 -8.78 -32.99 -48.38
C ILE F 62 -9.32 -32.33 -47.13
N PRO F 63 -10.05 -33.08 -46.31
CA PRO F 63 -10.60 -32.53 -45.06
C PRO F 63 -9.51 -32.38 -44.00
N PRO F 64 -9.85 -31.74 -42.86
CA PRO F 64 -8.94 -31.67 -41.74
C PRO F 64 -9.19 -32.86 -40.84
N LEU F 65 -8.47 -32.92 -39.72
CA LEU F 65 -8.75 -33.87 -38.69
C LEU F 65 -9.40 -33.11 -37.55
N GLU F 66 -10.71 -33.31 -37.36
CA GLU F 66 -11.43 -32.72 -36.24
C GLU F 66 -11.11 -33.47 -34.96
N LEU F 67 -10.62 -32.76 -33.95
CA LEU F 67 -10.30 -33.39 -32.67
C LEU F 67 -11.35 -33.04 -31.60
N GLY F 68 -12.26 -32.12 -31.91
CA GLY F 68 -13.21 -31.69 -30.92
C GLY F 68 -12.49 -31.26 -29.66
N ASP F 69 -12.97 -31.70 -28.50
CA ASP F 69 -12.31 -31.33 -27.24
C ASP F 69 -11.24 -32.33 -26.81
N CYS F 70 -10.66 -33.03 -27.78
CA CYS F 70 -9.52 -33.91 -27.55
C CYS F 70 -8.19 -33.25 -27.94
N SER F 71 -7.11 -33.81 -27.44
CA SER F 71 -5.77 -33.32 -27.76
C SER F 71 -5.00 -34.38 -28.53
N ILE F 72 -3.97 -33.98 -29.25
CA ILE F 72 -3.21 -34.93 -30.06
C ILE F 72 -2.68 -36.09 -29.22
N ALA F 73 -2.24 -35.79 -28.02
CA ALA F 73 -1.79 -36.84 -27.10
C ALA F 73 -2.96 -37.77 -26.76
N GLY F 74 -4.10 -37.18 -26.39
CA GLY F 74 -5.28 -37.95 -26.04
C GLY F 74 -5.69 -38.86 -27.17
N TRP F 75 -5.61 -38.34 -28.39
CA TRP F 75 -6.00 -39.07 -29.56
C TRP F 75 -5.10 -40.27 -29.77
N LEU F 76 -3.80 -40.02 -29.85
CA LEU F 76 -2.84 -41.07 -30.20
C LEU F 76 -2.66 -42.12 -29.10
N LEU F 77 -2.79 -41.69 -27.85
CA LEU F 77 -2.71 -42.64 -26.75
C LEU F 77 -4.00 -43.44 -26.66
N GLY F 78 -5.13 -42.81 -26.99
CA GLY F 78 -6.39 -43.50 -26.97
C GLY F 78 -7.17 -43.30 -25.68
N ASN F 79 -6.96 -42.17 -25.02
CA ASN F 79 -7.82 -41.74 -23.94
C ASN F 79 -9.25 -42.17 -24.28
N PRO F 80 -9.89 -42.91 -23.37
CA PRO F 80 -11.25 -43.45 -23.57
C PRO F 80 -12.27 -42.40 -23.92
N GLU F 81 -11.94 -41.13 -23.66
CA GLU F 81 -12.86 -40.05 -23.93
C GLU F 81 -12.75 -39.64 -25.40
N CYS F 82 -11.70 -40.14 -26.04
CA CYS F 82 -11.42 -39.82 -27.44
C CYS F 82 -11.84 -40.97 -28.35
N ASP F 83 -12.46 -42.00 -27.78
CA ASP F 83 -12.88 -43.17 -28.54
C ASP F 83 -13.65 -42.76 -29.78
N ARG F 84 -14.60 -41.85 -29.59
CA ARG F 84 -15.48 -41.39 -30.64
C ARG F 84 -14.81 -40.44 -31.64
N LEU F 85 -13.81 -40.95 -32.35
CA LEU F 85 -13.12 -40.16 -33.36
C LEU F 85 -13.13 -40.85 -34.72
N LEU F 86 -13.32 -40.06 -35.78
CA LEU F 86 -13.25 -40.55 -37.14
C LEU F 86 -11.96 -40.05 -37.79
N THR F 87 -11.09 -40.98 -38.18
CA THR F 87 -9.76 -40.63 -38.68
C THR F 87 -9.52 -40.98 -40.14
N VAL F 88 -10.00 -40.11 -41.03
CA VAL F 88 -9.67 -40.22 -42.43
C VAL F 88 -8.16 -40.38 -42.53
N PRO F 89 -7.68 -41.52 -43.03
CA PRO F 89 -6.25 -41.84 -43.10
C PRO F 89 -5.41 -40.70 -43.69
N GLU F 90 -6.07 -39.75 -44.35
CA GLU F 90 -5.39 -38.61 -44.93
C GLU F 90 -6.12 -37.32 -44.56
N TRP F 91 -5.39 -36.36 -44.01
CA TRP F 91 -5.94 -35.03 -43.73
C TRP F 91 -5.02 -33.95 -44.26
N SER F 92 -5.52 -32.72 -44.38
CA SER F 92 -4.73 -31.60 -44.85
C SER F 92 -4.26 -30.73 -43.69
N TYR F 93 -5.14 -30.50 -42.73
CA TYR F 93 -4.77 -29.81 -41.50
C TYR F 93 -5.46 -30.42 -40.26
N ILE F 94 -5.02 -30.05 -39.06
CA ILE F 94 -5.64 -30.57 -37.86
C ILE F 94 -6.30 -29.46 -37.04
N MET F 95 -7.52 -29.69 -36.58
CA MET F 95 -8.23 -28.72 -35.75
C MET F 95 -8.23 -29.13 -34.28
N GLU F 96 -7.50 -28.39 -33.47
CA GLU F 96 -7.35 -28.73 -32.06
C GLU F 96 -7.83 -27.55 -31.23
N LYS F 97 -8.62 -27.81 -30.20
CA LYS F 97 -9.04 -26.74 -29.29
C LYS F 97 -7.82 -26.08 -28.68
N GLU F 98 -7.97 -24.87 -28.16
CA GLU F 98 -6.86 -24.20 -27.51
C GLU F 98 -6.41 -25.01 -26.30
N ASN F 99 -7.35 -25.31 -25.41
CA ASN F 99 -7.08 -26.16 -24.25
C ASN F 99 -8.09 -27.30 -24.19
N PRO F 100 -7.79 -28.41 -24.89
CA PRO F 100 -8.65 -29.60 -24.87
C PRO F 100 -8.89 -30.12 -23.45
N ARG F 101 -10.06 -30.70 -23.19
CA ARG F 101 -10.33 -31.29 -21.89
C ARG F 101 -9.64 -32.63 -21.80
N ASN F 102 -9.69 -33.36 -22.91
CA ASN F 102 -9.28 -34.76 -22.94
C ASN F 102 -7.86 -35.00 -23.45
N GLY F 103 -6.89 -34.85 -22.57
CA GLY F 103 -5.50 -35.11 -22.93
C GLY F 103 -5.00 -36.43 -22.38
N LEU F 104 -3.91 -36.36 -21.63
CA LEU F 104 -3.47 -37.49 -20.82
C LEU F 104 -4.44 -37.63 -19.64
N CYS F 105 -5.35 -38.60 -19.72
CA CYS F 105 -6.32 -38.81 -18.67
C CYS F 105 -5.61 -39.25 -17.40
N TYR F 106 -4.70 -40.20 -17.54
CA TYR F 106 -3.77 -40.47 -16.46
C TYR F 106 -2.66 -39.43 -16.53
N PRO F 107 -2.41 -38.73 -15.41
CA PRO F 107 -1.48 -37.59 -15.37
C PRO F 107 -0.08 -37.98 -15.77
N GLY F 108 0.67 -37.02 -16.25
CA GLY F 108 2.04 -37.25 -16.65
C GLY F 108 2.54 -36.23 -17.64
N SER F 109 3.45 -36.65 -18.51
CA SER F 109 4.04 -35.78 -19.51
C SER F 109 4.26 -36.51 -20.83
N PHE F 110 4.49 -35.76 -21.88
CA PHE F 110 4.77 -36.30 -23.22
C PHE F 110 6.04 -35.63 -23.77
N ASN F 111 7.04 -36.44 -24.10
CA ASN F 111 8.36 -35.92 -24.47
C ASN F 111 8.48 -35.51 -25.93
N ASP F 112 9.04 -34.32 -26.15
CA ASP F 112 9.14 -33.78 -27.50
C ASP F 112 7.76 -33.71 -28.13
N TYR F 113 6.81 -33.17 -27.40
CA TYR F 113 5.42 -33.23 -27.80
C TYR F 113 5.22 -32.35 -29.02
N GLU F 114 5.79 -31.16 -28.97
CA GLU F 114 5.64 -30.20 -30.07
C GLU F 114 6.28 -30.69 -31.35
N GLU F 115 7.50 -31.18 -31.22
CA GLU F 115 8.21 -31.78 -32.35
C GLU F 115 7.40 -32.89 -32.97
N LEU F 116 6.56 -33.53 -32.17
CA LEU F 116 5.66 -34.55 -32.69
C LEU F 116 4.45 -33.92 -33.33
N LYS F 117 3.87 -32.92 -32.66
CA LYS F 117 2.75 -32.19 -33.24
C LYS F 117 3.14 -31.72 -34.63
N HIS F 118 4.31 -31.11 -34.73
CA HIS F 118 4.80 -30.59 -36.00
C HIS F 118 4.95 -31.70 -37.02
N LEU F 119 5.62 -32.77 -36.62
CA LEU F 119 5.82 -33.91 -37.50
C LEU F 119 4.49 -34.40 -38.10
N ILE F 120 3.49 -34.61 -37.26
CA ILE F 120 2.22 -35.10 -37.78
C ILE F 120 1.30 -33.95 -38.21
N SER F 121 1.90 -32.86 -38.69
CA SER F 121 1.16 -31.76 -39.29
C SER F 121 0.28 -32.28 -40.40
N SER F 122 0.91 -32.95 -41.37
CA SER F 122 0.19 -33.48 -42.51
C SER F 122 0.57 -34.93 -42.75
N VAL F 123 -0.39 -35.72 -43.20
CA VAL F 123 -0.15 -37.12 -43.48
C VAL F 123 -0.80 -37.55 -44.79
N THR F 124 -0.35 -38.68 -45.31
CA THR F 124 -0.80 -39.16 -46.60
C THR F 124 -0.12 -40.48 -46.94
N HIS F 125 -0.55 -41.58 -46.30
CA HIS F 125 -1.66 -41.57 -45.35
C HIS F 125 -1.20 -41.89 -43.91
N PHE F 126 -2.14 -42.28 -43.06
CA PHE F 126 -1.86 -42.52 -41.66
C PHE F 126 -2.76 -43.63 -41.15
N GLU F 127 -2.20 -44.81 -40.93
CA GLU F 127 -2.98 -46.02 -40.61
C GLU F 127 -2.43 -46.79 -39.41
N LYS F 128 -3.32 -47.15 -38.49
CA LYS F 128 -2.93 -47.82 -37.25
C LYS F 128 -2.79 -49.32 -37.45
N VAL F 129 -1.72 -49.91 -36.92
CA VAL F 129 -1.51 -51.36 -36.98
C VAL F 129 -1.12 -51.94 -35.63
N LYS F 130 -1.63 -53.14 -35.33
CA LYS F 130 -1.29 -53.84 -34.10
C LYS F 130 0.13 -54.39 -34.22
N ILE F 131 1.01 -53.99 -33.30
CA ILE F 131 2.41 -54.39 -33.37
C ILE F 131 2.85 -55.29 -32.23
N LEU F 132 2.23 -55.12 -31.06
CA LEU F 132 2.52 -55.98 -29.92
C LEU F 132 1.24 -56.40 -29.23
N PRO F 133 0.48 -57.31 -29.86
CA PRO F 133 -0.84 -57.76 -29.41
C PRO F 133 -0.96 -57.87 -27.90
N LYS F 134 -2.04 -57.33 -27.35
CA LYS F 134 -2.23 -57.20 -25.89
C LYS F 134 -2.09 -58.50 -25.12
N ASP F 135 -2.61 -59.58 -25.70
CA ASP F 135 -2.70 -60.86 -25.00
C ASP F 135 -1.44 -61.73 -25.16
N ARG F 136 -0.40 -61.16 -25.75
CA ARG F 136 0.83 -61.93 -25.95
C ARG F 136 1.80 -61.71 -24.79
N TRP F 137 1.32 -61.05 -23.74
CA TRP F 137 2.12 -60.82 -22.53
C TRP F 137 1.73 -61.80 -21.44
N THR F 138 1.82 -63.10 -21.74
CA THR F 138 1.30 -64.15 -20.87
C THR F 138 1.91 -64.19 -19.47
N GLN F 139 3.17 -63.77 -19.36
CA GLN F 139 3.86 -63.80 -18.08
C GLN F 139 3.59 -62.57 -17.21
N HIS F 140 2.73 -61.68 -17.70
CA HIS F 140 2.38 -60.46 -16.97
C HIS F 140 0.88 -60.13 -17.00
N THR F 141 0.46 -59.33 -16.03
CA THR F 141 -0.91 -58.85 -15.96
C THR F 141 -1.10 -57.66 -16.89
N THR F 142 -2.09 -57.75 -17.77
CA THR F 142 -2.34 -56.71 -18.75
C THR F 142 -3.77 -56.19 -18.66
N THR F 143 -4.16 -55.73 -17.47
CA THR F 143 -5.55 -55.32 -17.28
C THR F 143 -5.68 -54.07 -16.41
N GLY F 144 -4.57 -53.62 -15.83
CA GLY F 144 -4.59 -52.48 -14.96
C GLY F 144 -5.12 -51.21 -15.62
N GLY F 145 -6.10 -50.59 -14.97
CA GLY F 145 -6.65 -49.33 -15.42
C GLY F 145 -6.53 -48.29 -14.32
N SER F 146 -7.41 -47.28 -14.33
CA SER F 146 -7.42 -46.29 -13.26
C SER F 146 -8.64 -45.39 -13.29
N GLN F 147 -8.97 -44.79 -12.15
CA GLN F 147 -10.06 -43.82 -12.08
C GLN F 147 -9.77 -42.64 -13.01
N GLY F 148 -8.49 -42.33 -13.17
CA GLY F 148 -8.07 -41.26 -14.06
C GLY F 148 -8.66 -41.45 -15.43
N CYS F 149 -8.67 -42.70 -15.91
CA CYS F 149 -9.20 -43.02 -17.23
C CYS F 149 -10.51 -43.80 -17.14
N ALA F 150 -11.40 -43.34 -16.28
CA ALA F 150 -12.66 -44.05 -16.01
C ALA F 150 -13.57 -44.06 -17.22
N VAL F 151 -14.20 -45.22 -17.47
CA VAL F 151 -15.12 -45.35 -18.57
C VAL F 151 -16.58 -45.21 -18.17
N PHE F 152 -17.19 -46.29 -17.68
CA PHE F 152 -18.64 -46.30 -17.49
C PHE F 152 -19.22 -46.58 -16.09
N ASP F 153 -18.54 -46.19 -15.01
CA ASP F 153 -17.23 -45.57 -15.03
C ASP F 153 -16.28 -46.42 -14.19
N ASN F 154 -15.69 -47.42 -14.84
CA ASN F 154 -14.80 -48.35 -14.17
C ASN F 154 -13.37 -48.03 -14.54
N PRO F 155 -12.41 -48.42 -13.68
CA PRO F 155 -10.99 -48.21 -14.00
C PRO F 155 -10.65 -48.70 -15.41
N SER F 156 -10.13 -47.80 -16.23
CA SER F 156 -9.75 -48.14 -17.59
C SER F 156 -8.42 -47.48 -17.94
N PHE F 157 -8.05 -47.51 -19.22
CA PHE F 157 -6.73 -47.08 -19.66
C PHE F 157 -6.71 -46.68 -21.13
N PHE F 158 -5.62 -46.06 -21.58
CA PHE F 158 -5.48 -45.64 -22.98
C PHE F 158 -5.68 -46.83 -23.92
N ARG F 159 -6.70 -46.76 -24.75
CA ARG F 159 -7.05 -47.89 -25.61
C ARG F 159 -5.87 -48.46 -26.39
N ASN F 160 -4.92 -47.61 -26.74
CA ASN F 160 -3.79 -48.01 -27.60
C ASN F 160 -2.55 -48.49 -26.83
N MET F 161 -2.60 -48.38 -25.49
CA MET F 161 -1.48 -48.77 -24.65
C MET F 161 -1.84 -49.92 -23.73
N VAL F 162 -0.83 -50.64 -23.25
CA VAL F 162 -1.02 -51.84 -22.45
C VAL F 162 -0.23 -51.77 -21.15
N TRP F 163 -0.93 -51.67 -20.02
CA TRP F 163 -0.29 -51.48 -18.73
C TRP F 163 0.24 -52.78 -18.10
N LEU F 164 1.52 -53.08 -18.26
CA LEU F 164 2.09 -54.30 -17.66
C LEU F 164 2.30 -54.22 -16.15
N THR F 165 1.68 -55.16 -15.43
CA THR F 165 1.86 -55.30 -13.99
C THR F 165 2.32 -56.71 -13.64
N LYS F 166 2.85 -56.89 -12.43
CA LYS F 166 3.36 -58.19 -12.00
C LYS F 166 2.25 -59.23 -11.98
N LYS F 167 2.58 -60.46 -12.39
CA LYS F 167 1.62 -61.57 -12.37
C LYS F 167 1.74 -62.43 -11.09
N GLY F 168 0.64 -62.50 -10.34
CA GLY F 168 0.68 -63.12 -9.04
C GLY F 168 1.57 -62.29 -8.16
N SER F 169 2.83 -62.68 -8.06
CA SER F 169 3.84 -61.86 -7.41
C SER F 169 5.20 -62.00 -8.11
N ASN F 170 5.15 -62.02 -9.43
CA ASN F 170 6.35 -62.10 -10.24
C ASN F 170 6.28 -61.21 -11.49
N TYR F 171 7.16 -60.21 -11.56
CA TYR F 171 7.35 -59.44 -12.79
C TYR F 171 8.59 -59.94 -13.54
N PRO F 172 8.40 -60.96 -14.38
CA PRO F 172 9.52 -61.51 -15.13
C PRO F 172 10.02 -60.45 -16.10
N VAL F 173 11.22 -60.60 -16.65
CA VAL F 173 11.67 -59.72 -17.71
C VAL F 173 10.61 -59.63 -18.82
N ALA F 174 10.12 -58.41 -19.06
CA ALA F 174 9.19 -58.19 -20.15
C ALA F 174 9.97 -57.98 -21.42
N LYS F 175 9.65 -58.74 -22.46
CA LYS F 175 10.32 -58.56 -23.74
C LYS F 175 9.37 -58.57 -24.91
N GLY F 176 9.47 -57.53 -25.73
CA GLY F 176 8.65 -57.41 -26.92
C GLY F 176 9.46 -56.81 -28.05
N SER F 177 9.03 -57.05 -29.27
CA SER F 177 9.73 -56.50 -30.40
C SER F 177 8.92 -56.57 -31.68
N TYR F 178 9.19 -55.65 -32.60
CA TYR F 178 8.44 -55.54 -33.83
C TYR F 178 9.37 -55.16 -34.97
N ASN F 179 9.25 -55.84 -36.10
CA ASN F 179 10.01 -55.50 -37.28
C ASN F 179 9.09 -54.75 -38.23
N ASN F 180 9.51 -53.56 -38.64
CA ASN F 180 8.69 -52.72 -39.50
C ASN F 180 8.65 -53.22 -40.94
N THR F 181 7.79 -54.21 -41.18
CA THR F 181 7.63 -54.78 -42.49
C THR F 181 6.42 -54.17 -43.17
N SER F 182 5.99 -53.03 -42.63
CA SER F 182 4.74 -52.40 -43.02
C SER F 182 4.85 -51.56 -44.31
N GLY F 183 6.08 -51.30 -44.74
CA GLY F 183 6.29 -50.59 -45.98
C GLY F 183 6.45 -49.08 -45.86
N GLU F 184 6.01 -48.50 -44.74
CA GLU F 184 6.19 -47.07 -44.52
C GLU F 184 6.64 -46.80 -43.08
N GLN F 185 7.37 -45.70 -42.89
CA GLN F 185 7.87 -45.34 -41.56
C GLN F 185 6.74 -45.43 -40.55
N MET F 186 7.06 -45.74 -39.31
CA MET F 186 6.02 -45.90 -38.30
C MET F 186 6.24 -45.15 -36.99
N LEU F 187 5.23 -44.41 -36.56
CA LEU F 187 5.30 -43.71 -35.30
C LEU F 187 4.93 -44.70 -34.19
N ILE F 188 5.78 -44.81 -33.18
CA ILE F 188 5.50 -45.70 -32.05
C ILE F 188 5.72 -45.00 -30.72
N ILE F 189 4.75 -45.12 -29.83
CA ILE F 189 4.80 -44.43 -28.53
C ILE F 189 4.92 -45.41 -27.37
N TRP F 190 5.71 -45.07 -26.36
CA TRP F 190 5.72 -45.89 -25.15
C TRP F 190 5.78 -45.08 -23.87
N GLY F 191 5.41 -45.72 -22.75
CA GLY F 191 5.36 -45.02 -21.47
C GLY F 191 6.22 -45.61 -20.36
N VAL F 192 6.45 -44.80 -19.34
CA VAL F 192 7.13 -45.22 -18.14
C VAL F 192 6.37 -44.63 -16.97
N HIS F 193 5.82 -45.49 -16.12
CA HIS F 193 5.03 -45.03 -15.00
C HIS F 193 5.89 -44.68 -13.79
N HIS F 194 5.60 -43.54 -13.17
CA HIS F 194 6.33 -43.10 -11.97
C HIS F 194 5.42 -43.09 -10.74
N PRO F 195 5.57 -44.10 -9.85
CA PRO F 195 4.68 -44.28 -8.71
C PRO F 195 4.97 -43.32 -7.57
N ASN F 196 4.03 -43.23 -6.63
CA ASN F 196 4.10 -42.28 -5.51
C ASN F 196 5.17 -42.58 -4.44
N ASP F 197 5.35 -43.86 -4.16
CA ASP F 197 6.24 -44.29 -3.09
C ASP F 197 6.90 -45.63 -3.43
N GLU F 198 7.82 -46.06 -2.56
CA GLU F 198 8.54 -47.30 -2.77
C GLU F 198 7.61 -48.51 -2.82
N THR F 199 6.55 -48.46 -2.01
CA THR F 199 5.67 -49.61 -1.88
C THR F 199 4.75 -49.78 -3.10
N GLU F 200 4.17 -48.69 -3.60
CA GLU F 200 3.37 -48.74 -4.81
C GLU F 200 4.21 -49.40 -5.90
N GLN F 201 5.51 -49.13 -5.86
CA GLN F 201 6.45 -49.67 -6.82
C GLN F 201 6.47 -51.18 -6.75
N ARG F 202 6.59 -51.69 -5.52
CA ARG F 202 6.65 -53.14 -5.27
C ARG F 202 5.30 -53.78 -5.49
N THR F 203 4.27 -53.14 -4.97
CA THR F 203 2.90 -53.59 -5.15
C THR F 203 2.60 -53.91 -6.62
N LEU F 204 3.17 -53.10 -7.51
CA LEU F 204 2.82 -53.15 -8.93
C LEU F 204 3.79 -53.97 -9.79
N TYR F 205 5.09 -53.73 -9.61
CA TYR F 205 6.10 -54.33 -10.47
C TYR F 205 7.09 -55.19 -9.69
N GLN F 206 6.75 -55.46 -8.43
CA GLN F 206 7.54 -56.28 -7.52
C GLN F 206 8.91 -55.66 -7.18
N ASN F 207 9.85 -55.81 -8.09
CA ASN F 207 11.23 -55.38 -7.86
C ASN F 207 11.48 -53.89 -8.09
N VAL F 208 12.16 -53.26 -7.14
CA VAL F 208 12.60 -51.87 -7.29
C VAL F 208 13.85 -51.86 -8.18
N GLY F 209 14.22 -50.69 -8.68
CA GLY F 209 15.34 -50.58 -9.60
C GLY F 209 14.98 -51.21 -10.93
N ALA F 210 13.69 -51.16 -11.26
CA ALA F 210 13.21 -51.67 -12.54
C ALA F 210 13.69 -50.73 -13.62
N TYR F 211 13.62 -51.17 -14.86
CA TYR F 211 14.05 -50.31 -15.94
C TYR F 211 13.18 -50.54 -17.16
N VAL F 212 13.13 -49.55 -18.04
CA VAL F 212 12.53 -49.70 -19.37
C VAL F 212 13.58 -49.32 -20.42
N SER F 213 13.85 -50.23 -21.34
CA SER F 213 14.88 -50.00 -22.35
C SER F 213 14.36 -50.25 -23.75
N VAL F 214 14.33 -49.18 -24.54
CA VAL F 214 13.90 -49.29 -25.93
C VAL F 214 15.12 -49.24 -26.83
N GLY F 215 15.04 -49.87 -28.00
CA GLY F 215 16.18 -49.90 -28.90
C GLY F 215 15.83 -50.04 -30.37
N THR F 216 16.41 -49.16 -31.19
CA THR F 216 16.35 -49.34 -32.63
C THR F 216 17.75 -49.09 -33.22
N SER F 217 17.83 -48.89 -34.53
CA SER F 217 19.11 -48.64 -35.16
C SER F 217 19.63 -47.27 -34.76
N THR F 218 18.74 -46.39 -34.35
CA THR F 218 19.06 -45.00 -34.10
C THR F 218 18.74 -44.61 -32.65
N LEU F 219 17.78 -45.31 -32.06
CA LEU F 219 17.34 -45.03 -30.70
C LEU F 219 18.03 -45.91 -29.68
N ASN F 220 18.39 -45.31 -28.56
CA ASN F 220 18.92 -46.06 -27.43
C ASN F 220 18.61 -45.33 -26.16
N LYS F 221 17.82 -45.96 -25.30
CA LYS F 221 17.38 -45.30 -24.08
C LYS F 221 16.99 -46.31 -23.01
N ARG F 222 17.48 -46.09 -21.80
CA ARG F 222 17.09 -46.89 -20.65
C ARG F 222 16.55 -46.00 -19.57
N SER F 223 15.33 -46.27 -19.12
CA SER F 223 14.70 -45.42 -18.13
C SER F 223 14.52 -46.13 -16.79
N LEU F 224 14.70 -45.37 -15.72
CA LEU F 224 14.42 -45.86 -14.39
C LEU F 224 13.30 -44.99 -13.83
N PRO F 225 12.33 -45.61 -13.14
CA PRO F 225 11.24 -44.84 -12.57
C PRO F 225 11.75 -43.79 -11.59
N GLU F 226 11.37 -42.54 -11.82
CA GLU F 226 11.69 -41.45 -10.91
C GLU F 226 10.47 -41.17 -10.01
N ILE F 227 10.65 -41.41 -8.71
CA ILE F 227 9.54 -41.34 -7.75
C ILE F 227 9.61 -40.08 -6.89
N ALA F 228 8.44 -39.53 -6.58
CA ALA F 228 8.36 -38.34 -5.75
C ALA F 228 6.94 -38.14 -5.26
N THR F 229 6.80 -37.50 -4.10
CA THR F 229 5.50 -37.23 -3.54
C THR F 229 4.86 -36.05 -4.26
N ARG F 230 3.80 -36.32 -5.00
CA ARG F 230 3.16 -35.31 -5.82
C ARG F 230 1.71 -35.16 -5.39
N PRO F 231 1.10 -33.99 -5.71
CA PRO F 231 -0.31 -33.74 -5.45
C PRO F 231 -1.17 -34.63 -6.33
N GLU F 232 -2.48 -34.55 -6.17
CA GLU F 232 -3.37 -35.39 -6.94
C GLU F 232 -3.93 -34.67 -8.16
N VAL F 233 -3.73 -35.29 -9.32
CA VAL F 233 -4.26 -34.78 -10.58
C VAL F 233 -5.16 -35.87 -11.16
N ASN F 234 -6.45 -35.61 -11.26
CA ASN F 234 -7.40 -36.69 -11.53
C ASN F 234 -7.30 -37.77 -10.45
N GLY F 235 -7.12 -37.32 -9.20
CA GLY F 235 -7.06 -38.20 -8.06
C GLY F 235 -5.88 -39.15 -8.13
N GLN F 236 -4.92 -38.83 -8.99
CA GLN F 236 -3.73 -39.66 -9.14
C GLN F 236 -2.46 -38.95 -8.71
N GLY F 237 -1.59 -39.69 -8.02
CA GLY F 237 -0.31 -39.16 -7.59
C GLY F 237 0.77 -39.69 -8.50
N GLY F 238 0.46 -40.78 -9.19
CA GLY F 238 1.38 -41.36 -10.14
C GLY F 238 1.51 -40.47 -11.35
N ARG F 239 2.45 -40.80 -12.22
CA ARG F 239 2.67 -40.05 -13.45
C ARG F 239 3.09 -41.02 -14.54
N MET F 240 2.59 -40.82 -15.74
CA MET F 240 3.10 -41.59 -16.87
C MET F 240 3.81 -40.68 -17.87
N GLU F 241 5.12 -40.88 -18.01
CA GLU F 241 5.93 -40.12 -18.97
C GLU F 241 6.05 -40.84 -20.30
N PHE F 242 5.36 -40.32 -21.32
CA PHE F 242 5.38 -40.93 -22.63
C PHE F 242 6.47 -40.36 -23.54
N SER F 243 7.00 -41.23 -24.40
CA SER F 243 8.02 -40.88 -25.35
C SER F 243 7.68 -41.55 -26.65
N TRP F 244 8.32 -41.12 -27.73
CA TRP F 244 7.96 -41.63 -29.05
C TRP F 244 9.20 -41.73 -29.98
N THR F 245 9.05 -42.49 -31.05
CA THR F 245 10.09 -42.55 -32.06
C THR F 245 9.47 -42.88 -33.40
N ILE F 246 10.23 -42.66 -34.47
CA ILE F 246 9.82 -43.14 -35.76
C ILE F 246 10.61 -44.40 -36.02
N LEU F 247 9.91 -45.48 -36.35
CA LEU F 247 10.56 -46.73 -36.70
C LEU F 247 10.74 -46.78 -38.21
N ASP F 248 11.99 -46.66 -38.65
CA ASP F 248 12.28 -46.63 -40.07
C ASP F 248 11.87 -47.95 -40.71
N ILE F 249 11.74 -47.96 -42.03
CA ILE F 249 11.32 -49.17 -42.73
C ILE F 249 12.34 -50.29 -42.61
N TRP F 250 11.86 -51.49 -42.32
CA TRP F 250 12.70 -52.67 -42.20
C TRP F 250 13.59 -52.59 -40.97
N ASP F 251 13.36 -51.62 -40.12
CA ASP F 251 14.07 -51.58 -38.86
C ASP F 251 13.21 -52.19 -37.77
N THR F 252 13.84 -52.65 -36.70
CA THR F 252 13.06 -53.27 -35.63
C THR F 252 13.23 -52.52 -34.32
N ILE F 253 12.19 -52.53 -33.50
CA ILE F 253 12.26 -51.89 -32.21
C ILE F 253 12.11 -52.95 -31.13
N ASN F 254 13.00 -52.93 -30.14
CA ASN F 254 13.00 -53.93 -29.07
C ASN F 254 12.74 -53.29 -27.72
N PHE F 255 11.62 -53.66 -27.10
CA PHE F 255 11.31 -53.27 -25.71
C PHE F 255 11.82 -54.32 -24.73
N GLU F 256 12.32 -53.85 -23.58
CA GLU F 256 12.69 -54.74 -22.51
C GLU F 256 12.53 -54.05 -21.16
N SER F 257 11.76 -54.68 -20.27
CA SER F 257 11.43 -54.05 -19.00
C SER F 257 11.35 -55.04 -17.85
N THR F 258 12.02 -54.70 -16.75
CA THR F 258 11.84 -55.42 -15.50
C THR F 258 10.85 -54.64 -14.64
N GLY F 259 9.80 -54.12 -15.28
CA GLY F 259 8.78 -53.34 -14.57
C GLY F 259 8.73 -51.87 -14.91
N ASN F 260 7.53 -51.30 -14.82
CA ASN F 260 7.26 -49.86 -14.99
C ASN F 260 6.93 -49.43 -16.41
N LEU F 261 6.99 -50.36 -17.35
CA LEU F 261 6.76 -50.03 -18.76
C LEU F 261 5.29 -49.98 -19.09
N ILE F 262 4.90 -48.99 -19.89
CA ILE F 262 3.56 -48.95 -20.46
C ILE F 262 3.73 -49.15 -21.95
N ALA F 263 3.83 -50.41 -22.38
CA ALA F 263 4.10 -50.72 -23.77
C ALA F 263 2.96 -50.33 -24.72
N PRO F 264 3.29 -50.12 -26.00
CA PRO F 264 2.25 -49.87 -27.00
C PRO F 264 1.60 -51.17 -27.39
N GLU F 265 0.37 -51.13 -27.87
CA GLU F 265 -0.19 -52.29 -28.54
C GLU F 265 -0.21 -52.00 -30.02
N TYR F 266 -0.37 -50.73 -30.37
CA TYR F 266 -0.46 -50.32 -31.76
C TYR F 266 0.65 -49.39 -32.17
N GLY F 267 0.98 -49.46 -33.45
CA GLY F 267 1.87 -48.49 -34.04
C GLY F 267 1.08 -47.70 -35.08
N PHE F 268 1.69 -46.68 -35.65
CA PHE F 268 1.01 -45.84 -36.60
C PHE F 268 1.81 -45.74 -37.88
N LYS F 269 1.30 -46.35 -38.96
CA LYS F 269 1.91 -46.18 -40.27
C LYS F 269 1.76 -44.73 -40.66
N ILE F 270 2.82 -44.15 -41.22
CA ILE F 270 2.83 -42.73 -41.50
C ILE F 270 2.78 -42.50 -43.02
N SER F 271 3.62 -41.60 -43.52
CA SER F 271 3.73 -41.29 -44.94
C SER F 271 3.49 -39.80 -45.17
N LYS F 272 4.53 -39.00 -44.98
CA LYS F 272 4.42 -37.57 -45.23
C LYS F 272 4.60 -37.29 -46.72
N ARG F 273 4.53 -36.00 -47.06
CA ARG F 273 4.85 -35.54 -48.41
C ARG F 273 4.89 -34.02 -48.40
N GLY F 274 4.67 -33.46 -47.21
CA GLY F 274 4.70 -32.02 -47.02
C GLY F 274 4.79 -31.64 -45.56
N SER F 275 4.41 -30.41 -45.25
CA SER F 275 4.48 -29.89 -43.89
C SER F 275 3.38 -28.86 -43.64
N SER F 276 2.22 -29.34 -43.23
CA SER F 276 1.09 -28.46 -42.96
C SER F 276 1.20 -27.89 -41.54
N GLY F 277 0.08 -27.76 -40.86
CA GLY F 277 0.08 -27.21 -39.50
C GLY F 277 -1.18 -27.56 -38.71
N ILE F 278 -1.19 -27.15 -37.45
CA ILE F 278 -2.32 -27.39 -36.59
C ILE F 278 -3.07 -26.09 -36.35
N MET F 279 -4.32 -26.04 -36.78
CA MET F 279 -5.12 -24.84 -36.59
C MET F 279 -5.83 -24.90 -35.25
N LYS F 280 -5.66 -23.86 -34.44
CA LYS F 280 -6.31 -23.85 -33.12
C LYS F 280 -7.63 -23.08 -33.14
N THR F 281 -8.74 -23.80 -33.19
CA THR F 281 -10.05 -23.18 -33.24
C THR F 281 -11.02 -23.93 -32.31
N GLU F 282 -12.25 -23.43 -32.20
CA GLU F 282 -13.26 -24.08 -31.39
C GLU F 282 -14.43 -24.49 -32.27
N GLY F 283 -14.22 -24.45 -33.58
CA GLY F 283 -15.28 -24.67 -34.54
C GLY F 283 -15.44 -26.11 -34.98
N THR F 284 -16.16 -26.32 -36.08
CA THR F 284 -16.43 -27.67 -36.58
C THR F 284 -16.77 -27.63 -38.05
N LEU F 285 -15.88 -28.15 -38.90
CA LEU F 285 -16.04 -28.06 -40.35
C LEU F 285 -17.44 -28.46 -40.81
N GLU F 286 -17.90 -27.85 -41.90
CA GLU F 286 -19.22 -28.16 -42.44
C GLU F 286 -19.20 -28.36 -43.96
N ASN F 287 -18.05 -28.78 -44.47
CA ASN F 287 -17.93 -29.22 -45.86
C ASN F 287 -18.13 -28.11 -46.90
N CYS F 288 -17.05 -27.43 -47.24
CA CYS F 288 -17.05 -26.45 -48.33
C CYS F 288 -15.78 -26.61 -49.17
N GLU F 289 -14.96 -25.57 -49.22
CA GLU F 289 -13.68 -25.66 -49.93
C GLU F 289 -12.90 -24.36 -49.80
N THR F 290 -11.67 -24.37 -50.31
CA THR F 290 -10.81 -23.18 -50.36
C THR F 290 -9.34 -23.54 -50.54
N LYS F 291 -8.61 -22.69 -51.26
CA LYS F 291 -7.17 -22.85 -51.39
C LYS F 291 -6.53 -22.27 -50.14
N CYS F 292 -7.39 -21.78 -49.24
CA CYS F 292 -6.91 -21.04 -48.09
C CYS F 292 -7.93 -21.02 -46.93
N GLN F 293 -7.54 -21.55 -45.78
CA GLN F 293 -8.41 -21.56 -44.61
C GLN F 293 -7.84 -20.71 -43.49
N THR F 294 -8.73 -20.15 -42.68
CA THR F 294 -8.38 -19.21 -41.63
C THR F 294 -9.08 -19.60 -40.33
N PRO F 295 -8.42 -19.39 -39.19
CA PRO F 295 -9.07 -19.73 -37.93
C PRO F 295 -10.44 -19.07 -37.78
N LEU F 296 -10.73 -18.07 -38.60
CA LEU F 296 -11.98 -17.34 -38.52
C LEU F 296 -12.95 -17.67 -39.63
N GLY F 297 -12.43 -18.23 -40.72
CA GLY F 297 -13.24 -18.62 -41.86
C GLY F 297 -12.39 -18.75 -43.11
N ALA F 298 -12.96 -19.30 -44.18
CA ALA F 298 -12.19 -19.51 -45.40
C ALA F 298 -12.13 -18.26 -46.27
N ILE F 299 -11.07 -18.13 -47.07
CA ILE F 299 -10.91 -16.97 -47.95
C ILE F 299 -11.07 -17.37 -49.40
N ASN F 300 -11.91 -16.66 -50.14
CA ASN F 300 -12.07 -16.89 -51.57
C ASN F 300 -11.69 -15.62 -52.33
N THR F 301 -10.46 -15.54 -52.81
CA THR F 301 -9.99 -14.30 -53.42
C THR F 301 -8.82 -14.46 -54.39
N THR F 302 -8.37 -13.34 -54.95
CA THR F 302 -7.27 -13.30 -55.90
C THR F 302 -6.36 -12.11 -55.63
N LEU F 303 -6.73 -11.30 -54.64
CA LEU F 303 -6.04 -10.04 -54.38
C LEU F 303 -4.75 -10.26 -53.58
N PRO F 304 -3.70 -9.46 -53.85
CA PRO F 304 -2.36 -9.67 -53.29
C PRO F 304 -2.32 -9.63 -51.76
N PHE F 305 -3.42 -9.23 -51.14
CA PHE F 305 -3.42 -9.03 -49.70
C PHE F 305 -4.77 -9.33 -49.06
N HIS F 306 -4.72 -9.80 -47.82
CA HIS F 306 -5.90 -9.86 -46.98
C HIS F 306 -5.51 -9.33 -45.61
N ASN F 307 -6.48 -9.13 -44.74
CA ASN F 307 -6.21 -8.67 -43.39
C ASN F 307 -7.05 -9.42 -42.35
N ILE F 308 -7.48 -10.62 -42.72
CA ILE F 308 -8.37 -11.42 -41.90
C ILE F 308 -7.67 -11.99 -40.67
N HIS F 309 -6.63 -12.80 -40.89
CA HIS F 309 -5.95 -13.48 -39.81
C HIS F 309 -4.58 -13.95 -40.24
N PRO F 310 -3.57 -13.79 -39.37
CA PRO F 310 -2.17 -14.13 -39.69
C PRO F 310 -1.98 -15.62 -39.91
N LEU F 311 -2.50 -16.41 -38.97
CA LEU F 311 -2.24 -17.83 -38.95
C LEU F 311 -3.10 -18.56 -39.96
N THR F 312 -2.83 -18.33 -41.24
CA THR F 312 -3.58 -18.99 -42.28
C THR F 312 -2.94 -20.33 -42.60
N ILE F 313 -3.70 -21.19 -43.29
CA ILE F 313 -3.18 -22.45 -43.80
C ILE F 313 -3.60 -22.62 -45.26
N GLY F 314 -2.61 -22.59 -46.16
CA GLY F 314 -2.91 -22.79 -47.56
C GLY F 314 -2.00 -21.91 -48.38
N GLU F 315 -2.51 -21.45 -49.52
CA GLU F 315 -1.78 -20.48 -50.32
C GLU F 315 -2.47 -19.14 -50.14
N CYS F 316 -1.83 -18.26 -49.39
CA CYS F 316 -2.53 -17.06 -48.91
C CYS F 316 -1.96 -15.72 -49.35
N PRO F 317 -2.86 -14.81 -49.73
CA PRO F 317 -2.57 -13.41 -50.05
C PRO F 317 -1.75 -12.79 -48.92
N LYS F 318 -0.48 -12.45 -49.16
CA LYS F 318 0.37 -11.87 -48.12
C LYS F 318 -0.39 -11.04 -47.10
N TYR F 319 -0.86 -11.68 -46.02
CA TYR F 319 -1.64 -11.01 -44.97
C TYR F 319 -0.97 -9.75 -44.47
N VAL F 320 -1.66 -8.62 -44.61
CA VAL F 320 -1.11 -7.35 -44.19
C VAL F 320 -1.97 -6.76 -43.08
N LYS F 321 -1.41 -5.80 -42.35
CA LYS F 321 -2.05 -5.27 -41.15
C LYS F 321 -2.84 -3.99 -41.41
N SER F 322 -3.38 -3.84 -42.61
CA SER F 322 -3.99 -2.56 -43.01
C SER F 322 -5.49 -2.64 -43.23
N GLU F 323 -6.17 -1.53 -43.01
CA GLU F 323 -7.62 -1.49 -43.06
C GLU F 323 -8.14 -1.47 -44.50
N ARG F 324 -7.35 -0.92 -45.42
CA ARG F 324 -7.74 -0.85 -46.83
C ARG F 324 -6.54 -0.54 -47.74
N LEU F 325 -6.63 -1.01 -48.98
CA LEU F 325 -5.63 -0.76 -50.00
C LEU F 325 -6.35 -0.57 -51.32
N VAL F 326 -6.49 0.68 -51.75
CA VAL F 326 -7.17 0.95 -53.02
C VAL F 326 -6.26 1.69 -53.99
N LEU F 327 -6.09 1.11 -55.17
CA LEU F 327 -5.28 1.71 -56.21
C LEU F 327 -6.12 2.65 -57.10
N ALA F 328 -5.59 3.84 -57.36
CA ALA F 328 -6.18 4.70 -58.37
C ALA F 328 -5.89 4.11 -59.73
N THR F 329 -6.95 3.93 -60.52
CA THR F 329 -6.84 3.50 -61.91
C THR F 329 -7.23 4.63 -62.85
N GLY F 330 -8.27 5.36 -62.50
CA GLY F 330 -8.75 6.47 -63.30
C GLY F 330 -8.11 7.77 -62.86
N LEU F 331 -8.71 8.89 -63.26
CA LEU F 331 -8.18 10.21 -62.95
C LEU F 331 -9.02 10.91 -61.88
N ARG F 332 -8.48 11.99 -61.33
CA ARG F 332 -9.18 12.76 -60.33
C ARG F 332 -10.52 13.19 -60.92
N ASN F 333 -11.60 12.97 -60.18
CA ASN F 333 -12.95 13.24 -60.66
C ASN F 333 -13.42 14.63 -60.27
N VAL F 334 -13.21 15.60 -61.16
CA VAL F 334 -13.64 16.98 -60.92
C VAL F 334 -14.98 17.25 -61.62
N PRO F 335 -16.05 17.45 -60.83
CA PRO F 335 -17.35 17.72 -61.45
C PRO F 335 -17.48 19.18 -61.91
N GLN F 336 -18.72 19.65 -62.01
CA GLN F 336 -19.05 21.06 -62.25
C GLN F 336 -20.48 21.24 -62.76
N GLY F 341 -3.02 19.49 -62.01
CA GLY F 341 -2.18 18.45 -61.44
C GLY F 341 -0.71 18.74 -61.62
N LEU F 342 0.03 17.73 -62.11
CA LEU F 342 1.44 17.90 -62.45
C LEU F 342 1.58 18.47 -63.85
N PHE F 343 0.57 18.26 -64.68
CA PHE F 343 0.64 18.64 -66.07
C PHE F 343 -0.28 19.81 -66.45
N GLY F 344 -1.03 20.31 -65.47
CA GLY F 344 -1.80 21.53 -65.65
C GLY F 344 -3.21 21.33 -66.19
N ALA F 345 -3.41 20.29 -66.98
CA ALA F 345 -4.69 20.05 -67.62
C ALA F 345 -5.81 19.85 -66.62
N ILE F 346 -5.87 18.67 -66.02
CA ILE F 346 -6.97 18.29 -65.14
C ILE F 346 -7.07 19.15 -63.89
N ALA F 347 -8.30 19.54 -63.55
CA ALA F 347 -8.57 20.46 -62.46
C ALA F 347 -7.56 21.62 -62.49
N GLY F 348 -7.19 22.02 -63.70
CA GLY F 348 -6.27 23.11 -63.93
C GLY F 348 -6.82 24.03 -64.99
N PHE F 349 -6.04 24.30 -66.02
CA PHE F 349 -6.48 25.22 -67.07
C PHE F 349 -7.77 24.74 -67.74
N ILE F 350 -7.93 23.43 -67.87
CA ILE F 350 -9.22 22.87 -68.26
C ILE F 350 -10.08 22.72 -67.00
N GLU F 351 -10.66 23.82 -66.57
CA GLU F 351 -11.29 23.97 -65.26
C GLU F 351 -12.06 22.77 -64.68
N GLY F 352 -12.70 21.97 -65.54
CA GLY F 352 -13.54 20.88 -65.08
C GLY F 352 -13.84 19.78 -66.09
N GLY F 353 -14.64 18.81 -65.68
CA GLY F 353 -14.91 17.63 -66.48
C GLY F 353 -16.30 17.59 -67.09
N TRP F 354 -16.51 16.67 -68.02
CA TRP F 354 -17.78 16.61 -68.75
C TRP F 354 -18.62 15.39 -68.38
N GLN F 355 -19.54 15.58 -67.46
CA GLN F 355 -20.58 14.61 -67.20
C GLN F 355 -21.12 14.09 -68.54
N GLY F 356 -21.13 14.98 -69.52
CA GLY F 356 -21.69 14.68 -70.83
C GLY F 356 -20.99 13.56 -71.56
N MET F 357 -19.67 13.52 -71.49
CA MET F 357 -18.90 12.50 -72.19
C MET F 357 -18.87 11.19 -71.39
N VAL F 358 -19.33 10.10 -72.00
CA VAL F 358 -19.44 8.84 -71.28
C VAL F 358 -19.15 7.61 -72.15
N ASP F 359 -18.17 7.74 -73.04
CA ASP F 359 -17.73 6.63 -73.85
C ASP F 359 -16.21 6.51 -73.81
N GLY F 360 -15.60 7.22 -72.88
CA GLY F 360 -14.16 7.21 -72.69
C GLY F 360 -13.68 8.15 -71.61
N TRP F 361 -12.37 8.20 -71.43
CA TRP F 361 -11.77 9.06 -70.41
C TRP F 361 -11.39 10.42 -70.94
N TYR F 362 -10.96 10.50 -72.19
CA TYR F 362 -10.54 11.76 -72.78
C TYR F 362 -11.23 11.96 -74.13
N GLY F 363 -11.60 13.19 -74.45
CA GLY F 363 -12.30 13.43 -75.70
C GLY F 363 -12.47 14.88 -76.13
N TYR F 364 -13.26 15.05 -77.18
CA TYR F 364 -13.48 16.36 -77.77
C TYR F 364 -14.93 16.80 -77.60
N HIS F 365 -15.21 18.05 -77.97
CA HIS F 365 -16.56 18.60 -77.98
C HIS F 365 -16.63 19.82 -78.89
N HIS F 366 -17.24 19.62 -80.06
CA HIS F 366 -17.23 20.64 -81.11
C HIS F 366 -18.57 21.36 -81.26
N SER F 367 -18.52 22.67 -81.47
CA SER F 367 -19.70 23.45 -81.84
C SER F 367 -19.64 23.76 -83.33
N ASN F 368 -20.34 22.97 -84.13
CA ASN F 368 -20.24 23.07 -85.57
C ASN F 368 -21.52 23.63 -86.21
N ASP F 369 -21.54 23.67 -87.54
CA ASP F 369 -22.73 24.03 -88.29
C ASP F 369 -23.83 23.02 -88.00
N GLN F 370 -23.43 21.92 -87.37
CA GLN F 370 -24.35 20.83 -87.07
C GLN F 370 -24.22 20.39 -85.61
N GLY F 371 -25.01 21.03 -84.75
CA GLY F 371 -25.10 20.70 -83.33
C GLY F 371 -23.83 20.22 -82.66
N SER F 372 -23.90 19.03 -82.07
CA SER F 372 -22.79 18.44 -81.33
C SER F 372 -22.59 19.11 -79.97
N GLY F 373 -22.12 18.33 -79.00
CA GLY F 373 -21.85 16.93 -79.22
C GLY F 373 -20.52 16.50 -78.62
N TYR F 374 -20.55 15.42 -77.84
CA TYR F 374 -19.35 14.88 -77.20
C TYR F 374 -18.87 13.61 -77.89
N ALA F 375 -17.56 13.43 -77.95
CA ALA F 375 -16.98 12.23 -78.55
C ALA F 375 -15.64 11.92 -77.91
N ALA F 376 -15.57 10.78 -77.22
CA ALA F 376 -14.33 10.37 -76.58
C ALA F 376 -13.33 9.89 -77.62
N ASP F 377 -12.06 10.23 -77.41
CA ASP F 377 -10.97 9.78 -78.27
C ASP F 377 -10.58 8.39 -77.84
N LYS F 378 -11.27 7.37 -78.37
CA LYS F 378 -11.08 6.01 -77.88
C LYS F 378 -9.63 5.52 -77.95
N GLU F 379 -8.89 5.98 -78.95
CA GLU F 379 -7.50 5.58 -79.11
C GLU F 379 -6.65 5.87 -77.86
N SER F 380 -6.66 7.12 -77.40
CA SER F 380 -5.87 7.49 -76.23
C SER F 380 -6.51 7.02 -74.93
N THR F 381 -7.81 6.75 -74.96
CA THR F 381 -8.51 6.21 -73.81
C THR F 381 -8.16 4.75 -73.65
N GLN F 382 -7.81 4.11 -74.76
CA GLN F 382 -7.36 2.72 -74.73
C GLN F 382 -5.94 2.60 -74.17
N LYS F 383 -5.00 3.37 -74.74
CA LYS F 383 -3.63 3.36 -74.24
C LYS F 383 -3.59 3.59 -72.73
N ALA F 384 -4.61 4.27 -72.20
CA ALA F 384 -4.71 4.51 -70.77
C ALA F 384 -5.30 3.29 -70.06
N PHE F 385 -6.43 2.81 -70.54
CA PHE F 385 -7.04 1.59 -69.99
C PHE F 385 -6.05 0.42 -70.11
N ASP F 386 -5.28 0.41 -71.19
CA ASP F 386 -4.27 -0.63 -71.40
C ASP F 386 -3.18 -0.56 -70.35
N GLY F 387 -2.59 0.62 -70.18
CA GLY F 387 -1.51 0.81 -69.23
C GLY F 387 -1.95 0.60 -67.79
N ILE F 388 -2.95 1.37 -67.35
CA ILE F 388 -3.43 1.27 -65.99
C ILE F 388 -3.79 -0.15 -65.61
N THR F 389 -4.18 -0.97 -66.59
CA THR F 389 -4.45 -2.36 -66.31
C THR F 389 -3.17 -3.07 -65.89
N ASN F 390 -2.10 -2.93 -66.68
CA ASN F 390 -0.82 -3.54 -66.33
C ASN F 390 -0.27 -3.05 -65.00
N LYS F 391 -0.54 -1.80 -64.64
CA LYS F 391 -0.16 -1.33 -63.30
C LYS F 391 -0.88 -2.13 -62.21
N VAL F 392 -2.20 -2.25 -62.34
CA VAL F 392 -2.94 -3.02 -61.35
C VAL F 392 -2.45 -4.45 -61.30
N ASN F 393 -2.21 -5.04 -62.47
CA ASN F 393 -1.79 -6.43 -62.53
C ASN F 393 -0.40 -6.65 -61.95
N SER F 394 0.57 -5.85 -62.36
CA SER F 394 1.92 -5.96 -61.82
C SER F 394 1.89 -5.93 -60.30
N VAL F 395 1.21 -4.93 -59.75
CA VAL F 395 1.04 -4.83 -58.31
C VAL F 395 0.54 -6.13 -57.71
N ILE F 396 -0.31 -6.84 -58.45
CA ILE F 396 -0.85 -8.12 -57.99
C ILE F 396 0.00 -9.31 -58.43
N GLU F 397 -0.05 -9.62 -59.72
CA GLU F 397 0.59 -10.81 -60.27
C GLU F 397 2.04 -11.06 -59.87
N LYS F 398 2.75 -10.03 -59.42
CA LYS F 398 4.17 -10.19 -59.07
C LYS F 398 4.40 -10.59 -57.60
N MET F 399 3.35 -10.51 -56.80
CA MET F 399 3.40 -10.99 -55.43
C MET F 399 3.73 -12.48 -55.46
N ASN F 400 4.70 -12.87 -54.64
CA ASN F 400 5.06 -14.28 -54.56
C ASN F 400 4.18 -15.00 -53.54
N THR F 401 3.74 -16.22 -53.89
CA THR F 401 2.84 -16.97 -53.02
C THR F 401 3.13 -18.47 -53.02
N GLN F 402 3.46 -18.99 -51.85
CA GLN F 402 3.71 -20.42 -51.67
C GLN F 402 2.73 -20.97 -50.64
N PHE F 403 2.80 -22.28 -50.40
CA PHE F 403 2.03 -22.90 -49.32
C PHE F 403 2.77 -22.76 -47.99
N GLU F 404 2.03 -22.39 -46.96
CA GLU F 404 2.64 -22.15 -45.66
C GLU F 404 1.60 -22.25 -44.55
N ALA F 405 1.99 -22.85 -43.44
CA ALA F 405 1.21 -22.79 -42.22
C ALA F 405 1.95 -21.82 -41.31
N VAL F 406 1.22 -20.87 -40.74
CA VAL F 406 1.87 -19.78 -40.03
C VAL F 406 2.08 -20.08 -38.55
N GLY F 407 1.10 -20.72 -37.92
CA GLY F 407 1.16 -20.93 -36.49
C GLY F 407 1.83 -22.23 -36.11
N LYS F 408 2.82 -22.16 -35.22
CA LYS F 408 3.42 -23.36 -34.66
C LYS F 408 3.28 -23.42 -33.13
N GLU F 409 3.75 -24.51 -32.53
CA GLU F 409 3.59 -24.75 -31.11
C GLU F 409 4.92 -24.72 -30.38
N PHE F 410 4.91 -24.18 -29.16
CA PHE F 410 6.10 -24.17 -28.31
C PHE F 410 5.78 -24.56 -26.87
N SER F 411 6.70 -25.28 -26.23
CA SER F 411 6.52 -25.73 -24.86
C SER F 411 6.71 -24.56 -23.90
N ASN F 412 6.36 -24.77 -22.65
CA ASN F 412 6.49 -23.73 -21.64
C ASN F 412 7.94 -23.35 -21.37
N LEU F 413 8.88 -24.23 -21.71
CA LEU F 413 10.29 -23.94 -21.53
C LEU F 413 10.93 -23.54 -22.88
N GLU F 414 10.09 -23.09 -23.80
CA GLU F 414 10.54 -22.64 -25.12
C GLU F 414 10.06 -21.23 -25.38
N LYS F 415 9.90 -20.46 -24.31
CA LYS F 415 9.44 -19.08 -24.39
C LYS F 415 10.28 -18.28 -25.37
N ARG F 416 11.59 -18.32 -25.20
CA ARG F 416 12.49 -17.56 -26.06
C ARG F 416 12.29 -17.94 -27.52
N LEU F 417 12.35 -19.24 -27.81
CA LEU F 417 12.16 -19.73 -29.16
C LEU F 417 10.84 -19.21 -29.71
N GLU F 418 9.79 -19.34 -28.92
CA GLU F 418 8.46 -18.88 -29.32
C GLU F 418 8.44 -17.39 -29.62
N ASN F 419 9.20 -16.63 -28.82
CA ASN F 419 9.26 -15.18 -29.00
C ASN F 419 10.06 -14.84 -30.23
N LEU F 420 11.17 -15.55 -30.43
CA LEU F 420 11.97 -15.35 -31.62
C LEU F 420 11.10 -15.52 -32.85
N ASN F 421 10.24 -16.53 -32.82
CA ASN F 421 9.34 -16.79 -33.93
C ASN F 421 8.28 -15.72 -34.08
N LYS F 422 7.83 -15.13 -32.97
CA LYS F 422 6.81 -14.08 -33.03
C LYS F 422 7.43 -12.83 -33.61
N LYS F 423 8.59 -12.46 -33.08
CA LYS F 423 9.23 -11.25 -33.56
C LYS F 423 9.57 -11.36 -35.04
N MET F 424 9.80 -12.59 -35.49
CA MET F 424 10.02 -12.83 -36.91
C MET F 424 8.77 -12.59 -37.76
N GLU F 425 7.61 -13.09 -37.30
CA GLU F 425 6.36 -12.87 -38.03
C GLU F 425 6.00 -11.39 -38.07
N ASP F 426 6.10 -10.74 -36.93
CA ASP F 426 5.81 -9.33 -36.83
C ASP F 426 6.73 -8.57 -37.75
N GLY F 427 8.02 -8.91 -37.69
CA GLY F 427 8.99 -8.29 -38.56
C GLY F 427 8.54 -8.24 -40.03
N PHE F 428 8.13 -9.38 -40.57
CA PHE F 428 7.66 -9.45 -41.95
C PHE F 428 6.31 -8.78 -42.13
N LEU F 429 5.52 -8.72 -41.05
CA LEU F 429 4.23 -8.05 -41.11
C LEU F 429 4.39 -6.55 -41.26
N ASP F 430 5.32 -5.98 -40.49
CA ASP F 430 5.60 -4.56 -40.58
C ASP F 430 6.14 -4.23 -41.96
N VAL F 431 6.96 -5.12 -42.51
CA VAL F 431 7.50 -4.87 -43.84
C VAL F 431 6.42 -4.96 -44.91
N TRP F 432 5.69 -6.06 -44.97
CA TRP F 432 4.65 -6.16 -45.99
C TRP F 432 3.56 -5.10 -45.85
N THR F 433 3.38 -4.57 -44.65
CA THR F 433 2.39 -3.53 -44.45
C THR F 433 2.90 -2.21 -45.02
N TYR F 434 4.00 -1.70 -44.48
CA TYR F 434 4.65 -0.53 -45.04
C TYR F 434 4.70 -0.62 -46.57
N ASN F 435 5.42 -1.60 -47.09
CA ASN F 435 5.54 -1.77 -48.54
C ASN F 435 4.24 -1.58 -49.29
N ALA F 436 3.21 -2.32 -48.89
CA ALA F 436 1.93 -2.23 -49.59
C ALA F 436 1.27 -0.89 -49.35
N GLU F 437 1.37 -0.37 -48.14
CA GLU F 437 0.73 0.88 -47.79
C GLU F 437 1.28 2.06 -48.61
N LEU F 438 2.59 2.04 -48.89
CA LEU F 438 3.19 3.08 -49.72
C LEU F 438 2.99 2.83 -51.22
N LEU F 439 3.16 1.58 -51.66
CA LEU F 439 2.97 1.24 -53.07
C LEU F 439 1.61 1.74 -53.54
N VAL F 440 0.66 1.86 -52.61
CA VAL F 440 -0.63 2.44 -52.91
C VAL F 440 -0.54 3.96 -53.02
N LEU F 441 0.03 4.60 -52.00
CA LEU F 441 0.22 6.04 -52.03
C LEU F 441 0.96 6.48 -53.28
N MET F 442 2.25 6.23 -53.36
CA MET F 442 2.93 6.33 -54.65
C MET F 442 2.07 5.45 -55.57
N GLU F 443 2.13 5.66 -56.87
CA GLU F 443 1.33 4.86 -57.81
C GLU F 443 -0.13 5.32 -57.91
N ASN F 444 -0.61 6.02 -56.89
CA ASN F 444 -1.84 6.77 -57.01
C ASN F 444 -1.50 8.18 -57.42
N GLU F 445 -0.52 8.75 -56.72
CA GLU F 445 0.03 10.04 -57.08
C GLU F 445 0.54 9.94 -58.52
N MET F 446 0.78 8.72 -58.98
CA MET F 446 1.36 8.52 -60.30
C MET F 446 0.31 8.15 -61.32
N THR F 447 -0.72 7.45 -60.88
CA THR F 447 -1.83 7.12 -61.76
C THR F 447 -2.56 8.38 -62.15
N LEU F 448 -2.82 9.22 -61.16
CA LEU F 448 -3.50 10.50 -61.40
C LEU F 448 -2.71 11.40 -62.36
N ASP F 449 -1.47 11.73 -62.03
CA ASP F 449 -0.66 12.58 -62.90
C ASP F 449 -0.45 11.98 -64.30
N PHE F 450 -0.75 10.69 -64.43
CA PHE F 450 -0.69 10.01 -65.72
C PHE F 450 -1.86 10.45 -66.57
N HIS F 451 -3.05 10.44 -65.99
CA HIS F 451 -4.24 10.93 -66.68
C HIS F 451 -4.05 12.39 -67.07
N ASP F 452 -3.73 13.22 -66.08
CA ASP F 452 -3.47 14.63 -66.30
C ASP F 452 -2.50 14.84 -67.46
N SER F 453 -1.58 13.89 -67.64
CA SER F 453 -0.62 13.98 -68.72
C SER F 453 -1.17 13.45 -70.03
N ASN F 454 -2.18 12.61 -69.94
CA ASN F 454 -2.83 12.12 -71.16
C ASN F 454 -3.69 13.21 -71.79
N VAL F 455 -4.34 13.98 -70.94
CA VAL F 455 -5.16 15.10 -71.38
C VAL F 455 -4.30 16.20 -71.99
N LYS F 456 -3.48 16.88 -71.18
CA LYS F 456 -2.57 17.91 -71.69
C LYS F 456 -1.72 17.42 -72.85
N ASN F 457 -1.67 16.11 -73.07
CA ASN F 457 -1.02 15.54 -74.25
C ASN F 457 -1.92 15.54 -75.48
N LEU F 458 -3.22 15.46 -75.23
CA LEU F 458 -4.23 15.55 -76.28
C LEU F 458 -4.45 17.02 -76.69
N TYR F 459 -4.47 17.90 -75.68
CA TYR F 459 -4.54 19.34 -75.92
C TYR F 459 -3.44 19.79 -76.84
N ASP F 460 -2.36 19.02 -76.93
CA ASP F 460 -1.24 19.38 -77.79
C ASP F 460 -1.31 18.66 -79.13
N LYS F 461 -1.89 17.47 -79.14
CA LYS F 461 -2.08 16.74 -80.39
C LYS F 461 -3.01 17.54 -81.31
N VAL F 462 -3.83 18.40 -80.71
CA VAL F 462 -4.73 19.30 -81.44
C VAL F 462 -4.03 20.62 -81.75
N ARG F 463 -3.71 21.38 -80.71
CA ARG F 463 -3.04 22.67 -80.87
C ARG F 463 -1.94 22.63 -81.92
N MET F 464 -1.20 21.53 -81.96
CA MET F 464 -0.06 21.41 -82.87
C MET F 464 -0.46 21.04 -84.30
N GLN F 465 -1.71 20.64 -84.47
CA GLN F 465 -2.27 20.42 -85.81
C GLN F 465 -2.84 21.74 -86.35
N LEU F 466 -3.59 22.43 -85.50
CA LEU F 466 -4.27 23.67 -85.86
C LEU F 466 -3.33 24.87 -85.99
N ARG F 467 -2.50 25.10 -84.99
CA ARG F 467 -1.54 26.21 -85.02
C ARG F 467 -2.28 27.55 -85.04
N ASP F 468 -2.07 28.34 -86.09
CA ASP F 468 -2.72 29.65 -86.20
C ASP F 468 -4.03 29.61 -86.98
N ASN F 469 -4.37 28.44 -87.53
CA ASN F 469 -5.66 28.28 -88.19
C ASN F 469 -6.81 28.50 -87.23
N VAL F 470 -6.50 28.57 -85.94
CA VAL F 470 -7.50 28.82 -84.91
C VAL F 470 -6.89 29.52 -83.68
N LYS F 471 -7.74 30.11 -82.86
CA LYS F 471 -7.26 30.78 -81.65
C LYS F 471 -7.41 29.88 -80.42
N GLU F 472 -6.49 30.03 -79.49
CA GLU F 472 -6.42 29.16 -78.32
C GLU F 472 -7.04 29.86 -77.12
N LEU F 473 -8.31 29.57 -76.85
CA LEU F 473 -9.08 30.30 -75.84
C LEU F 473 -8.48 30.23 -74.42
N GLY F 474 -7.68 29.20 -74.16
CA GLY F 474 -7.00 29.07 -72.88
C GLY F 474 -7.85 28.44 -71.80
N ASN F 475 -9.02 27.94 -72.19
CA ASN F 475 -9.89 27.24 -71.26
C ASN F 475 -9.99 25.78 -71.67
N GLY F 476 -9.16 25.42 -72.64
CA GLY F 476 -9.18 24.07 -73.18
C GLY F 476 -9.73 24.09 -74.59
N CYS F 477 -10.49 25.14 -74.89
CA CYS F 477 -11.17 25.27 -76.18
C CYS F 477 -10.33 26.00 -77.25
N PHE F 478 -10.54 25.61 -78.50
CA PHE F 478 -9.99 26.32 -79.64
C PHE F 478 -11.13 26.92 -80.45
N GLU F 479 -10.96 28.14 -80.91
CA GLU F 479 -11.95 28.78 -81.77
C GLU F 479 -11.42 28.85 -83.19
N PHE F 480 -12.14 28.26 -84.12
CA PHE F 480 -11.68 28.18 -85.51
C PHE F 480 -11.70 29.53 -86.23
N TYR F 481 -10.57 29.89 -86.84
CA TYR F 481 -10.49 31.04 -87.74
C TYR F 481 -10.97 30.65 -89.14
N HIS F 482 -11.92 29.72 -89.21
CA HIS F 482 -12.55 29.32 -90.46
C HIS F 482 -13.67 28.30 -90.25
N LYS F 483 -14.10 27.66 -91.34
CA LYS F 483 -15.23 26.74 -91.29
C LYS F 483 -14.75 25.28 -91.19
N CYS F 484 -15.41 24.51 -90.33
CA CYS F 484 -15.01 23.14 -90.12
C CYS F 484 -16.24 22.24 -90.08
N ASP F 485 -16.59 21.66 -91.22
CA ASP F 485 -17.73 20.75 -91.32
C ASP F 485 -17.50 19.50 -90.50
N ASP F 486 -18.51 18.64 -90.40
CA ASP F 486 -18.41 17.40 -89.64
C ASP F 486 -17.41 16.41 -90.29
N GLU F 487 -16.70 16.87 -91.31
CA GLU F 487 -15.68 16.04 -91.94
C GLU F 487 -14.30 16.60 -91.65
N CYS F 488 -14.24 17.89 -91.34
CA CYS F 488 -13.01 18.53 -90.90
C CYS F 488 -12.78 18.26 -89.42
N MET F 489 -13.83 18.43 -88.61
CA MET F 489 -13.77 18.08 -87.20
C MET F 489 -13.24 16.66 -87.09
N ASN F 490 -13.99 15.72 -87.66
CA ASN F 490 -13.59 14.31 -87.68
C ASN F 490 -12.16 14.08 -88.15
N SER F 491 -11.57 15.05 -88.85
CA SER F 491 -10.20 14.90 -89.35
C SER F 491 -9.15 15.27 -88.31
N VAL F 492 -9.50 16.18 -87.40
CA VAL F 492 -8.61 16.58 -86.32
C VAL F 492 -8.42 15.43 -85.32
N LYS F 493 -9.55 14.88 -84.87
CA LYS F 493 -9.56 13.65 -84.11
C LYS F 493 -8.89 12.55 -84.92
N ASN F 494 -9.17 12.53 -86.22
CA ASN F 494 -8.60 11.55 -87.14
C ASN F 494 -7.08 11.54 -87.05
N GLY F 495 -6.51 12.60 -86.47
CA GLY F 495 -5.07 12.72 -86.35
C GLY F 495 -4.46 13.30 -87.59
N THR F 496 -5.28 13.44 -88.63
CA THR F 496 -4.84 13.97 -89.92
C THR F 496 -5.64 15.22 -90.29
N TYR F 497 -5.08 16.39 -89.99
CA TYR F 497 -5.69 17.66 -90.32
C TYR F 497 -5.28 18.04 -91.75
N ASP F 498 -5.16 19.33 -92.01
CA ASP F 498 -4.74 19.82 -93.32
C ASP F 498 -4.50 21.32 -93.26
N TYR F 499 -3.40 21.72 -92.61
CA TYR F 499 -3.08 23.12 -92.41
C TYR F 499 -2.79 23.83 -93.72
N SER F 500 -2.29 23.08 -94.70
CA SER F 500 -1.93 23.63 -95.99
C SER F 500 -3.16 23.84 -96.89
N LYS F 501 -4.33 23.92 -96.28
CA LYS F 501 -5.57 24.17 -97.01
C LYS F 501 -6.38 25.30 -96.37
N TYR F 502 -6.94 25.04 -95.19
CA TYR F 502 -7.67 26.05 -94.44
C TYR F 502 -6.75 27.20 -94.01
N GLU F 503 -5.52 27.17 -94.50
CA GLU F 503 -4.56 28.24 -94.23
C GLU F 503 -5.06 29.56 -94.79
N GLU F 504 -5.59 29.52 -96.00
CA GLU F 504 -6.08 30.73 -96.67
C GLU F 504 -7.42 31.20 -96.11
N GLU F 505 -7.38 31.95 -95.00
CA GLU F 505 -8.58 32.56 -94.41
C GLU F 505 -8.31 33.24 -93.07
N SER F 506 -7.59 34.35 -93.11
CA SER F 506 -7.29 35.12 -91.90
C SER F 506 -8.56 35.68 -91.23
N LYS F 507 -8.41 36.21 -90.02
CA LYS F 507 -9.54 36.72 -89.24
N ILE G 18 17.37 50.22 -26.19
CA ILE G 18 17.97 49.29 -25.20
C ILE G 18 17.02 48.97 -24.03
N CYS G 19 16.90 47.67 -23.74
CA CYS G 19 15.93 47.23 -22.74
C CYS G 19 16.54 46.48 -21.59
N VAL G 20 16.15 46.85 -20.37
CA VAL G 20 16.62 46.17 -19.18
C VAL G 20 15.64 45.10 -18.71
N GLY G 21 16.16 43.91 -18.44
CA GLY G 21 15.32 42.79 -18.04
C GLY G 21 16.09 41.64 -17.40
N TYR G 22 15.34 40.62 -16.98
CA TYR G 22 15.92 39.49 -16.25
C TYR G 22 15.54 38.11 -16.78
N HIS G 23 16.40 37.14 -16.54
CA HIS G 23 16.17 35.78 -17.01
C HIS G 23 14.82 35.26 -16.51
N SER G 24 14.16 34.47 -17.36
CA SER G 24 12.99 33.69 -17.00
C SER G 24 13.24 32.33 -17.64
N ASN G 25 12.56 31.28 -17.18
CA ASN G 25 12.76 29.97 -17.79
C ASN G 25 11.73 28.94 -17.42
N ASN G 26 11.91 27.72 -17.91
CA ASN G 26 10.94 26.66 -17.74
C ASN G 26 11.09 25.93 -16.40
N SER G 27 11.24 26.69 -15.33
CA SER G 27 11.40 26.13 -13.99
C SER G 27 10.07 26.08 -13.25
N THR G 28 9.82 24.98 -12.54
CA THR G 28 8.56 24.78 -11.83
C THR G 28 8.80 24.73 -10.33
N GLU G 29 10.05 24.95 -9.92
CA GLU G 29 10.42 24.76 -8.52
C GLU G 29 9.91 25.84 -7.59
N LYS G 30 9.40 25.42 -6.42
CA LYS G 30 8.83 26.36 -5.47
C LYS G 30 9.72 26.53 -4.25
N VAL G 31 9.78 27.75 -3.73
CA VAL G 31 10.41 28.02 -2.45
C VAL G 31 9.39 28.76 -1.59
N ASP G 32 9.60 28.75 -0.26
CA ASP G 32 8.76 29.58 0.59
C ASP G 32 9.52 30.76 1.13
N THR G 33 8.82 31.89 1.30
CA THR G 33 9.41 33.08 1.88
C THR G 33 8.58 33.49 3.08
N ILE G 34 8.93 34.58 3.74
CA ILE G 34 8.20 34.96 4.92
C ILE G 34 6.85 35.58 4.58
N LEU G 35 6.77 36.26 3.44
CA LEU G 35 5.56 37.00 3.06
C LEU G 35 4.66 36.20 2.12
N GLU G 36 5.15 35.09 1.58
CA GLU G 36 4.45 34.42 0.50
C GLU G 36 4.90 32.98 0.33
N ARG G 37 3.97 32.08 0.07
CA ARG G 37 4.30 30.67 -0.03
C ARG G 37 4.36 30.20 -1.46
N ASN G 38 4.93 29.02 -1.64
CA ASN G 38 4.99 28.37 -2.94
C ASN G 38 5.33 29.30 -4.14
N VAL G 39 6.32 30.15 -3.92
CA VAL G 39 6.78 31.09 -4.91
C VAL G 39 7.61 30.38 -5.94
N THR G 40 7.29 30.52 -7.23
CA THR G 40 8.07 29.86 -8.29
C THR G 40 9.37 30.62 -8.56
N VAL G 41 10.49 29.91 -8.62
CA VAL G 41 11.77 30.57 -8.83
C VAL G 41 12.60 29.93 -9.95
N THR G 42 13.48 30.72 -10.54
CA THR G 42 14.25 30.24 -11.66
C THR G 42 15.08 29.03 -11.26
N HIS G 43 15.65 29.08 -10.06
CA HIS G 43 16.52 28.02 -9.57
C HIS G 43 16.58 28.04 -8.05
N ALA G 44 16.49 26.84 -7.45
CA ALA G 44 16.49 26.70 -5.99
C ALA G 44 17.50 25.66 -5.56
N GLN G 45 17.47 25.25 -4.31
CA GLN G 45 18.39 24.22 -3.87
C GLN G 45 17.91 23.52 -2.62
N ASP G 46 17.86 22.19 -2.68
CA ASP G 46 17.39 21.39 -1.57
C ASP G 46 18.53 21.13 -0.58
N ILE G 47 18.40 21.59 0.65
CA ILE G 47 19.43 21.33 1.62
C ILE G 47 19.05 20.17 2.56
N LEU G 48 17.85 19.64 2.42
CA LEU G 48 17.38 18.61 3.35
C LEU G 48 17.38 17.23 2.72
N GLU G 49 18.29 16.38 3.17
CA GLU G 49 18.27 15.00 2.71
C GLU G 49 17.05 14.27 3.25
N LYS G 50 16.36 13.54 2.38
CA LYS G 50 15.09 12.93 2.74
C LYS G 50 15.06 11.44 2.50
N THR G 51 16.13 10.88 1.96
CA THR G 51 16.10 9.49 1.55
C THR G 51 17.26 8.65 2.09
N HIS G 52 16.94 7.39 2.43
CA HIS G 52 17.93 6.51 3.01
C HIS G 52 18.19 5.19 2.27
N ASN G 53 19.42 4.72 2.45
CA ASN G 53 19.91 3.45 1.91
C ASN G 53 18.90 2.30 1.98
N GLY G 54 18.30 2.10 3.15
CA GLY G 54 17.34 1.03 3.34
C GLY G 54 17.96 -0.18 4.04
N LYS G 55 19.28 -0.22 4.10
CA LYS G 55 19.95 -1.36 4.71
C LYS G 55 20.93 -0.95 5.80
N LEU G 56 21.22 -1.87 6.72
CA LEU G 56 22.20 -1.66 7.77
C LEU G 56 23.58 -2.13 7.31
N CYS G 57 24.62 -1.33 7.56
CA CYS G 57 25.90 -1.55 6.90
C CYS G 57 27.07 -1.19 7.79
N LYS G 58 28.28 -1.36 7.29
CA LYS G 58 29.46 -0.99 8.07
C LYS G 58 29.50 0.52 8.29
N LEU G 59 30.21 0.94 9.33
CA LEU G 59 30.34 2.35 9.67
C LEU G 59 31.81 2.68 9.71
N ASN G 60 32.32 3.23 8.62
CA ASN G 60 33.76 3.48 8.45
C ASN G 60 34.51 2.17 8.21
N GLY G 61 33.90 1.27 7.43
CA GLY G 61 34.48 -0.03 7.17
C GLY G 61 34.29 -1.05 8.31
N ILE G 62 34.44 -0.57 9.54
CA ILE G 62 34.20 -1.40 10.72
C ILE G 62 32.75 -1.84 10.78
N PRO G 63 32.50 -3.16 10.83
CA PRO G 63 31.13 -3.69 10.93
C PRO G 63 30.56 -3.52 12.33
N PRO G 64 29.27 -3.81 12.50
CA PRO G 64 28.64 -3.77 13.81
C PRO G 64 28.77 -5.15 14.43
N LEU G 65 28.25 -5.31 15.63
CA LEU G 65 28.09 -6.62 16.24
C LEU G 65 26.60 -7.02 16.14
N GLU G 66 26.31 -7.97 15.27
CA GLU G 66 24.96 -8.48 15.13
C GLU G 66 24.66 -9.40 16.28
N LEU G 67 23.59 -9.12 17.02
CA LEU G 67 23.19 -9.97 18.14
C LEU G 67 21.97 -10.82 17.81
N GLY G 68 21.35 -10.58 16.65
CA GLY G 68 20.14 -11.29 16.29
C GLY G 68 19.15 -11.19 17.43
N ASP G 69 18.52 -12.31 17.79
CA ASP G 69 17.56 -12.30 18.89
C ASP G 69 18.18 -12.58 20.26
N CYS G 70 19.46 -12.25 20.40
CA CYS G 70 20.15 -12.32 21.68
C CYS G 70 20.28 -10.95 22.32
N SER G 71 20.58 -10.93 23.61
CA SER G 71 20.76 -9.69 24.35
C SER G 71 22.19 -9.60 24.85
N ILE G 72 22.64 -8.41 25.21
CA ILE G 72 24.02 -8.24 25.63
C ILE G 72 24.37 -9.14 26.82
N ALA G 73 23.42 -9.28 27.73
CA ALA G 73 23.61 -10.16 28.86
C ALA G 73 23.73 -11.60 28.39
N GLY G 74 22.81 -12.02 27.53
CA GLY G 74 22.84 -13.35 26.97
C GLY G 74 24.17 -13.65 26.29
N TRP G 75 24.66 -12.68 25.56
CA TRP G 75 25.89 -12.83 24.84
C TRP G 75 27.06 -13.02 25.79
N LEU G 76 27.25 -12.07 26.69
CA LEU G 76 28.42 -12.08 27.57
C LEU G 76 28.43 -13.23 28.59
N LEU G 77 27.25 -13.62 29.03
CA LEU G 77 27.15 -14.74 29.96
C LEU G 77 27.34 -16.06 29.20
N GLY G 78 26.85 -16.12 27.97
CA GLY G 78 27.03 -17.31 27.17
C GLY G 78 25.82 -18.21 27.20
N ASN G 79 24.64 -17.63 27.41
CA ASN G 79 23.41 -18.35 27.19
C ASN G 79 23.59 -19.29 25.99
N PRO G 80 23.32 -20.58 26.18
CA PRO G 80 23.51 -21.62 25.17
C PRO G 80 22.79 -21.33 23.86
N GLU G 81 21.82 -20.43 23.91
CA GLU G 81 21.07 -20.07 22.72
C GLU G 81 21.85 -19.02 21.91
N CYS G 82 22.88 -18.47 22.54
CA CYS G 82 23.72 -17.44 21.93
C CYS G 82 25.03 -18.01 21.43
N ASP G 83 25.19 -19.32 21.56
CA ASP G 83 26.42 -19.98 21.11
C ASP G 83 26.81 -19.52 19.71
N ARG G 84 25.84 -19.58 18.80
CA ARG G 84 26.06 -19.27 17.39
C ARG G 84 26.26 -17.78 17.13
N LEU G 85 27.33 -17.23 17.69
CA LEU G 85 27.66 -15.83 17.47
C LEU G 85 29.08 -15.66 16.92
N LEU G 86 29.23 -14.73 15.97
CA LEU G 86 30.53 -14.35 15.43
C LEU G 86 30.93 -12.98 15.96
N THR G 87 32.04 -12.93 16.70
CA THR G 87 32.46 -11.71 17.36
C THR G 87 33.76 -11.12 16.84
N VAL G 88 33.68 -10.39 15.74
CA VAL G 88 34.80 -9.60 15.29
C VAL G 88 35.29 -8.80 16.48
N PRO G 89 36.54 -9.06 16.93
CA PRO G 89 37.14 -8.43 18.12
C PRO G 89 36.97 -6.91 18.15
N GLU G 90 36.64 -6.33 16.99
CA GLU G 90 36.39 -4.91 16.87
C GLU G 90 35.09 -4.64 16.12
N TRP G 91 34.21 -3.84 16.72
CA TRP G 91 32.99 -3.41 16.04
C TRP G 91 32.85 -1.90 16.20
N SER G 92 31.98 -1.29 15.39
CA SER G 92 31.73 0.15 15.44
C SER G 92 30.44 0.45 16.20
N TYR G 93 29.42 -0.35 15.92
CA TYR G 93 28.18 -0.29 16.69
C TYR G 93 27.58 -1.69 16.97
N ILE G 94 26.58 -1.77 17.86
CA ILE G 94 25.96 -3.05 18.19
C ILE G 94 24.48 -3.05 17.81
N MET G 95 24.04 -4.10 17.14
CA MET G 95 22.62 -4.23 16.78
C MET G 95 21.92 -5.18 17.73
N GLU G 96 21.01 -4.65 18.54
CA GLU G 96 20.29 -5.46 19.51
C GLU G 96 18.80 -5.35 19.23
N LYS G 97 18.07 -6.47 19.24
CA LYS G 97 16.62 -6.39 19.06
C LYS G 97 16.04 -5.55 20.17
N GLU G 98 14.80 -5.09 20.00
CA GLU G 98 14.15 -4.30 21.05
C GLU G 98 13.95 -5.15 22.30
N ASN G 99 13.34 -6.31 22.12
CA ASN G 99 13.16 -7.29 23.19
C ASN G 99 13.66 -8.65 22.75
N PRO G 100 14.95 -8.91 22.93
CA PRO G 100 15.57 -10.20 22.60
C PRO G 100 14.86 -11.35 23.31
N ARG G 101 14.82 -12.52 22.70
CA ARG G 101 14.26 -13.70 23.36
C ARG G 101 15.29 -14.27 24.33
N ASN G 102 16.54 -14.26 23.89
CA ASN G 102 17.60 -14.96 24.60
C ASN G 102 18.43 -14.09 25.52
N GLY G 103 17.94 -13.85 26.72
CA GLY G 103 18.68 -13.07 27.69
C GLY G 103 19.30 -13.94 28.76
N LEU G 104 18.99 -13.64 30.01
CA LEU G 104 19.35 -14.53 31.10
C LEU G 104 18.39 -15.70 31.00
N CYS G 105 18.90 -16.85 30.55
CA CYS G 105 18.08 -18.05 30.38
C CYS G 105 17.65 -18.55 31.76
N TYR G 106 18.61 -18.59 32.69
CA TYR G 106 18.27 -18.77 34.09
C TYR G 106 17.85 -17.41 34.63
N PRO G 107 16.65 -17.33 35.20
CA PRO G 107 16.07 -16.05 35.63
C PRO G 107 16.96 -15.33 36.64
N GLY G 108 16.78 -14.02 36.72
CA GLY G 108 17.53 -13.21 37.66
C GLY G 108 17.63 -11.75 37.25
N SER G 109 18.74 -11.13 37.61
CA SER G 109 18.96 -9.74 37.28
C SER G 109 20.43 -9.47 36.97
N PHE G 110 20.68 -8.32 36.34
CA PHE G 110 22.03 -7.89 36.01
C PHE G 110 22.22 -6.48 36.58
N ASN G 111 23.26 -6.30 37.38
CA ASN G 111 23.46 -5.04 38.07
C ASN G 111 24.23 -4.02 37.26
N ASP G 112 23.71 -2.78 37.24
CA ASP G 112 24.29 -1.68 36.43
C ASP G 112 24.39 -2.12 34.98
N TYR G 113 23.32 -2.71 34.49
CA TYR G 113 23.31 -3.31 33.18
C TYR G 113 23.49 -2.25 32.11
N GLU G 114 22.76 -1.14 32.24
CA GLU G 114 22.86 -0.05 31.27
C GLU G 114 24.24 0.57 31.23
N GLU G 115 24.74 0.94 32.39
CA GLU G 115 26.09 1.47 32.49
C GLU G 115 27.10 0.53 31.81
N LEU G 116 26.79 -0.76 31.80
CA LEU G 116 27.66 -1.71 31.10
C LEU G 116 27.39 -1.61 29.60
N LYS G 117 26.11 -1.58 29.24
CA LYS G 117 25.72 -1.49 27.86
C LYS G 117 26.45 -0.31 27.28
N HIS G 118 26.38 0.82 27.99
CA HIS G 118 27.06 2.05 27.56
C HIS G 118 28.58 1.87 27.46
N LEU G 119 29.16 1.34 28.52
CA LEU G 119 30.60 1.10 28.50
C LEU G 119 31.00 0.32 27.25
N ILE G 120 30.34 -0.80 26.96
CA ILE G 120 30.73 -1.61 25.81
C ILE G 120 30.04 -1.16 24.53
N SER G 121 29.82 0.16 24.42
CA SER G 121 29.32 0.74 23.18
C SER G 121 30.24 0.42 22.03
N SER G 122 31.51 0.79 22.20
CA SER G 122 32.51 0.57 21.16
C SER G 122 33.74 -0.09 21.74
N VAL G 123 34.36 -0.95 20.95
CA VAL G 123 35.58 -1.63 21.39
C VAL G 123 36.61 -1.66 20.29
N THR G 124 37.86 -1.92 20.69
CA THR G 124 39.00 -1.87 19.80
C THR G 124 40.29 -2.24 20.53
N HIS G 125 40.49 -3.52 20.85
CA HIS G 125 39.57 -4.60 20.46
C HIS G 125 38.90 -5.22 21.69
N PHE G 126 38.34 -6.42 21.51
CA PHE G 126 37.60 -7.11 22.56
C PHE G 126 37.76 -8.63 22.46
N GLU G 127 38.58 -9.19 23.34
CA GLU G 127 39.00 -10.58 23.22
C GLU G 127 38.80 -11.36 24.52
N LYS G 128 38.18 -12.53 24.42
CA LYS G 128 37.90 -13.37 25.57
C LYS G 128 39.11 -14.22 26.03
N VAL G 129 39.37 -14.23 27.34
CA VAL G 129 40.45 -15.05 27.89
C VAL G 129 40.00 -15.88 29.10
N LYS G 130 40.49 -17.11 29.18
CA LYS G 130 40.19 -17.98 30.32
C LYS G 130 40.98 -17.50 31.54
N ILE G 131 40.27 -17.14 32.60
CA ILE G 131 40.93 -16.59 33.79
C ILE G 131 40.84 -17.50 35.01
N LEU G 132 39.76 -18.29 35.10
CA LEU G 132 39.59 -19.25 36.18
C LEU G 132 39.11 -20.59 35.62
N PRO G 133 40.02 -21.34 34.96
CA PRO G 133 39.71 -22.61 34.29
C PRO G 133 38.72 -23.47 35.07
N LYS G 134 37.71 -23.98 34.37
CA LYS G 134 36.57 -24.70 34.95
C LYS G 134 36.96 -25.88 35.84
N ASP G 135 37.98 -26.62 35.44
CA ASP G 135 38.35 -27.86 36.10
C ASP G 135 39.34 -27.65 37.25
N ARG G 136 39.60 -26.41 37.61
CA ARG G 136 40.53 -26.13 38.70
C ARG G 136 39.81 -25.98 40.03
N TRP G 137 38.52 -26.30 40.04
CA TRP G 137 37.71 -26.28 41.25
C TRP G 137 37.52 -27.68 41.80
N THR G 138 38.65 -28.36 42.07
CA THR G 138 38.63 -29.78 42.42
C THR G 138 37.81 -30.11 43.68
N GLN G 139 37.76 -29.19 44.62
CA GLN G 139 37.05 -29.42 45.88
C GLN G 139 35.53 -29.18 45.77
N HIS G 140 35.07 -28.82 44.57
CA HIS G 140 33.65 -28.54 44.35
C HIS G 140 33.11 -29.15 43.06
N THR G 141 31.79 -29.30 43.01
CA THR G 141 31.11 -29.78 41.82
C THR G 141 30.90 -28.64 40.83
N THR G 142 31.34 -28.84 39.59
CA THR G 142 31.25 -27.79 38.58
C THR G 142 30.50 -28.29 37.35
N THR G 143 29.28 -28.76 37.55
CA THR G 143 28.53 -29.37 36.44
C THR G 143 27.06 -29.01 36.44
N GLY G 144 26.62 -28.35 37.50
CA GLY G 144 25.22 -28.00 37.65
C GLY G 144 24.71 -27.15 36.51
N GLY G 145 23.61 -27.60 35.89
CA GLY G 145 22.93 -26.85 34.85
C GLY G 145 21.48 -26.61 35.24
N SER G 146 20.59 -26.48 34.24
CA SER G 146 19.18 -26.31 34.55
C SER G 146 18.29 -26.37 33.31
N GLN G 147 17.01 -26.66 33.51
CA GLN G 147 16.06 -26.66 32.41
C GLN G 147 15.98 -25.27 31.81
N GLY G 148 16.17 -24.27 32.65
CA GLY G 148 16.16 -22.89 32.20
C GLY G 148 17.10 -22.70 31.02
N CYS G 149 18.28 -23.29 31.12
CA CYS G 149 19.30 -23.21 30.09
C CYS G 149 19.46 -24.53 29.33
N ALA G 150 18.33 -25.12 28.94
CA ALA G 150 18.33 -26.43 28.29
C ALA G 150 18.98 -26.38 26.93
N VAL G 151 19.78 -27.39 26.61
CA VAL G 151 20.45 -27.47 25.32
C VAL G 151 19.73 -28.41 24.34
N PHE G 152 20.01 -29.71 24.42
CA PHE G 152 19.54 -30.63 23.39
C PHE G 152 18.63 -31.82 23.78
N ASP G 153 17.77 -31.67 24.78
CA ASP G 153 17.65 -30.50 25.63
C ASP G 153 17.89 -30.95 27.08
N ASN G 154 19.15 -30.99 27.47
CA ASN G 154 19.53 -31.41 28.81
C ASN G 154 19.89 -30.20 29.66
N PRO G 155 19.77 -30.32 30.99
CA PRO G 155 20.18 -29.24 31.88
C PRO G 155 21.56 -28.71 31.52
N SER G 156 21.63 -27.41 31.22
CA SER G 156 22.90 -26.77 30.89
C SER G 156 23.01 -25.41 31.57
N PHE G 157 24.01 -24.62 31.18
CA PHE G 157 24.31 -23.37 31.87
C PHE G 157 25.06 -22.39 30.97
N PHE G 158 25.22 -21.16 31.46
CA PHE G 158 25.93 -20.12 30.70
C PHE G 158 27.33 -20.58 30.37
N ARG G 159 27.64 -20.70 29.08
CA ARG G 159 28.92 -21.23 28.63
C ARG G 159 30.14 -20.57 29.28
N ASN G 160 30.01 -19.30 29.63
CA ASN G 160 31.14 -18.55 30.20
C ASN G 160 31.20 -18.56 31.73
N MET G 161 30.20 -19.15 32.37
CA MET G 161 30.13 -19.19 33.82
C MET G 161 30.19 -20.63 34.37
N VAL G 162 30.58 -20.75 35.63
CA VAL G 162 30.80 -22.05 36.25
C VAL G 162 30.03 -22.15 37.55
N TRP G 163 29.03 -23.04 37.58
CA TRP G 163 28.14 -23.15 38.74
C TRP G 163 28.70 -24.01 39.87
N LEU G 164 29.32 -23.41 40.88
CA LEU G 164 29.89 -24.18 41.98
C LEU G 164 28.82 -24.73 42.94
N THR G 165 28.82 -26.06 43.11
CA THR G 165 27.95 -26.75 44.07
C THR G 165 28.79 -27.58 45.04
N LYS G 166 28.17 -28.00 46.15
CA LYS G 166 28.87 -28.81 47.16
C LYS G 166 29.32 -30.15 46.59
N LYS G 167 30.53 -30.59 46.98
CA LYS G 167 31.05 -31.88 46.54
C LYS G 167 30.78 -32.99 47.56
N GLY G 168 30.05 -34.01 47.12
CA GLY G 168 29.55 -35.03 48.04
C GLY G 168 28.57 -34.38 48.99
N SER G 169 29.07 -33.95 50.14
CA SER G 169 28.28 -33.14 51.05
C SER G 169 29.19 -32.16 51.77
N ASN G 170 30.12 -31.58 51.04
CA ASN G 170 31.01 -30.57 51.60
C ASN G 170 31.26 -29.42 50.62
N TYR G 171 30.85 -28.21 50.99
CA TYR G 171 31.20 -27.02 50.25
C TYR G 171 32.34 -26.30 50.97
N PRO G 172 33.58 -26.68 50.67
CA PRO G 172 34.76 -26.05 51.29
C PRO G 172 34.82 -24.61 50.85
N VAL G 173 35.59 -23.79 51.55
CA VAL G 173 35.81 -22.42 51.10
C VAL G 173 36.29 -22.43 49.64
N ALA G 174 35.51 -21.80 48.77
CA ALA G 174 35.88 -21.64 47.37
C ALA G 174 36.80 -20.44 47.25
N LYS G 175 37.97 -20.65 46.67
CA LYS G 175 38.90 -19.54 46.46
C LYS G 175 39.49 -19.53 45.05
N GLY G 176 39.38 -18.38 44.39
CA GLY G 176 39.95 -18.21 43.06
C GLY G 176 40.50 -16.81 42.95
N SER G 177 41.43 -16.62 42.01
CA SER G 177 41.99 -15.30 41.82
C SER G 177 42.71 -15.20 40.50
N TYR G 178 42.77 -13.98 39.95
CA TYR G 178 43.40 -13.74 38.66
C TYR G 178 44.12 -12.40 38.65
N ASN G 179 45.35 -12.40 38.13
CA ASN G 179 46.13 -11.18 38.02
C ASN G 179 46.05 -10.76 36.57
N ASN G 180 45.64 -9.52 36.34
CA ASN G 180 45.47 -9.02 34.98
C ASN G 180 46.79 -8.71 34.32
N THR G 181 47.44 -9.75 33.78
CA THR G 181 48.71 -9.60 33.12
C THR G 181 48.48 -9.55 31.62
N SER G 182 47.23 -9.28 31.24
CA SER G 182 46.79 -9.36 29.86
C SER G 182 47.14 -8.14 29.02
N GLY G 183 47.54 -7.06 29.69
CA GLY G 183 47.97 -5.86 28.99
C GLY G 183 46.90 -4.81 28.75
N GLU G 184 45.63 -5.21 28.83
CA GLU G 184 44.54 -4.24 28.69
C GLU G 184 43.46 -4.48 29.75
N GLN G 185 42.73 -3.43 30.12
CA GLN G 185 41.66 -3.55 31.12
C GLN G 185 40.72 -4.70 30.78
N MET G 186 40.15 -5.32 31.81
CA MET G 186 39.34 -6.51 31.55
C MET G 186 37.99 -6.48 32.23
N LEU G 187 36.97 -6.79 31.45
CA LEU G 187 35.62 -6.86 31.99
C LEU G 187 35.44 -8.24 32.56
N ILE G 188 35.01 -8.35 33.83
CA ILE G 188 34.78 -9.64 34.48
C ILE G 188 33.41 -9.67 35.17
N ILE G 189 32.64 -10.72 34.93
CA ILE G 189 31.29 -10.83 35.48
C ILE G 189 31.18 -12.00 36.46
N TRP G 190 30.43 -11.82 37.54
CA TRP G 190 30.18 -12.94 38.45
C TRP G 190 28.74 -12.96 38.94
N GLY G 191 28.32 -14.11 39.43
CA GLY G 191 26.94 -14.30 39.87
C GLY G 191 26.78 -14.69 41.33
N VAL G 192 25.56 -14.52 41.84
CA VAL G 192 25.17 -14.99 43.16
C VAL G 192 23.79 -15.60 43.01
N HIS G 193 23.66 -16.87 43.35
CA HIS G 193 22.39 -17.58 43.19
C HIS G 193 21.50 -17.43 44.43
N HIS G 194 20.22 -17.12 44.20
CA HIS G 194 19.25 -16.96 45.28
C HIS G 194 18.18 -18.06 45.22
N PRO G 195 18.29 -19.07 46.08
CA PRO G 195 17.43 -20.26 46.06
C PRO G 195 16.05 -20.00 46.65
N ASN G 196 15.10 -20.90 46.36
CA ASN G 196 13.70 -20.73 46.74
C ASN G 196 13.43 -20.83 48.23
N ASP G 197 14.14 -21.75 48.90
CA ASP G 197 13.88 -22.04 50.30
C ASP G 197 15.17 -22.40 51.03
N GLU G 198 15.08 -22.58 52.34
CA GLU G 198 16.23 -22.91 53.16
C GLU G 198 16.87 -24.24 52.76
N THR G 199 16.04 -25.19 52.33
CA THR G 199 16.53 -26.52 52.02
C THR G 199 17.28 -26.60 50.67
N GLU G 200 16.74 -25.95 49.64
CA GLU G 200 17.43 -25.86 48.36
C GLU G 200 18.83 -25.32 48.62
N GLN G 201 18.91 -24.40 49.57
CA GLN G 201 20.17 -23.78 49.97
C GLN G 201 21.15 -24.83 50.45
N ARG G 202 20.69 -25.66 51.38
CA ARG G 202 21.53 -26.71 51.97
C ARG G 202 21.82 -27.80 50.94
N THR G 203 20.77 -28.21 50.23
CA THR G 203 20.88 -29.21 49.18
C THR G 203 22.04 -28.90 48.25
N LEU G 204 22.24 -27.62 47.99
CA LEU G 204 23.19 -27.17 46.98
C LEU G 204 24.56 -26.77 47.51
N TYR G 205 24.57 -25.94 48.56
CA TYR G 205 25.82 -25.37 49.05
C TYR G 205 26.07 -25.76 50.51
N GLN G 206 25.28 -26.73 50.99
CA GLN G 206 25.40 -27.27 52.35
C GLN G 206 25.07 -26.25 53.44
N ASN G 207 26.03 -25.39 53.75
CA ASN G 207 25.89 -24.43 54.84
C ASN G 207 25.10 -23.15 54.49
N VAL G 208 24.16 -22.80 55.36
CA VAL G 208 23.42 -21.54 55.24
C VAL G 208 24.31 -20.41 55.73
N GLY G 209 23.94 -19.17 55.41
CA GLY G 209 24.75 -18.04 55.79
C GLY G 209 26.03 -18.04 54.97
N ALA G 210 25.95 -18.59 53.77
CA ALA G 210 27.07 -18.58 52.85
C ALA G 210 27.27 -17.16 52.36
N TYR G 211 28.41 -16.90 51.76
CA TYR G 211 28.70 -15.57 51.27
C TYR G 211 29.52 -15.66 49.98
N VAL G 212 29.46 -14.59 49.19
CA VAL G 212 30.34 -14.41 48.04
C VAL G 212 31.05 -13.09 48.20
N SER G 213 32.38 -13.11 48.18
CA SER G 213 33.11 -11.88 48.38
C SER G 213 34.15 -11.64 47.27
N VAL G 214 33.97 -10.57 46.52
CA VAL G 214 34.91 -10.21 45.47
C VAL G 214 35.78 -9.06 45.95
N GLY G 215 36.99 -8.98 45.42
CA GLY G 215 37.88 -7.92 45.84
C GLY G 215 38.93 -7.53 44.82
N THR G 216 39.05 -6.22 44.59
CA THR G 216 40.14 -5.67 43.80
C THR G 216 40.68 -4.43 44.52
N SER G 217 41.47 -3.63 43.82
CA SER G 217 42.06 -2.43 44.43
C SER G 217 40.98 -1.39 44.68
N THR G 218 39.88 -1.53 43.94
CA THR G 218 38.83 -0.53 43.92
C THR G 218 37.51 -1.13 44.33
N LEU G 219 37.35 -2.44 44.11
CA LEU G 219 36.10 -3.13 44.41
C LEU G 219 36.14 -3.81 45.77
N ASN G 220 35.04 -3.70 46.50
CA ASN G 220 34.89 -4.46 47.74
C ASN G 220 33.43 -4.76 47.97
N LYS G 221 33.08 -6.05 47.99
CA LYS G 221 31.69 -6.44 48.10
C LYS G 221 31.55 -7.85 48.65
N ARG G 222 30.66 -8.01 49.63
CA ARG G 222 30.34 -9.32 50.19
C ARG G 222 28.83 -9.55 50.09
N SER G 223 28.44 -10.64 49.46
CA SER G 223 27.02 -10.88 49.21
C SER G 223 26.53 -12.09 50.00
N LEU G 224 25.31 -11.98 50.53
CA LEU G 224 24.63 -13.10 51.17
C LEU G 224 23.39 -13.41 50.36
N PRO G 225 23.13 -14.70 50.12
CA PRO G 225 21.97 -15.07 49.32
C PRO G 225 20.69 -14.56 49.93
N GLU G 226 19.91 -13.82 49.15
CA GLU G 226 18.62 -13.33 49.60
C GLU G 226 17.53 -14.25 49.06
N ILE G 227 16.83 -14.92 49.96
CA ILE G 227 15.86 -15.95 49.58
C ILE G 227 14.41 -15.50 49.75
N ALA G 228 13.56 -15.92 48.83
CA ALA G 228 12.16 -15.58 48.88
C ALA G 228 11.36 -16.46 47.95
N THR G 229 10.09 -16.67 48.28
CA THR G 229 9.23 -17.50 47.47
C THR G 229 8.76 -16.73 46.25
N ARG G 230 9.22 -17.16 45.08
CA ARG G 230 8.97 -16.43 43.83
C ARG G 230 8.21 -17.33 42.88
N PRO G 231 7.52 -16.74 41.89
CA PRO G 231 6.84 -17.51 40.86
C PRO G 231 7.87 -18.20 39.96
N GLU G 232 7.39 -18.94 38.98
CA GLU G 232 8.29 -19.65 38.08
C GLU G 232 8.51 -18.88 36.79
N VAL G 233 9.78 -18.61 36.51
CA VAL G 233 10.20 -18.00 35.27
C VAL G 233 11.13 -18.97 34.56
N ASN G 234 10.72 -19.48 33.40
CA ASN G 234 11.42 -20.60 32.79
C ASN G 234 11.42 -21.78 33.75
N GLY G 235 10.29 -21.99 34.42
CA GLY G 235 10.13 -23.07 35.36
C GLY G 235 11.10 -23.02 36.52
N GLN G 236 11.68 -21.86 36.75
CA GLN G 236 12.62 -21.69 37.86
C GLN G 236 12.12 -20.69 38.88
N GLY G 237 12.37 -21.00 40.14
CA GLY G 237 12.00 -20.12 41.22
C GLY G 237 13.23 -19.45 41.76
N GLY G 238 14.38 -20.02 41.43
CA GLY G 238 15.65 -19.45 41.81
C GLY G 238 15.91 -18.20 41.01
N ARG G 239 16.98 -17.49 41.38
CA ARG G 239 17.35 -16.25 40.71
C ARG G 239 18.87 -16.13 40.73
N MET G 240 19.46 -15.70 39.62
CA MET G 240 20.89 -15.43 39.62
C MET G 240 21.12 -13.95 39.40
N GLU G 241 21.70 -13.30 40.41
CA GLU G 241 21.99 -11.88 40.31
C GLU G 241 23.44 -11.64 39.88
N PHE G 242 23.61 -11.18 38.66
CA PHE G 242 24.96 -10.97 38.13
C PHE G 242 25.46 -9.54 38.31
N SER G 243 26.76 -9.42 38.50
CA SER G 243 27.40 -8.13 38.72
C SER G 243 28.68 -8.15 37.94
N TRP G 244 29.32 -7.00 37.79
CA TRP G 244 30.49 -6.92 36.91
C TRP G 244 31.44 -5.86 37.40
N THR G 245 32.68 -5.92 36.91
CA THR G 245 33.67 -4.89 37.21
C THR G 245 34.68 -4.85 36.11
N ILE G 246 35.47 -3.78 36.09
CA ILE G 246 36.60 -3.69 35.17
C ILE G 246 37.85 -3.96 35.98
N LEU G 247 38.64 -4.93 35.53
CA LEU G 247 39.87 -5.25 36.23
C LEU G 247 40.97 -4.43 35.58
N ASP G 248 41.48 -3.46 36.30
CA ASP G 248 42.53 -2.61 35.78
C ASP G 248 43.78 -3.44 35.49
N ILE G 249 44.68 -2.90 34.67
CA ILE G 249 45.91 -3.60 34.32
C ILE G 249 46.81 -3.83 35.52
N TRP G 250 47.32 -5.05 35.64
CA TRP G 250 48.23 -5.43 36.69
C TRP G 250 47.54 -5.45 38.03
N ASP G 251 46.22 -5.35 38.03
CA ASP G 251 45.46 -5.50 39.25
C ASP G 251 44.93 -6.92 39.33
N THR G 252 44.68 -7.41 40.54
CA THR G 252 44.18 -8.78 40.71
C THR G 252 42.79 -8.80 41.33
N ILE G 253 41.97 -9.75 40.93
CA ILE G 253 40.65 -9.89 41.50
C ILE G 253 40.57 -11.22 42.27
N ASN G 254 40.10 -11.16 43.51
CA ASN G 254 40.05 -12.35 44.34
C ASN G 254 38.62 -12.73 44.67
N PHE G 255 38.18 -13.90 44.24
CA PHE G 255 36.90 -14.45 44.67
C PHE G 255 37.04 -15.33 45.92
N GLU G 256 36.03 -15.30 46.78
CA GLU G 256 35.98 -16.20 47.93
C GLU G 256 34.54 -16.47 48.34
N SER G 257 34.17 -17.75 48.36
CA SER G 257 32.78 -18.11 48.61
C SER G 257 32.62 -19.39 49.44
N THR G 258 31.78 -19.30 50.48
CA THR G 258 31.36 -20.48 51.21
C THR G 258 30.01 -20.93 50.67
N GLY G 259 29.84 -20.83 49.34
CA GLY G 259 28.60 -21.24 48.71
C GLY G 259 27.82 -20.13 48.04
N ASN G 260 27.10 -20.47 46.99
CA ASN G 260 26.19 -19.56 46.30
C ASN G 260 26.81 -18.75 45.15
N LEU G 261 28.11 -18.88 44.96
CA LEU G 261 28.81 -18.14 43.91
C LEU G 261 28.66 -18.80 42.53
N ILE G 262 28.43 -17.99 41.51
CA ILE G 262 28.49 -18.44 40.13
C ILE G 262 29.71 -17.78 39.51
N ALA G 263 30.89 -18.36 39.73
CA ALA G 263 32.13 -17.74 39.28
C ALA G 263 32.22 -17.66 37.77
N PRO G 264 33.07 -16.75 37.26
CA PRO G 264 33.36 -16.68 35.82
C PRO G 264 34.40 -17.73 35.46
N GLU G 265 34.41 -18.17 34.20
CA GLU G 265 35.54 -18.96 33.74
C GLU G 265 36.38 -18.07 32.84
N TYR G 266 35.69 -17.17 32.14
CA TYR G 266 36.35 -16.28 31.20
C TYR G 266 36.27 -14.82 31.60
N GLY G 267 37.31 -14.07 31.24
CA GLY G 267 37.28 -12.63 31.34
C GLY G 267 37.23 -12.05 29.94
N PHE G 268 37.04 -10.74 29.83
CA PHE G 268 36.98 -10.07 28.53
C PHE G 268 38.00 -8.93 28.42
N LYS G 269 39.04 -9.14 27.61
CA LYS G 269 39.99 -8.08 27.33
C LYS G 269 39.24 -7.01 26.59
N ILE G 270 39.48 -5.76 26.96
CA ILE G 270 38.72 -4.65 26.40
C ILE G 270 39.61 -3.81 25.48
N SER G 271 39.54 -2.49 25.63
CA SER G 271 40.34 -1.55 24.85
C SER G 271 39.43 -0.57 24.11
N LYS G 272 38.99 0.48 24.81
CA LYS G 272 38.15 1.49 24.19
C LYS G 272 39.02 2.48 23.44
N ARG G 273 38.38 3.47 22.84
CA ARG G 273 39.08 4.61 22.24
C ARG G 273 38.04 5.64 21.85
N GLY G 274 36.78 5.33 22.15
CA GLY G 274 35.68 6.23 21.88
C GLY G 274 34.42 5.83 22.63
N SER G 275 33.28 6.32 22.15
CA SER G 275 32.01 6.05 22.79
C SER G 275 30.89 6.01 21.76
N SER G 276 30.66 4.83 21.18
CA SER G 276 29.61 4.65 20.18
C SER G 276 28.26 4.43 20.86
N GLY G 277 27.45 3.54 20.30
CA GLY G 277 26.15 3.25 20.86
C GLY G 277 25.55 1.93 20.40
N ILE G 278 24.40 1.61 20.96
CA ILE G 278 23.70 0.38 20.60
C ILE G 278 22.47 0.74 19.79
N MET G 279 22.44 0.28 18.55
CA MET G 279 21.32 0.55 17.69
C MET G 279 20.24 -0.51 17.88
N LYS G 280 19.01 -0.09 18.15
CA LYS G 280 17.93 -1.05 18.34
C LYS G 280 17.09 -1.26 17.09
N THR G 281 17.36 -2.37 16.38
CA THR G 281 16.67 -2.69 15.14
C THR G 281 16.31 -4.17 15.08
N GLU G 282 15.61 -4.57 14.04
CA GLU G 282 15.27 -5.98 13.85
C GLU G 282 15.88 -6.50 12.54
N GLY G 283 16.83 -5.76 12.01
CA GLY G 283 17.41 -6.07 10.70
C GLY G 283 18.67 -6.92 10.76
N THR G 284 19.41 -6.94 9.66
CA THR G 284 20.60 -7.75 9.55
C THR G 284 21.54 -7.23 8.46
N LEU G 285 22.70 -6.72 8.88
CA LEU G 285 23.60 -6.05 7.96
C LEU G 285 23.83 -6.87 6.69
N GLU G 286 24.10 -6.19 5.57
CA GLU G 286 24.38 -6.85 4.31
C GLU G 286 25.61 -6.30 3.56
N ASN G 287 26.48 -5.64 4.31
CA ASN G 287 27.78 -5.22 3.79
C ASN G 287 27.71 -4.08 2.76
N CYS G 288 27.71 -2.85 3.24
CA CYS G 288 27.78 -1.68 2.37
C CYS G 288 28.77 -0.67 2.95
N GLU G 289 28.28 0.52 3.29
CA GLU G 289 29.13 1.51 3.95
C GLU G 289 28.34 2.76 4.29
N THR G 290 28.98 3.69 4.99
CA THR G 290 28.43 5.01 5.27
C THR G 290 29.14 5.70 6.42
N LYS G 291 29.23 7.02 6.37
CA LYS G 291 29.76 7.78 7.50
C LYS G 291 28.64 7.93 8.49
N CYS G 292 27.50 7.34 8.14
CA CYS G 292 26.29 7.54 8.92
C CYS G 292 25.25 6.44 8.74
N GLN G 293 24.93 5.74 9.84
CA GLN G 293 23.89 4.71 9.82
C GLN G 293 22.65 5.06 10.67
N THR G 294 21.50 4.56 10.23
CA THR G 294 20.20 4.90 10.80
C THR G 294 19.43 3.62 11.06
N PRO G 295 18.65 3.57 12.15
CA PRO G 295 17.84 2.39 12.42
C PRO G 295 16.95 2.01 11.24
N LEU G 296 16.79 2.91 10.29
CA LEU G 296 15.94 2.66 9.13
C LEU G 296 16.73 2.41 7.85
N GLY G 297 17.99 2.83 7.82
CA GLY G 297 18.83 2.69 6.63
C GLY G 297 20.00 3.62 6.69
N ALA G 298 20.97 3.48 5.78
CA ALA G 298 22.13 4.36 5.81
C ALA G 298 21.91 5.64 5.00
N ILE G 299 22.61 6.71 5.37
CA ILE G 299 22.45 7.99 4.70
C ILE G 299 23.70 8.29 3.88
N ASN G 300 23.53 8.64 2.62
CA ASN G 300 24.65 9.10 1.80
C ASN G 300 24.41 10.53 1.33
N THR G 301 25.00 11.51 2.02
CA THR G 301 24.71 12.90 1.70
C THR G 301 25.76 13.92 2.17
N THR G 302 25.47 15.20 1.91
CA THR G 302 26.35 16.30 2.27
C THR G 302 25.56 17.50 2.80
N LEU G 303 24.24 17.38 2.78
CA LEU G 303 23.37 18.51 3.14
C LEU G 303 23.23 18.71 4.66
N PRO G 304 23.16 19.97 5.10
CA PRO G 304 23.19 20.30 6.53
C PRO G 304 22.13 19.60 7.35
N PHE G 305 21.18 18.94 6.68
CA PHE G 305 20.04 18.39 7.40
C PHE G 305 19.52 17.11 6.76
N HIS G 306 18.98 16.23 7.61
CA HIS G 306 18.14 15.13 7.15
C HIS G 306 16.93 15.06 8.03
N ASN G 307 15.95 14.26 7.64
CA ASN G 307 14.78 14.09 8.47
C ASN G 307 14.35 12.62 8.61
N ILE G 308 15.32 11.73 8.44
CA ILE G 308 15.08 10.29 8.43
C ILE G 308 14.78 9.70 9.81
N HIS G 309 15.74 9.84 10.73
CA HIS G 309 15.63 9.26 12.07
C HIS G 309 16.59 9.94 13.06
N PRO G 310 16.09 10.24 14.27
CA PRO G 310 16.86 10.97 15.30
C PRO G 310 18.05 10.16 15.74
N LEU G 311 17.82 8.90 16.09
CA LEU G 311 18.84 8.05 16.72
C LEU G 311 19.82 7.54 15.68
N THR G 312 20.61 8.45 15.11
CA THR G 312 21.61 8.08 14.13
C THR G 312 22.91 7.70 14.81
N ILE G 313 23.80 7.07 14.05
CA ILE G 313 25.13 6.69 14.56
C ILE G 313 26.19 6.98 13.53
N GLY G 314 26.99 7.99 13.82
CA GLY G 314 28.08 8.39 12.94
C GLY G 314 28.25 9.90 12.97
N GLU G 315 28.57 10.46 11.82
CA GLU G 315 28.62 11.91 11.66
C GLU G 315 27.42 12.33 10.83
N CYS G 316 26.44 12.93 11.49
CA CYS G 316 25.14 13.12 10.87
C CYS G 316 24.69 14.55 10.70
N PRO G 317 24.17 14.85 9.50
CA PRO G 317 23.45 16.10 9.17
C PRO G 317 22.39 16.51 10.24
N LYS G 318 22.66 17.53 11.04
CA LYS G 318 21.72 17.90 12.12
C LYS G 318 20.25 17.51 11.82
N TYR G 319 19.86 16.31 12.21
CA TYR G 319 18.50 15.82 11.96
C TYR G 319 17.48 16.85 12.39
N VAL G 320 16.65 17.28 11.44
CA VAL G 320 15.61 18.24 11.75
C VAL G 320 14.23 17.63 11.50
N LYS G 321 13.19 18.21 12.09
CA LYS G 321 11.85 17.63 12.10
C LYS G 321 10.98 18.17 10.96
N SER G 322 11.61 18.52 9.83
CA SER G 322 10.88 19.24 8.78
C SER G 322 10.74 18.47 7.46
N GLU G 323 9.64 18.73 6.76
CA GLU G 323 9.31 17.96 5.58
C GLU G 323 10.17 18.35 4.39
N ARG G 324 10.61 19.62 4.36
CA ARG G 324 11.45 20.12 3.30
C ARG G 324 12.16 21.41 3.68
N LEU G 325 13.33 21.64 3.09
CA LEU G 325 14.09 22.88 3.22
C LEU G 325 14.71 23.22 1.87
N VAL G 326 14.13 24.18 1.14
CA VAL G 326 14.69 24.58 -0.15
C VAL G 326 15.06 26.06 -0.14
N LEU G 327 16.33 26.33 -0.46
CA LEU G 327 16.85 27.69 -0.59
C LEU G 327 16.66 28.32 -2.00
N ALA G 328 16.13 29.53 -2.04
CA ALA G 328 16.05 30.25 -3.29
C ALA G 328 17.47 30.67 -3.62
N THR G 329 17.90 30.36 -4.85
CA THR G 329 19.18 30.77 -5.37
C THR G 329 18.93 31.78 -6.48
N GLY G 330 17.93 31.47 -7.30
CA GLY G 330 17.63 32.30 -8.45
C GLY G 330 16.62 33.36 -8.09
N LEU G 331 15.99 33.95 -9.10
CA LEU G 331 15.01 35.02 -8.86
C LEU G 331 13.61 34.52 -9.17
N ARG G 332 12.61 35.30 -8.78
CA ARG G 332 11.24 34.88 -9.04
C ARG G 332 11.05 34.72 -10.54
N ASN G 333 10.45 33.61 -10.93
CA ASN G 333 10.30 33.26 -12.34
C ASN G 333 8.97 33.74 -12.89
N VAL G 334 8.96 34.96 -13.47
CA VAL G 334 7.74 35.53 -14.05
C VAL G 334 7.62 35.32 -15.56
N PRO G 335 6.51 34.68 -15.95
CA PRO G 335 6.27 34.10 -17.28
C PRO G 335 6.27 35.12 -18.41
N GLN G 336 5.74 34.70 -19.56
CA GLN G 336 5.62 35.56 -20.74
C GLN G 336 6.97 35.93 -21.34
N GLY G 341 8.41 43.19 -6.17
CA GLY G 341 8.63 42.89 -4.76
C GLY G 341 8.98 44.13 -3.98
N LEU G 342 9.81 43.97 -2.95
CA LEU G 342 10.13 45.07 -2.05
C LEU G 342 10.59 46.30 -2.76
N PHE G 343 10.95 46.17 -4.05
CA PHE G 343 11.64 47.21 -4.82
C PHE G 343 10.99 47.52 -6.16
N GLY G 344 9.77 47.08 -6.37
CA GLY G 344 9.01 47.51 -7.53
C GLY G 344 9.34 46.99 -8.91
N ALA G 345 10.51 46.41 -9.10
CA ALA G 345 10.97 46.00 -10.43
C ALA G 345 10.45 44.63 -10.92
N ILE G 346 11.03 43.54 -10.41
CA ILE G 346 10.60 42.20 -10.79
C ILE G 346 9.12 42.03 -10.51
N ALA G 347 8.41 41.48 -11.49
CA ALA G 347 6.98 41.23 -11.33
C ALA G 347 6.34 42.52 -10.95
N GLY G 348 6.97 43.60 -11.34
CA GLY G 348 6.45 44.92 -11.06
C GLY G 348 6.24 45.75 -12.30
N PHE G 349 6.86 46.92 -12.32
CA PHE G 349 6.79 47.77 -13.48
C PHE G 349 7.53 47.15 -14.65
N ILE G 350 8.24 46.04 -14.38
CA ILE G 350 8.65 45.13 -15.44
C ILE G 350 7.77 43.87 -15.36
N GLU G 351 6.71 43.87 -16.17
CA GLU G 351 5.65 42.86 -16.14
C GLU G 351 6.12 41.42 -16.06
N GLY G 352 7.25 41.12 -16.71
CA GLY G 352 7.77 39.77 -16.71
C GLY G 352 9.20 39.63 -17.22
N GLY G 353 9.63 38.41 -17.48
CA GLY G 353 11.01 38.22 -17.87
C GLY G 353 11.21 37.94 -19.36
N TRP G 354 12.46 37.69 -19.73
CA TRP G 354 12.79 37.27 -21.07
C TRP G 354 13.35 35.86 -21.03
N GLN G 355 12.87 35.00 -21.92
CA GLN G 355 13.56 33.75 -22.20
C GLN G 355 14.55 34.02 -23.33
N GLY G 356 14.98 35.28 -23.42
CA GLY G 356 16.05 35.64 -24.32
C GLY G 356 17.32 35.89 -23.53
N MET G 357 17.16 36.44 -22.32
CA MET G 357 18.28 36.63 -21.40
C MET G 357 18.82 35.27 -20.96
N VAL G 358 19.33 34.53 -21.92
CA VAL G 358 19.95 33.26 -21.64
C VAL G 358 21.42 33.44 -21.27
N ASP G 359 21.87 34.64 -20.95
CA ASP G 359 23.30 34.82 -20.68
C ASP G 359 23.63 35.66 -19.46
N GLY G 360 22.82 35.53 -18.41
CA GLY G 360 23.03 36.20 -17.14
C GLY G 360 21.66 36.40 -16.52
N TRP G 361 21.58 36.71 -15.21
CA TRP G 361 20.27 36.93 -14.60
C TRP G 361 19.64 38.25 -15.06
N TYR G 362 20.39 39.36 -14.95
CA TYR G 362 19.90 40.69 -15.34
C TYR G 362 20.53 41.31 -16.61
N GLY G 363 19.72 41.81 -17.51
CA GLY G 363 20.31 42.36 -18.72
C GLY G 363 19.58 43.43 -19.54
N TYR G 364 20.11 43.69 -20.73
CA TYR G 364 19.52 44.64 -21.64
C TYR G 364 18.88 43.97 -22.82
N HIS G 365 18.13 44.76 -23.58
CA HIS G 365 17.63 44.35 -24.89
C HIS G 365 17.50 45.55 -25.82
N HIS G 366 18.56 45.90 -26.55
CA HIS G 366 18.50 47.05 -27.44
C HIS G 366 17.77 46.80 -28.74
N SER G 367 17.29 47.90 -29.31
CA SER G 367 16.67 47.91 -30.61
C SER G 367 17.29 49.10 -31.31
N ASN G 368 18.33 48.82 -32.07
CA ASN G 368 19.12 49.86 -32.71
C ASN G 368 18.59 50.11 -34.10
N ASP G 369 19.42 50.75 -34.93
CA ASP G 369 19.14 50.86 -36.34
C ASP G 369 19.73 49.60 -36.97
N GLN G 370 20.20 48.74 -36.08
CA GLN G 370 20.79 47.47 -36.43
C GLN G 370 20.24 46.46 -35.43
N GLY G 371 19.15 45.81 -35.81
CA GLY G 371 18.50 44.73 -35.06
C GLY G 371 18.59 44.67 -33.53
N SER G 372 18.84 43.45 -33.04
CA SER G 372 18.94 43.13 -31.60
C SER G 372 17.62 42.63 -31.04
N GLY G 373 17.66 41.90 -29.92
CA GLY G 373 18.91 41.53 -29.26
C GLY G 373 18.92 41.64 -27.74
N TYR G 374 19.21 40.53 -27.05
CA TYR G 374 19.40 40.56 -25.61
C TYR G 374 20.86 40.36 -25.23
N ALA G 375 21.27 41.04 -24.18
CA ALA G 375 22.61 40.88 -23.66
C ALA G 375 22.56 41.02 -22.15
N ALA G 376 23.16 40.07 -21.46
CA ALA G 376 23.16 40.13 -20.03
C ALA G 376 24.11 41.22 -19.63
N ASP G 377 23.85 41.85 -18.49
CA ASP G 377 24.87 42.68 -17.86
C ASP G 377 25.70 41.67 -17.09
N LYS G 378 26.57 40.98 -17.82
CA LYS G 378 27.31 39.85 -17.27
C LYS G 378 28.15 40.22 -16.07
N GLU G 379 28.00 41.44 -15.57
CA GLU G 379 28.88 41.95 -14.52
C GLU G 379 28.16 42.12 -13.20
N SER G 380 26.88 42.43 -13.29
CA SER G 380 26.01 42.53 -12.13
C SER G 380 25.44 41.15 -11.84
N THR G 381 25.14 40.40 -12.90
CA THR G 381 24.84 38.98 -12.77
C THR G 381 25.98 38.42 -11.94
N GLN G 382 27.20 38.69 -12.39
CA GLN G 382 28.38 38.16 -11.70
C GLN G 382 28.41 38.52 -10.22
N LYS G 383 28.05 39.75 -9.89
CA LYS G 383 28.08 40.18 -8.50
C LYS G 383 26.96 39.54 -7.70
N ALA G 384 25.77 39.36 -8.28
CA ALA G 384 24.70 38.65 -7.59
C ALA G 384 25.07 37.20 -7.38
N PHE G 385 25.74 36.59 -8.36
CA PHE G 385 26.26 35.23 -8.18
C PHE G 385 27.18 35.22 -6.93
N ASP G 386 28.26 35.99 -6.92
CA ASP G 386 29.18 36.01 -5.76
C ASP G 386 28.38 36.08 -4.49
N GLY G 387 27.44 37.02 -4.46
CA GLY G 387 26.62 37.27 -3.29
C GLY G 387 25.84 36.06 -2.87
N ILE G 388 24.88 35.63 -3.68
CA ILE G 388 24.02 34.50 -3.28
C ILE G 388 24.90 33.36 -2.75
N THR G 389 26.04 33.17 -3.41
CA THR G 389 27.00 32.13 -3.05
C THR G 389 27.35 32.09 -1.58
N ASN G 390 27.74 33.19 -0.95
CA ASN G 390 27.91 33.12 0.50
C ASN G 390 26.61 32.79 1.21
N LYS G 391 25.54 33.50 0.85
CA LYS G 391 24.30 33.29 1.56
C LYS G 391 24.17 31.80 1.73
N VAL G 392 24.42 31.05 0.65
CA VAL G 392 24.41 29.59 0.73
C VAL G 392 25.56 29.01 1.56
N ASN G 393 26.81 29.28 1.20
CA ASN G 393 27.92 28.63 1.90
C ASN G 393 27.82 28.70 3.43
N SER G 394 27.43 29.86 3.96
CA SER G 394 27.37 30.13 5.41
C SER G 394 26.06 29.71 6.02
N VAL G 395 25.21 29.10 5.20
CA VAL G 395 23.97 28.52 5.67
C VAL G 395 24.19 27.02 5.58
N ILE G 396 25.44 26.64 5.43
CA ILE G 396 25.79 25.25 5.26
C ILE G 396 27.15 24.96 5.94
N GLU G 397 27.92 26.03 6.16
CA GLU G 397 29.14 25.98 6.95
C GLU G 397 28.79 26.16 8.42
N LYS G 398 27.70 26.87 8.69
CA LYS G 398 27.35 27.25 10.06
C LYS G 398 26.43 26.29 10.79
N MET G 399 26.18 25.12 10.21
CA MET G 399 25.41 24.11 10.92
C MET G 399 26.30 23.31 11.84
N ASN G 400 26.28 23.70 13.12
CA ASN G 400 27.21 23.20 14.12
C ASN G 400 27.47 21.70 13.99
N THR G 401 28.74 21.30 14.07
CA THR G 401 29.13 19.92 13.78
C THR G 401 30.19 19.34 14.73
N GLN G 402 29.76 18.52 15.69
CA GLN G 402 30.68 17.77 16.56
C GLN G 402 30.19 16.36 16.90
N PHE G 403 31.13 15.42 16.92
CA PHE G 403 30.82 14.00 17.09
C PHE G 403 30.53 13.64 18.54
N GLU G 404 29.52 12.81 18.74
CA GLU G 404 29.14 12.35 20.07
C GLU G 404 28.21 11.14 19.95
N ALA G 405 27.28 11.01 20.89
CA ALA G 405 26.32 9.90 20.89
C ALA G 405 25.11 10.22 21.76
N VAL G 406 23.92 9.88 21.26
CA VAL G 406 22.68 10.09 22.01
C VAL G 406 22.05 8.76 22.44
N GLY G 407 22.68 7.66 22.02
CA GLY G 407 22.17 6.32 22.29
C GLY G 407 22.57 5.74 23.64
N LYS G 408 21.57 5.34 24.41
CA LYS G 408 21.75 4.92 25.80
C LYS G 408 20.41 4.62 26.48
N GLU G 409 20.36 3.54 27.25
CA GLU G 409 19.10 3.09 27.86
C GLU G 409 19.03 3.19 29.40
N PHE G 410 17.81 3.17 29.95
CA PHE G 410 17.63 3.32 31.40
C PHE G 410 16.89 2.14 32.14
N SER G 411 17.17 1.99 33.44
CA SER G 411 16.55 0.94 34.24
C SER G 411 15.05 1.15 34.30
N ASN G 412 14.40 0.44 35.19
CA ASN G 412 12.96 0.57 35.30
C ASN G 412 12.58 1.52 36.43
N LEU G 413 13.58 1.84 37.25
CA LEU G 413 13.42 2.75 38.38
C LEU G 413 14.17 4.03 38.02
N GLU G 414 14.76 4.00 36.83
CA GLU G 414 15.42 5.17 36.26
C GLU G 414 14.40 6.03 35.50
N LYS G 415 13.14 5.60 35.60
CA LYS G 415 12.03 6.20 34.84
C LYS G 415 12.01 7.74 34.74
N ARG G 416 12.56 8.43 35.73
CA ARG G 416 12.57 9.89 35.69
C ARG G 416 13.68 10.41 34.78
N LEU G 417 14.91 10.02 35.10
CA LEU G 417 16.09 10.36 34.29
C LEU G 417 15.83 9.95 32.87
N GLU G 418 15.39 8.71 32.71
CA GLU G 418 14.88 8.21 31.45
C GLU G 418 14.25 9.32 30.62
N ASN G 419 13.26 10.02 31.19
CA ASN G 419 12.48 11.04 30.45
C ASN G 419 13.06 12.44 30.52
N LEU G 420 13.85 12.72 31.54
CA LEU G 420 14.63 13.95 31.54
C LEU G 420 15.52 14.00 30.27
N ASN G 421 16.07 12.84 29.92
CA ASN G 421 16.99 12.70 28.80
C ASN G 421 16.32 12.76 27.45
N LYS G 422 15.17 12.10 27.34
CA LYS G 422 14.43 12.15 26.11
C LYS G 422 13.93 13.56 25.92
N LYS G 423 13.82 14.30 27.01
CA LYS G 423 13.22 15.63 26.95
C LYS G 423 14.22 16.59 26.39
N MET G 424 15.45 16.53 26.91
CA MET G 424 16.53 17.40 26.46
C MET G 424 16.79 17.26 24.98
N GLU G 425 16.98 16.04 24.50
CA GLU G 425 17.31 15.88 23.10
C GLU G 425 16.14 15.92 22.15
N ASP G 426 14.95 15.62 22.63
CA ASP G 426 13.81 15.82 21.77
C ASP G 426 13.64 17.32 21.56
N GLY G 427 14.04 18.10 22.56
CA GLY G 427 13.78 19.53 22.56
C GLY G 427 14.94 20.43 22.19
N PHE G 428 16.13 19.86 22.05
CA PHE G 428 17.20 20.54 21.31
C PHE G 428 16.77 20.40 19.88
N LEU G 429 16.79 19.15 19.45
CA LEU G 429 16.34 18.73 18.16
C LEU G 429 15.18 19.53 17.61
N ASP G 430 14.34 20.08 18.49
CA ASP G 430 13.27 20.95 18.03
C ASP G 430 13.78 22.35 17.74
N VAL G 431 14.36 22.98 18.75
CA VAL G 431 15.08 24.24 18.57
C VAL G 431 15.73 24.26 17.18
N TRP G 432 16.66 23.35 16.93
CA TRP G 432 17.38 23.32 15.65
C TRP G 432 16.48 23.17 14.45
N THR G 433 15.46 22.35 14.51
CA THR G 433 14.52 22.33 13.40
C THR G 433 13.90 23.69 13.11
N TYR G 434 13.56 24.41 14.17
CA TYR G 434 13.04 25.76 14.07
C TYR G 434 14.08 26.59 13.34
N ASN G 435 15.25 26.65 13.92
CA ASN G 435 16.36 27.42 13.38
C ASN G 435 16.74 27.25 11.90
N ALA G 436 16.77 26.02 11.40
CA ALA G 436 16.80 25.81 9.96
C ALA G 436 15.58 26.57 9.47
N GLU G 437 14.60 25.86 8.91
CA GLU G 437 13.26 26.38 8.61
C GLU G 437 13.10 27.91 8.57
N LEU G 438 13.37 28.55 9.70
CA LEU G 438 13.33 29.99 9.84
C LEU G 438 14.41 30.58 8.97
N LEU G 439 15.68 30.27 9.29
CA LEU G 439 16.78 30.65 8.39
C LEU G 439 16.35 30.56 6.95
N VAL G 440 15.86 29.40 6.54
CA VAL G 440 15.45 29.23 5.15
C VAL G 440 14.26 30.09 4.69
N LEU G 441 13.26 30.28 5.55
CA LEU G 441 12.11 31.14 5.24
C LEU G 441 12.60 32.58 5.09
N MET G 442 13.06 33.21 6.17
CA MET G 442 13.85 34.43 6.00
C MET G 442 14.97 33.95 5.11
N GLU G 443 15.83 34.82 4.61
CA GLU G 443 16.85 34.33 3.67
C GLU G 443 16.18 33.56 2.55
N ASN G 444 15.37 34.26 1.77
CA ASN G 444 14.49 33.71 0.78
C ASN G 444 13.58 34.87 0.64
N GLU G 445 13.08 35.34 1.78
CA GLU G 445 12.36 36.58 1.69
C GLU G 445 13.37 37.54 1.09
N MET G 446 14.62 37.44 1.53
CA MET G 446 15.65 38.43 1.20
C MET G 446 16.36 38.19 -0.12
N THR G 447 16.48 36.92 -0.50
CA THR G 447 17.20 36.60 -1.72
C THR G 447 16.33 36.95 -2.90
N LEU G 448 15.02 36.96 -2.70
CA LEU G 448 14.18 37.31 -3.82
C LEU G 448 14.13 38.80 -4.01
N ASP G 449 14.37 39.53 -2.93
CA ASP G 449 14.34 40.99 -3.00
C ASP G 449 15.68 41.54 -3.46
N PHE G 450 16.75 40.85 -3.09
CA PHE G 450 18.07 41.12 -3.61
C PHE G 450 18.06 41.18 -5.13
N HIS G 451 17.31 40.29 -5.78
CA HIS G 451 17.18 40.33 -7.23
C HIS G 451 16.32 41.55 -7.64
N ASP G 452 15.21 41.74 -6.95
CA ASP G 452 14.34 42.88 -7.24
C ASP G 452 15.15 44.16 -7.07
N SER G 453 16.08 44.14 -6.11
CA SER G 453 16.87 45.33 -5.86
C SER G 453 17.93 45.55 -6.91
N ASN G 454 18.44 44.46 -7.47
CA ASN G 454 19.51 44.56 -8.45
C ASN G 454 19.01 45.01 -9.81
N VAL G 455 17.82 44.55 -10.19
CA VAL G 455 17.22 44.96 -11.45
C VAL G 455 16.84 46.44 -11.35
N LYS G 456 16.20 46.80 -10.23
CA LYS G 456 15.85 48.18 -9.95
C LYS G 456 17.11 49.04 -10.05
N ASN G 457 18.16 48.64 -9.33
CA ASN G 457 19.48 49.26 -9.37
C ASN G 457 20.05 49.50 -10.76
N LEU G 458 19.81 48.54 -11.66
CA LEU G 458 20.30 48.60 -13.03
C LEU G 458 19.43 49.53 -13.89
N TYR G 459 18.11 49.31 -13.88
CA TYR G 459 17.20 50.30 -14.44
C TYR G 459 17.72 51.69 -14.08
N ASP G 460 17.73 52.02 -12.78
CA ASP G 460 18.16 53.34 -12.38
C ASP G 460 19.53 53.68 -12.96
N LYS G 461 20.48 52.76 -12.85
CA LYS G 461 21.78 52.95 -13.50
C LYS G 461 21.69 53.47 -14.96
N VAL G 462 20.74 52.95 -15.74
CA VAL G 462 20.50 53.44 -17.09
C VAL G 462 19.83 54.81 -17.06
N ARG G 463 18.72 54.88 -16.35
CA ARG G 463 17.91 56.09 -16.26
C ARG G 463 18.72 57.35 -16.02
N MET G 464 19.34 57.42 -14.86
CA MET G 464 20.07 58.63 -14.48
C MET G 464 21.12 59.05 -15.53
N GLN G 465 21.67 58.11 -16.29
CA GLN G 465 22.64 58.41 -17.34
C GLN G 465 22.01 59.19 -18.50
N LEU G 466 21.03 58.53 -19.11
CA LEU G 466 20.16 59.07 -20.15
C LEU G 466 19.59 60.44 -19.80
N ARG G 467 18.62 60.49 -18.89
CA ARG G 467 17.96 61.75 -18.53
C ARG G 467 16.91 62.08 -19.56
N ASP G 468 16.66 63.39 -19.69
CA ASP G 468 15.75 63.98 -20.69
C ASP G 468 16.09 63.66 -22.15
N ASN G 469 17.32 63.23 -22.38
CA ASN G 469 17.70 62.67 -23.66
C ASN G 469 16.78 61.57 -24.12
N VAL G 470 15.76 61.24 -23.34
CA VAL G 470 14.95 60.04 -23.64
C VAL G 470 13.70 59.89 -22.79
N LYS G 471 12.66 59.34 -23.40
CA LYS G 471 11.38 59.20 -22.71
C LYS G 471 11.22 57.81 -22.16
N GLU G 472 10.82 57.77 -20.88
CA GLU G 472 10.80 56.56 -20.10
C GLU G 472 9.41 55.94 -20.15
N LEU G 473 9.18 55.14 -21.18
CA LEU G 473 7.86 54.54 -21.40
C LEU G 473 7.15 54.03 -20.13
N GLY G 474 7.88 53.53 -19.15
CA GLY G 474 7.24 53.06 -17.92
C GLY G 474 7.11 51.56 -17.80
N ASN G 475 7.60 50.84 -18.81
CA ASN G 475 7.76 49.39 -18.75
C ASN G 475 9.24 49.00 -18.68
N GLY G 476 10.03 49.84 -18.05
CA GLY G 476 11.45 49.58 -17.96
C GLY G 476 12.15 49.80 -19.29
N CYS G 477 11.46 50.41 -20.25
CA CYS G 477 12.05 50.66 -21.57
C CYS G 477 12.21 52.16 -21.93
N PHE G 478 13.45 52.60 -22.15
CA PHE G 478 13.73 53.98 -22.54
C PHE G 478 13.76 54.23 -24.05
N GLU G 479 12.83 55.04 -24.56
CA GLU G 479 12.89 55.41 -25.98
C GLU G 479 13.71 56.67 -26.18
N PHE G 480 14.44 56.69 -27.29
CA PHE G 480 15.44 57.72 -27.51
C PHE G 480 15.01 58.97 -28.28
N TYR G 481 15.32 60.13 -27.69
CA TYR G 481 15.17 61.41 -28.36
C TYR G 481 16.48 61.64 -29.06
N HIS G 482 16.87 60.62 -29.80
CA HIS G 482 17.98 60.72 -30.75
C HIS G 482 18.29 59.36 -31.33
N LYS G 483 19.36 59.32 -32.11
CA LYS G 483 19.80 58.11 -32.76
C LYS G 483 20.86 57.53 -31.85
N CYS G 484 20.99 56.20 -31.81
CA CYS G 484 21.96 55.62 -30.89
C CYS G 484 22.59 54.32 -31.38
N ASP G 485 23.58 54.45 -32.25
CA ASP G 485 24.23 53.25 -32.79
C ASP G 485 24.74 52.29 -31.69
N ASP G 486 25.20 51.12 -32.11
CA ASP G 486 25.76 50.17 -31.20
C ASP G 486 26.85 50.84 -30.40
N GLU G 487 27.77 51.57 -31.02
CA GLU G 487 28.80 52.16 -30.20
C GLU G 487 28.15 52.97 -29.08
N CYS G 488 26.90 53.35 -29.29
CA CYS G 488 26.15 54.15 -28.32
C CYS G 488 25.46 53.34 -27.21
N MET G 489 24.68 52.32 -27.59
CA MET G 489 24.16 51.38 -26.59
C MET G 489 25.33 50.88 -25.73
N ASN G 490 26.40 50.41 -26.37
CA ASN G 490 27.53 49.94 -25.59
C ASN G 490 28.01 50.94 -24.54
N SER G 491 27.83 52.24 -24.78
CA SER G 491 28.25 53.22 -23.80
C SER G 491 27.26 53.31 -22.59
N VAL G 492 26.00 53.03 -22.87
CA VAL G 492 24.97 53.07 -21.83
C VAL G 492 25.29 51.96 -20.85
N LYS G 493 25.40 50.76 -21.42
CA LYS G 493 25.86 49.58 -20.70
C LYS G 493 27.22 49.86 -20.03
N ASN G 494 28.26 50.04 -20.84
CA ASN G 494 29.60 50.47 -20.40
C ASN G 494 29.54 51.23 -19.08
N GLY G 495 28.64 52.21 -19.01
CA GLY G 495 28.52 53.09 -17.85
C GLY G 495 28.92 54.51 -18.18
N THR G 496 29.23 54.76 -19.45
CA THR G 496 29.71 56.06 -19.92
C THR G 496 28.84 56.55 -21.05
N TYR G 497 27.95 57.50 -20.79
CA TYR G 497 26.98 57.86 -21.82
C TYR G 497 27.32 59.06 -22.69
N ASP G 498 27.81 60.15 -22.09
CA ASP G 498 28.25 61.33 -22.86
C ASP G 498 27.09 62.27 -23.19
N TYR G 499 26.22 62.49 -22.21
CA TYR G 499 25.14 63.47 -22.33
C TYR G 499 25.63 64.75 -23.02
N SER G 500 26.87 65.13 -22.72
CA SER G 500 27.53 66.24 -23.40
C SER G 500 27.70 65.91 -24.87
N LYS G 501 26.59 65.85 -25.60
CA LYS G 501 26.64 65.34 -26.95
C LYS G 501 25.23 65.18 -27.52
N TYR G 502 24.50 64.19 -27.01
CA TYR G 502 23.16 63.89 -27.51
C TYR G 502 22.16 64.94 -27.03
N GLU G 503 22.71 65.96 -26.38
CA GLU G 503 22.00 67.19 -26.09
C GLU G 503 22.03 68.03 -27.37
N GLU G 504 22.99 67.71 -28.25
CA GLU G 504 22.92 68.13 -29.64
C GLU G 504 21.82 67.27 -30.27
N GLU G 505 20.56 67.67 -30.04
CA GLU G 505 19.37 66.85 -30.37
C GLU G 505 18.23 66.94 -29.31
N SER G 506 17.19 67.68 -29.69
CA SER G 506 16.00 67.86 -28.86
C SER G 506 14.71 67.58 -29.65
N LYS G 507 13.79 66.85 -29.02
CA LYS G 507 12.46 66.60 -29.58
C LYS G 507 12.47 66.31 -31.09
N ILE H 18 25.70 72.24 -5.00
CA ILE H 18 25.61 71.48 -3.75
C ILE H 18 25.69 69.96 -3.96
N CYS H 19 26.52 69.30 -3.16
CA CYS H 19 26.80 67.89 -3.37
C CYS H 19 26.47 67.04 -2.16
N VAL H 20 25.77 65.94 -2.40
CA VAL H 20 25.42 65.01 -1.33
C VAL H 20 26.38 63.84 -1.27
N GLY H 21 26.82 63.51 -0.05
CA GLY H 21 27.84 62.50 0.15
C GLY H 21 28.00 62.06 1.60
N TYR H 22 28.89 61.11 1.83
CA TYR H 22 29.01 60.47 3.14
C TYR H 22 30.44 60.33 3.61
N HIS H 23 30.63 60.28 4.91
CA HIS H 23 31.97 60.18 5.47
C HIS H 23 32.75 58.99 4.89
N SER H 24 34.06 59.18 4.74
CA SER H 24 34.98 58.09 4.48
C SER H 24 36.15 58.35 5.40
N ASN H 25 36.98 57.35 5.67
CA ASN H 25 38.15 57.62 6.50
C ASN H 25 39.21 56.52 6.49
N ASN H 26 40.25 56.69 7.28
CA ASN H 26 41.39 55.78 7.29
C ASN H 26 41.16 54.57 8.19
N SER H 27 39.98 53.96 8.05
CA SER H 27 39.62 52.77 8.79
C SER H 27 39.93 51.48 8.04
N THR H 28 40.48 50.49 8.74
CA THR H 28 40.84 49.22 8.12
C THR H 28 40.01 48.07 8.66
N GLU H 29 39.06 48.40 9.54
CA GLU H 29 38.29 47.38 10.24
C GLU H 29 37.25 46.67 9.39
N LYS H 30 37.16 45.36 9.56
CA LYS H 30 36.28 44.54 8.75
C LYS H 30 35.14 43.97 9.59
N VAL H 31 33.97 43.91 8.97
CA VAL H 31 32.82 43.25 9.55
C VAL H 31 32.32 42.24 8.54
N ASP H 32 31.55 41.25 8.97
CA ASP H 32 30.95 40.34 8.01
C ASP H 32 29.47 40.60 7.93
N THR H 33 28.90 40.41 6.75
CA THR H 33 27.47 40.51 6.57
C THR H 33 26.96 39.22 5.96
N ILE H 34 25.68 39.16 5.65
CA ILE H 34 25.14 37.90 5.19
C ILE H 34 25.52 37.67 3.74
N LEU H 35 25.61 38.75 2.97
CA LEU H 35 25.82 38.68 1.51
C LEU H 35 27.30 38.79 1.13
N GLU H 36 28.15 39.21 2.08
CA GLU H 36 29.52 39.58 1.78
C GLU H 36 30.43 39.56 2.99
N ARG H 37 31.65 39.06 2.84
CA ARG H 37 32.56 38.94 3.96
C ARG H 37 33.61 40.03 3.96
N ASN H 38 34.30 40.14 5.09
CA ASN H 38 35.40 41.07 5.26
C ASN H 38 35.16 42.42 4.62
N VAL H 39 33.97 42.95 4.85
CA VAL H 39 33.59 44.29 4.36
C VAL H 39 34.23 45.39 5.19
N THR H 40 34.99 46.28 4.56
CA THR H 40 35.59 47.39 5.31
C THR H 40 34.57 48.46 5.70
N VAL H 41 34.62 48.90 6.95
CA VAL H 41 33.63 49.87 7.46
C VAL H 41 34.26 51.02 8.26
N THR H 42 33.58 52.15 8.26
CA THR H 42 34.12 53.35 8.84
C THR H 42 34.39 53.15 10.30
N HIS H 43 33.50 52.41 10.95
CA HIS H 43 33.61 52.14 12.39
C HIS H 43 32.78 50.93 12.77
N ALA H 44 33.38 50.06 13.58
CA ALA H 44 32.75 48.81 14.03
C ALA H 44 32.80 48.69 15.56
N GLN H 45 32.49 47.50 16.07
CA GLN H 45 32.54 47.31 17.50
C GLN H 45 32.62 45.85 17.90
N ASP H 46 33.60 45.53 18.73
CA ASP H 46 33.86 44.17 19.13
C ASP H 46 33.04 43.86 20.36
N ILE H 47 32.15 42.88 20.28
CA ILE H 47 31.35 42.52 21.44
C ILE H 47 31.86 41.26 22.10
N LEU H 48 32.88 40.63 21.51
CA LEU H 48 33.37 39.36 22.03
C LEU H 48 34.70 39.53 22.72
N GLU H 49 34.70 39.40 24.05
CA GLU H 49 35.92 39.40 24.84
C GLU H 49 36.73 38.13 24.56
N LYS H 50 38.03 38.30 24.35
CA LYS H 50 38.87 37.21 23.87
C LYS H 50 40.09 36.98 24.72
N THR H 51 40.26 37.82 25.74
CA THR H 51 41.50 37.79 26.50
C THR H 51 41.29 37.69 28.02
N HIS H 52 42.16 36.91 28.67
CA HIS H 52 42.03 36.70 30.09
C HIS H 52 43.24 37.05 30.94
N ASN H 53 42.93 37.42 32.18
CA ASN H 53 43.87 37.78 33.24
C ASN H 53 45.13 36.91 33.25
N GLY H 54 44.95 35.60 33.20
CA GLY H 54 46.06 34.67 33.25
C GLY H 54 46.30 34.06 34.62
N LYS H 55 45.68 34.65 35.64
CA LYS H 55 45.88 34.18 37.01
C LYS H 55 44.57 33.89 37.73
N LEU H 56 44.64 33.04 38.74
CA LEU H 56 43.47 32.70 39.53
C LEU H 56 43.38 33.63 40.73
N CYS H 57 42.20 34.18 40.99
CA CYS H 57 42.06 35.28 41.94
C CYS H 57 40.80 35.20 42.79
N LYS H 58 40.63 36.16 43.71
CA LYS H 58 39.43 36.20 44.52
C LYS H 58 38.21 36.42 43.63
N LEU H 59 37.05 36.02 44.11
CA LEU H 59 35.81 36.19 43.39
C LEU H 59 34.83 36.98 44.26
N ASN H 60 34.77 38.29 44.04
CA ASN H 60 34.01 39.19 44.90
C ASN H 60 34.73 39.41 46.22
N GLY H 61 36.06 39.49 46.17
CA GLY H 61 36.86 39.67 47.36
C GLY H 61 37.11 38.37 48.12
N ILE H 62 36.06 37.54 48.22
CA ILE H 62 36.15 36.23 48.87
C ILE H 62 37.12 35.34 48.10
N PRO H 63 38.16 34.84 48.78
CA PRO H 63 39.12 33.95 48.13
C PRO H 63 38.54 32.55 47.92
N PRO H 64 39.29 31.70 47.20
CA PRO H 64 38.89 30.30 47.02
C PRO H 64 39.51 29.48 48.13
N LEU H 65 39.29 28.18 48.09
CA LEU H 65 39.98 27.25 48.97
C LEU H 65 41.01 26.52 48.13
N GLU H 66 42.28 26.85 48.33
CA GLU H 66 43.36 26.15 47.65
C GLU H 66 43.59 24.79 48.27
N LEU H 67 43.49 23.74 47.48
CA LEU H 67 43.72 22.39 48.01
C LEU H 67 45.09 21.85 47.60
N GLY H 68 45.77 22.55 46.71
CA GLY H 68 47.04 22.05 46.20
C GLY H 68 46.84 20.65 45.67
N ASP H 69 47.76 19.74 46.02
CA ASP H 69 47.63 18.37 45.55
C ASP H 69 46.84 17.46 46.50
N CYS H 70 45.95 18.07 47.27
CA CYS H 70 45.01 17.33 48.11
C CYS H 70 43.63 17.22 47.47
N SER H 71 42.83 16.30 47.99
CA SER H 71 41.47 16.12 47.51
C SER H 71 40.48 16.43 48.61
N ILE H 72 39.23 16.73 48.25
CA ILE H 72 38.24 17.10 49.25
C ILE H 72 38.14 16.04 50.34
N ALA H 73 38.17 14.77 49.95
CA ALA H 73 38.15 13.68 50.91
C ALA H 73 39.39 13.73 51.82
N GLY H 74 40.56 13.86 51.21
CA GLY H 74 41.80 13.98 51.95
C GLY H 74 41.73 15.11 52.96
N TRP H 75 41.20 16.24 52.53
CA TRP H 75 41.08 17.42 53.37
C TRP H 75 40.20 17.18 54.58
N LEU H 76 38.96 16.76 54.31
CA LEU H 76 37.95 16.59 55.37
C LEU H 76 38.25 15.43 56.31
N LEU H 77 38.85 14.36 55.79
CA LEU H 77 39.24 13.26 56.66
C LEU H 77 40.48 13.63 57.46
N GLY H 78 41.37 14.41 56.87
CA GLY H 78 42.57 14.84 57.58
C GLY H 78 43.78 13.99 57.30
N ASN H 79 43.81 13.38 56.11
CA ASN H 79 45.02 12.74 55.63
C ASN H 79 46.22 13.57 56.08
N PRO H 80 47.18 12.94 56.77
CA PRO H 80 48.36 13.61 57.34
C PRO H 80 49.15 14.43 56.31
N GLU H 81 48.91 14.16 55.02
CA GLU H 81 49.63 14.87 53.97
C GLU H 81 48.92 16.19 53.68
N CYS H 82 47.72 16.32 54.23
CA CYS H 82 46.91 17.51 54.04
C CYS H 82 46.94 18.43 55.28
N ASP H 83 47.74 18.04 56.28
CA ASP H 83 47.87 18.85 57.48
C ASP H 83 48.08 20.32 57.12
N ARG H 84 49.04 20.57 56.23
CA ARG H 84 49.43 21.93 55.89
C ARG H 84 48.39 22.64 55.03
N LEU H 85 47.21 22.84 55.59
CA LEU H 85 46.15 23.57 54.88
C LEU H 85 45.66 24.77 55.68
N LEU H 86 45.41 25.87 54.97
CA LEU H 86 44.82 27.07 55.57
C LEU H 86 43.37 27.21 55.10
N THR H 87 42.43 27.16 56.06
CA THR H 87 41.01 27.13 55.73
C THR H 87 40.24 28.36 56.19
N VAL H 88 40.31 29.42 55.41
CA VAL H 88 39.44 30.56 55.62
C VAL H 88 38.02 30.04 55.74
N PRO H 89 37.40 30.20 56.93
CA PRO H 89 36.05 29.68 57.25
C PRO H 89 35.03 29.99 56.15
N GLU H 90 35.36 30.92 55.27
CA GLU H 90 34.51 31.29 54.14
C GLU H 90 35.34 31.33 52.84
N TRP H 91 34.87 30.61 51.83
CA TRP H 91 35.48 30.68 50.49
C TRP H 91 34.37 30.89 49.44
N SER H 92 34.75 31.30 48.23
CA SER H 92 33.80 31.51 47.15
C SER H 92 33.80 30.33 46.18
N TYR H 93 35.00 29.83 45.89
CA TYR H 93 35.13 28.59 45.11
C TYR H 93 36.29 27.71 45.59
N ILE H 94 36.34 26.47 45.11
CA ILE H 94 37.37 25.55 45.58
C ILE H 94 38.26 25.13 44.43
N MET H 95 39.58 25.16 44.63
CA MET H 95 40.54 24.75 43.59
C MET H 95 41.10 23.37 43.88
N GLU H 96 40.71 22.39 43.09
CA GLU H 96 41.17 21.02 43.32
C GLU H 96 41.90 20.55 42.09
N LYS H 97 43.04 19.88 42.26
CA LYS H 97 43.75 19.27 41.13
C LYS H 97 42.87 18.26 40.42
N GLU H 98 43.20 17.94 39.17
CA GLU H 98 42.39 17.00 38.42
C GLU H 98 42.44 15.66 39.11
N ASN H 99 43.66 15.20 39.37
CA ASN H 99 43.89 13.97 40.11
C ASN H 99 44.86 14.20 41.25
N PRO H 100 44.34 14.60 42.42
CA PRO H 100 45.16 14.86 43.60
C PRO H 100 45.94 13.63 44.00
N ARG H 101 47.13 13.80 44.58
CA ARG H 101 47.90 12.67 45.06
C ARG H 101 47.32 12.21 46.38
N ASN H 102 46.96 13.18 47.21
CA ASN H 102 46.62 12.94 48.61
C ASN H 102 45.13 12.82 48.86
N GLY H 103 44.58 11.66 48.61
CA GLY H 103 43.18 11.42 48.91
C GLY H 103 42.97 10.61 50.19
N LEU H 104 42.21 9.52 50.07
CA LEU H 104 42.14 8.51 51.11
C LEU H 104 43.50 7.82 51.11
N CYS H 105 44.33 8.15 52.11
CA CYS H 105 45.66 7.55 52.25
C CYS H 105 45.51 6.07 52.57
N TYR H 106 44.63 5.78 53.52
CA TYR H 106 44.20 4.40 53.71
C TYR H 106 43.14 4.10 52.65
N PRO H 107 43.33 3.02 51.90
CA PRO H 107 42.47 2.70 50.75
C PRO H 107 41.03 2.51 51.12
N GLY H 108 40.12 2.75 50.19
CA GLY H 108 38.71 2.55 50.45
C GLY H 108 37.83 3.33 49.51
N SER H 109 36.67 3.75 49.99
CA SER H 109 35.74 4.51 49.18
C SER H 109 35.02 5.57 50.00
N PHE H 110 34.39 6.52 49.33
CA PHE H 110 33.62 7.57 49.98
C PHE H 110 32.24 7.58 49.33
N ASN H 111 31.19 7.43 50.14
CA ASN H 111 29.83 7.32 49.63
C ASN H 111 29.16 8.65 49.34
N ASP H 112 28.49 8.72 48.19
CA ASP H 112 27.86 9.95 47.73
C ASP H 112 28.88 11.07 47.75
N TYR H 113 30.06 10.79 47.22
CA TYR H 113 31.17 11.74 47.28
C TYR H 113 30.87 13.01 46.50
N GLU H 114 30.32 12.86 45.29
CA GLU H 114 30.00 14.00 44.44
C GLU H 114 28.94 14.88 45.03
N GLU H 115 27.86 14.26 45.49
CA GLU H 115 26.78 14.97 46.15
C GLU H 115 27.31 15.77 47.32
N LEU H 116 28.40 15.31 47.92
CA LEU H 116 29.04 16.05 48.97
C LEU H 116 29.90 17.17 48.40
N LYS H 117 30.65 16.84 47.35
CA LYS H 117 31.44 17.86 46.69
C LYS H 117 30.54 19.02 46.33
N HIS H 118 29.41 18.70 45.69
CA HIS H 118 28.45 19.71 45.30
C HIS H 118 27.94 20.50 46.50
N LEU H 119 27.46 19.79 47.52
CA LEU H 119 26.96 20.44 48.72
C LEU H 119 27.96 21.45 49.26
N ILE H 120 29.23 21.07 49.41
CA ILE H 120 30.21 22.00 49.96
C ILE H 120 30.86 22.85 48.87
N SER H 121 30.08 23.15 47.83
CA SER H 121 30.51 24.08 46.81
C SER H 121 30.90 25.41 47.43
N SER H 122 29.96 25.99 48.16
CA SER H 122 30.19 27.28 48.78
C SER H 122 29.80 27.22 50.24
N VAL H 123 30.55 27.95 51.06
CA VAL H 123 30.24 28.02 52.48
C VAL H 123 30.33 29.43 53.00
N THR H 124 29.73 29.65 54.17
CA THR H 124 29.61 30.97 54.78
C THR H 124 28.90 30.90 56.13
N HIS H 125 29.57 30.39 57.16
CA HIS H 125 30.96 29.97 57.09
C HIS H 125 31.11 28.46 57.30
N PHE H 126 32.32 28.02 57.62
CA PHE H 126 32.64 26.60 57.74
C PHE H 126 33.71 26.37 58.81
N GLU H 127 33.28 25.86 59.98
CA GLU H 127 34.15 25.80 61.15
C GLU H 127 34.10 24.44 61.82
N LYS H 128 35.29 23.91 62.12
CA LYS H 128 35.42 22.56 62.68
C LYS H 128 35.25 22.54 64.19
N VAL H 129 34.47 21.59 64.71
CA VAL H 129 34.29 21.47 66.15
C VAL H 129 34.48 20.03 66.65
N LYS H 130 35.09 19.89 67.82
CA LYS H 130 35.26 18.56 68.41
C LYS H 130 33.93 18.05 68.94
N ILE H 131 33.46 16.91 68.44
CA ILE H 131 32.16 16.41 68.85
C ILE H 131 32.24 15.11 69.66
N LEU H 132 33.26 14.30 69.42
CA LEU H 132 33.46 13.07 70.14
C LEU H 132 34.92 12.93 70.52
N PRO H 133 35.38 13.71 71.52
CA PRO H 133 36.79 13.78 71.95
C PRO H 133 37.48 12.42 71.96
N LYS H 134 38.68 12.37 71.39
CA LYS H 134 39.42 11.13 71.13
C LYS H 134 39.64 10.27 72.37
N ASP H 135 39.90 10.92 73.50
CA ASP H 135 40.28 10.23 74.71
C ASP H 135 39.10 9.81 75.56
N ARG H 136 37.89 9.97 75.04
CA ARG H 136 36.70 9.62 75.80
C ARG H 136 36.24 8.20 75.49
N TRP H 137 37.07 7.48 74.74
CA TRP H 137 36.82 6.07 74.41
C TRP H 137 37.64 5.14 75.31
N THR H 138 37.48 5.30 76.63
CA THR H 138 38.33 4.62 77.61
C THR H 138 38.30 3.09 77.53
N GLN H 139 37.16 2.53 77.12
CA GLN H 139 37.02 1.08 77.00
C GLN H 139 37.61 0.48 75.72
N HIS H 140 38.18 1.32 74.86
CA HIS H 140 38.76 0.88 73.59
C HIS H 140 40.11 1.51 73.30
N THR H 141 40.87 0.87 72.41
CA THR H 141 42.15 1.40 71.95
C THR H 141 41.92 2.43 70.84
N THR H 142 42.49 3.61 71.00
CA THR H 142 42.30 4.69 70.05
C THR H 142 43.65 5.21 69.52
N THR H 143 44.47 4.30 68.99
CA THR H 143 45.82 4.68 68.59
C THR H 143 46.25 4.04 67.28
N GLY H 144 45.45 3.11 66.78
CA GLY H 144 45.77 2.40 65.55
C GLY H 144 45.98 3.32 64.37
N GLY H 145 47.14 3.17 63.71
CA GLY H 145 47.45 3.90 62.49
C GLY H 145 47.75 2.93 61.35
N SER H 146 48.58 3.35 60.40
CA SER H 146 48.96 2.45 59.31
C SER H 146 50.07 3.02 58.41
N GLN H 147 50.77 2.14 57.70
CA GLN H 147 51.78 2.60 56.76
C GLN H 147 51.12 3.43 55.68
N GLY H 148 49.87 3.09 55.37
CA GLY H 148 49.11 3.83 54.37
C GLY H 148 49.14 5.31 54.67
N CYS H 149 48.97 5.64 55.95
CA CYS H 149 48.95 7.03 56.38
C CYS H 149 50.21 7.39 57.16
N ALA H 150 51.36 6.99 56.64
CA ALA H 150 52.62 7.19 57.32
C ALA H 150 52.98 8.66 57.47
N VAL H 151 53.49 9.05 58.63
CA VAL H 151 53.92 10.42 58.87
C VAL H 151 55.43 10.62 58.72
N PHE H 152 56.19 10.34 59.76
CA PHE H 152 57.61 10.73 59.78
C PHE H 152 58.69 9.65 59.95
N ASP H 153 58.48 8.42 59.46
CA ASP H 153 57.25 7.98 58.83
C ASP H 153 56.73 6.78 59.61
N ASN H 154 55.96 7.06 60.65
CA ASN H 154 55.41 6.03 61.51
C ASN H 154 53.93 5.82 61.20
N PRO H 155 53.41 4.63 61.51
CA PRO H 155 51.98 4.39 61.31
C PRO H 155 51.11 5.50 61.90
N SER H 156 50.28 6.12 61.08
CA SER H 156 49.41 7.19 61.52
C SER H 156 48.02 7.04 60.89
N PHE H 157 47.18 8.06 61.02
CA PHE H 157 45.81 7.96 60.57
C PHE H 157 45.21 9.34 60.26
N PHE H 158 44.00 9.35 59.69
CA PHE H 158 43.31 10.61 59.41
C PHE H 158 43.16 11.47 60.67
N ARG H 159 43.77 12.65 60.67
CA ARG H 159 43.77 13.51 61.85
C ARG H 159 42.39 13.74 62.46
N ASN H 160 41.35 13.73 61.64
CA ASN H 160 39.99 14.03 62.10
C ASN H 160 39.17 12.81 62.48
N MET H 161 39.75 11.63 62.27
CA MET H 161 39.07 10.38 62.60
C MET H 161 39.80 9.58 63.70
N VAL H 162 39.05 8.69 64.36
CA VAL H 162 39.55 7.93 65.50
C VAL H 162 39.33 6.43 65.31
N TRP H 163 40.43 5.69 65.19
CA TRP H 163 40.35 4.25 64.87
C TRP H 163 40.13 3.37 66.09
N LEU H 164 38.88 2.99 66.37
CA LEU H 164 38.60 2.13 67.54
C LEU H 164 38.99 0.67 67.33
N THR H 165 39.87 0.19 68.20
CA THR H 165 40.28 -1.21 68.23
C THR H 165 39.97 -1.82 69.60
N LYS H 166 40.02 -3.15 69.68
CA LYS H 166 39.75 -3.86 70.92
C LYS H 166 40.79 -3.53 72.00
N LYS H 167 40.35 -3.38 73.24
CA LYS H 167 41.26 -3.11 74.36
C LYS H 167 41.67 -4.37 75.12
N GLY H 168 42.98 -4.64 75.14
CA GLY H 168 43.48 -5.90 75.65
C GLY H 168 43.00 -7.00 74.73
N SER H 169 41.87 -7.61 75.09
CA SER H 169 41.18 -8.54 74.20
C SER H 169 39.67 -8.43 74.37
N ASN H 170 39.19 -7.20 74.52
CA ASN H 170 37.76 -6.95 74.65
C ASN H 170 37.33 -5.70 73.87
N TYR H 171 36.45 -5.90 72.89
CA TYR H 171 35.80 -4.79 72.21
C TYR H 171 34.38 -4.66 72.75
N PRO H 172 34.23 -3.88 73.83
CA PRO H 172 32.91 -3.65 74.42
C PRO H 172 32.05 -2.86 73.45
N VAL H 173 30.74 -2.86 73.64
CA VAL H 173 29.90 -2.01 72.82
C VAL H 173 30.42 -0.57 72.83
N ALA H 174 30.75 -0.06 71.65
CA ALA H 174 31.19 1.33 71.53
C ALA H 174 29.95 2.20 71.40
N LYS H 175 29.87 3.23 72.22
CA LYS H 175 28.74 4.15 72.13
C LYS H 175 29.18 5.60 72.24
N GLY H 176 28.73 6.40 71.29
CA GLY H 176 29.02 7.81 71.30
C GLY H 176 27.82 8.56 70.75
N SER H 177 27.71 9.83 71.13
CA SER H 177 26.62 10.65 70.64
C SER H 177 26.89 12.13 70.80
N TYR H 178 26.26 12.93 69.96
CA TYR H 178 26.46 14.37 69.95
C TYR H 178 25.15 15.07 69.64
N ASN H 179 24.83 16.11 70.41
CA ASN H 179 23.65 16.92 70.17
C ASN H 179 24.11 18.21 69.51
N ASN H 180 23.53 18.52 68.36
CA ASN H 180 23.96 19.69 67.60
C ASN H 180 23.47 20.99 68.19
N THR H 181 24.19 21.47 69.20
CA THR H 181 23.81 22.68 69.90
C THR H 181 24.67 23.81 69.37
N SER H 182 25.23 23.59 68.19
CA SER H 182 26.21 24.50 67.61
C SER H 182 25.59 25.69 66.88
N GLY H 183 24.30 25.62 66.63
CA GLY H 183 23.59 26.74 66.02
C GLY H 183 23.44 26.70 64.50
N GLU H 184 24.27 25.91 63.83
CA GLU H 184 24.16 25.74 62.38
C GLU H 184 24.30 24.27 61.97
N GLN H 185 23.70 23.90 60.83
CA GLN H 185 23.78 22.51 60.36
C GLN H 185 25.21 22.00 60.37
N MET H 186 25.40 20.70 60.60
CA MET H 186 26.75 20.19 60.71
C MET H 186 27.01 18.99 59.81
N LEU H 187 28.13 19.03 59.13
CA LEU H 187 28.56 17.89 58.33
C LEU H 187 29.38 16.92 59.20
N ILE H 188 28.95 15.65 59.23
CA ILE H 188 29.66 14.66 60.03
C ILE H 188 29.97 13.42 59.21
N ILE H 189 31.21 12.94 59.28
CA ILE H 189 31.65 11.79 58.49
C ILE H 189 32.03 10.61 59.38
N TRP H 190 31.69 9.40 58.97
CA TRP H 190 32.16 8.23 59.69
C TRP H 190 32.60 7.09 58.79
N GLY H 191 33.37 6.16 59.35
CA GLY H 191 33.94 5.09 58.55
C GLY H 191 33.55 3.69 59.01
N VAL H 192 33.75 2.72 58.13
CA VAL H 192 33.58 1.31 58.45
C VAL H 192 34.75 0.59 57.82
N HIS H 193 35.54 -0.09 58.62
CA HIS H 193 36.73 -0.78 58.10
C HIS H 193 36.42 -2.21 57.62
N HIS H 194 36.91 -2.57 56.44
CA HIS H 194 36.69 -3.91 55.88
C HIS H 194 38.01 -4.66 55.77
N PRO H 195 38.26 -5.60 56.70
CA PRO H 195 39.54 -6.31 56.81
C PRO H 195 39.71 -7.40 55.75
N ASN H 196 40.94 -7.88 55.60
CA ASN H 196 41.28 -8.85 54.56
C ASN H 196 40.71 -10.25 54.76
N ASP H 197 40.71 -10.70 56.01
CA ASP H 197 40.31 -12.07 56.33
C ASP H 197 39.60 -12.12 57.68
N GLU H 198 39.11 -13.30 58.03
CA GLU H 198 38.37 -13.50 59.28
C GLU H 198 39.24 -13.20 60.51
N THR H 199 40.53 -13.50 60.40
CA THR H 199 41.43 -13.37 61.54
C THR H 199 41.81 -11.91 61.82
N GLU H 200 42.12 -11.15 60.78
CA GLU H 200 42.39 -9.71 60.93
C GLU H 200 41.20 -9.10 61.68
N GLN H 201 40.01 -9.61 61.37
CA GLN H 201 38.78 -9.15 61.99
C GLN H 201 38.83 -9.35 63.48
N ARG H 202 39.20 -10.55 63.90
CA ARG H 202 39.27 -10.92 65.31
C ARG H 202 40.44 -10.23 66.00
N THR H 203 41.59 -10.29 65.35
CA THR H 203 42.79 -9.62 65.83
C THR H 203 42.48 -8.20 66.28
N LEU H 204 41.61 -7.52 65.53
CA LEU H 204 41.37 -6.08 65.70
C LEU H 204 40.16 -5.74 66.57
N TYR H 205 39.02 -6.38 66.30
CA TYR H 205 37.76 -6.02 66.94
C TYR H 205 37.18 -7.22 67.72
N GLN H 206 38.00 -8.25 67.87
CA GLN H 206 37.63 -9.46 68.60
C GLN H 206 36.49 -10.25 67.96
N ASN H 207 35.26 -9.80 68.20
CA ASN H 207 34.08 -10.52 67.72
C ASN H 207 33.69 -10.29 66.24
N VAL H 208 33.44 -11.37 65.52
CA VAL H 208 32.95 -11.30 64.15
C VAL H 208 31.45 -10.97 64.19
N GLY H 209 30.90 -10.57 63.06
CA GLY H 209 29.51 -10.16 63.01
C GLY H 209 29.33 -8.86 63.76
N ALA H 210 30.39 -8.05 63.78
CA ALA H 210 30.32 -6.73 64.38
C ALA H 210 29.45 -5.86 63.51
N TYR H 211 29.04 -4.71 64.04
CA TYR H 211 28.20 -3.82 63.27
C TYR H 211 28.54 -2.39 63.62
N VAL H 212 28.21 -1.48 62.70
CA VAL H 212 28.25 -0.03 62.95
C VAL H 212 26.86 0.55 62.65
N SER H 213 26.27 1.22 63.63
CA SER H 213 24.92 1.76 63.45
C SER H 213 24.87 3.24 63.81
N VAL H 214 24.56 4.06 62.82
CA VAL H 214 24.42 5.49 63.04
C VAL H 214 22.94 5.85 63.00
N GLY H 215 22.57 6.91 63.71
CA GLY H 215 21.18 7.28 63.80
C GLY H 215 20.94 8.74 64.08
N THR H 216 20.04 9.33 63.32
CA THR H 216 19.53 10.67 63.60
C THR H 216 18.02 10.67 63.38
N SER H 217 17.42 11.86 63.29
CA SER H 217 15.98 11.95 63.06
C SER H 217 15.62 11.52 61.65
N THR H 218 16.62 11.54 60.78
CA THR H 218 16.39 11.29 59.35
C THR H 218 17.23 10.12 58.86
N LEU H 219 18.38 9.91 59.51
CA LEU H 219 19.28 8.84 59.11
C LEU H 219 19.06 7.54 59.92
N ASN H 220 19.12 6.41 59.24
CA ASN H 220 19.12 5.13 59.89
C ASN H 220 19.90 4.12 59.08
N LYS H 221 20.99 3.62 59.64
CA LYS H 221 21.85 2.73 58.89
C LYS H 221 22.64 1.81 59.81
N ARG H 222 22.67 0.53 59.48
CA ARG H 222 23.49 -0.44 60.19
C ARG H 222 24.42 -1.12 59.19
N SER H 223 25.72 -1.10 59.46
CA SER H 223 26.68 -1.69 58.55
C SER H 223 27.37 -2.90 59.13
N LEU H 224 27.58 -3.91 58.30
CA LEU H 224 28.37 -5.07 58.68
C LEU H 224 29.60 -5.10 57.81
N PRO H 225 30.77 -5.38 58.39
CA PRO H 225 31.99 -5.40 57.59
C PRO H 225 31.89 -6.42 56.45
N GLU H 226 32.14 -5.96 55.22
CA GLU H 226 32.18 -6.83 54.04
C GLU H 226 33.63 -7.16 53.72
N ILE H 227 33.99 -8.43 53.84
CA ILE H 227 35.37 -8.87 53.72
C ILE H 227 35.63 -9.60 52.42
N ALA H 228 36.82 -9.39 51.86
CA ALA H 228 37.20 -10.03 50.61
C ALA H 228 38.69 -9.90 50.39
N THR H 229 39.25 -10.84 49.65
CA THR H 229 40.66 -10.81 49.36
C THR H 229 40.94 -9.80 48.24
N ARG H 230 41.64 -8.74 48.59
CA ARG H 230 41.89 -7.65 47.65
C ARG H 230 43.38 -7.49 47.47
N PRO H 231 43.79 -6.86 46.37
CA PRO H 231 45.19 -6.53 46.12
C PRO H 231 45.66 -5.47 47.09
N GLU H 232 46.93 -5.08 46.99
CA GLU H 232 47.46 -4.07 47.89
C GLU H 232 47.47 -2.69 47.27
N VAL H 233 46.82 -1.76 47.96
CA VAL H 233 46.82 -0.35 47.59
C VAL H 233 47.45 0.43 48.74
N ASN H 234 48.60 1.05 48.49
CA ASN H 234 49.39 1.60 49.58
C ASN H 234 49.76 0.49 50.56
N GLY H 235 50.10 -0.66 50.01
CA GLY H 235 50.47 -1.81 50.81
C GLY H 235 49.38 -2.27 51.76
N GLN H 236 48.14 -1.87 51.49
CA GLN H 236 47.03 -2.28 52.32
C GLN H 236 46.01 -3.12 51.55
N GLY H 237 45.47 -4.12 52.22
CA GLY H 237 44.45 -4.97 51.62
C GLY H 237 43.12 -4.62 52.24
N GLY H 238 43.17 -3.95 53.39
CA GLY H 238 41.97 -3.48 54.03
C GLY H 238 41.34 -2.33 53.25
N ARG H 239 40.14 -1.94 53.65
CA ARG H 239 39.43 -0.86 52.99
C ARG H 239 38.62 -0.10 54.03
N MET H 240 38.60 1.22 53.94
CA MET H 240 37.72 2.00 54.78
C MET H 240 36.66 2.71 53.94
N GLU H 241 35.41 2.32 54.15
CA GLU H 241 34.29 2.92 53.44
C GLU H 241 33.66 4.04 54.26
N PHE H 242 33.87 5.27 53.81
CA PHE H 242 33.37 6.42 54.55
C PHE H 242 32.01 6.88 54.03
N SER H 243 31.21 7.40 54.96
CA SER H 243 29.87 7.92 54.67
C SER H 243 29.72 9.22 55.44
N TRP H 244 28.68 9.99 55.11
CA TRP H 244 28.53 11.30 55.72
C TRP H 244 27.05 11.66 55.83
N THR H 245 26.76 12.65 56.65
CA THR H 245 25.39 13.13 56.80
C THR H 245 25.43 14.59 57.25
N ILE H 246 24.31 15.26 57.14
CA ILE H 246 24.21 16.58 57.73
C ILE H 246 23.40 16.44 58.99
N LEU H 247 23.93 16.94 60.09
CA LEU H 247 23.24 16.91 61.36
C LEU H 247 22.48 18.21 61.50
N ASP H 248 21.16 18.12 61.40
CA ASP H 248 20.33 19.30 61.52
C ASP H 248 20.47 19.93 62.90
N ILE H 249 20.07 21.18 63.03
CA ILE H 249 20.20 21.90 64.29
C ILE H 249 19.32 21.30 65.39
N TRP H 250 19.92 21.12 66.56
CA TRP H 250 19.22 20.59 67.72
C TRP H 250 18.88 19.13 67.54
N ASP H 251 19.40 18.52 66.49
CA ASP H 251 19.25 17.09 66.32
C ASP H 251 20.48 16.38 66.87
N THR H 252 20.35 15.12 67.25
CA THR H 252 21.47 14.39 67.79
C THR H 252 21.79 13.17 66.95
N ILE H 253 23.08 12.84 66.87
CA ILE H 253 23.51 11.67 66.14
C ILE H 253 24.09 10.67 67.12
N ASN H 254 23.68 9.41 67.01
CA ASN H 254 24.12 8.36 67.92
C ASN H 254 24.89 7.27 67.20
N PHE H 255 26.16 7.11 67.53
CA PHE H 255 26.94 5.98 67.02
C PHE H 255 26.88 4.79 67.99
N GLU H 256 26.87 3.58 67.43
CA GLU H 256 26.95 2.37 68.23
C GLU H 256 27.61 1.24 67.46
N SER H 257 28.70 0.70 67.99
CA SER H 257 29.48 -0.29 67.27
C SER H 257 30.04 -1.39 68.16
N THR H 258 29.84 -2.63 67.72
CA THR H 258 30.51 -3.77 68.34
C THR H 258 31.76 -4.10 67.52
N GLY H 259 32.45 -3.07 67.04
CA GLY H 259 33.65 -3.25 66.24
C GLY H 259 33.55 -2.79 64.80
N ASN H 260 34.67 -2.36 64.24
CA ASN H 260 34.80 -1.98 62.83
C ASN H 260 34.51 -0.53 62.49
N LEU H 261 34.10 0.24 63.50
CA LEU H 261 33.77 1.64 63.26
C LEU H 261 35.01 2.53 63.28
N ILE H 262 35.03 3.51 62.38
CA ILE H 262 36.04 4.54 62.37
C ILE H 262 35.32 5.83 62.71
N ALA H 263 35.06 6.06 63.97
CA ALA H 263 34.28 7.22 64.38
C ALA H 263 34.97 8.55 64.07
N PRO H 264 34.18 9.64 63.99
CA PRO H 264 34.73 10.98 63.83
C PRO H 264 35.19 11.50 65.17
N GLU H 265 36.15 12.41 65.19
CA GLU H 265 36.42 13.16 66.41
C GLU H 265 35.85 14.56 66.24
N TYR H 266 35.86 15.03 64.99
CA TYR H 266 35.39 16.37 64.68
C TYR H 266 34.18 16.39 63.77
N GLY H 267 33.36 17.41 63.96
CA GLY H 267 32.27 17.69 63.05
C GLY H 267 32.59 19.00 62.34
N PHE H 268 31.78 19.34 61.34
CA PHE H 268 32.01 20.55 60.55
C PHE H 268 30.77 21.47 60.53
N LYS H 269 30.84 22.58 61.27
CA LYS H 269 29.77 23.57 61.21
C LYS H 269 29.74 24.09 59.81
N ILE H 270 28.54 24.23 59.25
CA ILE H 270 28.39 24.61 57.86
C ILE H 270 27.88 26.04 57.74
N SER H 271 26.86 26.24 56.91
CA SER H 271 26.19 27.54 56.71
C SER H 271 26.27 27.95 55.23
N LYS H 272 25.36 27.42 54.42
CA LYS H 272 25.34 27.79 53.02
C LYS H 272 24.60 29.12 52.85
N ARG H 273 24.50 29.57 51.61
CA ARG H 273 23.66 30.71 51.26
C ARG H 273 23.59 30.80 49.74
N GLY H 274 24.25 29.85 49.09
CA GLY H 274 24.27 29.77 47.64
C GLY H 274 24.76 28.42 47.15
N SER H 275 25.18 28.38 45.89
CA SER H 275 25.65 27.15 45.27
C SER H 275 26.73 27.44 44.23
N SER H 276 27.98 27.50 44.69
CA SER H 276 29.11 27.76 43.81
C SER H 276 29.56 26.48 43.11
N GLY H 277 30.87 26.31 42.95
CA GLY H 277 31.40 25.10 42.34
C GLY H 277 32.86 24.85 42.61
N ILE H 278 33.34 23.72 42.12
CA ILE H 278 34.72 23.34 42.29
C ILE H 278 35.45 23.50 40.99
N MET H 279 36.47 24.36 40.97
CA MET H 279 37.24 24.61 39.77
C MET H 279 38.42 23.66 39.72
N LYS H 280 38.55 22.91 38.63
CA LYS H 280 39.67 21.97 38.51
C LYS H 280 40.86 22.55 37.75
N THR H 281 41.87 22.99 38.47
CA THR H 281 43.05 23.59 37.87
C THR H 281 44.32 23.04 38.55
N GLU H 282 45.48 23.44 38.05
CA GLU H 282 46.75 23.07 38.65
C GLU H 282 47.50 24.31 39.13
N GLY H 283 46.80 25.43 39.25
CA GLY H 283 47.42 26.69 39.58
C GLY H 283 47.42 27.05 41.05
N THR H 284 47.63 28.33 41.35
CA THR H 284 47.72 28.82 42.72
C THR H 284 47.47 30.33 42.82
N LEU H 285 46.31 30.69 43.38
CA LEU H 285 45.90 32.09 43.40
C LEU H 285 47.02 33.02 43.83
N GLU H 286 47.01 34.25 43.32
CA GLU H 286 48.00 35.25 43.69
C GLU H 286 47.40 36.63 44.00
N ASN H 287 46.14 36.61 44.44
CA ASN H 287 45.49 37.81 44.99
C ASN H 287 45.24 38.93 43.98
N CYS H 288 44.10 38.87 43.30
CA CYS H 288 43.65 39.93 42.41
C CYS H 288 42.16 40.21 42.62
N GLU H 289 41.36 40.02 41.57
CA GLU H 289 39.90 40.15 41.71
C GLU H 289 39.20 39.80 40.40
N THR H 290 37.87 39.81 40.43
CA THR H 290 37.04 39.62 39.26
C THR H 290 35.61 39.18 39.61
N LYS H 291 34.64 39.62 38.83
CA LYS H 291 33.27 39.15 39.00
C LYS H 291 33.18 37.80 38.31
N CYS H 292 34.31 37.39 37.75
CA CYS H 292 34.34 36.20 36.91
C CYS H 292 35.72 35.53 36.80
N GLN H 293 35.83 34.28 37.26
CA GLN H 293 37.08 33.55 37.18
C GLN H 293 36.96 32.34 36.26
N THR H 294 38.09 32.00 35.64
CA THR H 294 38.16 30.97 34.60
C THR H 294 39.31 30.04 34.91
N PRO H 295 39.16 28.73 34.62
CA PRO H 295 40.25 27.78 34.84
C PRO H 295 41.53 28.23 34.17
N LEU H 296 41.44 29.18 33.25
CA LEU H 296 42.60 29.67 32.50
C LEU H 296 43.07 31.05 32.95
N GLY H 297 42.18 31.82 33.57
CA GLY H 297 42.54 33.13 34.07
C GLY H 297 41.30 33.94 34.26
N ALA H 298 41.40 35.11 34.88
CA ALA H 298 40.20 35.91 35.18
C ALA H 298 39.78 36.79 34.01
N ILE H 299 38.50 37.10 33.94
CA ILE H 299 37.97 37.93 32.86
C ILE H 299 37.58 39.30 33.40
N ASN H 300 38.06 40.36 32.77
CA ASN H 300 37.63 41.72 33.09
C ASN H 300 36.94 42.38 31.88
N THR H 301 35.62 42.36 31.83
CA THR H 301 34.92 42.84 30.65
C THR H 301 33.46 43.23 30.87
N THR H 302 32.81 43.65 29.79
CA THR H 302 31.41 44.07 29.82
C THR H 302 30.64 43.57 28.61
N LEU H 303 31.35 42.90 27.71
CA LEU H 303 30.76 42.49 26.45
C LEU H 303 29.90 41.21 26.59
N PRO H 304 28.81 41.11 25.81
CA PRO H 304 27.83 40.05 25.95
C PRO H 304 28.40 38.65 25.79
N PHE H 305 29.65 38.56 25.36
CA PHE H 305 30.21 37.26 25.06
C PHE H 305 31.70 37.20 25.37
N HIS H 306 32.16 36.01 25.76
CA HIS H 306 33.58 35.67 25.74
C HIS H 306 33.75 34.29 25.10
N ASN H 307 34.99 33.91 24.83
CA ASN H 307 35.22 32.60 24.23
C ASN H 307 36.38 31.90 24.91
N ILE H 308 36.67 32.33 26.13
CA ILE H 308 37.83 31.83 26.86
C ILE H 308 37.69 30.37 27.34
N HIS H 309 36.67 30.12 28.16
CA HIS H 309 36.46 28.80 28.75
C HIS H 309 35.03 28.64 29.22
N PRO H 310 34.43 27.47 28.94
CA PRO H 310 33.04 27.20 29.28
C PRO H 310 32.83 27.19 30.80
N LEU H 311 33.69 26.46 31.50
CA LEU H 311 33.51 26.21 32.94
C LEU H 311 33.93 27.41 33.77
N THR H 312 33.19 28.50 33.64
CA THR H 312 33.50 29.72 34.37
C THR H 312 32.83 29.71 35.71
N ILE H 313 33.27 30.58 36.60
CA ILE H 313 32.65 30.73 37.93
C ILE H 313 32.44 32.19 38.28
N GLY H 314 31.18 32.61 38.30
CA GLY H 314 30.83 33.97 38.63
C GLY H 314 29.66 34.45 37.80
N GLU H 315 29.69 35.72 37.41
CA GLU H 315 28.71 36.26 36.48
C GLU H 315 29.39 36.46 35.14
N CYS H 316 29.08 35.58 34.18
CA CYS H 316 29.87 35.51 32.97
C CYS H 316 29.13 35.80 31.68
N PRO H 317 29.77 36.60 30.83
CA PRO H 317 29.36 36.87 29.44
C PRO H 317 29.03 35.58 28.66
N LYS H 318 27.76 35.30 28.37
CA LYS H 318 27.39 34.05 27.69
C LYS H 318 28.50 33.47 26.79
N TYR H 319 29.36 32.65 27.36
CA TYR H 319 30.47 32.06 26.64
C TYR H 319 29.97 31.49 25.32
N VAL H 320 30.55 31.98 24.21
CA VAL H 320 30.20 31.45 22.90
C VAL H 320 31.42 30.79 22.25
N LYS H 321 31.17 29.95 21.25
CA LYS H 321 32.21 29.13 20.62
C LYS H 321 32.82 29.79 19.38
N SER H 322 32.82 31.13 19.34
CA SER H 322 33.18 31.84 18.11
C SER H 322 34.50 32.65 18.19
N GLU H 323 35.18 32.76 17.05
CA GLU H 323 36.50 33.37 17.04
C GLU H 323 36.42 34.89 17.16
N ARG H 324 35.31 35.45 16.72
CA ARG H 324 35.11 36.91 16.74
C ARG H 324 33.65 37.29 16.50
N LEU H 325 33.25 38.43 17.06
CA LEU H 325 31.92 38.98 16.84
C LEU H 325 32.09 40.49 16.76
N VAL H 326 31.99 41.05 15.56
CA VAL H 326 32.12 42.49 15.41
C VAL H 326 30.89 43.06 14.74
N LEU H 327 30.29 44.05 15.39
CA LEU H 327 29.10 44.73 14.87
C LEU H 327 29.46 45.94 14.05
N ALA H 328 28.87 46.07 12.87
CA ALA H 328 28.99 47.31 12.09
C ALA H 328 28.20 48.42 12.80
N THR H 329 28.87 49.54 13.02
CA THR H 329 28.23 50.72 13.56
C THR H 329 28.21 51.81 12.49
N GLY H 330 29.30 51.92 11.75
CA GLY H 330 29.39 52.94 10.72
C GLY H 330 28.94 52.40 9.38
N LEU H 331 29.34 53.06 8.30
CA LEU H 331 28.91 52.67 6.96
C LEU H 331 30.09 52.10 6.20
N ARG H 332 29.81 51.51 5.05
CA ARG H 332 30.87 50.95 4.22
C ARG H 332 31.83 52.05 3.83
N ASN H 333 33.12 51.78 4.00
CA ASN H 333 34.18 52.76 3.82
C ASN H 333 34.73 52.70 2.41
N VAL H 334 34.16 53.50 1.51
CA VAL H 334 34.62 53.56 0.12
C VAL H 334 35.58 54.72 -0.13
N PRO H 335 36.81 54.40 -0.56
CA PRO H 335 37.85 55.44 -0.67
C PRO H 335 37.52 56.48 -1.73
N GLN H 336 38.53 57.21 -2.20
CA GLN H 336 38.39 58.16 -3.31
C GLN H 336 37.71 59.46 -2.90
N GLY H 341 24.42 49.56 -2.88
CA GLY H 341 23.94 48.55 -1.96
C GLY H 341 22.58 48.01 -2.37
N LEU H 342 21.64 48.00 -1.42
CA LEU H 342 20.26 47.62 -1.73
C LEU H 342 19.49 48.82 -2.28
N PHE H 343 19.94 50.02 -1.93
CA PHE H 343 19.24 51.25 -2.28
C PHE H 343 19.93 52.10 -3.36
N GLY H 344 21.10 51.67 -3.80
CA GLY H 344 21.73 52.30 -4.96
C GLY H 344 22.71 53.41 -4.63
N ALA H 345 22.45 54.13 -3.53
CA ALA H 345 23.26 55.29 -3.20
C ALA H 345 24.71 54.92 -2.93
N ILE H 346 24.96 54.32 -1.77
CA ILE H 346 26.32 54.10 -1.30
C ILE H 346 27.07 53.13 -2.18
N ALA H 347 28.32 53.46 -2.48
CA ALA H 347 29.15 52.70 -3.42
C ALA H 347 28.36 52.31 -4.65
N GLY H 348 27.52 53.24 -5.09
CA GLY H 348 26.64 53.01 -6.21
C GLY H 348 26.63 54.26 -7.03
N PHE H 349 25.45 54.80 -7.34
CA PHE H 349 25.38 56.00 -8.16
C PHE H 349 26.12 57.19 -7.56
N ILE H 350 26.10 57.32 -6.25
CA ILE H 350 27.03 58.22 -5.59
C ILE H 350 28.38 57.49 -5.38
N GLU H 351 29.19 57.49 -6.43
CA GLU H 351 30.38 56.66 -6.55
C GLU H 351 31.28 56.49 -5.34
N GLY H 352 31.41 57.52 -4.51
CA GLY H 352 32.28 57.46 -3.33
C GLY H 352 31.94 58.36 -2.14
N GLY H 353 32.78 58.31 -1.12
CA GLY H 353 32.51 59.07 0.09
C GLY H 353 33.42 60.27 0.26
N TRP H 354 33.10 61.11 1.23
CA TRP H 354 33.86 62.34 1.43
C TRP H 354 34.70 62.34 2.70
N GLN H 355 35.96 61.96 2.57
CA GLN H 355 36.93 62.19 3.63
C GLN H 355 36.73 63.59 4.21
N GLY H 356 36.28 64.51 3.36
CA GLY H 356 36.12 65.90 3.73
C GLY H 356 35.09 66.16 4.80
N MET H 357 33.97 65.45 4.73
CA MET H 357 32.90 65.64 5.69
C MET H 357 33.18 64.87 6.98
N VAL H 358 33.22 65.55 8.12
CA VAL H 358 33.57 64.88 9.35
C VAL H 358 32.81 65.39 10.57
N ASP H 359 31.53 65.71 10.37
CA ASP H 359 30.69 66.13 11.48
C ASP H 359 29.36 65.36 11.45
N GLY H 360 29.35 64.29 10.67
CA GLY H 360 28.19 63.43 10.55
C GLY H 360 28.38 62.33 9.52
N TRP H 361 27.35 61.51 9.37
CA TRP H 361 27.37 60.39 8.45
C TRP H 361 26.87 60.79 7.05
N TYR H 362 25.88 61.67 7.00
CA TYR H 362 25.29 62.07 5.73
C TYR H 362 25.24 63.58 5.62
N GLY H 363 25.50 64.11 4.43
CA GLY H 363 25.52 65.56 4.28
C GLY H 363 25.53 66.12 2.88
N TYR H 364 25.71 67.43 2.81
CA TYR H 364 25.71 68.14 1.53
C TYR H 364 27.10 68.71 1.20
N HIS H 365 27.23 69.26 -0.01
CA HIS H 365 28.45 69.95 -0.41
C HIS H 365 28.20 70.89 -1.57
N HIS H 366 28.12 72.18 -1.29
CA HIS H 366 27.67 73.15 -2.29
C HIS H 366 28.80 73.98 -2.89
N SER H 367 28.72 74.22 -4.19
CA SER H 367 29.62 75.16 -4.86
C SER H 367 28.86 76.44 -5.14
N ASN H 368 29.04 77.43 -4.28
CA ASN H 368 28.25 78.65 -4.35
C ASN H 368 29.09 79.86 -4.77
N ASP H 369 28.46 81.03 -4.77
CA ASP H 369 29.16 82.29 -5.00
C ASP H 369 30.20 82.50 -3.92
N GLN H 370 30.08 81.69 -2.87
CA GLN H 370 30.96 81.79 -1.71
C GLN H 370 31.52 80.41 -1.34
N GLY H 371 32.68 80.09 -1.91
CA GLY H 371 33.41 78.86 -1.62
C GLY H 371 32.60 77.63 -1.28
N SER H 372 32.87 77.08 -0.10
CA SER H 372 32.23 75.86 0.38
C SER H 372 32.77 74.63 -0.34
N GLY H 373 32.80 73.50 0.36
CA GLY H 373 32.35 73.45 1.74
C GLY H 373 31.46 72.26 2.03
N TYR H 374 31.78 71.53 3.09
CA TYR H 374 30.99 70.36 3.50
C TYR H 374 30.17 70.66 4.75
N ALA H 375 29.00 70.06 4.84
CA ALA H 375 28.14 70.22 5.99
C ALA H 375 27.26 69.00 6.16
N ALA H 376 27.44 68.29 7.28
CA ALA H 376 26.65 67.09 7.53
C ALA H 376 25.25 67.47 7.92
N ASP H 377 24.27 66.68 7.50
CA ASP H 377 22.89 66.90 7.87
C ASP H 377 22.68 66.25 9.22
N LYS H 378 22.96 66.98 10.29
CA LYS H 378 22.94 66.39 11.60
C LYS H 378 21.60 65.74 11.93
N GLU H 379 20.50 66.29 11.44
CA GLU H 379 19.18 65.72 11.74
C GLU H 379 19.04 64.26 11.34
N SER H 380 19.34 63.93 10.10
CA SER H 380 19.25 62.53 9.64
C SER H 380 20.41 61.67 10.14
N THR H 381 21.53 62.32 10.49
CA THR H 381 22.67 61.61 11.08
C THR H 381 22.30 61.20 12.51
N GLN H 382 21.43 61.98 13.14
CA GLN H 382 20.98 61.64 14.49
C GLN H 382 20.02 60.46 14.44
N LYS H 383 19.00 60.55 13.60
CA LYS H 383 18.03 59.48 13.49
C LYS H 383 18.74 58.15 13.22
N ALA H 384 19.93 58.22 12.65
CA ALA H 384 20.71 57.02 12.38
C ALA H 384 21.47 56.59 13.63
N PHE H 385 22.19 57.53 14.24
CA PHE H 385 22.93 57.28 15.47
C PHE H 385 21.94 56.84 16.55
N ASP H 386 20.73 57.39 16.52
CA ASP H 386 19.69 57.02 17.46
C ASP H 386 19.28 55.57 17.27
N GLY H 387 18.91 55.23 16.05
CA GLY H 387 18.45 53.87 15.76
C GLY H 387 19.52 52.80 15.93
N ILE H 388 20.65 52.97 15.25
CA ILE H 388 21.73 52.01 15.36
C ILE H 388 22.11 51.77 16.82
N THR H 389 21.92 52.77 17.67
CA THR H 389 22.20 52.56 19.08
C THR H 389 21.24 51.53 19.66
N ASN H 390 19.94 51.72 19.45
CA ASN H 390 18.97 50.73 19.91
C ASN H 390 19.17 49.33 19.35
N LYS H 391 19.64 49.21 18.12
CA LYS H 391 20.01 47.91 17.59
C LYS H 391 21.10 47.29 18.44
N VAL H 392 22.18 48.02 18.68
CA VAL H 392 23.28 47.46 19.47
C VAL H 392 22.78 47.09 20.85
N ASN H 393 21.97 47.95 21.44
CA ASN H 393 21.50 47.70 22.79
C ASN H 393 20.57 46.50 22.83
N SER H 394 19.58 46.43 21.94
CA SER H 394 18.64 45.32 21.94
C SER H 394 19.39 44.02 21.86
N VAL H 395 20.32 43.95 20.93
CA VAL H 395 21.19 42.77 20.80
C VAL H 395 21.88 42.39 22.11
N ILE H 396 22.27 43.39 22.91
CA ILE H 396 22.79 43.14 24.26
C ILE H 396 21.71 43.05 25.39
N GLU H 397 21.14 44.19 25.75
CA GLU H 397 20.22 44.29 26.89
C GLU H 397 19.13 43.21 26.99
N LYS H 398 18.81 42.54 25.89
CA LYS H 398 17.74 41.54 25.91
C LYS H 398 18.22 40.13 26.23
N MET H 399 19.53 39.94 26.23
CA MET H 399 20.13 38.70 26.69
C MET H 399 19.74 38.45 28.16
N ASN H 400 19.26 37.24 28.44
CA ASN H 400 18.89 36.89 29.81
C ASN H 400 20.10 36.39 30.57
N THR H 401 20.24 36.81 31.82
CA THR H 401 21.40 36.45 32.62
C THR H 401 21.04 36.21 34.11
N GLN H 402 21.28 34.98 34.57
CA GLN H 402 21.05 34.62 35.96
C GLN H 402 22.36 34.16 36.59
N PHE H 403 22.32 33.82 37.88
CA PHE H 403 23.48 33.23 38.54
C PHE H 403 23.50 31.74 38.28
N GLU H 404 24.68 31.21 37.96
CA GLU H 404 24.80 29.80 37.64
C GLU H 404 26.24 29.31 37.78
N ALA H 405 26.39 28.11 38.33
CA ALA H 405 27.67 27.41 38.30
C ALA H 405 27.52 26.33 37.24
N VAL H 406 28.49 26.26 36.33
CA VAL H 406 28.35 25.39 35.17
C VAL H 406 28.86 23.96 35.43
N GLY H 407 29.97 23.85 36.16
CA GLY H 407 30.61 22.56 36.34
C GLY H 407 30.16 21.82 37.58
N LYS H 408 29.72 20.57 37.40
CA LYS H 408 29.38 19.70 38.52
C LYS H 408 30.23 18.44 38.51
N GLU H 409 30.06 17.61 39.52
CA GLU H 409 30.90 16.43 39.72
C GLU H 409 30.10 15.14 39.56
N PHE H 410 30.73 14.14 38.96
CA PHE H 410 30.09 12.81 38.81
C PHE H 410 31.04 11.65 39.17
N SER H 411 30.47 10.64 39.82
CA SER H 411 31.26 9.48 40.25
C SER H 411 31.63 8.62 39.06
N ASN H 412 32.51 7.66 39.29
CA ASN H 412 32.99 6.80 38.23
C ASN H 412 31.90 5.89 37.70
N LEU H 413 30.83 5.75 38.48
CA LEU H 413 29.71 4.90 38.06
C LEU H 413 28.53 5.76 37.64
N GLU H 414 28.83 7.01 37.32
CA GLU H 414 27.82 7.96 36.88
C GLU H 414 28.18 8.50 35.51
N LYS H 415 28.88 7.68 34.73
CA LYS H 415 29.35 8.06 33.40
C LYS H 415 28.23 8.57 32.52
N ARG H 416 27.13 7.82 32.47
CA ARG H 416 25.98 8.20 31.69
C ARG H 416 25.40 9.54 32.12
N LEU H 417 25.11 9.66 33.41
CA LEU H 417 24.64 10.91 33.95
C LEU H 417 25.57 12.05 33.59
N GLU H 418 26.87 11.86 33.79
CA GLU H 418 27.87 12.89 33.43
C GLU H 418 27.85 13.25 31.96
N ASN H 419 27.63 12.25 31.11
CA ASN H 419 27.55 12.48 29.69
C ASN H 419 26.27 13.19 29.29
N LEU H 420 25.16 12.77 29.89
CA LEU H 420 23.91 13.46 29.68
C LEU H 420 24.06 14.96 29.95
N ASN H 421 24.74 15.28 31.04
CA ASN H 421 25.01 16.65 31.41
C ASN H 421 25.95 17.35 30.45
N LYS H 422 26.94 16.65 29.90
CA LYS H 422 27.83 17.26 28.91
C LYS H 422 27.09 17.56 27.62
N LYS H 423 26.41 16.56 27.08
CA LYS H 423 25.67 16.75 25.86
C LYS H 423 24.63 17.86 26.02
N MET H 424 24.14 18.06 27.24
CA MET H 424 23.24 19.18 27.49
C MET H 424 23.94 20.53 27.40
N GLU H 425 25.14 20.66 27.95
CA GLU H 425 25.89 21.90 27.88
C GLU H 425 26.28 22.21 26.44
N ASP H 426 26.82 21.23 25.76
CA ASP H 426 27.17 21.39 24.36
C ASP H 426 25.94 21.80 23.57
N GLY H 427 24.82 21.13 23.81
CA GLY H 427 23.62 21.46 23.07
C GLY H 427 23.31 22.94 23.11
N PHE H 428 23.36 23.51 24.32
CA PHE H 428 23.08 24.93 24.49
C PHE H 428 24.19 25.81 23.95
N LEU H 429 25.40 25.28 23.91
CA LEU H 429 26.52 26.02 23.35
C LEU H 429 26.39 26.16 21.84
N ASP H 430 26.07 25.06 21.17
CA ASP H 430 25.85 25.09 19.74
C ASP H 430 24.72 26.04 19.40
N VAL H 431 23.71 26.09 20.26
CA VAL H 431 22.57 26.97 20.03
C VAL H 431 22.97 28.42 20.22
N TRP H 432 23.51 28.77 21.37
CA TRP H 432 23.93 30.14 21.56
C TRP H 432 25.02 30.63 20.60
N THR H 433 25.85 29.73 20.11
CA THR H 433 26.83 30.10 19.10
C THR H 433 26.14 30.40 17.79
N TYR H 434 25.49 29.42 17.16
CA TYR H 434 24.69 29.69 15.96
C TYR H 434 23.93 30.98 16.08
N ASN H 435 22.99 31.02 17.02
CA ASN H 435 22.20 32.22 17.25
C ASN H 435 22.97 33.55 17.18
N ALA H 436 24.01 33.69 17.99
CA ALA H 436 24.80 34.94 17.97
C ALA H 436 25.60 35.13 16.69
N GLU H 437 26.11 34.03 16.13
CA GLU H 437 26.90 34.10 14.93
C GLU H 437 26.05 34.63 13.77
N LEU H 438 24.80 34.22 13.67
CA LEU H 438 23.93 34.71 12.61
C LEU H 438 23.40 36.09 12.91
N LEU H 439 22.98 36.33 14.15
CA LEU H 439 22.42 37.63 14.50
C LEU H 439 23.39 38.74 14.14
N VAL H 440 24.67 38.41 14.11
CA VAL H 440 25.67 39.36 13.64
C VAL H 440 25.64 39.48 12.11
N LEU H 441 25.70 38.35 11.40
CA LEU H 441 25.62 38.37 9.94
C LEU H 441 24.40 39.14 9.48
N MET H 442 23.21 38.56 9.62
CA MET H 442 22.00 39.36 9.47
C MET H 442 22.26 40.52 10.40
N GLU H 443 21.60 41.66 10.19
CA GLU H 443 21.77 42.80 11.11
C GLU H 443 23.00 43.60 10.81
N ASN H 444 23.96 42.97 10.15
CA ASN H 444 25.05 43.72 9.53
C ASN H 444 24.66 43.99 8.08
N GLU H 445 24.16 42.95 7.43
CA GLU H 445 23.58 43.09 6.12
C GLU H 445 22.45 44.12 6.21
N MET H 446 21.93 44.34 7.41
CA MET H 446 20.78 45.22 7.59
C MET H 446 21.20 46.59 8.07
N THR H 447 22.29 46.66 8.80
CA THR H 447 22.77 47.93 9.28
C THR H 447 23.26 48.70 8.10
N LEU H 448 24.01 48.01 7.25
CA LEU H 448 24.59 48.62 6.06
C LEU H 448 23.47 49.14 5.14
N ASP H 449 22.57 48.27 4.70
CA ASP H 449 21.53 48.71 3.79
C ASP H 449 20.66 49.80 4.39
N PHE H 450 20.75 49.97 5.71
CA PHE H 450 20.04 51.02 6.40
C PHE H 450 20.67 52.36 6.06
N HIS H 451 21.99 52.43 6.18
CA HIS H 451 22.72 53.65 5.83
C HIS H 451 22.49 53.97 4.35
N ASP H 452 22.73 53.00 3.48
CA ASP H 452 22.46 53.17 2.06
C ASP H 452 21.07 53.72 1.84
N SER H 453 20.12 53.34 2.69
CA SER H 453 18.77 53.83 2.53
C SER H 453 18.59 55.21 3.11
N ASN H 454 19.45 55.58 4.05
CA ASN H 454 19.38 56.91 4.63
C ASN H 454 19.88 57.94 3.64
N VAL H 455 20.92 57.56 2.90
CA VAL H 455 21.49 58.42 1.87
C VAL H 455 20.53 58.61 0.71
N LYS H 456 20.24 57.56 -0.04
CA LYS H 456 19.27 57.65 -1.12
C LYS H 456 17.93 58.25 -0.69
N ASN H 457 17.71 58.34 0.63
CA ASN H 457 16.51 59.00 1.16
C ASN H 457 16.71 60.50 1.28
N LEU H 458 17.96 60.91 1.45
CA LEU H 458 18.35 62.32 1.49
C LEU H 458 18.45 62.86 0.07
N TYR H 459 19.01 62.06 -0.83
CA TYR H 459 19.03 62.40 -2.25
C TYR H 459 17.63 62.70 -2.79
N ASP H 460 16.60 62.23 -2.12
CA ASP H 460 15.25 62.46 -2.58
C ASP H 460 14.62 63.62 -1.82
N LYS H 461 15.04 63.82 -0.57
CA LYS H 461 14.55 64.95 0.21
C LYS H 461 14.95 66.25 -0.48
N VAL H 462 16.01 66.18 -1.28
CA VAL H 462 16.49 67.32 -2.08
C VAL H 462 15.86 67.35 -3.47
N ARG H 463 16.14 66.34 -4.29
CA ARG H 463 15.53 66.23 -5.60
C ARG H 463 14.06 66.62 -5.61
N MET H 464 13.31 66.22 -4.57
CA MET H 464 11.87 66.46 -4.55
C MET H 464 11.52 67.85 -4.09
N GLN H 465 12.51 68.59 -3.61
CA GLN H 465 12.31 70.01 -3.30
C GLN H 465 12.60 70.82 -4.55
N LEU H 466 13.72 70.51 -5.19
CA LEU H 466 14.22 71.26 -6.34
C LEU H 466 13.40 70.99 -7.59
N ARG H 467 13.17 69.73 -7.93
CA ARG H 467 12.40 69.38 -9.12
C ARG H 467 13.11 69.84 -10.40
N ASP H 468 12.48 70.72 -11.16
CA ASP H 468 13.08 71.18 -12.41
C ASP H 468 13.85 72.49 -12.23
N ASN H 469 13.80 73.04 -11.03
CA ASN H 469 14.59 74.24 -10.73
C ASN H 469 16.07 73.94 -10.87
N VAL H 470 16.41 72.67 -10.99
CA VAL H 470 17.80 72.26 -11.20
C VAL H 470 17.94 70.95 -12.00
N LYS H 471 19.13 70.70 -12.51
CA LYS H 471 19.32 69.46 -13.25
C LYS H 471 19.99 68.41 -12.38
N GLU H 472 19.64 67.16 -12.64
CA GLU H 472 20.12 66.05 -11.85
C GLU H 472 21.30 65.36 -12.54
N LEU H 473 22.50 65.72 -12.16
CA LEU H 473 23.71 65.23 -12.80
C LEU H 473 23.88 63.71 -12.81
N GLY H 474 23.23 63.02 -11.87
CA GLY H 474 23.27 61.57 -11.83
C GLY H 474 24.50 60.98 -11.15
N ASN H 475 25.29 61.85 -10.54
CA ASN H 475 26.46 61.44 -9.78
C ASN H 475 26.26 61.73 -8.31
N GLY H 476 25.06 62.17 -7.99
CA GLY H 476 24.71 62.57 -6.64
C GLY H 476 24.49 64.06 -6.58
N CYS H 477 25.04 64.77 -7.56
CA CYS H 477 25.03 66.22 -7.57
C CYS H 477 23.85 66.80 -8.34
N PHE H 478 23.38 67.97 -7.90
CA PHE H 478 22.38 68.75 -8.63
C PHE H 478 23.02 70.04 -9.09
N GLU H 479 22.72 70.44 -10.32
CA GLU H 479 23.22 71.71 -10.86
C GLU H 479 22.05 72.69 -10.94
N PHE H 480 22.18 73.80 -10.24
CA PHE H 480 21.12 74.78 -10.17
C PHE H 480 20.88 75.52 -11.49
N TYR H 481 19.61 75.54 -11.93
CA TYR H 481 19.18 76.37 -13.05
C TYR H 481 18.91 77.79 -12.58
N HIS H 482 19.65 78.23 -11.58
CA HIS H 482 19.57 79.62 -11.11
C HIS H 482 20.57 79.90 -9.99
N LYS H 483 20.36 80.99 -9.27
CA LYS H 483 21.32 81.45 -8.27
C LYS H 483 20.86 81.06 -6.88
N CYS H 484 21.80 80.57 -6.08
CA CYS H 484 21.48 80.10 -4.74
C CYS H 484 22.52 80.58 -3.72
N ASP H 485 22.22 81.72 -3.10
CA ASP H 485 23.12 82.29 -2.11
C ASP H 485 23.24 81.37 -0.90
N ASP H 486 24.13 81.71 0.03
CA ASP H 486 24.32 80.92 1.23
C ASP H 486 23.07 80.93 2.14
N GLU H 487 21.99 81.53 1.66
CA GLU H 487 20.74 81.54 2.42
C GLU H 487 19.71 80.66 1.74
N CYS H 488 19.92 80.43 0.45
CA CYS H 488 19.09 79.52 -0.32
C CYS H 488 19.59 78.08 -0.12
N MET H 489 20.90 77.90 -0.23
CA MET H 489 21.51 76.62 0.09
C MET H 489 20.99 76.19 1.45
N ASN H 490 21.32 76.97 2.47
CA ASN H 490 20.88 76.70 3.84
C ASN H 490 19.37 76.40 3.97
N SER H 491 18.59 76.79 2.97
CA SER H 491 17.15 76.58 3.01
C SER H 491 16.76 75.19 2.54
N VAL H 492 17.59 74.62 1.65
CA VAL H 492 17.35 73.27 1.12
C VAL H 492 17.61 72.23 2.20
N LYS H 493 18.76 72.36 2.84
CA LYS H 493 19.06 71.59 4.04
C LYS H 493 18.01 71.91 5.12
N ASN H 494 17.61 73.17 5.19
CA ASN H 494 16.61 73.63 6.15
C ASN H 494 15.33 72.81 6.04
N GLY H 495 15.19 72.10 4.93
CA GLY H 495 13.98 71.33 4.68
C GLY H 495 12.89 72.18 4.08
N THR H 496 13.12 73.49 4.02
CA THR H 496 12.15 74.42 3.48
C THR H 496 12.74 75.22 2.32
N TYR H 497 12.45 74.76 1.10
CA TYR H 497 12.92 75.43 -0.12
C TYR H 497 11.89 76.50 -0.49
N ASP H 498 11.74 76.75 -1.78
CA ASP H 498 10.76 77.72 -2.27
C ASP H 498 10.68 77.64 -3.78
N TYR H 499 10.06 76.58 -4.28
CA TYR H 499 9.97 76.35 -5.72
C TYR H 499 9.14 77.42 -6.43
N SER H 500 8.17 77.97 -5.70
CA SER H 500 7.27 78.96 -6.26
C SER H 500 7.92 80.35 -6.33
N LYS H 501 9.24 80.37 -6.33
CA LYS H 501 9.99 81.62 -6.43
C LYS H 501 11.07 81.51 -7.50
N TYR H 502 12.10 80.74 -7.22
CA TYR H 502 13.19 80.52 -8.18
C TYR H 502 12.67 79.80 -9.43
N GLU H 503 11.34 79.60 -9.48
CA GLU H 503 10.71 78.98 -10.64
C GLU H 503 10.92 79.81 -11.88
N GLU H 504 10.56 81.09 -11.78
CA GLU H 504 10.86 82.06 -12.81
C GLU H 504 12.36 82.02 -13.00
N GLU H 505 12.77 82.17 -14.24
CA GLU H 505 14.15 81.92 -14.63
C GLU H 505 14.29 80.44 -14.88
N SER H 506 13.96 80.05 -16.11
CA SER H 506 14.00 78.66 -16.49
C SER H 506 14.90 78.53 -17.70
N LYS H 507 15.90 77.65 -17.58
CA LYS H 507 16.91 77.45 -18.61
C LYS H 507 17.62 78.76 -18.93
N ILE I 18 -4.85 64.12 -8.62
CA ILE I 18 -4.87 62.83 -7.92
C ILE I 18 -3.74 62.67 -6.90
N CYS I 19 -4.08 62.26 -5.69
CA CYS I 19 -3.09 62.19 -4.62
C CYS I 19 -2.92 60.79 -4.03
N VAL I 20 -1.68 60.38 -3.86
CA VAL I 20 -1.39 59.09 -3.26
C VAL I 20 -1.05 59.23 -1.79
N GLY I 21 -1.64 58.35 -0.99
CA GLY I 21 -1.51 58.42 0.44
C GLY I 21 -1.99 57.16 1.14
N TYR I 22 -1.88 57.17 2.46
CA TYR I 22 -2.13 55.96 3.28
C TYR I 22 -2.99 56.25 4.51
N HIS I 23 -3.68 55.22 4.98
CA HIS I 23 -4.56 55.34 6.13
C HIS I 23 -3.81 55.85 7.36
N SER I 24 -4.49 56.67 8.14
CA SER I 24 -4.03 57.08 9.45
C SER I 24 -5.28 56.95 10.30
N ASN I 25 -5.13 56.84 11.62
CA ASN I 25 -6.30 56.79 12.48
C ASN I 25 -6.05 57.05 13.95
N ASN I 26 -7.10 56.94 14.75
CA ASN I 26 -7.02 57.25 16.16
C ASN I 26 -6.51 56.09 16.99
N SER I 27 -5.41 55.50 16.54
CA SER I 27 -4.79 54.38 17.26
C SER I 27 -3.64 54.85 18.14
N THR I 28 -3.53 54.27 19.33
CA THR I 28 -2.49 54.65 20.28
C THR I 28 -1.58 53.49 20.61
N GLU I 29 -1.76 52.38 19.89
CA GLU I 29 -1.02 51.17 20.17
C GLU I 29 0.43 51.21 19.71
N LYS I 30 1.32 50.72 20.57
CA LYS I 30 2.75 50.72 20.29
C LYS I 30 3.29 49.33 20.01
N VAL I 31 4.24 49.25 19.07
CA VAL I 31 4.99 48.04 18.78
C VAL I 31 6.46 48.42 18.88
N ASP I 32 7.32 47.42 19.06
CA ASP I 32 8.76 47.69 18.99
C ASP I 32 9.34 47.09 17.72
N THR I 33 10.34 47.77 17.16
CA THR I 33 11.05 47.26 16.01
C THR I 33 12.53 47.16 16.37
N ILE I 34 13.37 46.82 15.41
CA ILE I 34 14.77 46.65 15.74
C ILE I 34 15.48 48.00 15.83
N LEU I 35 15.01 48.96 15.05
CA LEU I 35 15.67 50.26 14.94
C LEU I 35 15.07 51.30 15.87
N GLU I 36 13.88 51.02 16.38
CA GLU I 36 13.12 52.05 17.09
C GLU I 36 12.09 51.45 18.02
N ARG I 37 11.92 52.05 19.19
CA ARG I 37 10.97 51.54 20.17
C ARG I 37 9.68 52.32 20.22
N ASN I 38 8.68 51.74 20.88
CA ASN I 38 7.40 52.39 21.11
C ASN I 38 6.85 53.12 19.90
N VAL I 39 6.91 52.45 18.76
CA VAL I 39 6.44 52.99 17.49
C VAL I 39 4.93 52.87 17.39
N THR I 40 4.23 53.98 17.24
CA THR I 40 2.77 53.95 17.15
C THR I 40 2.35 53.39 15.81
N VAL I 41 1.41 52.44 15.83
CA VAL I 41 0.93 51.86 14.58
C VAL I 41 -0.57 51.81 14.42
N THR I 42 -1.03 51.75 13.18
CA THR I 42 -2.46 51.83 12.90
C THR I 42 -3.17 50.69 13.53
N HIS I 43 -2.54 49.52 13.48
CA HIS I 43 -3.11 48.31 14.04
C HIS I 43 -2.05 47.28 14.37
N ALA I 44 -2.16 46.65 15.53
CA ALA I 44 -1.18 45.66 15.97
C ALA I 44 -1.87 44.38 16.43
N GLN I 45 -1.14 43.52 17.11
CA GLN I 45 -1.74 42.29 17.61
C GLN I 45 -0.94 41.64 18.71
N ASP I 46 -1.61 41.35 19.82
CA ASP I 46 -0.97 40.78 20.99
C ASP I 46 -0.96 39.27 20.86
N ILE I 47 0.23 38.67 20.85
CA ILE I 47 0.30 37.22 20.76
C ILE I 47 0.66 36.57 22.10
N LEU I 48 0.88 37.39 23.13
CA LEU I 48 1.25 36.87 24.45
C LEU I 48 0.12 36.97 25.45
N GLU I 49 -0.46 35.83 25.80
CA GLU I 49 -1.46 35.75 26.87
C GLU I 49 -0.84 36.06 28.22
N LYS I 50 -1.48 36.94 28.98
CA LYS I 50 -0.88 37.49 30.20
C LYS I 50 -1.76 37.28 31.41
N THR I 51 -2.94 36.73 31.20
CA THR I 51 -3.91 36.68 32.27
C THR I 51 -4.51 35.29 32.52
N HIS I 52 -4.74 34.99 33.79
CA HIS I 52 -5.23 33.67 34.18
C HIS I 52 -6.52 33.65 35.00
N ASN I 53 -7.25 32.56 34.81
CA ASN I 53 -8.48 32.21 35.50
C ASN I 53 -8.50 32.57 36.97
N GLY I 54 -7.45 32.18 37.70
CA GLY I 54 -7.36 32.46 39.12
C GLY I 54 -7.73 31.27 40.00
N LYS I 55 -8.35 30.27 39.39
CA LYS I 55 -8.79 29.12 40.13
C LYS I 55 -8.29 27.81 39.54
N LEU I 56 -8.24 26.78 40.37
CA LEU I 56 -7.83 25.44 39.95
C LEU I 56 -9.04 24.61 39.55
N CYS I 57 -8.97 23.97 38.39
CA CYS I 57 -10.18 23.39 37.78
C CYS I 57 -9.91 22.05 37.11
N LYS I 58 -10.95 21.47 36.52
CA LYS I 58 -10.79 20.22 35.81
C LYS I 58 -9.90 20.42 34.59
N LEU I 59 -9.29 19.34 34.12
CA LEU I 59 -8.42 19.39 32.96
C LEU I 59 -8.94 18.39 31.94
N ASN I 60 -9.72 18.88 30.98
CA ASN I 60 -10.41 18.02 30.02
C ASN I 60 -11.59 17.31 30.69
N GLY I 61 -12.27 18.02 31.58
CA GLY I 61 -13.41 17.46 32.31
C GLY I 61 -12.99 16.58 33.50
N ILE I 62 -11.92 15.81 33.31
CA ILE I 62 -11.37 14.98 34.37
C ILE I 62 -10.83 15.88 35.49
N PRO I 63 -11.30 15.67 36.73
CA PRO I 63 -10.83 16.45 37.86
C PRO I 63 -9.44 16.01 38.32
N PRO I 64 -8.85 16.76 39.25
CA PRO I 64 -7.57 16.36 39.83
C PRO I 64 -7.86 15.52 41.06
N LEU I 65 -6.80 15.10 41.75
CA LEU I 65 -6.93 14.47 43.04
C LEU I 65 -6.51 15.49 44.10
N GLU I 66 -7.47 16.03 44.84
CA GLU I 66 -7.17 16.96 45.93
C GLU I 66 -6.63 16.20 47.10
N LEU I 67 -5.44 16.57 47.57
CA LEU I 67 -4.83 15.91 48.73
C LEU I 67 -4.90 16.79 49.97
N GLY I 68 -5.32 18.03 49.80
CA GLY I 68 -5.35 18.95 50.94
C GLY I 68 -4.00 18.91 51.61
N ASP I 69 -3.98 18.84 52.94
CA ASP I 69 -2.71 18.84 53.67
C ASP I 69 -2.14 17.43 53.90
N CYS I 70 -2.53 16.51 53.02
CA CYS I 70 -1.96 15.17 53.02
C CYS I 70 -0.87 15.02 51.95
N SER I 71 -0.08 13.98 52.08
CA SER I 71 0.97 13.68 51.13
C SER I 71 0.66 12.35 50.44
N ILE I 72 1.28 12.11 49.28
CA ILE I 72 1.01 10.88 48.55
C ILE I 72 1.30 9.64 49.39
N ALA I 73 2.35 9.70 50.21
CA ALA I 73 2.65 8.59 51.10
C ALA I 73 1.53 8.45 52.13
N GLY I 74 1.14 9.56 52.75
CA GLY I 74 0.08 9.59 53.72
C GLY I 74 -1.18 8.97 53.16
N TRP I 75 -1.52 9.36 51.95
CA TRP I 75 -2.72 8.87 51.30
C TRP I 75 -2.71 7.36 51.08
N LEU I 76 -1.66 6.88 50.42
CA LEU I 76 -1.56 5.47 50.02
C LEU I 76 -1.34 4.50 51.17
N LEU I 77 -0.66 4.98 52.21
CA LEU I 77 -0.48 4.18 53.40
C LEU I 77 -1.75 4.20 54.27
N GLY I 78 -2.46 5.32 54.26
CA GLY I 78 -3.71 5.42 54.97
C GLY I 78 -3.55 6.05 56.34
N ASN I 79 -2.54 6.88 56.49
CA ASN I 79 -2.44 7.72 57.66
C ASN I 79 -3.86 8.13 58.09
N PRO I 80 -4.24 7.87 59.36
CA PRO I 80 -5.57 8.13 59.90
C PRO I 80 -6.03 9.56 59.71
N GLU I 81 -5.09 10.45 59.41
CA GLU I 81 -5.43 11.86 59.24
C GLU I 81 -5.87 12.11 57.81
N CYS I 82 -5.63 11.12 56.97
CA CYS I 82 -5.99 11.17 55.56
C CYS I 82 -7.27 10.38 55.27
N ASP I 83 -7.90 9.86 56.31
CA ASP I 83 -9.14 9.09 56.15
C ASP I 83 -10.12 9.85 55.26
N ARG I 84 -10.31 11.12 55.57
CA ARG I 84 -11.30 11.95 54.88
C ARG I 84 -10.85 12.34 53.49
N LEU I 85 -10.70 11.35 52.62
CA LEU I 85 -10.34 11.61 51.23
C LEU I 85 -11.35 11.00 50.25
N LEU I 86 -11.65 11.75 49.18
CA LEU I 86 -12.49 11.27 48.10
C LEU I 86 -11.63 10.98 46.87
N THR I 87 -11.61 9.73 46.43
CA THR I 87 -10.73 9.31 45.34
C THR I 87 -11.45 8.86 44.09
N VAL I 88 -11.85 9.82 43.28
CA VAL I 88 -12.34 9.51 41.95
C VAL I 88 -11.33 8.57 41.29
N PRO I 89 -11.73 7.32 41.00
CA PRO I 89 -10.87 6.28 40.44
C PRO I 89 -10.01 6.78 39.28
N GLU I 90 -10.40 7.92 38.70
CA GLU I 90 -9.68 8.53 37.60
C GLU I 90 -9.46 10.02 37.87
N TRP I 91 -8.21 10.46 37.80
CA TRP I 91 -7.88 11.88 37.87
C TRP I 91 -6.98 12.28 36.69
N SER I 92 -6.86 13.59 36.45
CA SER I 92 -6.01 14.11 35.39
C SER I 92 -4.68 14.59 35.97
N TYR I 93 -4.79 15.34 37.07
CA TYR I 93 -3.60 15.72 37.85
C TYR I 93 -3.77 15.62 39.39
N ILE I 94 -2.67 15.72 40.13
CA ILE I 94 -2.75 15.64 41.58
C ILE I 94 -2.30 16.94 42.23
N MET I 95 -3.07 17.43 43.20
CA MET I 95 -2.73 18.65 43.91
C MET I 95 -2.18 18.35 45.28
N GLU I 96 -0.90 18.59 45.50
CA GLU I 96 -0.26 18.27 46.75
C GLU I 96 0.33 19.53 47.32
N LYS I 97 0.12 19.80 48.59
CA LYS I 97 0.77 20.95 49.23
C LYS I 97 2.28 20.85 49.05
N GLU I 98 2.98 21.94 49.30
CA GLU I 98 4.42 21.93 49.18
C GLU I 98 5.01 21.04 50.27
N ASN I 99 4.61 21.30 51.52
CA ASN I 99 4.99 20.47 52.67
C ASN I 99 3.79 20.03 53.47
N PRO I 100 3.16 18.91 53.07
CA PRO I 100 1.98 18.38 53.75
C PRO I 100 2.27 18.14 55.22
N ARG I 101 1.29 18.27 56.10
CA ARG I 101 1.47 17.95 57.51
C ARG I 101 1.41 16.45 57.69
N ASN I 102 0.49 15.84 56.96
CA ASN I 102 0.12 14.45 57.15
C ASN I 102 0.81 13.45 56.21
N GLY I 103 2.05 13.09 56.54
CA GLY I 103 2.77 12.13 55.74
C GLY I 103 2.82 10.78 56.39
N LEU I 104 4.03 10.27 56.58
CA LEU I 104 4.23 9.09 57.39
C LEU I 104 4.05 9.51 58.86
N CYS I 105 2.90 9.19 59.44
CA CYS I 105 2.61 9.55 60.84
C CYS I 105 3.56 8.82 61.76
N TYR I 106 3.71 7.52 61.56
CA TYR I 106 4.82 6.83 62.18
C TYR I 106 6.08 7.15 61.36
N PRO I 107 7.13 7.63 62.04
CA PRO I 107 8.36 8.08 61.37
C PRO I 107 9.01 6.98 60.54
N GLY I 108 9.77 7.37 59.52
CA GLY I 108 10.48 6.42 58.70
C GLY I 108 10.84 7.00 57.35
N SER I 109 10.88 6.13 56.34
CA SER I 109 11.22 6.55 54.99
C SER I 109 10.39 5.78 53.97
N PHE I 110 10.37 6.29 52.74
CA PHE I 110 9.70 5.63 51.63
C PHE I 110 10.68 5.48 50.47
N ASN I 111 10.89 4.27 49.99
CA ASN I 111 11.92 4.01 49.00
C ASN I 111 11.45 4.26 47.58
N ASP I 112 12.29 4.96 46.80
CA ASP I 112 11.96 5.30 45.41
C ASP I 112 10.66 6.08 45.38
N TYR I 113 10.54 7.04 46.29
CA TYR I 113 9.27 7.74 46.51
C TYR I 113 8.92 8.58 45.29
N GLU I 114 9.91 9.28 44.75
CA GLU I 114 9.70 10.12 43.59
C GLU I 114 9.31 9.30 42.38
N GLU I 115 10.04 8.23 42.16
CA GLU I 115 9.76 7.37 41.04
C GLU I 115 8.34 6.86 41.14
N LEU I 116 7.85 6.73 42.36
CA LEU I 116 6.45 6.36 42.55
C LEU I 116 5.52 7.55 42.30
N LYS I 117 5.87 8.71 42.84
CA LYS I 117 5.08 9.90 42.59
C LYS I 117 4.88 10.04 41.09
N HIS I 118 5.98 9.96 40.35
CA HIS I 118 5.95 10.08 38.90
C HIS I 118 5.06 9.01 38.27
N LEU I 119 5.31 7.76 38.61
CA LEU I 119 4.50 6.68 38.10
C LEU I 119 3.00 7.00 38.27
N ILE I 120 2.57 7.34 39.47
CA ILE I 120 1.14 7.61 39.70
C ILE I 120 0.77 9.05 39.37
N SER I 121 1.47 9.63 38.40
CA SER I 121 1.10 10.93 37.88
C SER I 121 -0.35 10.94 37.42
N SER I 122 -0.66 10.04 36.50
CA SER I 122 -2.00 9.93 35.95
C SER I 122 -2.50 8.49 36.01
N VAL I 123 -3.80 8.34 36.24
CA VAL I 123 -4.40 7.02 36.29
C VAL I 123 -5.72 6.98 35.54
N THR I 124 -6.16 5.76 35.23
CA THR I 124 -7.34 5.54 34.42
C THR I 124 -7.60 4.05 34.24
N HIS I 125 -8.10 3.38 35.29
CA HIS I 125 -8.46 4.01 36.55
C HIS I 125 -7.55 3.52 37.69
N PHE I 126 -8.00 3.75 38.92
CA PHE I 126 -7.21 3.43 40.12
C PHE I 126 -8.11 2.98 41.28
N GLU I 127 -8.13 1.67 41.54
CA GLU I 127 -9.10 1.10 42.46
C GLU I 127 -8.46 0.18 43.50
N LYS I 128 -8.82 0.39 44.77
CA LYS I 128 -8.23 -0.36 45.87
C LYS I 128 -8.89 -1.72 46.08
N VAL I 129 -8.09 -2.77 46.27
CA VAL I 129 -8.61 -4.11 46.53
C VAL I 129 -7.92 -4.79 47.71
N LYS I 130 -8.70 -5.51 48.52
CA LYS I 130 -8.14 -6.24 49.65
C LYS I 130 -7.40 -7.46 49.14
N ILE I 131 -6.12 -7.56 49.44
CA ILE I 131 -5.31 -8.65 48.92
C ILE I 131 -4.83 -9.62 50.00
N LEU I 132 -4.65 -9.11 51.20
CA LEU I 132 -4.24 -9.93 52.32
C LEU I 132 -5.06 -9.59 53.58
N PRO I 133 -6.34 -9.99 53.60
CA PRO I 133 -7.29 -9.67 54.65
C PRO I 133 -6.67 -9.68 56.04
N LYS I 134 -6.95 -8.64 56.82
CA LYS I 134 -6.31 -8.38 58.12
C LYS I 134 -6.42 -9.54 59.12
N ASP I 135 -7.58 -10.19 59.12
CA ASP I 135 -7.88 -11.19 60.12
C ASP I 135 -7.42 -12.60 59.71
N ARG I 136 -6.68 -12.69 58.62
CA ARG I 136 -6.22 -14.00 58.17
C ARG I 136 -4.82 -14.29 58.70
N TRP I 137 -4.36 -13.45 59.62
CA TRP I 137 -3.06 -13.66 60.29
C TRP I 137 -3.26 -14.27 61.70
N THR I 138 -3.94 -15.41 61.77
CA THR I 138 -4.38 -16.00 63.04
C THR I 138 -3.24 -16.32 64.00
N GLN I 139 -2.07 -16.65 63.46
CA GLN I 139 -0.92 -17.01 64.30
C GLN I 139 -0.15 -15.79 64.82
N HIS I 140 -0.62 -14.59 64.47
CA HIS I 140 0.04 -13.35 64.90
C HIS I 140 -0.94 -12.28 65.38
N THR I 141 -0.41 -11.36 66.17
CA THR I 141 -1.17 -10.22 66.65
C THR I 141 -1.22 -9.13 65.56
N THR I 142 -2.44 -8.70 65.23
CA THR I 142 -2.62 -7.70 64.19
C THR I 142 -3.39 -6.49 64.71
N THR I 143 -2.91 -5.88 65.78
CA THR I 143 -3.64 -4.78 66.40
C THR I 143 -2.74 -3.63 66.85
N GLY I 144 -1.42 -3.85 66.78
CA GLY I 144 -0.48 -2.84 67.21
C GLY I 144 -0.65 -1.50 66.51
N GLY I 145 -0.76 -0.43 67.29
CA GLY I 145 -0.81 0.91 66.76
C GLY I 145 0.30 1.76 67.36
N SER I 146 0.09 3.07 67.45
CA SER I 146 1.06 3.95 68.09
C SER I 146 0.55 5.37 68.30
N GLN I 147 1.17 6.08 69.24
CA GLN I 147 0.83 7.48 69.48
C GLN I 147 1.10 8.28 68.23
N GLY I 148 2.10 7.85 67.47
CA GLY I 148 2.49 8.49 66.22
C GLY I 148 1.27 8.62 65.35
N CYS I 149 0.49 7.56 65.26
CA CYS I 149 -0.72 7.53 64.47
C CYS I 149 -2.00 7.58 65.31
N ALA I 150 -2.04 8.50 66.27
CA ALA I 150 -3.15 8.61 67.22
C ALA I 150 -4.44 9.03 66.54
N VAL I 151 -5.55 8.40 66.91
CA VAL I 151 -6.84 8.75 66.34
C VAL I 151 -7.65 9.64 67.27
N PHE I 152 -8.36 9.06 68.23
CA PHE I 152 -9.34 9.85 68.99
C PHE I 152 -9.20 9.98 70.52
N ASP I 153 -7.98 9.99 71.07
CA ASP I 153 -6.73 9.76 70.36
C ASP I 153 -6.02 8.55 70.96
N ASN I 154 -6.35 7.38 70.44
CA ASN I 154 -5.78 6.13 70.90
C ASN I 154 -4.75 5.62 69.89
N PRO I 155 -3.79 4.81 70.36
CA PRO I 155 -2.81 4.22 69.45
C PRO I 155 -3.49 3.62 68.22
N SER I 156 -3.11 4.11 67.03
CA SER I 156 -3.65 3.58 65.78
C SER I 156 -2.55 3.40 64.74
N PHE I 157 -2.92 3.12 63.50
CA PHE I 157 -1.95 2.76 62.47
C PHE I 157 -2.47 3.07 61.07
N PHE I 158 -1.60 2.97 60.06
CA PHE I 158 -2.01 3.21 58.68
C PHE I 158 -3.17 2.30 58.30
N ARG I 159 -4.32 2.88 57.99
CA ARG I 159 -5.51 2.10 57.68
C ARG I 159 -5.29 0.98 56.66
N ASN I 160 -4.36 1.16 55.72
CA ASN I 160 -4.12 0.18 54.64
C ASN I 160 -3.05 -0.86 54.94
N MET I 161 -2.39 -0.72 56.09
CA MET I 161 -1.33 -1.63 56.50
C MET I 161 -1.65 -2.37 57.80
N VAL I 162 -0.99 -3.51 57.98
CA VAL I 162 -1.28 -4.41 59.09
C VAL I 162 -0.01 -4.72 59.86
N TRP I 163 0.09 -4.23 61.09
CA TRP I 163 1.30 -4.38 61.90
C TRP I 163 1.41 -5.73 62.59
N LEU I 164 2.15 -6.68 62.02
CA LEU I 164 2.28 -8.01 62.65
C LEU I 164 3.22 -8.02 63.87
N THR I 165 2.69 -8.46 65.01
CA THR I 165 3.47 -8.64 66.23
C THR I 165 3.37 -10.09 66.73
N LYS I 166 4.28 -10.48 67.62
CA LYS I 166 4.27 -11.85 68.17
C LYS I 166 2.98 -12.13 68.95
N LYS I 167 2.47 -13.34 68.79
CA LYS I 167 1.26 -13.77 69.51
C LYS I 167 1.58 -14.53 70.81
N GLY I 168 1.12 -13.97 71.93
CA GLY I 168 1.51 -14.47 73.23
C GLY I 168 3.00 -14.22 73.39
N SER I 169 3.81 -15.22 73.06
CA SER I 169 5.25 -15.04 72.98
C SER I 169 5.83 -15.91 71.88
N ASN I 170 5.11 -15.97 70.76
CA ASN I 170 5.56 -16.70 69.59
C ASN I 170 5.30 -15.95 68.27
N TYR I 171 6.36 -15.59 67.56
CA TYR I 171 6.24 -15.05 66.21
C TYR I 171 6.57 -16.14 65.21
N PRO I 172 5.55 -16.92 64.82
CA PRO I 172 5.74 -18.01 63.86
C PRO I 172 6.10 -17.41 62.51
N VAL I 173 6.67 -18.20 61.61
CA VAL I 173 6.89 -17.73 60.25
C VAL I 173 5.59 -17.12 59.70
N ALA I 174 5.66 -15.84 59.34
CA ALA I 174 4.52 -15.17 58.72
C ALA I 174 4.58 -15.43 57.24
N LYS I 175 3.49 -15.93 56.68
CA LYS I 175 3.43 -16.18 55.24
C LYS I 175 2.14 -15.70 54.63
N GLY I 176 2.27 -14.89 53.58
CA GLY I 176 1.12 -14.40 52.85
C GLY I 176 1.45 -14.35 51.38
N SER I 177 0.42 -14.38 50.54
CA SER I 177 0.64 -14.30 49.10
C SER I 177 -0.65 -13.94 48.37
N TYR I 178 -0.47 -13.34 47.19
CA TYR I 178 -1.59 -12.88 46.40
C TYR I 178 -1.28 -13.05 44.92
N ASN I 179 -2.24 -13.61 44.18
CA ASN I 179 -2.12 -13.77 42.75
C ASN I 179 -2.93 -12.68 42.08
N ASN I 180 -2.29 -11.92 41.21
CA ASN I 180 -2.94 -10.78 40.57
C ASN I 180 -3.93 -11.19 39.49
N THR I 181 -5.11 -11.61 39.92
CA THR I 181 -6.15 -12.04 39.00
C THR I 181 -7.11 -10.88 38.75
N SER I 182 -6.63 -9.68 39.03
CA SER I 182 -7.46 -8.48 39.02
C SER I 182 -7.63 -7.88 37.64
N GLY I 183 -6.82 -8.33 36.69
CA GLY I 183 -6.96 -7.87 35.31
C GLY I 183 -6.10 -6.68 34.92
N GLU I 184 -5.62 -5.92 35.91
CA GLU I 184 -4.73 -4.81 35.62
C GLU I 184 -3.56 -4.78 36.59
N GLN I 185 -2.42 -4.24 36.15
CA GLN I 185 -1.23 -4.15 37.00
C GLN I 185 -1.58 -3.57 38.37
N MET I 186 -0.86 -3.98 39.41
CA MET I 186 -1.23 -3.52 40.74
C MET I 186 -0.05 -2.95 41.50
N LEU I 187 -0.27 -1.80 42.12
CA LEU I 187 0.73 -1.23 43.01
C LEU I 187 0.54 -1.82 44.42
N ILE I 188 1.63 -2.34 44.99
CA ILE I 188 1.59 -2.94 46.33
C ILE I 188 2.73 -2.41 47.20
N ILE I 189 2.40 -1.95 48.40
CA ILE I 189 3.40 -1.38 49.31
C ILE I 189 3.62 -2.24 50.57
N TRP I 190 4.86 -2.36 51.03
CA TRP I 190 5.10 -3.04 52.29
C TRP I 190 6.14 -2.36 53.14
N GLY I 191 6.12 -2.66 54.45
CA GLY I 191 7.01 -2.01 55.39
C GLY I 191 7.93 -2.94 56.15
N VAL I 192 8.98 -2.37 56.72
CA VAL I 192 9.91 -3.07 57.60
C VAL I 192 10.16 -2.15 58.76
N HIS I 193 9.85 -2.60 59.97
CA HIS I 193 10.02 -1.76 61.15
C HIS I 193 11.42 -1.88 61.74
N HIS I 194 12.02 -0.75 62.10
CA HIS I 194 13.36 -0.73 62.69
C HIS I 194 13.30 -0.19 64.10
N PRO I 195 13.38 -1.09 65.11
CA PRO I 195 13.19 -0.74 66.53
C PRO I 195 14.41 -0.07 67.16
N ASN I 196 14.22 0.53 68.33
CA ASN I 196 15.24 1.34 68.98
C ASN I 196 16.41 0.55 69.53
N ASP I 197 16.11 -0.62 70.09
CA ASP I 197 17.10 -1.43 70.77
C ASP I 197 16.83 -2.92 70.60
N GLU I 198 17.74 -3.74 71.09
CA GLU I 198 17.62 -5.19 70.96
C GLU I 198 16.36 -5.70 71.65
N THR I 199 16.00 -5.09 72.77
CA THR I 199 14.88 -5.57 73.57
C THR I 199 13.51 -5.25 72.97
N GLU I 200 13.35 -4.04 72.44
CA GLU I 200 12.12 -3.68 71.72
C GLU I 200 11.89 -4.71 70.61
N GLN I 201 13.01 -5.16 70.03
CA GLN I 201 12.98 -6.16 68.99
C GLN I 201 12.34 -7.44 69.47
N ARG I 202 12.81 -7.92 70.62
CA ARG I 202 12.33 -9.17 71.22
C ARG I 202 10.91 -8.99 71.74
N THR I 203 10.72 -7.91 72.48
CA THR I 203 9.41 -7.57 73.01
C THR I 203 8.32 -7.72 71.95
N LEU I 204 8.66 -7.36 70.72
CA LEU I 204 7.67 -7.23 69.63
C LEU I 204 7.59 -8.46 68.71
N TYR I 205 8.75 -8.95 68.28
CA TYR I 205 8.79 -10.01 67.28
C TYR I 205 9.55 -11.23 67.82
N GLN I 206 9.79 -11.23 69.13
CA GLN I 206 10.46 -12.32 69.82
C GLN I 206 11.92 -12.54 69.38
N ASN I 207 12.10 -13.21 68.25
CA ASN I 207 13.42 -13.57 67.78
C ASN I 207 14.17 -12.46 67.03
N VAL I 208 15.44 -12.27 67.40
CA VAL I 208 16.32 -11.35 66.70
C VAL I 208 16.80 -12.01 65.41
N GLY I 209 17.36 -11.22 64.49
CA GLY I 209 17.78 -11.75 63.21
C GLY I 209 16.57 -12.15 62.38
N ALA I 210 15.47 -11.46 62.62
CA ALA I 210 14.26 -11.64 61.83
C ALA I 210 14.51 -11.10 60.45
N TYR I 211 13.63 -11.46 59.51
CA TYR I 211 13.79 -11.02 58.15
C TYR I 211 12.43 -10.78 57.53
N VAL I 212 12.41 -9.97 56.47
CA VAL I 212 11.23 -9.80 55.63
C VAL I 212 11.67 -10.07 54.20
N SER I 213 11.00 -11.00 53.53
CA SER I 213 11.37 -11.35 52.16
C SER I 213 10.16 -11.30 51.23
N VAL I 214 10.25 -10.43 50.24
CA VAL I 214 9.19 -10.32 49.25
C VAL I 214 9.68 -10.95 47.95
N GLY I 215 8.75 -11.48 47.16
CA GLY I 215 9.13 -12.11 45.91
C GLY I 215 8.07 -12.06 44.83
N THR I 216 8.51 -11.72 43.62
CA THR I 216 7.68 -11.85 42.43
C THR I 216 8.53 -12.39 41.29
N SER I 217 8.04 -12.27 40.06
CA SER I 217 8.78 -12.79 38.93
C SER I 217 9.98 -11.92 38.65
N THR I 218 9.89 -10.68 39.13
CA THR I 218 10.90 -9.66 38.82
C THR I 218 11.56 -9.12 40.10
N LEU I 219 10.83 -9.17 41.21
CA LEU I 219 11.32 -8.67 42.49
C LEU I 219 11.95 -9.77 43.35
N ASN I 220 13.06 -9.44 43.99
CA ASN I 220 13.65 -10.33 44.97
C ASN I 220 14.40 -9.53 46.03
N LYS I 221 13.94 -9.60 47.27
CA LYS I 221 14.51 -8.78 48.31
C LYS I 221 14.30 -9.39 49.68
N ARG I 222 15.37 -9.41 50.47
CA ARG I 222 15.30 -9.87 51.85
C ARG I 222 15.83 -8.79 52.76
N SER I 223 15.03 -8.36 53.73
CA SER I 223 15.42 -7.26 54.61
C SER I 223 15.63 -7.74 56.04
N LEU I 224 16.65 -7.19 56.68
CA LEU I 224 16.90 -7.41 58.10
C LEU I 224 16.75 -6.07 58.80
N PRO I 225 16.07 -6.05 59.95
CA PRO I 225 15.89 -4.80 60.67
C PRO I 225 17.22 -4.17 61.02
N GLU I 226 17.40 -2.91 60.63
CA GLU I 226 18.58 -2.14 60.97
C GLU I 226 18.25 -1.26 62.17
N ILE I 227 18.93 -1.50 63.29
CA ILE I 227 18.61 -0.83 64.53
C ILE I 227 19.65 0.22 64.91
N ALA I 228 19.18 1.33 65.49
CA ALA I 228 20.08 2.39 65.91
C ALA I 228 19.37 3.33 66.84
N THR I 229 20.14 3.99 67.71
CA THR I 229 19.58 4.94 68.66
C THR I 229 19.28 6.26 67.95
N ARG I 230 18.00 6.56 67.82
CA ARG I 230 17.56 7.74 67.10
C ARG I 230 16.80 8.66 68.03
N PRO I 231 16.74 9.95 67.69
CA PRO I 231 15.91 10.92 68.42
C PRO I 231 14.42 10.62 68.25
N GLU I 232 13.58 11.40 68.90
CA GLU I 232 12.15 11.14 68.80
C GLU I 232 11.47 12.00 67.75
N VAL I 233 10.78 11.34 66.85
CA VAL I 233 9.97 12.00 65.83
C VAL I 233 8.54 11.56 66.03
N ASN I 234 7.64 12.48 66.36
CA ASN I 234 6.31 12.10 66.83
C ASN I 234 6.44 11.16 68.02
N GLY I 235 7.38 11.49 68.91
CA GLY I 235 7.62 10.72 70.11
C GLY I 235 8.00 9.29 69.84
N GLN I 236 8.43 9.01 68.62
CA GLN I 236 8.85 7.66 68.27
C GLN I 236 10.33 7.59 67.94
N GLY I 237 10.96 6.51 68.37
CA GLY I 237 12.37 6.30 68.08
C GLY I 237 12.49 5.25 67.00
N GLY I 238 11.44 4.46 66.85
CA GLY I 238 11.39 3.46 65.80
C GLY I 238 11.29 4.13 64.43
N ARG I 239 11.38 3.31 63.39
CA ARG I 239 11.30 3.78 62.01
C ARG I 239 10.64 2.72 61.14
N MET I 240 9.75 3.12 60.26
CA MET I 240 9.20 2.18 59.29
C MET I 240 9.65 2.54 57.88
N GLU I 241 10.43 1.66 57.28
CA GLU I 241 10.92 1.88 55.93
C GLU I 241 10.03 1.17 54.93
N PHE I 242 9.27 1.95 54.19
CA PHE I 242 8.33 1.39 53.22
C PHE I 242 8.93 1.25 51.84
N SER I 243 8.49 0.24 51.11
CA SER I 243 8.96 -0.05 49.77
C SER I 243 7.73 -0.44 48.95
N TRP I 244 7.87 -0.47 47.63
CA TRP I 244 6.73 -0.75 46.76
C TRP I 244 7.16 -1.47 45.49
N THR I 245 6.19 -2.04 44.80
CA THR I 245 6.43 -2.71 43.54
C THR I 245 5.16 -2.72 42.72
N ILE I 246 5.28 -2.98 41.44
CA ILE I 246 4.10 -3.18 40.63
C ILE I 246 3.95 -4.68 40.42
N LEU I 247 2.79 -5.22 40.74
CA LEU I 247 2.53 -6.63 40.54
C LEU I 247 1.90 -6.80 39.17
N ASP I 248 2.67 -7.37 38.25
CA ASP I 248 2.19 -7.56 36.89
C ASP I 248 0.98 -8.49 36.87
N ILE I 249 0.23 -8.47 35.77
CA ILE I 249 -0.98 -9.28 35.67
C ILE I 249 -0.67 -10.77 35.67
N TRP I 250 -1.43 -11.52 36.45
CA TRP I 250 -1.27 -12.96 36.56
C TRP I 250 0.04 -13.34 37.23
N ASP I 251 0.74 -12.34 37.77
CA ASP I 251 1.90 -12.65 38.58
C ASP I 251 1.51 -12.69 40.07
N THR I 252 2.28 -13.41 40.88
CA THR I 252 1.96 -13.51 42.31
C THR I 252 3.08 -12.92 43.16
N ILE I 253 2.70 -12.33 44.29
CA ILE I 253 3.69 -11.80 45.21
C ILE I 253 3.62 -12.58 46.51
N ASN I 254 4.79 -13.01 47.00
CA ASN I 254 4.88 -13.83 48.20
C ASN I 254 5.63 -13.12 49.31
N PHE I 255 4.95 -12.84 50.42
CA PHE I 255 5.60 -12.30 51.60
C PHE I 255 6.02 -13.44 52.53
N GLU I 256 7.15 -13.27 53.21
CA GLU I 256 7.55 -14.20 54.26
C GLU I 256 8.41 -13.50 55.31
N SER I 257 7.99 -13.58 56.56
CA SER I 257 8.67 -12.85 57.63
C SER I 257 8.71 -13.61 58.95
N THR I 258 9.90 -13.67 59.54
CA THR I 258 10.08 -14.15 60.91
C THR I 258 10.08 -12.93 61.85
N GLY I 259 9.22 -11.96 61.58
CA GLY I 259 9.19 -10.72 62.34
C GLY I 259 9.65 -9.44 61.64
N ASN I 260 9.07 -8.32 62.06
CA ASN I 260 9.45 -6.99 61.60
C ASN I 260 8.74 -6.49 60.36
N LEU I 261 7.90 -7.34 59.77
CA LEU I 261 7.17 -6.95 58.57
C LEU I 261 5.92 -6.12 58.88
N ILE I 262 5.68 -5.10 58.06
CA ILE I 262 4.43 -4.34 58.08
C ILE I 262 3.67 -4.62 56.77
N ALA I 263 3.04 -5.79 56.71
CA ALA I 263 2.41 -6.24 55.47
C ALA I 263 1.29 -5.29 55.04
N PRO I 264 0.94 -5.34 53.77
CA PRO I 264 -0.21 -4.61 53.24
C PRO I 264 -1.49 -5.38 53.51
N GLU I 265 -2.61 -4.69 53.58
CA GLU I 265 -3.89 -5.37 53.57
C GLU I 265 -4.53 -5.14 52.21
N TYR I 266 -4.24 -3.98 51.65
CA TYR I 266 -4.80 -3.62 50.35
C TYR I 266 -3.76 -3.47 49.28
N GLY I 267 -4.17 -3.76 48.06
CA GLY I 267 -3.40 -3.45 46.87
C GLY I 267 -4.12 -2.37 46.10
N PHE I 268 -3.47 -1.84 45.06
CA PHE I 268 -4.04 -0.77 44.25
C PHE I 268 -4.04 -1.12 42.76
N LYS I 269 -5.23 -1.43 42.23
CA LYS I 269 -5.38 -1.64 40.80
C LYS I 269 -5.03 -0.35 40.13
N ILE I 270 -4.27 -0.43 39.05
CA ILE I 270 -3.76 0.76 38.39
C ILE I 270 -4.45 0.95 37.03
N SER I 271 -3.67 1.23 35.99
CA SER I 271 -4.16 1.39 34.62
C SER I 271 -3.78 2.77 34.09
N LYS I 272 -2.56 2.89 33.59
CA LYS I 272 -2.09 4.16 33.04
C LYS I 272 -2.59 4.27 31.61
N ARG I 273 -2.22 5.37 30.96
CA ARG I 273 -2.44 5.54 29.52
C ARG I 273 -1.71 6.79 29.09
N GLY I 274 -1.04 7.43 30.05
CA GLY I 274 -0.27 8.62 29.79
C GLY I 274 0.70 8.94 30.92
N SER I 275 1.14 10.19 30.99
CA SER I 275 2.10 10.62 31.99
C SER I 275 1.88 12.09 32.35
N SER I 276 0.99 12.32 33.32
CA SER I 276 0.69 13.68 33.77
C SER I 276 1.72 14.15 34.79
N GLY I 277 1.27 14.87 35.80
CA GLY I 277 2.17 15.38 36.82
C GLY I 277 1.49 15.78 38.11
N ILE I 278 2.30 16.14 39.10
CA ILE I 278 1.79 16.56 40.38
C ILE I 278 1.96 18.06 40.51
N MET I 279 0.85 18.76 40.67
CA MET I 279 0.88 20.20 40.79
C MET I 279 1.00 20.60 42.25
N LYS I 280 2.00 21.40 42.58
CA LYS I 280 2.21 21.79 43.97
C LYS I 280 1.57 23.14 44.27
N THR I 281 0.41 23.12 44.90
CA THR I 281 -0.31 24.35 45.23
C THR I 281 -0.90 24.27 46.64
N GLU I 282 -1.51 25.36 47.09
CA GLU I 282 -2.17 25.38 48.39
C GLU I 282 -3.65 25.65 48.24
N GLY I 283 -4.17 25.53 47.02
CA GLY I 283 -5.54 25.89 46.74
C GLY I 283 -6.53 24.75 46.82
N THR I 284 -7.69 24.92 46.18
CA THR I 284 -8.74 23.90 46.21
C THR I 284 -9.72 24.06 45.08
N LEU I 285 -9.73 23.10 44.15
CA LEU I 285 -10.52 23.23 42.94
C LEU I 285 -11.95 23.64 43.22
N GLU I 286 -12.57 24.37 42.29
CA GLU I 286 -13.95 24.81 42.42
C GLU I 286 -14.78 24.60 41.15
N ASN I 287 -14.37 23.62 40.34
CA ASN I 287 -15.16 23.15 39.21
C ASN I 287 -15.34 24.16 38.08
N CYS I 288 -14.38 24.16 37.14
CA CYS I 288 -14.49 24.95 35.93
C CYS I 288 -14.03 24.11 34.71
N GLU I 289 -12.98 24.55 34.03
CA GLU I 289 -12.41 23.77 32.94
C GLU I 289 -11.16 24.45 32.36
N THR I 290 -10.52 23.77 31.41
CA THR I 290 -9.39 24.31 30.68
C THR I 290 -8.56 23.22 30.02
N LYS I 291 -8.00 23.51 28.86
CA LYS I 291 -7.06 22.60 28.21
C LYS I 291 -5.71 22.79 28.87
N CYS I 292 -5.68 23.69 29.85
CA CYS I 292 -4.44 24.12 30.48
C CYS I 292 -4.63 24.71 31.89
N GLN I 293 -4.04 24.05 32.89
CA GLN I 293 -4.08 24.56 34.25
C GLN I 293 -2.71 24.98 34.75
N THR I 294 -2.70 25.96 35.65
CA THR I 294 -1.48 26.56 36.15
C THR I 294 -1.54 26.64 37.68
N PRO I 295 -0.41 26.42 38.36
CA PRO I 295 -0.39 26.56 39.81
C PRO I 295 -0.99 27.88 40.27
N LEU I 296 -1.17 28.84 39.38
CA LEU I 296 -1.70 30.13 39.76
C LEU I 296 -3.12 30.35 39.30
N GLY I 297 -3.55 29.56 38.31
CA GLY I 297 -4.87 29.71 37.72
C GLY I 297 -4.96 29.08 36.34
N ALA I 298 -6.18 28.95 35.80
CA ALA I 298 -6.33 28.29 34.50
C ALA I 298 -6.14 29.28 33.36
N ILE I 299 -5.67 28.81 32.20
CA ILE I 299 -5.47 29.70 31.08
C ILE I 299 -6.51 29.41 30.01
N ASN I 300 -7.17 30.44 29.50
CA ASN I 300 -8.08 30.28 28.37
C ASN I 300 -7.61 31.12 27.19
N THR I 301 -6.89 30.51 26.24
CA THR I 301 -6.30 31.30 25.16
C THR I 301 -5.97 30.50 23.90
N THR I 302 -5.42 31.20 22.91
CA THR I 302 -5.05 30.61 21.63
C THR I 302 -3.68 31.10 21.17
N LEU I 303 -3.11 32.01 21.94
CA LEU I 303 -1.89 32.70 21.53
C LEU I 303 -0.63 31.85 21.74
N PRO I 304 0.35 31.99 20.83
CA PRO I 304 1.53 31.12 20.85
C PRO I 304 2.33 31.16 22.15
N PHE I 305 1.99 32.09 23.03
CA PHE I 305 2.80 32.30 24.22
C PHE I 305 1.97 32.79 25.40
N HIS I 306 2.37 32.39 26.60
CA HIS I 306 1.92 33.00 27.83
C HIS I 306 3.13 33.25 28.73
N ASN I 307 2.93 34.00 29.80
CA ASN I 307 4.03 34.28 30.70
C ASN I 307 3.62 34.12 32.15
N ILE I 308 2.59 33.31 32.36
CA ILE I 308 1.97 33.12 33.67
C ILE I 308 2.80 32.30 34.63
N HIS I 309 3.06 31.05 34.24
CA HIS I 309 3.82 30.12 35.08
C HIS I 309 4.42 28.98 34.27
N PRO I 310 5.69 28.61 34.55
CA PRO I 310 6.41 27.55 33.83
C PRO I 310 5.74 26.23 33.99
N LEU I 311 5.51 25.84 35.24
CA LEU I 311 5.05 24.50 35.55
C LEU I 311 3.57 24.33 35.25
N THR I 312 3.24 24.35 33.96
CA THR I 312 1.85 24.19 33.56
C THR I 312 1.53 22.72 33.39
N ILE I 313 0.24 22.40 33.33
CA ILE I 313 -0.24 21.05 33.08
C ILE I 313 -1.34 21.03 32.04
N GLY I 314 -1.02 20.51 30.85
CA GLY I 314 -1.99 20.42 29.78
C GLY I 314 -1.32 20.67 28.45
N GLU I 315 -2.05 21.33 27.54
CA GLU I 315 -1.48 21.76 26.28
C GLU I 315 -1.30 23.27 26.33
N CYS I 316 -0.04 23.69 26.48
CA CYS I 316 0.22 25.07 26.84
C CYS I 316 1.03 25.88 25.84
N PRO I 317 0.59 27.11 25.61
CA PRO I 317 1.31 28.13 24.85
C PRO I 317 2.79 28.25 25.28
N LYS I 318 3.73 27.84 24.46
CA LYS I 318 5.15 27.92 24.86
C LYS I 318 5.44 29.07 25.83
N TYR I 319 5.31 28.80 27.13
CA TYR I 319 5.55 29.80 28.16
C TYR I 319 6.87 30.53 27.93
N VAL I 320 6.80 31.85 27.80
CA VAL I 320 8.02 32.61 27.59
C VAL I 320 8.21 33.62 28.69
N LYS I 321 9.42 34.11 28.87
CA LYS I 321 9.76 34.94 30.03
C LYS I 321 9.61 36.44 29.77
N SER I 322 8.67 36.82 28.90
CA SER I 322 8.63 38.20 28.41
C SER I 322 7.38 38.98 28.81
N GLU I 323 7.53 40.29 29.00
CA GLU I 323 6.45 41.09 29.53
C GLU I 323 5.35 41.33 28.50
N ARG I 324 5.71 41.32 27.23
CA ARG I 324 4.77 41.56 26.13
C ARG I 324 5.37 41.15 24.78
N LEU I 325 4.48 40.76 23.86
CA LEU I 325 4.81 40.43 22.49
C LEU I 325 3.69 40.94 21.58
N VAL I 326 3.91 42.08 20.93
CA VAL I 326 2.90 42.61 20.03
C VAL I 326 3.46 42.70 18.63
N LEU I 327 2.74 42.10 17.68
CA LEU I 327 3.09 42.17 16.27
C LEU I 327 2.48 43.38 15.53
N ALA I 328 3.29 44.11 14.78
CA ALA I 328 2.73 45.14 13.93
C ALA I 328 1.99 44.43 12.80
N THR I 329 0.75 44.83 12.57
CA THR I 329 -0.04 44.37 11.43
C THR I 329 -0.26 45.52 10.45
N GLY I 330 -0.46 46.70 10.98
CA GLY I 330 -0.76 47.87 10.17
C GLY I 330 0.51 48.67 9.96
N LEU I 331 0.37 49.90 9.51
CA LEU I 331 1.52 50.72 9.17
C LEU I 331 1.73 51.79 10.23
N ARG I 332 2.88 52.43 10.21
CA ARG I 332 3.15 53.49 11.17
C ARG I 332 2.07 54.57 11.06
N ASN I 333 1.56 54.99 12.20
CA ASN I 333 0.44 55.92 12.25
C ASN I 333 0.94 57.36 12.38
N VAL I 334 1.05 58.04 11.25
CA VAL I 334 1.47 59.44 11.24
C VAL I 334 0.27 60.40 11.07
N PRO I 335 0.10 61.34 12.00
CA PRO I 335 -1.12 62.15 11.96
C PRO I 335 -1.11 63.26 10.89
N GLN I 336 -0.65 64.44 11.31
CA GLN I 336 -0.54 65.64 10.48
C GLN I 336 -0.68 66.89 11.36
N GLY I 341 10.52 56.01 6.08
CA GLY I 341 11.03 54.74 6.57
C GLY I 341 12.29 54.27 5.86
N LEU I 342 12.28 53.03 5.39
CA LEU I 342 13.36 52.54 4.51
C LEU I 342 13.15 52.97 3.07
N PHE I 343 11.90 53.22 2.69
CA PHE I 343 11.55 53.49 1.31
C PHE I 343 11.15 54.93 1.04
N GLY I 344 11.11 55.75 2.09
CA GLY I 344 10.92 57.18 1.93
C GLY I 344 9.48 57.65 1.95
N ALA I 345 8.55 56.80 1.52
CA ALA I 345 7.15 57.18 1.43
C ALA I 345 6.54 57.58 2.80
N ILE I 346 6.27 56.57 3.62
CA ILE I 346 5.56 56.77 4.87
C ILE I 346 6.36 57.61 5.87
N ALA I 347 5.66 58.55 6.51
CA ALA I 347 6.30 59.51 7.42
C ALA I 347 7.56 60.04 6.78
N GLY I 348 7.52 60.20 5.46
CA GLY I 348 8.64 60.71 4.71
C GLY I 348 8.13 61.76 3.75
N PHE I 349 8.44 61.59 2.47
CA PHE I 349 8.07 62.60 1.48
C PHE I 349 6.55 62.72 1.44
N ILE I 350 5.84 61.62 1.71
CA ILE I 350 4.40 61.72 1.89
C ILE I 350 4.13 62.05 3.34
N GLU I 351 4.29 63.32 3.70
CA GLU I 351 4.36 63.78 5.08
C GLU I 351 3.48 63.09 6.14
N GLY I 352 2.26 62.71 5.78
CA GLY I 352 1.33 62.13 6.73
C GLY I 352 0.22 61.26 6.14
N GLY I 353 -0.66 60.77 7.01
CA GLY I 353 -1.68 59.82 6.60
C GLY I 353 -3.06 60.41 6.48
N TRP I 354 -4.00 59.65 5.91
CA TRP I 354 -5.35 60.15 5.73
C TRP I 354 -6.38 59.49 6.64
N GLN I 355 -6.70 60.13 7.76
CA GLN I 355 -7.84 59.77 8.58
C GLN I 355 -9.03 59.52 7.65
N GLY I 356 -9.08 60.28 6.57
CA GLY I 356 -10.19 60.23 5.64
C GLY I 356 -10.39 58.90 4.96
N MET I 357 -9.29 58.25 4.58
CA MET I 357 -9.40 56.97 3.88
C MET I 357 -9.58 55.83 4.87
N VAL I 358 -10.65 55.06 4.70
CA VAL I 358 -10.97 54.02 5.67
C VAL I 358 -11.57 52.77 5.06
N ASP I 359 -11.09 52.40 3.87
CA ASP I 359 -11.56 51.19 3.24
C ASP I 359 -10.37 50.35 2.80
N GLY I 360 -9.20 50.71 3.32
CA GLY I 360 -7.95 50.05 2.96
C GLY I 360 -6.72 50.72 3.55
N TRP I 361 -5.55 50.18 3.20
CA TRP I 361 -4.29 50.68 3.75
C TRP I 361 -3.64 51.71 2.85
N TYR I 362 -3.78 51.52 1.54
CA TYR I 362 -3.14 52.43 0.57
C TYR I 362 -4.17 52.88 -0.47
N GLY I 363 -4.08 54.13 -0.91
CA GLY I 363 -5.05 54.61 -1.87
C GLY I 363 -4.77 55.95 -2.50
N TYR I 364 -5.77 56.46 -3.22
CA TYR I 364 -5.66 57.72 -3.94
C TYR I 364 -6.57 58.79 -3.36
N HIS I 365 -6.46 60.00 -3.88
CA HIS I 365 -7.34 61.11 -3.51
C HIS I 365 -7.29 62.21 -4.57
N HIS I 366 -8.34 62.29 -5.38
CA HIS I 366 -8.34 63.15 -6.57
C HIS I 366 -9.18 64.40 -6.38
N SER I 367 -8.68 65.53 -6.88
CA SER I 367 -9.47 66.76 -6.97
C SER I 367 -9.92 66.95 -8.40
N ASN I 368 -11.15 66.56 -8.72
CA ASN I 368 -11.63 66.56 -10.09
C ASN I 368 -12.68 67.62 -10.34
N ASP I 369 -13.22 67.62 -11.56
CA ASP I 369 -14.35 68.47 -11.91
C ASP I 369 -15.53 68.10 -11.05
N GLN I 370 -15.42 66.95 -10.39
CA GLN I 370 -16.50 66.43 -9.55
C GLN I 370 -15.95 66.04 -8.18
N GLY I 371 -16.00 66.99 -7.25
CA GLY I 371 -15.60 66.79 -5.86
C GLY I 371 -14.49 65.80 -5.60
N SER I 372 -14.81 64.80 -4.77
CA SER I 372 -13.85 63.78 -4.35
C SER I 372 -12.86 64.31 -3.32
N GLY I 373 -12.41 63.44 -2.43
CA GLY I 373 -12.83 62.05 -2.43
C GLY I 373 -11.68 61.08 -2.26
N TYR I 374 -11.83 60.16 -1.32
CA TYR I 374 -10.82 59.14 -1.05
C TYR I 374 -11.24 57.78 -1.56
N ALA I 375 -10.29 57.00 -2.03
CA ALA I 375 -10.58 55.66 -2.51
C ALA I 375 -9.35 54.78 -2.30
N ALA I 376 -9.48 53.75 -1.46
CA ALA I 376 -8.36 52.84 -1.24
C ALA I 376 -8.16 51.94 -2.45
N ASP I 377 -6.90 51.63 -2.74
CA ASP I 377 -6.56 50.71 -3.81
C ASP I 377 -6.66 49.30 -3.25
N LYS I 378 -7.84 48.71 -3.31
CA LYS I 378 -8.06 47.44 -2.64
C LYS I 378 -7.10 46.34 -3.13
N GLU I 379 -6.73 46.38 -4.40
CA GLU I 379 -5.84 45.36 -4.94
C GLU I 379 -4.51 45.26 -4.18
N SER I 380 -3.79 46.38 -4.05
CA SER I 380 -2.53 46.38 -3.30
C SER I 380 -2.74 46.28 -1.78
N THR I 381 -3.91 46.68 -1.30
CA THR I 381 -4.22 46.55 0.11
C THR I 381 -4.44 45.07 0.43
N GLN I 382 -4.86 44.31 -0.58
CA GLN I 382 -5.10 42.89 -0.40
C GLN I 382 -3.79 42.15 -0.36
N LYS I 383 -2.94 42.37 -1.36
CA LYS I 383 -1.63 41.73 -1.38
C LYS I 383 -0.88 41.95 -0.07
N ALA I 384 -1.20 43.04 0.64
CA ALA I 384 -0.57 43.33 1.92
C ALA I 384 -1.28 42.56 3.04
N PHE I 385 -2.61 42.65 3.08
CA PHE I 385 -3.39 41.87 4.03
C PHE I 385 -3.10 40.37 3.83
N ASP I 386 -2.92 39.96 2.58
CA ASP I 386 -2.61 38.57 2.27
C ASP I 386 -1.26 38.15 2.83
N GLY I 387 -0.24 38.96 2.54
CA GLY I 387 1.12 38.68 2.98
C GLY I 387 1.31 38.72 4.48
N ILE I 388 0.98 39.87 5.08
CA ILE I 388 1.08 40.05 6.52
C ILE I 388 0.35 38.94 7.29
N THR I 389 -0.70 38.39 6.70
CA THR I 389 -1.38 37.27 7.32
C THR I 389 -0.45 36.07 7.41
N ASN I 390 0.12 35.66 6.30
CA ASN I 390 1.06 34.56 6.33
C ASN I 390 2.27 34.77 7.23
N LYS I 391 2.71 36.02 7.41
CA LYS I 391 3.77 36.30 8.38
C LYS I 391 3.29 35.96 9.78
N VAL I 392 2.09 36.43 10.14
CA VAL I 392 1.57 36.15 11.47
C VAL I 392 1.40 34.65 11.65
N ASN I 393 0.89 33.97 10.63
CA ASN I 393 0.63 32.55 10.72
C ASN I 393 1.90 31.71 10.80
N SER I 394 2.86 31.96 9.92
CA SER I 394 4.15 31.26 9.99
C SER I 394 4.74 31.35 11.38
N VAL I 395 4.83 32.57 11.90
CA VAL I 395 5.31 32.78 13.27
C VAL I 395 4.64 31.87 14.29
N ILE I 396 3.35 31.62 14.10
CA ILE I 396 2.57 30.75 14.98
C ILE I 396 2.61 29.29 14.49
N GLU I 397 1.87 29.00 13.42
CA GLU I 397 1.68 27.64 12.92
C GLU I 397 2.92 26.76 12.82
N LYS I 398 4.11 27.36 12.78
CA LYS I 398 5.34 26.57 12.64
C LYS I 398 5.97 26.17 13.97
N MET I 399 5.47 26.75 15.06
CA MET I 399 5.85 26.33 16.39
C MET I 399 5.51 24.85 16.58
N ASN I 400 6.47 24.07 17.06
CA ASN I 400 6.23 22.65 17.33
C ASN I 400 5.63 22.45 18.72
N THR I 401 4.63 21.58 18.81
CA THR I 401 3.93 21.36 20.07
C THR I 401 3.56 19.89 20.29
N GLN I 402 4.10 19.30 21.35
CA GLN I 402 3.78 17.93 21.73
C GLN I 402 3.17 17.91 23.13
N PHE I 403 2.79 16.72 23.60
CA PHE I 403 2.34 16.56 24.97
C PHE I 403 3.54 16.40 25.88
N GLU I 404 3.52 17.10 27.02
CA GLU I 404 4.63 17.06 27.95
C GLU I 404 4.22 17.51 29.34
N ALA I 405 4.75 16.81 30.34
CA ALA I 405 4.65 17.26 31.72
C ALA I 405 6.02 17.81 32.08
N VAL I 406 6.06 19.00 32.65
CA VAL I 406 7.34 19.69 32.83
C VAL I 406 7.98 19.37 34.18
N GLY I 407 7.17 19.28 35.22
CA GLY I 407 7.69 19.08 36.57
C GLY I 407 7.84 17.64 37.02
N LYS I 408 9.05 17.28 37.44
CA LYS I 408 9.30 15.95 37.97
C LYS I 408 9.79 16.04 39.42
N GLU I 409 9.96 14.87 40.05
CA GLU I 409 10.30 14.80 41.46
C GLU I 409 11.70 14.23 41.69
N PHE I 410 12.43 14.78 42.66
CA PHE I 410 13.76 14.26 42.99
C PHE I 410 13.96 14.10 44.48
N SER I 411 14.65 13.03 44.89
CA SER I 411 14.88 12.74 46.30
C SER I 411 15.93 13.70 46.86
N ASN I 412 16.08 13.70 48.15
CA ASN I 412 17.01 14.61 48.80
C ASN I 412 18.46 14.31 48.43
N LEU I 413 18.71 13.07 48.00
CA LEU I 413 20.07 12.68 47.62
C LEU I 413 20.24 12.69 46.10
N GLU I 414 19.40 13.46 45.43
CA GLU I 414 19.38 13.53 43.99
C GLU I 414 19.49 14.98 43.63
N LYS I 415 20.13 15.75 44.50
CA LYS I 415 20.25 17.20 44.30
C LYS I 415 20.84 17.54 42.95
N ARG I 416 21.97 16.89 42.61
CA ARG I 416 22.63 17.10 41.32
C ARG I 416 21.71 16.80 40.15
N LEU I 417 21.13 15.61 40.15
CA LEU I 417 20.17 15.24 39.11
C LEU I 417 19.10 16.31 38.98
N GLU I 418 18.51 16.71 40.11
CA GLU I 418 17.46 17.73 40.11
C GLU I 418 17.95 19.04 39.51
N ASN I 419 19.18 19.39 39.80
CA ASN I 419 19.74 20.64 39.31
C ASN I 419 20.04 20.54 37.82
N LEU I 420 20.52 19.39 37.40
CA LEU I 420 20.80 19.17 35.99
C LEU I 420 19.52 19.40 35.23
N ASN I 421 18.42 18.95 35.79
CA ASN I 421 17.11 19.08 35.18
C ASN I 421 16.61 20.51 35.19
N LYS I 422 16.92 21.25 36.25
CA LYS I 422 16.53 22.64 36.29
C LYS I 422 17.33 23.45 35.26
N LYS I 423 18.64 23.30 35.28
CA LYS I 423 19.48 24.03 34.35
C LYS I 423 19.07 23.71 32.92
N MET I 424 18.57 22.50 32.68
CA MET I 424 18.08 22.13 31.37
C MET I 424 16.81 22.87 31.00
N GLU I 425 15.87 23.01 31.92
CA GLU I 425 14.64 23.77 31.64
C GLU I 425 14.91 25.26 31.40
N ASP I 426 15.70 25.84 32.30
CA ASP I 426 16.10 27.22 32.15
C ASP I 426 16.78 27.39 30.83
N GLY I 427 17.68 26.48 30.50
CA GLY I 427 18.39 26.58 29.23
C GLY I 427 17.46 26.78 28.06
N PHE I 428 16.44 25.94 27.98
CA PHE I 428 15.46 26.02 26.91
C PHE I 428 14.54 27.23 27.03
N LEU I 429 14.40 27.74 28.25
CA LEU I 429 13.60 28.93 28.47
C LEU I 429 14.30 30.17 27.98
N ASP I 430 15.58 30.29 28.26
CA ASP I 430 16.34 31.42 27.78
C ASP I 430 16.34 31.39 26.26
N VAL I 431 16.42 30.19 25.68
CA VAL I 431 16.45 30.10 24.23
C VAL I 431 15.13 30.53 23.66
N TRP I 432 14.05 29.90 24.06
CA TRP I 432 12.73 30.27 23.51
C TRP I 432 12.32 31.71 23.79
N THR I 433 12.85 32.29 24.86
CA THR I 433 12.59 33.71 25.13
C THR I 433 13.34 34.56 24.10
N TYR I 434 14.67 34.55 24.15
CA TYR I 434 15.48 35.25 23.16
C TYR I 434 14.83 35.11 21.80
N ASN I 435 14.74 33.87 21.33
CA ASN I 435 14.19 33.60 19.99
C ASN I 435 12.92 34.36 19.68
N ALA I 436 11.94 34.25 20.55
CA ALA I 436 10.64 34.92 20.31
C ALA I 436 10.77 36.43 20.48
N GLU I 437 11.54 36.85 21.46
CA GLU I 437 11.72 38.28 21.71
C GLU I 437 12.32 39.00 20.50
N LEU I 438 13.25 38.36 19.80
CA LEU I 438 13.85 38.97 18.61
C LEU I 438 12.98 38.82 17.40
N LEU I 439 12.39 37.64 17.25
CA LEU I 439 11.55 37.39 16.08
C LEU I 439 10.44 38.43 16.00
N VAL I 440 10.09 39.01 17.14
CA VAL I 440 9.14 40.12 17.16
C VAL I 440 9.82 41.42 16.73
N LEU I 441 10.93 41.77 17.37
CA LEU I 441 11.71 42.93 16.97
C LEU I 441 11.97 42.93 15.46
N MET I 442 12.92 42.13 14.98
CA MET I 442 12.98 41.85 13.55
C MET I 442 11.55 41.46 13.18
N GLU I 443 11.15 41.61 11.93
CA GLU I 443 9.79 41.24 11.52
C GLU I 443 8.76 42.31 11.81
N ASN I 444 9.09 43.18 12.75
CA ASN I 444 8.31 44.39 12.95
C ASN I 444 9.01 45.47 12.18
N GLU I 445 10.33 45.52 12.34
CA GLU I 445 11.16 46.39 11.55
C GLU I 445 10.92 46.04 10.08
N MET I 446 10.44 44.84 9.82
CA MET I 446 10.29 44.39 8.44
C MET I 446 8.87 44.52 7.94
N THR I 447 7.92 44.41 8.85
CA THR I 447 6.52 44.58 8.50
C THR I 447 6.30 46.04 8.14
N LEU I 448 6.86 46.93 8.94
CA LEU I 448 6.72 48.36 8.73
C LEU I 448 7.33 48.78 7.38
N ASP I 449 8.61 48.52 7.17
CA ASP I 449 9.26 48.86 5.92
C ASP I 449 8.60 48.18 4.71
N PHE I 450 7.79 47.18 4.96
CA PHE I 450 7.03 46.51 3.90
C PHE I 450 5.88 47.39 3.46
N HIS I 451 5.19 47.99 4.41
CA HIS I 451 4.11 48.92 4.10
C HIS I 451 4.73 50.09 3.37
N ASP I 452 5.75 50.70 3.98
CA ASP I 452 6.43 51.85 3.38
C ASP I 452 6.83 51.56 1.94
N SER I 453 7.13 50.29 1.67
CA SER I 453 7.52 49.88 0.33
C SER I 453 6.31 49.63 -0.54
N ASN I 454 5.16 49.38 0.07
CA ASN I 454 3.94 49.18 -0.71
C ASN I 454 3.43 50.53 -1.25
N VAL I 455 3.58 51.56 -0.43
CA VAL I 455 3.19 52.91 -0.77
C VAL I 455 4.08 53.47 -1.87
N LYS I 456 5.35 53.70 -1.57
CA LYS I 456 6.30 54.19 -2.57
C LYS I 456 6.30 53.32 -3.81
N ASN I 457 5.71 52.15 -3.75
CA ASN I 457 5.56 51.30 -4.93
C ASN I 457 4.33 51.69 -5.73
N LEU I 458 3.35 52.24 -5.03
CA LEU I 458 2.11 52.73 -5.65
C LEU I 458 2.37 54.11 -6.26
N TYR I 459 3.12 54.93 -5.52
CA TYR I 459 3.55 56.24 -6.00
C TYR I 459 4.27 56.09 -7.33
N ASP I 460 4.78 54.91 -7.61
CA ASP I 460 5.48 54.69 -8.86
C ASP I 460 4.58 54.06 -9.89
N LYS I 461 3.62 53.25 -9.45
CA LYS I 461 2.67 52.66 -10.39
C LYS I 461 1.88 53.77 -11.09
N VAL I 462 1.84 54.95 -10.46
CA VAL I 462 1.15 56.13 -10.98
C VAL I 462 2.14 56.97 -11.79
N ARG I 463 3.14 57.52 -11.12
CA ARG I 463 4.14 58.34 -11.77
C ARG I 463 4.58 57.77 -13.10
N MET I 464 4.72 56.45 -13.16
CA MET I 464 5.22 55.79 -14.37
C MET I 464 4.15 55.61 -15.43
N GLN I 465 2.90 55.80 -15.06
CA GLN I 465 1.80 55.84 -16.03
C GLN I 465 1.68 57.25 -16.61
N LEU I 466 1.71 58.25 -15.73
CA LEU I 466 1.51 59.64 -16.09
C LEU I 466 2.72 60.26 -16.81
N ARG I 467 3.90 60.09 -16.25
CA ARG I 467 5.11 60.65 -16.86
C ARG I 467 5.06 62.18 -16.91
N ASP I 468 5.11 62.75 -18.11
CA ASP I 468 5.11 64.21 -18.24
C ASP I 468 3.70 64.77 -18.45
N ASN I 469 2.72 63.88 -18.57
CA ASN I 469 1.33 64.31 -18.72
C ASN I 469 0.88 65.07 -17.49
N VAL I 470 1.69 65.02 -16.44
CA VAL I 470 1.41 65.73 -15.19
C VAL I 470 2.68 66.10 -14.44
N LYS I 471 2.58 67.06 -13.52
CA LYS I 471 3.74 67.45 -12.75
C LYS I 471 3.74 66.78 -11.38
N GLU I 472 4.94 66.51 -10.88
CA GLU I 472 5.12 65.74 -9.64
C GLU I 472 5.40 66.68 -8.47
N LEU I 473 4.36 67.01 -7.73
CA LEU I 473 4.45 68.04 -6.69
C LEU I 473 5.48 67.75 -5.59
N GLY I 474 5.83 66.47 -5.43
CA GLY I 474 6.85 66.07 -4.47
C GLY I 474 6.33 65.92 -3.05
N ASN I 475 5.02 66.01 -2.88
CA ASN I 475 4.40 65.85 -1.58
C ASN I 475 3.54 64.61 -1.59
N GLY I 476 3.64 63.88 -2.70
CA GLY I 476 2.84 62.68 -2.88
C GLY I 476 1.82 62.89 -3.97
N CYS I 477 1.52 64.16 -4.23
CA CYS I 477 0.51 64.55 -5.20
C CYS I 477 1.06 64.77 -6.63
N PHE I 478 0.22 64.47 -7.61
CA PHE I 478 0.50 64.82 -9.00
C PHE I 478 -0.51 65.87 -9.45
N GLU I 479 -0.04 66.87 -10.21
CA GLU I 479 -0.93 67.87 -10.78
C GLU I 479 -1.05 67.65 -12.27
N PHE I 480 -2.27 67.43 -12.74
CA PHE I 480 -2.50 67.10 -14.14
C PHE I 480 -2.25 68.27 -15.09
N TYR I 481 -1.47 68.03 -16.14
CA TYR I 481 -1.30 69.00 -17.20
C TYR I 481 -2.42 68.84 -18.23
N HIS I 482 -3.59 68.42 -17.76
CA HIS I 482 -4.78 68.35 -18.61
C HIS I 482 -6.03 67.99 -17.82
N LYS I 483 -7.08 67.59 -18.51
CA LYS I 483 -8.35 67.31 -17.87
C LYS I 483 -8.54 65.81 -17.64
N CYS I 484 -9.03 65.47 -16.45
CA CYS I 484 -9.21 64.07 -16.09
C CYS I 484 -10.56 63.85 -15.43
N ASP I 485 -11.54 63.45 -16.23
CA ASP I 485 -12.88 63.17 -15.72
C ASP I 485 -12.87 61.96 -14.78
N ASP I 486 -14.02 61.70 -14.16
CA ASP I 486 -14.14 60.58 -13.24
C ASP I 486 -14.00 59.24 -13.96
N GLU I 487 -13.65 59.28 -15.25
CA GLU I 487 -13.42 58.04 -16.00
C GLU I 487 -11.95 57.88 -16.33
N CYS I 488 -11.24 59.01 -16.34
CA CYS I 488 -9.79 59.02 -16.51
C CYS I 488 -9.11 58.73 -15.18
N MET I 489 -9.57 59.41 -14.12
CA MET I 489 -9.09 59.10 -12.79
C MET I 489 -9.19 57.59 -12.59
N ASN I 490 -10.42 57.09 -12.63
CA ASN I 490 -10.68 55.66 -12.48
C ASN I 490 -9.82 54.76 -13.36
N SER I 491 -9.21 55.33 -14.41
CA SER I 491 -8.38 54.55 -15.32
C SER I 491 -6.95 54.42 -14.81
N VAL I 492 -6.49 55.42 -14.05
CA VAL I 492 -5.15 55.39 -13.46
C VAL I 492 -5.06 54.32 -12.37
N LYS I 493 -6.02 54.36 -11.46
CA LYS I 493 -6.20 53.30 -10.48
C LYS I 493 -6.44 51.99 -11.22
N ASN I 494 -7.21 52.07 -12.30
CA ASN I 494 -7.54 50.91 -13.14
C ASN I 494 -6.27 50.19 -13.58
N GLY I 495 -5.15 50.88 -13.48
CA GLY I 495 -3.87 50.32 -13.91
C GLY I 495 -3.66 50.52 -15.39
N THR I 496 -4.70 51.00 -16.07
CA THR I 496 -4.66 51.23 -17.51
C THR I 496 -4.94 52.69 -17.84
N TYR I 497 -3.86 53.46 -18.01
CA TYR I 497 -3.96 54.86 -18.38
C TYR I 497 -4.06 54.96 -19.91
N ASP I 498 -3.53 56.05 -20.46
CA ASP I 498 -3.52 56.24 -21.91
C ASP I 498 -2.68 57.46 -22.26
N TYR I 499 -1.37 57.31 -22.14
CA TYR I 499 -0.45 58.43 -22.37
C TYR I 499 -0.47 58.89 -23.81
N SER I 500 -0.76 57.96 -24.72
CA SER I 500 -0.77 58.24 -26.15
C SER I 500 -2.05 58.96 -26.58
N LYS I 501 -2.70 59.60 -25.62
CA LYS I 501 -3.92 60.37 -25.90
C LYS I 501 -3.82 61.76 -25.28
N TYR I 502 -3.92 61.83 -23.96
CA TYR I 502 -3.80 63.09 -23.23
C TYR I 502 -2.41 63.70 -23.43
N GLU I 503 -1.60 63.07 -24.28
CA GLU I 503 -0.29 63.57 -24.60
C GLU I 503 -0.39 64.99 -25.15
N GLU I 504 -1.43 65.27 -25.92
CA GLU I 504 -1.69 66.65 -26.30
C GLU I 504 -1.84 67.51 -25.04
N GLU I 505 -1.83 68.83 -25.20
CA GLU I 505 -2.09 69.74 -24.08
C GLU I 505 -0.83 69.92 -23.23
N SER I 506 -0.23 71.10 -23.29
CA SER I 506 1.14 71.29 -22.80
C SER I 506 1.35 72.35 -21.70
N LYS I 507 2.54 72.29 -21.09
CA LYS I 507 2.98 73.28 -20.10
C1 GAL J . -5.72 -46.01 -2.91
C2 GAL J . -6.56 -44.83 -2.39
C3 GAL J . -7.37 -44.08 -3.44
C4 GAL J . -6.68 -44.03 -4.82
C5 GAL J . -6.21 -45.42 -5.19
C6 GAL J . -5.66 -45.56 -6.59
O1 GAL J . -4.65 -46.13 -2.04
O2 GAL J . -7.44 -45.30 -1.38
O3 GAL J . -7.65 -42.78 -2.95
O4 GAL J . -5.57 -43.15 -4.84
O5 GAL J . -5.19 -45.80 -4.23
O6 GAL J . -6.43 -46.58 -7.28
C1 SIA J . -6.55 -45.95 -9.59
C2 SIA J . -6.10 -46.99 -8.56
C3 SIA J . -6.75 -48.33 -8.90
C4 SIA J . -6.25 -48.81 -10.26
C5 SIA J . -4.73 -48.94 -10.18
C6 SIA J . -4.19 -47.55 -9.90
C7 SIA J . -2.68 -47.38 -9.86
C8 SIA J . -2.43 -45.97 -9.30
C9 SIA J . -0.99 -45.48 -9.47
C10 SIA J . -3.36 -50.53 -11.35
C11 SIA J . -2.97 -51.16 -12.65
N5 SIA J . -4.29 -49.58 -11.41
O1A SIA J . -5.77 -45.03 -9.92
O1B SIA J . -7.69 -46.03 -10.10
O4 SIA J . -6.82 -50.06 -10.67
O6 SIA J . -4.69 -47.13 -8.62
O7 SIA J . -2.10 -48.35 -9.01
O8 SIA J . -3.27 -45.05 -9.98
O9 SIA J . -0.87 -44.22 -8.83
O10 SIA J . -2.80 -50.88 -10.30
C1 SIA K . 33.76 -56.89 -32.47
C2 SIA K . 33.53 -57.83 -31.28
C3 SIA K . 34.91 -58.28 -30.80
C4 SIA K . 35.67 -57.09 -30.23
C5 SIA K . 34.89 -56.55 -29.03
C6 SIA K . 33.53 -56.14 -29.54
C7 SIA K . 32.69 -55.68 -28.37
C8 SIA K . 31.22 -55.46 -28.76
C9 SIA K . 30.53 -54.66 -27.67
C10 SIA K . 35.96 -55.37 -27.16
C11 SIA K . 36.65 -54.08 -26.74
N5 SIA K . 35.56 -55.42 -28.43
O1A SIA K . 33.62 -55.64 -32.37
O1B SIA K . 34.12 -57.41 -33.55
O2 SIA K . 32.77 -58.92 -31.76
O4 SIA K . 37.02 -57.44 -29.86
O6 SIA K . 32.85 -57.21 -30.19
O7 SIA K . 32.74 -56.68 -27.37
O8 SIA K . 31.08 -54.76 -29.99
O9 SIA K . 29.36 -54.10 -28.24
O10 SIA K . 35.79 -56.27 -26.32
#